data_5K6P
#
_entry.id   5K6P
#
_entity_poly.entity_id   1
_entity_poly.type   'polypeptide(L)'
_entity_poly.pdbx_seq_one_letter_code
;GPGSEDVWEILRQAPPSEYERIAFQYGVTDLRGMLKRLKGMRRDEKKSTAFQKKLEPAYQVSKGHKIRLTVELADHDAEV
KWLKNGQEIQMSGSKYIFESIGAKRTLTISQCSLADDAAYQCVVGGEKCSTELFVKE
;
_entity_poly.pdbx_strand_id   A
#
# COMPACT_ATOMS: atom_id res chain seq x y z
N GLY A 1 -8.04 45.86 -6.23
CA GLY A 1 -7.39 45.22 -5.10
C GLY A 1 -6.95 46.25 -4.10
N PRO A 2 -6.68 45.87 -2.83
CA PRO A 2 -6.30 46.83 -1.77
C PRO A 2 -5.03 47.60 -2.11
N GLY A 3 -4.06 46.89 -2.64
CA GLY A 3 -2.80 47.47 -3.02
C GLY A 3 -1.83 46.36 -3.26
N SER A 4 -2.30 45.34 -3.88
CA SER A 4 -1.55 44.17 -4.13
C SER A 4 -1.08 44.10 -5.57
N GLU A 5 -0.47 42.99 -5.93
CA GLU A 5 0.02 42.77 -7.28
C GLU A 5 -1.15 42.27 -8.10
N ASP A 6 -1.87 41.28 -7.52
CA ASP A 6 -3.13 40.68 -8.09
C ASP A 6 -2.87 39.80 -9.30
N VAL A 7 -1.75 40.02 -9.94
CA VAL A 7 -1.31 39.35 -11.16
C VAL A 7 -1.48 37.81 -11.12
N TRP A 8 -1.41 37.24 -9.94
CA TRP A 8 -1.51 35.80 -9.73
C TRP A 8 -2.87 35.28 -10.16
N GLU A 9 -3.93 35.85 -9.60
CA GLU A 9 -5.30 35.44 -9.91
C GLU A 9 -5.67 35.90 -11.31
N ILE A 10 -5.09 37.01 -11.70
CA ILE A 10 -5.33 37.58 -12.99
C ILE A 10 -4.77 36.67 -14.07
N LEU A 11 -3.52 36.28 -13.93
CA LEU A 11 -2.89 35.36 -14.89
C LEU A 11 -3.57 34.00 -14.85
N ARG A 12 -3.99 33.61 -13.66
CA ARG A 12 -4.65 32.32 -13.43
C ARG A 12 -5.92 32.21 -14.29
N GLN A 13 -6.56 33.33 -14.50
CA GLN A 13 -7.82 33.40 -15.20
C GLN A 13 -7.66 34.05 -16.57
N ALA A 14 -6.44 34.31 -16.95
CA ALA A 14 -6.15 34.98 -18.20
C ALA A 14 -5.97 33.97 -19.33
N PRO A 15 -6.19 34.40 -20.60
CA PRO A 15 -5.93 33.55 -21.75
C PRO A 15 -4.43 33.20 -21.85
N PRO A 16 -4.12 31.93 -22.14
CA PRO A 16 -2.75 31.41 -22.10
C PRO A 16 -1.73 32.17 -22.93
N SER A 17 -2.12 32.71 -24.06
CA SER A 17 -1.18 33.40 -24.91
C SER A 17 -0.87 34.80 -24.42
N GLU A 18 -1.66 35.29 -23.51
CA GLU A 18 -1.51 36.64 -23.06
C GLU A 18 -0.74 36.73 -21.76
N TYR A 19 -0.31 35.57 -21.24
CA TYR A 19 0.38 35.51 -19.94
C TYR A 19 1.56 36.45 -19.86
N GLU A 20 2.40 36.48 -20.88
CA GLU A 20 3.60 37.28 -20.84
C GLU A 20 3.29 38.79 -20.85
N ARG A 21 2.28 39.14 -21.63
CA ARG A 21 1.87 40.53 -21.75
C ARG A 21 1.37 41.03 -20.40
N ILE A 22 0.50 40.24 -19.81
CA ILE A 22 -0.16 40.55 -18.55
C ILE A 22 0.84 40.47 -17.38
N ALA A 23 1.75 39.52 -17.46
CA ALA A 23 2.77 39.37 -16.43
C ALA A 23 3.63 40.61 -16.35
N PHE A 24 4.20 41.00 -17.49
CA PHE A 24 5.06 42.19 -17.53
C PHE A 24 4.31 43.47 -17.24
N GLN A 25 3.01 43.44 -17.48
CA GLN A 25 2.13 44.56 -17.15
C GLN A 25 2.14 44.80 -15.64
N TYR A 26 2.23 43.73 -14.88
CA TYR A 26 2.28 43.80 -13.44
C TYR A 26 3.72 43.70 -12.91
N GLY A 27 4.68 43.54 -13.80
CA GLY A 27 6.08 43.52 -13.40
C GLY A 27 6.67 42.14 -13.32
N VAL A 28 5.85 41.14 -13.50
CA VAL A 28 6.27 39.77 -13.38
C VAL A 28 6.90 39.30 -14.68
N THR A 29 7.99 38.66 -14.57
CA THR A 29 8.66 38.13 -15.70
C THR A 29 8.67 36.61 -15.60
N ASP A 30 8.28 36.09 -14.44
CA ASP A 30 8.30 34.66 -14.21
C ASP A 30 6.93 34.04 -14.35
N LEU A 31 6.21 34.41 -15.39
CA LEU A 31 4.94 33.76 -15.69
C LEU A 31 5.25 32.35 -16.16
N ARG A 32 6.38 32.25 -16.82
CA ARG A 32 6.94 31.02 -17.32
C ARG A 32 7.25 30.12 -16.13
N GLY A 33 7.66 30.74 -15.05
CA GLY A 33 8.04 30.04 -13.87
C GLY A 33 6.83 29.42 -13.21
N MET A 34 5.76 30.20 -13.11
CA MET A 34 4.52 29.70 -12.53
C MET A 34 3.96 28.53 -13.35
N LEU A 35 4.20 28.57 -14.65
CA LEU A 35 3.78 27.52 -15.55
C LEU A 35 4.63 26.27 -15.36
N LYS A 36 5.95 26.44 -15.37
CA LYS A 36 6.88 25.30 -15.30
C LYS A 36 6.73 24.54 -13.99
N ARG A 37 6.54 25.26 -12.90
CA ARG A 37 6.37 24.63 -11.59
C ARG A 37 5.06 23.88 -11.53
N LEU A 38 4.08 24.32 -12.32
CA LEU A 38 2.80 23.70 -12.30
C LEU A 38 2.83 22.42 -13.12
N LYS A 39 3.75 22.36 -14.07
CA LYS A 39 3.93 21.16 -14.85
C LYS A 39 4.48 20.08 -13.94
N GLY A 40 5.33 20.49 -13.00
CA GLY A 40 5.83 19.58 -11.99
C GLY A 40 4.76 19.25 -10.96
N MET A 41 3.81 20.17 -10.81
CA MET A 41 2.68 20.04 -9.91
C MET A 41 1.71 18.98 -10.38
N ARG A 42 1.40 19.02 -11.67
CA ARG A 42 0.46 18.08 -12.26
C ARG A 42 1.17 16.81 -12.72
N ARG A 43 2.47 16.81 -12.55
CA ARG A 43 3.31 15.70 -12.89
C ARG A 43 2.90 14.50 -12.10
N ASP A 44 2.62 13.46 -12.83
CA ASP A 44 2.13 12.20 -12.32
C ASP A 44 3.02 11.61 -11.29
N GLU A 45 2.43 11.28 -10.19
CA GLU A 45 3.08 10.55 -9.18
C GLU A 45 2.22 9.37 -8.88
N LYS A 46 2.38 8.33 -9.64
CA LYS A 46 1.67 7.12 -9.38
C LYS A 46 2.15 6.52 -8.10
N LYS A 47 1.22 6.04 -7.33
CA LYS A 47 1.55 5.48 -6.07
C LYS A 47 1.90 4.01 -6.30
N SER A 48 2.18 3.27 -5.23
CA SER A 48 2.69 1.90 -5.23
C SER A 48 4.19 2.01 -5.45
N THR A 49 4.83 2.61 -4.48
CA THR A 49 6.23 2.89 -4.51
C THR A 49 7.03 1.67 -4.03
N ALA A 50 6.81 1.29 -2.79
CA ALA A 50 7.44 0.12 -2.21
C ALA A 50 6.63 -1.11 -2.53
N PHE A 51 5.45 -0.91 -3.03
CA PHE A 51 4.62 -1.98 -3.46
C PHE A 51 4.79 -2.20 -4.94
N GLN A 52 4.71 -3.43 -5.32
CA GLN A 52 4.76 -3.84 -6.68
C GLN A 52 3.35 -4.29 -7.09
N LYS A 53 2.55 -4.64 -6.10
CA LYS A 53 1.19 -5.05 -6.31
C LYS A 53 0.49 -4.81 -5.03
N LYS A 54 -0.51 -4.01 -5.08
CA LYS A 54 -1.29 -3.71 -3.94
C LYS A 54 -2.54 -4.54 -4.03
N LEU A 55 -3.23 -4.66 -2.93
CA LEU A 55 -4.44 -5.44 -2.89
C LEU A 55 -5.54 -4.79 -3.73
N GLU A 56 -6.46 -5.61 -4.19
CA GLU A 56 -7.62 -5.13 -4.93
C GLU A 56 -8.53 -4.35 -3.97
N PRO A 57 -9.46 -3.51 -4.50
CA PRO A 57 -10.40 -2.76 -3.65
C PRO A 57 -11.19 -3.71 -2.73
N ALA A 58 -11.61 -4.82 -3.29
CA ALA A 58 -12.35 -5.81 -2.55
C ALA A 58 -12.17 -7.18 -3.18
N TYR A 59 -12.48 -8.18 -2.42
CA TYR A 59 -12.46 -9.56 -2.84
C TYR A 59 -13.72 -10.21 -2.32
N GLN A 60 -14.31 -11.07 -3.09
CA GLN A 60 -15.50 -11.77 -2.65
C GLN A 60 -15.16 -13.22 -2.50
N VAL A 61 -15.53 -13.80 -1.40
CA VAL A 61 -15.27 -15.18 -1.15
C VAL A 61 -16.53 -15.85 -0.63
N SER A 62 -16.65 -17.12 -0.85
CA SER A 62 -17.73 -17.89 -0.33
C SER A 62 -17.36 -18.33 1.09
N LYS A 63 -18.31 -18.40 1.97
CA LYS A 63 -18.04 -18.80 3.33
C LYS A 63 -17.73 -20.28 3.36
N GLY A 64 -16.56 -20.60 3.83
CA GLY A 64 -16.14 -21.98 3.91
C GLY A 64 -15.28 -22.30 2.73
N HIS A 65 -14.86 -21.27 2.07
CA HIS A 65 -14.02 -21.37 0.93
C HIS A 65 -12.70 -20.65 1.22
N LYS A 66 -11.63 -21.10 0.61
CA LYS A 66 -10.31 -20.55 0.80
C LYS A 66 -10.03 -19.44 -0.22
N ILE A 67 -9.62 -18.28 0.24
CA ILE A 67 -9.24 -17.21 -0.66
C ILE A 67 -7.82 -16.77 -0.30
N ARG A 68 -7.17 -16.06 -1.17
CA ARG A 68 -5.83 -15.63 -0.91
C ARG A 68 -5.61 -14.26 -1.49
N LEU A 69 -4.95 -13.43 -0.73
CA LEU A 69 -4.69 -12.06 -1.13
C LEU A 69 -3.28 -12.01 -1.63
N THR A 70 -2.98 -11.11 -2.53
CA THR A 70 -1.67 -11.06 -3.10
C THR A 70 -1.11 -9.66 -3.13
N VAL A 71 0.04 -9.49 -2.50
CA VAL A 71 0.76 -8.25 -2.56
C VAL A 71 2.18 -8.55 -2.98
N GLU A 72 2.73 -7.68 -3.73
CA GLU A 72 4.07 -7.82 -4.18
C GLU A 72 4.81 -6.64 -3.72
N LEU A 73 5.97 -6.83 -3.20
CA LEU A 73 6.76 -5.73 -2.76
C LEU A 73 7.77 -5.42 -3.83
N ALA A 74 8.33 -4.25 -3.78
CA ALA A 74 9.32 -3.86 -4.75
C ALA A 74 10.72 -4.37 -4.35
N ASP A 75 10.75 -5.10 -3.25
CA ASP A 75 11.96 -5.68 -2.72
C ASP A 75 11.65 -7.09 -2.24
N HIS A 76 12.60 -7.99 -2.36
CA HIS A 76 12.38 -9.40 -2.03
C HIS A 76 12.46 -9.69 -0.54
N ASP A 77 13.23 -8.92 0.18
CA ASP A 77 13.52 -9.25 1.57
C ASP A 77 12.74 -8.34 2.51
N ALA A 78 11.90 -7.52 1.94
CA ALA A 78 11.15 -6.59 2.70
C ALA A 78 9.90 -7.29 3.09
N GLU A 79 9.32 -6.91 4.15
CA GLU A 79 8.20 -7.62 4.59
C GLU A 79 7.00 -6.69 4.74
N VAL A 80 5.85 -7.28 4.87
CA VAL A 80 4.62 -6.55 5.04
C VAL A 80 4.05 -6.80 6.41
N LYS A 81 3.21 -5.93 6.83
CA LYS A 81 2.48 -6.07 8.06
C LYS A 81 1.09 -6.42 7.68
N TRP A 82 0.51 -7.32 8.39
CA TRP A 82 -0.78 -7.82 8.06
C TRP A 82 -1.76 -7.41 9.10
N LEU A 83 -2.66 -6.57 8.76
CA LEU A 83 -3.68 -6.15 9.69
C LEU A 83 -5.06 -6.38 9.16
N LYS A 84 -5.91 -6.88 9.98
CA LYS A 84 -7.29 -6.95 9.65
C LYS A 84 -8.04 -6.02 10.56
N ASN A 85 -8.68 -5.04 9.95
CA ASN A 85 -9.43 -3.93 10.62
C ASN A 85 -8.62 -3.22 11.73
N GLY A 86 -7.30 -3.37 11.71
CA GLY A 86 -6.47 -2.73 12.69
C GLY A 86 -5.81 -3.72 13.64
N GLN A 87 -6.06 -4.99 13.43
CA GLN A 87 -5.48 -6.04 14.25
C GLN A 87 -4.52 -6.86 13.43
N GLU A 88 -3.34 -7.11 13.95
CA GLU A 88 -2.35 -7.92 13.24
C GLU A 88 -2.83 -9.35 12.99
N ILE A 89 -2.93 -9.68 11.72
CA ILE A 89 -3.31 -11.00 11.27
C ILE A 89 -2.16 -11.94 11.56
N GLN A 90 -2.34 -12.79 12.50
CA GLN A 90 -1.32 -13.74 12.84
C GLN A 90 -1.64 -15.09 12.22
N MET A 91 -0.61 -15.86 11.92
CA MET A 91 -0.80 -17.18 11.35
C MET A 91 -1.43 -18.12 12.34
N SER A 92 -2.72 -18.27 12.24
CA SER A 92 -3.44 -19.13 13.12
C SER A 92 -3.50 -20.51 12.49
N GLY A 93 -2.64 -21.42 12.96
CA GLY A 93 -2.59 -22.77 12.45
C GLY A 93 -2.32 -22.80 10.97
N SER A 94 -3.12 -23.55 10.26
CA SER A 94 -2.99 -23.68 8.84
C SER A 94 -4.08 -22.82 8.16
N LYS A 95 -4.70 -21.96 8.95
CA LYS A 95 -5.75 -21.11 8.45
C LYS A 95 -5.19 -19.88 7.77
N TYR A 96 -4.18 -19.30 8.36
CA TYR A 96 -3.53 -18.15 7.77
C TYR A 96 -2.14 -18.51 7.36
N ILE A 97 -1.89 -18.55 6.09
CA ILE A 97 -0.59 -18.92 5.59
C ILE A 97 0.00 -17.82 4.72
N PHE A 98 1.12 -17.28 5.15
CA PHE A 98 1.84 -16.30 4.39
C PHE A 98 2.79 -17.00 3.45
N GLU A 99 2.50 -16.96 2.21
CA GLU A 99 3.34 -17.57 1.23
C GLU A 99 4.11 -16.48 0.50
N SER A 100 5.37 -16.40 0.76
CA SER A 100 6.19 -15.42 0.12
C SER A 100 7.01 -16.03 -1.00
N ILE A 101 6.60 -15.74 -2.19
CA ILE A 101 7.23 -16.21 -3.38
C ILE A 101 8.09 -15.06 -3.90
N GLY A 102 9.31 -15.00 -3.43
CA GLY A 102 10.18 -13.91 -3.80
C GLY A 102 9.76 -12.62 -3.15
N ALA A 103 9.28 -11.68 -3.94
CA ALA A 103 8.81 -10.41 -3.43
C ALA A 103 7.30 -10.44 -3.29
N LYS A 104 6.72 -11.52 -3.75
CA LYS A 104 5.31 -11.69 -3.77
C LYS A 104 4.81 -12.39 -2.50
N ARG A 105 4.11 -11.66 -1.70
CA ARG A 105 3.51 -12.19 -0.49
C ARG A 105 2.06 -12.51 -0.75
N THR A 106 1.75 -13.76 -0.71
CA THR A 106 0.41 -14.20 -0.91
C THR A 106 -0.13 -14.74 0.41
N LEU A 107 -1.17 -14.13 0.91
CA LEU A 107 -1.77 -14.58 2.13
C LEU A 107 -2.95 -15.46 1.82
N THR A 108 -2.78 -16.72 2.04
CA THR A 108 -3.79 -17.68 1.82
C THR A 108 -4.56 -17.92 3.12
N ILE A 109 -5.86 -17.71 3.07
CA ILE A 109 -6.71 -17.88 4.20
C ILE A 109 -7.61 -19.07 3.95
N SER A 110 -7.46 -20.06 4.77
CA SER A 110 -8.20 -21.26 4.60
C SER A 110 -9.54 -21.13 5.30
N GLN A 111 -10.59 -21.49 4.58
CA GLN A 111 -11.96 -21.52 5.07
C GLN A 111 -12.40 -20.18 5.64
N CYS A 112 -12.65 -19.24 4.77
CA CYS A 112 -13.05 -17.92 5.20
C CYS A 112 -14.46 -17.93 5.79
N SER A 113 -14.55 -17.43 6.98
CA SER A 113 -15.76 -17.35 7.72
C SER A 113 -16.18 -15.89 7.79
N LEU A 114 -17.27 -15.62 8.48
CA LEU A 114 -17.72 -14.24 8.64
C LEU A 114 -16.79 -13.50 9.60
N ALA A 115 -15.98 -14.26 10.31
CA ALA A 115 -15.00 -13.71 11.21
C ALA A 115 -13.78 -13.24 10.43
N ASP A 116 -13.64 -13.78 9.23
CA ASP A 116 -12.54 -13.40 8.34
C ASP A 116 -12.95 -12.21 7.52
N ASP A 117 -14.25 -11.98 7.44
CA ASP A 117 -14.82 -10.85 6.71
C ASP A 117 -14.39 -9.57 7.40
N ALA A 118 -13.38 -8.94 6.86
CA ALA A 118 -12.79 -7.74 7.39
C ALA A 118 -11.94 -7.08 6.33
N ALA A 119 -11.48 -5.90 6.63
CA ALA A 119 -10.59 -5.21 5.75
C ALA A 119 -9.17 -5.61 6.11
N TYR A 120 -8.42 -6.03 5.12
CA TYR A 120 -7.06 -6.46 5.32
C TYR A 120 -6.15 -5.38 4.81
N GLN A 121 -5.15 -5.08 5.56
CA GLN A 121 -4.19 -4.07 5.21
C GLN A 121 -2.83 -4.66 5.24
N CYS A 122 -2.19 -4.65 4.12
CA CYS A 122 -0.81 -5.02 4.03
C CYS A 122 -0.03 -3.74 4.09
N VAL A 123 0.62 -3.51 5.19
CA VAL A 123 1.31 -2.25 5.43
C VAL A 123 2.82 -2.39 5.30
N VAL A 124 3.37 -1.69 4.36
CA VAL A 124 4.79 -1.49 4.20
C VAL A 124 4.99 -0.04 4.59
N GLY A 125 6.15 0.36 5.04
CA GLY A 125 6.29 1.75 5.37
C GLY A 125 6.23 2.61 4.12
N GLY A 126 5.18 3.39 4.03
CA GLY A 126 4.97 4.27 2.91
C GLY A 126 3.91 3.75 1.97
N GLU A 127 3.62 2.46 2.09
CA GLU A 127 2.71 1.78 1.20
C GLU A 127 1.84 0.79 1.91
N LYS A 128 0.59 1.06 1.98
CA LYS A 128 -0.31 0.09 2.51
C LYS A 128 -1.50 0.00 1.60
N CYS A 129 -2.21 -1.05 1.67
CA CYS A 129 -3.40 -1.18 0.90
C CYS A 129 -4.42 -1.91 1.72
N SER A 130 -5.62 -1.40 1.73
CA SER A 130 -6.68 -1.97 2.50
C SER A 130 -7.68 -2.63 1.55
N THR A 131 -7.75 -3.92 1.56
CA THR A 131 -8.70 -4.59 0.75
C THR A 131 -9.84 -5.02 1.64
N GLU A 132 -11.02 -5.09 1.12
CA GLU A 132 -12.12 -5.48 1.93
C GLU A 132 -12.66 -6.80 1.44
N LEU A 133 -12.57 -7.78 2.28
CA LEU A 133 -13.06 -9.09 1.93
C LEU A 133 -14.53 -9.15 2.20
N PHE A 134 -15.27 -9.67 1.27
CA PHE A 134 -16.67 -9.87 1.44
C PHE A 134 -16.92 -11.35 1.48
N VAL A 135 -17.27 -11.84 2.63
CA VAL A 135 -17.57 -13.23 2.79
C VAL A 135 -19.05 -13.47 2.59
N LYS A 136 -19.38 -14.15 1.55
CA LYS A 136 -20.74 -14.44 1.24
C LYS A 136 -21.08 -15.81 1.79
N GLU A 137 -22.00 -15.82 2.71
CA GLU A 137 -22.41 -17.04 3.35
C GLU A 137 -23.67 -17.54 2.67
N GLY A 1 30.40 26.76 -12.98
CA GLY A 1 29.52 26.48 -14.11
C GLY A 1 29.90 27.34 -15.30
N PRO A 2 29.23 27.19 -16.46
CA PRO A 2 29.54 27.96 -17.68
C PRO A 2 28.78 29.29 -17.73
N GLY A 3 28.47 29.83 -16.58
CA GLY A 3 27.72 31.05 -16.51
C GLY A 3 26.28 30.76 -16.28
N SER A 4 25.56 30.59 -17.36
CA SER A 4 24.16 30.29 -17.29
C SER A 4 24.01 28.77 -17.19
N GLU A 5 23.66 28.32 -16.03
CA GLU A 5 23.44 26.93 -15.78
C GLU A 5 21.97 26.70 -15.91
N ASP A 6 21.21 27.37 -15.02
CA ASP A 6 19.72 27.40 -15.03
C ASP A 6 19.08 26.07 -14.68
N VAL A 7 19.90 25.06 -14.60
CA VAL A 7 19.47 23.71 -14.37
C VAL A 7 18.74 23.53 -13.02
N TRP A 8 19.00 24.42 -12.10
CA TRP A 8 18.44 24.34 -10.76
C TRP A 8 16.93 24.57 -10.81
N GLU A 9 16.52 25.54 -11.61
CA GLU A 9 15.10 25.80 -11.75
C GLU A 9 14.50 24.87 -12.79
N ILE A 10 15.32 24.45 -13.75
CA ILE A 10 14.89 23.54 -14.80
C ILE A 10 14.61 22.15 -14.25
N LEU A 11 15.52 21.60 -13.44
CA LEU A 11 15.33 20.28 -12.82
C LEU A 11 14.18 20.28 -11.84
N ARG A 12 14.00 21.40 -11.18
CA ARG A 12 12.96 21.58 -10.17
C ARG A 12 11.56 21.36 -10.74
N GLN A 13 11.35 21.87 -11.93
CA GLN A 13 10.06 21.78 -12.59
C GLN A 13 10.05 20.64 -13.61
N ALA A 14 11.17 19.97 -13.71
CA ALA A 14 11.37 18.90 -14.67
C ALA A 14 10.55 17.67 -14.31
N PRO A 15 10.22 16.82 -15.30
CA PRO A 15 9.54 15.56 -15.04
C PRO A 15 10.42 14.63 -14.18
N PRO A 16 9.84 14.01 -13.14
CA PRO A 16 10.57 13.21 -12.14
C PRO A 16 11.47 12.11 -12.70
N SER A 17 11.12 11.58 -13.84
CA SER A 17 11.86 10.49 -14.41
C SER A 17 13.04 10.95 -15.23
N GLU A 18 13.06 12.19 -15.57
CA GLU A 18 14.05 12.66 -16.50
C GLU A 18 15.19 13.37 -15.79
N TYR A 19 15.15 13.40 -14.45
CA TYR A 19 16.15 14.12 -13.64
C TYR A 19 17.57 13.76 -14.03
N GLU A 20 17.81 12.48 -14.21
CA GLU A 20 19.13 11.98 -14.57
C GLU A 20 19.62 12.54 -15.91
N ARG A 21 18.80 12.40 -16.94
CA ARG A 21 19.14 12.85 -18.28
C ARG A 21 19.35 14.36 -18.32
N ILE A 22 18.54 15.07 -17.59
CA ILE A 22 18.62 16.51 -17.55
C ILE A 22 19.86 16.95 -16.74
N ALA A 23 20.12 16.24 -15.65
CA ALA A 23 21.26 16.52 -14.77
C ALA A 23 22.57 16.41 -15.52
N PHE A 24 22.82 15.25 -16.11
CA PHE A 24 24.07 15.01 -16.82
C PHE A 24 24.20 15.86 -18.09
N GLN A 25 23.06 16.29 -18.62
CA GLN A 25 23.03 17.16 -19.77
C GLN A 25 23.63 18.52 -19.42
N TYR A 26 23.20 19.07 -18.31
CA TYR A 26 23.69 20.38 -17.88
C TYR A 26 25.01 20.28 -17.14
N GLY A 27 25.32 19.11 -16.64
CA GLY A 27 26.57 18.91 -15.94
C GLY A 27 26.39 18.92 -14.44
N VAL A 28 25.34 18.31 -13.98
CA VAL A 28 25.05 18.22 -12.58
C VAL A 28 25.29 16.80 -12.15
N THR A 29 26.04 16.65 -11.14
CA THR A 29 26.32 15.37 -10.61
C THR A 29 25.54 15.14 -9.32
N ASP A 30 24.99 16.24 -8.76
CA ASP A 30 24.20 16.16 -7.51
C ASP A 30 22.79 15.68 -7.78
N LEU A 31 22.69 14.66 -8.58
CA LEU A 31 21.43 14.03 -8.86
C LEU A 31 21.02 13.23 -7.65
N ARG A 32 22.00 12.59 -7.05
CA ARG A 32 21.81 11.80 -5.84
C ARG A 32 21.42 12.72 -4.69
N GLY A 33 21.89 13.96 -4.76
CA GLY A 33 21.58 14.94 -3.76
C GLY A 33 20.16 15.46 -3.93
N MET A 34 19.71 15.55 -5.18
CA MET A 34 18.36 16.02 -5.47
C MET A 34 17.34 14.97 -5.04
N LEU A 35 17.63 13.71 -5.34
CA LEU A 35 16.75 12.63 -4.94
C LEU A 35 16.74 12.46 -3.43
N LYS A 36 17.91 12.69 -2.82
CA LYS A 36 18.09 12.69 -1.37
C LYS A 36 17.10 13.65 -0.72
N ARG A 37 16.93 14.81 -1.36
CA ARG A 37 16.00 15.84 -0.88
C ARG A 37 14.60 15.27 -0.71
N LEU A 38 14.13 14.51 -1.69
CA LEU A 38 12.77 13.98 -1.63
C LEU A 38 12.67 12.77 -0.77
N LYS A 39 13.79 12.14 -0.57
CA LYS A 39 13.87 11.02 0.33
C LYS A 39 13.74 11.55 1.76
N GLY A 40 14.15 12.81 1.93
CA GLY A 40 14.00 13.50 3.18
C GLY A 40 12.62 14.12 3.29
N MET A 41 12.03 14.47 2.14
CA MET A 41 10.67 15.02 2.07
C MET A 41 9.65 13.93 2.27
N ARG A 42 10.11 12.68 2.10
CA ARG A 42 9.32 11.45 2.29
C ARG A 42 8.40 11.17 1.09
N ARG A 43 7.98 12.23 0.43
CA ARG A 43 7.13 12.13 -0.72
C ARG A 43 7.97 11.78 -1.95
N ASP A 44 8.16 10.50 -2.13
CA ASP A 44 8.93 9.97 -3.24
C ASP A 44 8.23 8.74 -3.77
N GLU A 45 7.45 8.94 -4.86
CA GLU A 45 6.72 7.88 -5.56
C GLU A 45 5.78 7.09 -4.65
N LYS A 46 5.30 7.76 -3.60
CA LYS A 46 4.43 7.13 -2.63
C LYS A 46 3.04 7.00 -3.20
N LYS A 47 2.70 5.79 -3.56
CA LYS A 47 1.50 5.46 -4.31
C LYS A 47 1.48 3.95 -4.56
N SER A 48 2.67 3.41 -4.81
CA SER A 48 2.89 2.02 -5.18
C SER A 48 4.40 1.77 -5.42
N THR A 49 5.28 2.53 -4.76
CA THR A 49 6.70 2.38 -5.03
C THR A 49 7.23 1.09 -4.40
N ALA A 50 6.77 0.78 -3.21
CA ALA A 50 7.23 -0.42 -2.53
C ALA A 50 6.30 -1.60 -2.82
N PHE A 51 5.18 -1.30 -3.44
CA PHE A 51 4.20 -2.29 -3.77
C PHE A 51 4.09 -2.47 -5.27
N GLN A 52 4.54 -3.62 -5.76
CA GLN A 52 4.47 -3.94 -7.17
C GLN A 52 3.06 -4.27 -7.54
N LYS A 53 2.36 -4.79 -6.59
CA LYS A 53 1.04 -5.24 -6.79
C LYS A 53 0.33 -5.05 -5.51
N LYS A 54 -0.67 -4.26 -5.57
CA LYS A 54 -1.43 -3.92 -4.41
C LYS A 54 -2.68 -4.73 -4.38
N LEU A 55 -3.32 -4.72 -3.25
CA LEU A 55 -4.54 -5.43 -3.06
C LEU A 55 -5.63 -4.78 -3.87
N GLU A 56 -6.42 -5.60 -4.52
CA GLU A 56 -7.58 -5.15 -5.25
C GLU A 56 -8.51 -4.44 -4.28
N PRO A 57 -9.30 -3.45 -4.74
CA PRO A 57 -10.22 -2.68 -3.88
C PRO A 57 -11.04 -3.55 -2.93
N ALA A 58 -11.48 -4.69 -3.44
CA ALA A 58 -12.27 -5.59 -2.67
C ALA A 58 -12.00 -7.02 -3.09
N TYR A 59 -12.43 -7.94 -2.27
CA TYR A 59 -12.35 -9.35 -2.55
C TYR A 59 -13.61 -9.99 -2.01
N GLN A 60 -14.09 -10.98 -2.69
CA GLN A 60 -15.26 -11.70 -2.26
C GLN A 60 -14.93 -13.18 -2.15
N VAL A 61 -15.46 -13.81 -1.13
CA VAL A 61 -15.26 -15.22 -0.92
C VAL A 61 -16.52 -15.81 -0.30
N SER A 62 -16.76 -17.08 -0.53
CA SER A 62 -17.85 -17.77 0.08
C SER A 62 -17.38 -18.38 1.40
N LYS A 63 -18.27 -18.53 2.35
CA LYS A 63 -17.93 -19.06 3.65
C LYS A 63 -17.54 -20.53 3.54
N GLY A 64 -16.40 -20.87 4.10
CA GLY A 64 -15.90 -22.22 4.04
C GLY A 64 -15.07 -22.47 2.80
N HIS A 65 -14.83 -21.40 2.07
CA HIS A 65 -13.98 -21.47 0.91
C HIS A 65 -12.63 -20.89 1.23
N LYS A 66 -11.78 -20.87 0.24
CA LYS A 66 -10.46 -20.36 0.38
C LYS A 66 -10.27 -19.18 -0.58
N ILE A 67 -9.57 -18.17 -0.11
CA ILE A 67 -9.23 -17.03 -0.94
C ILE A 67 -7.81 -16.62 -0.58
N ARG A 68 -7.10 -15.97 -1.47
CA ARG A 68 -5.75 -15.58 -1.18
C ARG A 68 -5.46 -14.21 -1.74
N LEU A 69 -4.83 -13.40 -0.95
CA LEU A 69 -4.55 -12.04 -1.33
C LEU A 69 -3.10 -11.95 -1.74
N THR A 70 -2.88 -11.46 -2.92
CA THR A 70 -1.56 -11.36 -3.45
C THR A 70 -1.04 -9.92 -3.44
N VAL A 71 0.06 -9.70 -2.77
CA VAL A 71 0.76 -8.44 -2.82
C VAL A 71 2.20 -8.71 -3.15
N GLU A 72 2.80 -7.86 -3.90
CA GLU A 72 4.18 -8.05 -4.25
C GLU A 72 4.95 -6.83 -3.85
N LEU A 73 6.03 -7.03 -3.19
CA LEU A 73 6.87 -5.95 -2.76
C LEU A 73 7.89 -5.64 -3.83
N ALA A 74 8.44 -4.46 -3.78
CA ALA A 74 9.47 -4.08 -4.74
C ALA A 74 10.79 -4.75 -4.39
N ASP A 75 10.96 -5.06 -3.12
CA ASP A 75 12.16 -5.69 -2.62
C ASP A 75 11.81 -6.88 -1.77
N HIS A 76 12.78 -7.76 -1.61
CA HIS A 76 12.58 -8.99 -0.81
C HIS A 76 12.73 -8.68 0.66
N ASP A 77 13.46 -7.62 0.95
CA ASP A 77 13.73 -7.17 2.32
C ASP A 77 12.62 -6.29 2.85
N ALA A 78 11.60 -6.13 2.03
CA ALA A 78 10.48 -5.31 2.36
C ALA A 78 9.39 -6.22 2.82
N GLU A 79 9.00 -6.05 4.03
CA GLU A 79 8.04 -6.92 4.63
C GLU A 79 6.69 -6.26 4.68
N VAL A 80 5.68 -7.06 4.90
CA VAL A 80 4.33 -6.59 5.03
C VAL A 80 3.82 -6.93 6.42
N LYS A 81 3.08 -6.03 6.98
CA LYS A 81 2.45 -6.26 8.25
C LYS A 81 0.98 -6.40 7.98
N TRP A 82 0.45 -7.49 8.37
CA TRP A 82 -0.88 -7.90 8.05
C TRP A 82 -1.84 -7.47 9.13
N LEU A 83 -2.72 -6.59 8.80
CA LEU A 83 -3.74 -6.17 9.72
C LEU A 83 -5.10 -6.29 9.11
N LYS A 84 -6.02 -6.78 9.88
CA LYS A 84 -7.38 -6.81 9.49
C LYS A 84 -8.16 -5.95 10.46
N ASN A 85 -8.81 -4.91 9.95
CA ASN A 85 -9.56 -3.88 10.74
C ASN A 85 -8.73 -3.28 11.90
N GLY A 86 -7.42 -3.38 11.83
CA GLY A 86 -6.57 -2.87 12.88
C GLY A 86 -6.04 -3.98 13.78
N GLN A 87 -6.38 -5.19 13.45
CA GLN A 87 -5.96 -6.36 14.21
C GLN A 87 -4.94 -7.12 13.40
N GLU A 88 -3.78 -7.33 13.99
CA GLU A 88 -2.72 -8.12 13.37
C GLU A 88 -3.24 -9.50 12.95
N ILE A 89 -3.14 -9.81 11.68
CA ILE A 89 -3.45 -11.11 11.19
C ILE A 89 -2.25 -12.00 11.49
N GLN A 90 -2.38 -12.79 12.51
CA GLN A 90 -1.34 -13.70 12.88
C GLN A 90 -1.67 -15.09 12.37
N MET A 91 -0.65 -15.84 11.97
CA MET A 91 -0.83 -17.17 11.39
C MET A 91 -1.49 -18.11 12.35
N SER A 92 -2.76 -18.29 12.13
CA SER A 92 -3.55 -19.14 12.95
C SER A 92 -3.77 -20.46 12.23
N GLY A 93 -3.04 -21.46 12.66
CA GLY A 93 -3.18 -22.79 12.12
C GLY A 93 -2.91 -22.87 10.64
N SER A 94 -3.76 -23.56 9.94
CA SER A 94 -3.63 -23.73 8.53
C SER A 94 -4.56 -22.75 7.80
N LYS A 95 -5.17 -21.85 8.58
CA LYS A 95 -6.03 -20.85 8.00
C LYS A 95 -5.25 -19.75 7.32
N TYR A 96 -4.34 -19.14 8.03
CA TYR A 96 -3.60 -18.05 7.46
C TYR A 96 -2.22 -18.51 7.05
N ILE A 97 -2.02 -18.61 5.77
CA ILE A 97 -0.78 -19.06 5.23
C ILE A 97 -0.13 -17.93 4.44
N PHE A 98 0.95 -17.38 4.95
CA PHE A 98 1.70 -16.36 4.24
C PHE A 98 2.70 -17.04 3.34
N GLU A 99 2.43 -17.04 2.08
CA GLU A 99 3.31 -17.65 1.12
C GLU A 99 4.15 -16.60 0.44
N SER A 100 5.39 -16.58 0.78
CA SER A 100 6.36 -15.70 0.23
C SER A 100 7.08 -16.35 -0.96
N ILE A 101 6.75 -15.89 -2.14
CA ILE A 101 7.34 -16.34 -3.37
C ILE A 101 8.18 -15.17 -3.91
N GLY A 102 9.39 -15.06 -3.43
CA GLY A 102 10.23 -13.95 -3.78
C GLY A 102 9.76 -12.70 -3.07
N ALA A 103 9.24 -11.77 -3.83
CA ALA A 103 8.69 -10.55 -3.28
C ALA A 103 7.18 -10.66 -3.19
N LYS A 104 6.64 -11.72 -3.75
CA LYS A 104 5.24 -11.96 -3.77
C LYS A 104 4.81 -12.59 -2.46
N ARG A 105 4.05 -11.87 -1.71
CA ARG A 105 3.56 -12.35 -0.44
C ARG A 105 2.09 -12.62 -0.61
N THR A 106 1.75 -13.86 -0.64
CA THR A 106 0.39 -14.23 -0.84
C THR A 106 -0.19 -14.81 0.44
N LEU A 107 -1.18 -14.14 0.98
CA LEU A 107 -1.85 -14.63 2.14
C LEU A 107 -3.02 -15.48 1.71
N THR A 108 -2.87 -16.75 1.86
CA THR A 108 -3.88 -17.67 1.55
C THR A 108 -4.69 -17.97 2.82
N ILE A 109 -5.96 -17.67 2.76
CA ILE A 109 -6.84 -17.87 3.89
C ILE A 109 -7.74 -19.06 3.60
N SER A 110 -7.59 -20.09 4.38
CA SER A 110 -8.39 -21.27 4.19
C SER A 110 -9.54 -21.29 5.18
N GLN A 111 -10.74 -21.56 4.67
CA GLN A 111 -11.98 -21.63 5.44
C GLN A 111 -12.39 -20.28 5.97
N CYS A 112 -12.64 -19.38 5.06
CA CYS A 112 -13.08 -18.05 5.41
C CYS A 112 -14.43 -18.10 6.12
N SER A 113 -14.45 -17.57 7.32
CA SER A 113 -15.63 -17.52 8.13
C SER A 113 -16.05 -16.06 8.31
N LEU A 114 -17.05 -15.82 9.12
CA LEU A 114 -17.50 -14.45 9.36
C LEU A 114 -16.48 -13.70 10.22
N ALA A 115 -15.63 -14.46 10.89
CA ALA A 115 -14.57 -13.89 11.70
C ALA A 115 -13.40 -13.44 10.80
N ASP A 116 -13.45 -13.86 9.55
CA ASP A 116 -12.44 -13.50 8.58
C ASP A 116 -12.89 -12.32 7.77
N ASP A 117 -14.20 -12.07 7.78
CA ASP A 117 -14.77 -10.93 7.06
C ASP A 117 -14.30 -9.65 7.70
N ALA A 118 -13.34 -9.01 7.06
CA ALA A 118 -12.74 -7.81 7.57
C ALA A 118 -11.97 -7.13 6.46
N ALA A 119 -11.58 -5.91 6.69
CA ALA A 119 -10.74 -5.20 5.77
C ALA A 119 -9.31 -5.56 6.09
N TYR A 120 -8.59 -6.04 5.12
CA TYR A 120 -7.22 -6.47 5.31
C TYR A 120 -6.32 -5.43 4.71
N GLN A 121 -5.26 -5.12 5.36
CA GLN A 121 -4.32 -4.19 4.84
C GLN A 121 -2.92 -4.61 5.18
N CYS A 122 -2.07 -4.44 4.21
CA CYS A 122 -0.69 -4.77 4.33
C CYS A 122 0.08 -3.48 4.54
N VAL A 123 0.63 -3.32 5.72
CA VAL A 123 1.34 -2.13 6.08
C VAL A 123 2.84 -2.29 5.84
N VAL A 124 3.33 -1.60 4.85
CA VAL A 124 4.74 -1.57 4.53
C VAL A 124 5.22 -0.16 4.83
N GLY A 125 6.50 0.02 5.06
CA GLY A 125 7.00 1.33 5.29
C GLY A 125 6.89 2.17 4.03
N GLY A 126 6.04 3.18 4.09
CA GLY A 126 5.88 4.07 3.00
C GLY A 126 4.64 3.80 2.21
N GLU A 127 4.28 2.53 2.12
CA GLU A 127 3.17 2.12 1.32
C GLU A 127 2.25 1.19 2.08
N LYS A 128 1.00 1.47 2.02
CA LYS A 128 0.02 0.61 2.58
C LYS A 128 -0.98 0.33 1.48
N CYS A 129 -1.69 -0.74 1.62
CA CYS A 129 -2.78 -1.03 0.75
C CYS A 129 -3.79 -1.80 1.56
N SER A 130 -5.04 -1.43 1.45
CA SER A 130 -6.10 -2.04 2.21
C SER A 130 -7.16 -2.57 1.26
N THR A 131 -7.68 -3.72 1.55
CA THR A 131 -8.72 -4.28 0.75
C THR A 131 -9.92 -4.64 1.63
N GLU A 132 -11.11 -4.59 1.08
CA GLU A 132 -12.29 -4.96 1.84
C GLU A 132 -12.82 -6.31 1.38
N LEU A 133 -12.70 -7.29 2.24
CA LEU A 133 -13.09 -8.64 1.96
C LEU A 133 -14.55 -8.86 2.36
N PHE A 134 -15.27 -9.59 1.52
CA PHE A 134 -16.66 -9.93 1.75
C PHE A 134 -16.85 -11.44 1.78
N VAL A 135 -17.28 -11.95 2.91
CA VAL A 135 -17.61 -13.36 3.03
C VAL A 135 -19.10 -13.53 2.87
N LYS A 136 -19.50 -14.26 1.89
CA LYS A 136 -20.90 -14.58 1.74
C LYS A 136 -21.13 -16.04 2.03
N GLU A 137 -22.17 -16.32 2.73
CA GLU A 137 -22.61 -17.68 2.85
C GLU A 137 -23.27 -18.05 1.52
N GLY A 1 -6.10 53.06 -0.19
CA GLY A 1 -5.91 51.96 -1.14
C GLY A 1 -6.60 50.71 -0.64
N PRO A 2 -6.55 49.60 -1.39
CA PRO A 2 -7.19 48.34 -0.99
C PRO A 2 -6.41 47.63 0.12
N GLY A 3 -5.13 47.89 0.19
CA GLY A 3 -4.30 47.30 1.20
C GLY A 3 -2.94 47.93 1.17
N SER A 4 -2.06 47.47 2.01
CA SER A 4 -0.73 48.01 2.05
C SER A 4 0.29 46.93 1.66
N GLU A 5 0.32 45.87 2.43
CA GLU A 5 1.26 44.77 2.20
C GLU A 5 0.46 43.52 1.94
N ASP A 6 -0.81 43.73 1.79
CA ASP A 6 -1.83 42.72 1.69
C ASP A 6 -2.04 42.30 0.26
N VAL A 7 -1.04 42.58 -0.56
CA VAL A 7 -1.11 42.28 -1.98
C VAL A 7 -1.42 40.81 -2.24
N TRP A 8 -0.91 39.95 -1.39
CA TRP A 8 -1.04 38.50 -1.51
C TRP A 8 -2.48 38.10 -1.57
N GLU A 9 -3.22 38.41 -0.51
CA GLU A 9 -4.62 38.05 -0.41
C GLU A 9 -5.46 38.74 -1.47
N ILE A 10 -5.18 39.99 -1.70
CA ILE A 10 -5.95 40.82 -2.62
C ILE A 10 -5.76 40.36 -4.07
N LEU A 11 -4.54 40.06 -4.43
CA LEU A 11 -4.20 39.63 -5.77
C LEU A 11 -4.65 38.18 -5.98
N ARG A 12 -4.52 37.39 -4.93
CA ARG A 12 -4.87 35.98 -4.95
C ARG A 12 -6.36 35.76 -5.21
N GLN A 13 -7.18 36.58 -4.59
CA GLN A 13 -8.62 36.43 -4.71
C GLN A 13 -9.14 37.15 -5.94
N ALA A 14 -8.29 37.84 -6.62
CA ALA A 14 -8.66 38.51 -7.84
C ALA A 14 -8.50 37.55 -9.00
N PRO A 15 -9.30 37.69 -10.06
CA PRO A 15 -9.15 36.87 -11.25
C PRO A 15 -7.77 37.06 -11.89
N PRO A 16 -7.24 36.00 -12.56
CA PRO A 16 -5.90 35.99 -13.18
C PRO A 16 -5.51 37.24 -13.99
N SER A 17 -6.46 37.93 -14.59
CA SER A 17 -6.14 39.09 -15.40
C SER A 17 -6.00 40.37 -14.57
N GLU A 18 -6.23 40.29 -13.29
CA GLU A 18 -6.05 41.44 -12.45
C GLU A 18 -4.65 41.41 -11.86
N TYR A 19 -4.06 40.20 -11.83
CA TYR A 19 -2.73 39.92 -11.25
C TYR A 19 -1.68 40.96 -11.62
N GLU A 20 -1.56 41.22 -12.91
CA GLU A 20 -0.57 42.14 -13.44
C GLU A 20 -0.73 43.55 -12.84
N ARG A 21 -1.94 44.08 -12.91
CA ARG A 21 -2.24 45.39 -12.38
C ARG A 21 -1.93 45.46 -10.90
N ILE A 22 -2.43 44.49 -10.17
CA ILE A 22 -2.30 44.47 -8.74
C ILE A 22 -0.83 44.34 -8.31
N ALA A 23 -0.08 43.51 -9.03
CA ALA A 23 1.33 43.30 -8.78
C ALA A 23 2.09 44.60 -8.86
N PHE A 24 2.00 45.26 -10.01
CA PHE A 24 2.71 46.49 -10.23
C PHE A 24 2.18 47.64 -9.38
N GLN A 25 0.93 47.54 -8.96
CA GLN A 25 0.33 48.52 -8.06
C GLN A 25 1.06 48.52 -6.71
N TYR A 26 1.33 47.34 -6.19
CA TYR A 26 1.98 47.21 -4.89
C TYR A 26 3.50 47.14 -5.02
N GLY A 27 3.98 47.02 -6.23
CA GLY A 27 5.40 46.98 -6.47
C GLY A 27 5.96 45.57 -6.41
N VAL A 28 5.17 44.62 -6.82
CA VAL A 28 5.58 43.23 -6.85
C VAL A 28 6.07 42.96 -8.23
N THR A 29 7.27 42.53 -8.34
CA THR A 29 7.80 42.24 -9.61
C THR A 29 7.71 40.76 -9.95
N ASP A 30 7.62 39.93 -8.92
CA ASP A 30 7.52 38.49 -9.12
C ASP A 30 6.09 38.08 -9.40
N LEU A 31 5.58 38.60 -10.50
CA LEU A 31 4.23 38.35 -10.94
C LEU A 31 4.10 36.96 -11.53
N ARG A 32 5.03 36.59 -12.40
CA ARG A 32 4.96 35.30 -13.11
C ARG A 32 5.12 34.18 -12.10
N GLY A 33 5.80 34.51 -11.00
CA GLY A 33 6.01 33.59 -9.93
C GLY A 33 4.71 33.15 -9.32
N MET A 34 3.75 34.06 -9.28
CA MET A 34 2.43 33.78 -8.74
C MET A 34 1.69 32.79 -9.64
N LEU A 35 1.87 32.95 -10.94
CA LEU A 35 1.22 32.05 -11.92
C LEU A 35 1.77 30.64 -11.81
N LYS A 36 3.06 30.53 -11.48
CA LYS A 36 3.69 29.23 -11.27
C LYS A 36 3.03 28.53 -10.08
N ARG A 37 2.85 29.29 -9.03
CA ARG A 37 2.18 28.82 -7.80
C ARG A 37 0.73 28.42 -8.12
N LEU A 38 0.05 29.26 -8.88
CA LEU A 38 -1.35 29.05 -9.27
C LEU A 38 -1.51 27.73 -10.05
N LYS A 39 -0.69 27.52 -11.06
CA LYS A 39 -0.78 26.30 -11.87
C LYS A 39 -0.21 25.10 -11.12
N GLY A 40 0.55 25.38 -10.07
CA GLY A 40 1.15 24.36 -9.26
C GLY A 40 0.34 24.06 -8.02
N MET A 41 -0.96 24.32 -8.10
CA MET A 41 -1.87 24.02 -7.01
C MET A 41 -2.36 22.60 -7.15
N ARG A 42 -2.20 22.08 -8.36
CA ARG A 42 -2.56 20.73 -8.69
C ARG A 42 -1.71 19.78 -7.88
N ARG A 43 -2.31 18.77 -7.38
CA ARG A 43 -1.57 17.76 -6.65
C ARG A 43 -1.33 16.60 -7.59
N ASP A 44 -0.52 15.68 -7.17
CA ASP A 44 -0.29 14.49 -7.95
C ASP A 44 -0.37 13.30 -7.03
N GLU A 45 -1.03 12.28 -7.47
CA GLU A 45 -1.26 11.14 -6.62
C GLU A 45 -0.46 9.94 -7.06
N LYS A 46 0.72 9.77 -6.50
CA LYS A 46 1.53 8.61 -6.77
C LYS A 46 1.43 7.62 -5.62
N LYS A 47 2.36 7.70 -4.67
CA LYS A 47 2.44 6.81 -3.51
C LYS A 47 2.61 5.35 -4.01
N SER A 48 2.51 4.35 -3.12
CA SER A 48 2.57 2.93 -3.50
C SER A 48 3.97 2.62 -4.10
N THR A 49 4.94 3.33 -3.63
CA THR A 49 6.27 3.29 -4.18
C THR A 49 7.00 1.98 -3.85
N ALA A 50 6.71 1.44 -2.68
CA ALA A 50 7.31 0.19 -2.24
C ALA A 50 6.41 -1.00 -2.54
N PHE A 51 5.31 -0.71 -3.21
CA PHE A 51 4.33 -1.71 -3.55
C PHE A 51 4.21 -1.85 -5.05
N GLN A 52 4.52 -3.02 -5.57
CA GLN A 52 4.39 -3.28 -7.00
C GLN A 52 2.99 -3.69 -7.32
N LYS A 53 2.29 -4.17 -6.33
CA LYS A 53 0.99 -4.62 -6.52
C LYS A 53 0.36 -4.62 -5.19
N LYS A 54 -0.73 -4.00 -5.12
CA LYS A 54 -1.41 -3.86 -3.92
C LYS A 54 -2.66 -4.67 -3.99
N LEU A 55 -3.38 -4.70 -2.93
CA LEU A 55 -4.61 -5.44 -2.87
C LEU A 55 -5.67 -4.76 -3.71
N GLU A 56 -6.47 -5.57 -4.38
CA GLU A 56 -7.54 -5.09 -5.23
C GLU A 56 -8.58 -4.37 -4.37
N PRO A 57 -9.42 -3.48 -4.96
CA PRO A 57 -10.47 -2.74 -4.23
C PRO A 57 -11.28 -3.62 -3.25
N ALA A 58 -11.60 -4.83 -3.66
CA ALA A 58 -12.33 -5.74 -2.84
C ALA A 58 -12.05 -7.16 -3.26
N TYR A 59 -12.36 -8.08 -2.40
CA TYR A 59 -12.24 -9.49 -2.65
C TYR A 59 -13.46 -10.18 -2.09
N GLN A 60 -13.87 -11.24 -2.68
CA GLN A 60 -15.00 -11.98 -2.18
C GLN A 60 -14.66 -13.45 -2.14
N VAL A 61 -15.03 -14.09 -1.08
CA VAL A 61 -14.78 -15.48 -0.88
C VAL A 61 -16.03 -16.12 -0.30
N SER A 62 -16.30 -17.32 -0.68
CA SER A 62 -17.41 -18.04 -0.14
C SER A 62 -17.00 -18.59 1.23
N LYS A 63 -17.91 -18.57 2.18
CA LYS A 63 -17.67 -19.05 3.52
C LYS A 63 -17.21 -20.50 3.48
N GLY A 64 -16.09 -20.75 4.10
CA GLY A 64 -15.54 -22.07 4.13
C GLY A 64 -14.51 -22.29 3.04
N HIS A 65 -14.41 -21.36 2.13
CA HIS A 65 -13.47 -21.47 1.04
C HIS A 65 -12.19 -20.72 1.35
N LYS A 66 -11.21 -20.91 0.52
CA LYS A 66 -9.91 -20.31 0.67
C LYS A 66 -9.78 -19.11 -0.26
N ILE A 67 -8.84 -18.25 0.03
CA ILE A 67 -8.58 -17.11 -0.81
C ILE A 67 -7.14 -16.64 -0.65
N ARG A 68 -6.49 -16.40 -1.77
CA ARG A 68 -5.15 -15.89 -1.76
C ARG A 68 -5.13 -14.41 -2.01
N LEU A 69 -4.47 -13.71 -1.15
CA LEU A 69 -4.30 -12.29 -1.26
C LEU A 69 -2.89 -12.02 -1.69
N THR A 70 -2.74 -11.58 -2.90
CA THR A 70 -1.45 -11.39 -3.48
C THR A 70 -1.07 -9.91 -3.62
N VAL A 71 0.06 -9.57 -3.08
CA VAL A 71 0.64 -8.27 -3.22
C VAL A 71 2.07 -8.43 -3.68
N GLU A 72 2.56 -7.50 -4.43
CA GLU A 72 3.93 -7.55 -4.83
C GLU A 72 4.63 -6.42 -4.21
N LEU A 73 5.75 -6.68 -3.70
CA LEU A 73 6.53 -5.70 -3.06
C LEU A 73 7.64 -5.33 -3.99
N ALA A 74 8.29 -4.23 -3.72
CA ALA A 74 9.37 -3.80 -4.57
C ALA A 74 10.62 -4.61 -4.28
N ASP A 75 10.74 -5.05 -3.05
CA ASP A 75 11.90 -5.80 -2.61
C ASP A 75 11.50 -7.25 -2.32
N HIS A 76 12.42 -8.17 -2.56
CA HIS A 76 12.17 -9.60 -2.41
C HIS A 76 12.24 -10.06 -0.97
N ASP A 77 12.93 -9.31 -0.14
CA ASP A 77 13.19 -9.71 1.23
C ASP A 77 12.47 -8.83 2.22
N ALA A 78 11.40 -8.27 1.79
CA ALA A 78 10.59 -7.44 2.62
C ALA A 78 9.29 -8.18 2.79
N GLU A 79 8.77 -8.21 3.97
CA GLU A 79 7.53 -8.88 4.18
C GLU A 79 6.50 -7.92 4.75
N VAL A 80 5.25 -8.20 4.52
CA VAL A 80 4.17 -7.33 4.95
C VAL A 80 3.45 -7.92 6.12
N LYS A 81 2.88 -7.05 6.89
CA LYS A 81 2.02 -7.43 7.95
C LYS A 81 0.61 -7.18 7.49
N TRP A 82 -0.26 -8.14 7.70
CA TRP A 82 -1.63 -8.01 7.27
C TRP A 82 -2.49 -7.64 8.48
N LEU A 83 -3.41 -6.76 8.31
CA LEU A 83 -4.31 -6.37 9.37
C LEU A 83 -5.74 -6.62 9.00
N LYS A 84 -6.51 -7.02 9.98
CA LYS A 84 -7.92 -7.14 9.85
C LYS A 84 -8.56 -5.99 10.56
N ASN A 85 -9.11 -5.06 9.79
CA ASN A 85 -9.80 -3.83 10.31
C ASN A 85 -8.96 -3.02 11.33
N GLY A 86 -7.66 -3.27 11.38
CA GLY A 86 -6.81 -2.59 12.32
C GLY A 86 -6.17 -3.56 13.30
N GLN A 87 -6.58 -4.81 13.23
CA GLN A 87 -6.08 -5.83 14.12
C GLN A 87 -5.06 -6.65 13.38
N GLU A 88 -3.90 -6.76 13.91
CA GLU A 88 -2.82 -7.49 13.27
C GLU A 88 -3.14 -8.98 13.13
N ILE A 89 -3.20 -9.43 11.89
CA ILE A 89 -3.43 -10.82 11.58
C ILE A 89 -2.27 -11.66 12.04
N GLN A 90 -2.56 -12.60 12.88
CA GLN A 90 -1.60 -13.56 13.30
C GLN A 90 -1.85 -14.84 12.54
N MET A 91 -0.85 -15.66 12.44
CA MET A 91 -1.02 -16.95 11.83
C MET A 91 -1.83 -17.84 12.77
N SER A 92 -3.12 -17.87 12.56
CA SER A 92 -4.00 -18.60 13.41
C SER A 92 -4.12 -20.01 12.88
N GLY A 93 -3.40 -20.92 13.52
CA GLY A 93 -3.40 -22.31 13.13
C GLY A 93 -2.95 -22.49 11.71
N SER A 94 -3.85 -22.95 10.90
CA SER A 94 -3.59 -23.20 9.52
C SER A 94 -4.51 -22.32 8.66
N LYS A 95 -5.09 -21.28 9.27
CA LYS A 95 -5.94 -20.36 8.53
C LYS A 95 -5.16 -19.42 7.68
N TYR A 96 -4.15 -18.86 8.24
CA TYR A 96 -3.39 -17.85 7.55
C TYR A 96 -2.03 -18.35 7.22
N ILE A 97 -1.83 -18.60 5.98
CA ILE A 97 -0.56 -19.09 5.52
C ILE A 97 0.15 -17.98 4.77
N PHE A 98 1.23 -17.54 5.32
CA PHE A 98 2.02 -16.49 4.74
C PHE A 98 3.02 -17.09 3.77
N GLU A 99 2.76 -16.95 2.49
CA GLU A 99 3.61 -17.49 1.48
C GLU A 99 4.42 -16.39 0.80
N SER A 100 5.66 -16.69 0.56
CA SER A 100 6.57 -15.78 -0.05
C SER A 100 7.08 -16.36 -1.38
N ILE A 101 6.88 -15.63 -2.46
CA ILE A 101 7.38 -16.06 -3.75
C ILE A 101 8.07 -14.87 -4.40
N GLY A 102 9.35 -14.74 -4.13
CA GLY A 102 10.11 -13.64 -4.64
C GLY A 102 9.68 -12.35 -3.98
N ALA A 103 9.30 -11.39 -4.78
CA ALA A 103 8.81 -10.12 -4.26
C ALA A 103 7.31 -10.18 -4.07
N LYS A 104 6.72 -11.26 -4.48
CA LYS A 104 5.31 -11.42 -4.37
C LYS A 104 5.02 -12.06 -3.02
N ARG A 105 4.19 -11.43 -2.27
CA ARG A 105 3.83 -11.95 -1.00
C ARG A 105 2.37 -12.32 -1.08
N THR A 106 2.01 -13.44 -0.55
CA THR A 106 0.66 -13.88 -0.66
C THR A 106 0.18 -14.56 0.61
N LEU A 107 -0.89 -14.03 1.15
CA LEU A 107 -1.53 -14.61 2.28
C LEU A 107 -2.59 -15.56 1.78
N THR A 108 -2.41 -16.80 2.04
CA THR A 108 -3.39 -17.78 1.70
C THR A 108 -4.28 -17.99 2.92
N ILE A 109 -5.49 -17.52 2.84
CA ILE A 109 -6.42 -17.66 3.91
C ILE A 109 -7.23 -18.91 3.66
N SER A 110 -7.33 -19.73 4.66
CA SER A 110 -8.03 -20.95 4.54
C SER A 110 -9.34 -20.85 5.30
N GLN A 111 -10.40 -21.27 4.61
CA GLN A 111 -11.77 -21.33 5.14
C GLN A 111 -12.22 -20.08 5.86
N CYS A 112 -12.52 -19.08 5.06
CA CYS A 112 -12.95 -17.81 5.55
C CYS A 112 -14.35 -17.90 6.15
N SER A 113 -14.46 -17.40 7.34
CA SER A 113 -15.70 -17.34 8.04
C SER A 113 -16.05 -15.86 8.17
N LEU A 114 -17.10 -15.53 8.90
CA LEU A 114 -17.48 -14.13 9.03
C LEU A 114 -16.50 -13.36 9.89
N ALA A 115 -15.72 -14.06 10.69
CA ALA A 115 -14.69 -13.41 11.47
C ALA A 115 -13.53 -12.99 10.56
N ASP A 116 -13.40 -13.68 9.43
CA ASP A 116 -12.38 -13.35 8.43
C ASP A 116 -12.86 -12.18 7.60
N ASP A 117 -14.18 -11.99 7.59
CA ASP A 117 -14.83 -10.91 6.85
C ASP A 117 -14.45 -9.58 7.48
N ALA A 118 -13.45 -8.96 6.92
CA ALA A 118 -12.95 -7.71 7.40
C ALA A 118 -12.15 -7.05 6.32
N ALA A 119 -11.79 -5.83 6.56
CA ALA A 119 -10.95 -5.12 5.65
C ALA A 119 -9.51 -5.48 5.97
N TYR A 120 -8.75 -5.81 4.97
CA TYR A 120 -7.37 -6.19 5.18
C TYR A 120 -6.47 -5.07 4.77
N GLN A 121 -5.39 -4.94 5.47
CA GLN A 121 -4.38 -3.96 5.11
C GLN A 121 -3.05 -4.65 5.08
N CYS A 122 -2.39 -4.56 3.97
CA CYS A 122 -1.05 -5.07 3.84
C CYS A 122 -0.12 -3.91 4.10
N VAL A 123 0.68 -4.01 5.12
CA VAL A 123 1.50 -2.90 5.53
C VAL A 123 2.98 -3.15 5.29
N VAL A 124 3.57 -2.27 4.51
CA VAL A 124 5.00 -2.16 4.30
C VAL A 124 5.37 -0.90 5.05
N GLY A 125 6.62 -0.69 5.42
CA GLY A 125 6.94 0.56 6.06
C GLY A 125 6.79 1.70 5.06
N GLY A 126 5.80 2.54 5.30
CA GLY A 126 5.57 3.70 4.48
C GLY A 126 4.33 3.54 3.60
N GLU A 127 4.09 2.34 3.13
CA GLU A 127 3.00 2.09 2.23
C GLU A 127 2.02 1.07 2.84
N LYS A 128 0.77 1.44 2.86
CA LYS A 128 -0.27 0.61 3.39
C LYS A 128 -1.41 0.54 2.39
N CYS A 129 -1.84 -0.64 2.07
CA CYS A 129 -2.95 -0.83 1.15
C CYS A 129 -4.06 -1.57 1.85
N SER A 130 -5.27 -1.14 1.62
CA SER A 130 -6.42 -1.74 2.23
C SER A 130 -7.34 -2.36 1.17
N THR A 131 -8.00 -3.42 1.53
CA THR A 131 -8.93 -4.08 0.67
C THR A 131 -10.13 -4.53 1.50
N GLU A 132 -11.28 -4.60 0.89
CA GLU A 132 -12.47 -5.03 1.56
C GLU A 132 -12.78 -6.48 1.20
N LEU A 133 -12.80 -7.36 2.18
CA LEU A 133 -13.17 -8.73 1.91
C LEU A 133 -14.63 -8.91 2.22
N PHE A 134 -15.32 -9.60 1.37
CA PHE A 134 -16.66 -9.96 1.61
C PHE A 134 -16.76 -11.48 1.67
N VAL A 135 -17.11 -12.00 2.80
CA VAL A 135 -17.31 -13.42 2.93
C VAL A 135 -18.76 -13.72 2.64
N LYS A 136 -18.99 -14.55 1.68
CA LYS A 136 -20.31 -14.91 1.29
C LYS A 136 -20.74 -16.17 2.01
N GLU A 137 -21.61 -16.01 2.96
CA GLU A 137 -22.13 -17.10 3.72
C GLU A 137 -23.25 -17.74 2.97
N GLY A 1 3.84 31.26 16.21
CA GLY A 1 2.85 31.97 17.00
C GLY A 1 1.56 32.05 16.25
N PRO A 2 0.62 32.94 16.66
CA PRO A 2 -0.65 33.12 15.95
C PRO A 2 -0.37 33.61 14.53
N GLY A 3 -1.22 33.24 13.61
CA GLY A 3 -1.00 33.59 12.22
C GLY A 3 -1.49 34.97 11.86
N SER A 4 -1.17 35.93 12.71
CA SER A 4 -1.60 37.28 12.56
C SER A 4 -0.80 38.04 11.49
N GLU A 5 0.16 37.36 10.87
CA GLU A 5 0.88 37.91 9.74
C GLU A 5 0.00 37.77 8.50
N ASP A 6 -0.93 36.80 8.56
CA ASP A 6 -1.92 36.49 7.49
C ASP A 6 -1.31 35.90 6.22
N VAL A 7 0.00 36.08 6.04
CA VAL A 7 0.73 35.55 4.89
C VAL A 7 0.48 34.06 4.67
N TRP A 8 0.30 33.34 5.75
CA TRP A 8 0.11 31.90 5.75
C TRP A 8 -1.07 31.52 4.86
N GLU A 9 -2.18 32.21 5.04
CA GLU A 9 -3.37 31.96 4.26
C GLU A 9 -3.35 32.75 2.94
N ILE A 10 -2.84 33.97 2.97
CA ILE A 10 -2.80 34.81 1.77
C ILE A 10 -1.94 34.17 0.68
N LEU A 11 -0.72 33.77 1.05
CA LEU A 11 0.23 33.19 0.10
C LEU A 11 -0.26 31.81 -0.35
N ARG A 12 -0.95 31.13 0.54
CA ARG A 12 -1.50 29.78 0.30
C ARG A 12 -2.46 29.76 -0.92
N GLN A 13 -3.24 30.79 -1.04
CA GLN A 13 -4.23 30.89 -2.12
C GLN A 13 -3.78 31.87 -3.20
N ALA A 14 -2.60 32.40 -3.02
CA ALA A 14 -2.04 33.39 -3.93
C ALA A 14 -1.52 32.75 -5.22
N PRO A 15 -1.34 33.55 -6.31
CA PRO A 15 -0.76 33.05 -7.55
C PRO A 15 0.69 32.60 -7.35
N PRO A 16 1.07 31.43 -7.90
CA PRO A 16 2.40 30.80 -7.66
C PRO A 16 3.59 31.58 -8.22
N SER A 17 3.32 32.65 -8.91
CA SER A 17 4.36 33.45 -9.48
C SER A 17 4.78 34.54 -8.51
N GLU A 18 3.96 34.80 -7.52
CA GLU A 18 4.20 35.91 -6.65
C GLU A 18 4.69 35.46 -5.29
N TYR A 19 4.81 34.14 -5.08
CA TYR A 19 5.13 33.58 -3.76
C TYR A 19 6.42 34.16 -3.17
N GLU A 20 7.46 34.31 -3.98
CA GLU A 20 8.73 34.85 -3.47
C GLU A 20 8.54 36.27 -2.95
N ARG A 21 7.81 37.08 -3.72
CA ARG A 21 7.51 38.44 -3.31
C ARG A 21 6.75 38.44 -2.00
N ILE A 22 5.67 37.69 -1.96
CA ILE A 22 4.78 37.63 -0.80
C ILE A 22 5.54 37.14 0.43
N ALA A 23 6.35 36.12 0.24
CA ALA A 23 7.14 35.53 1.29
C ALA A 23 8.09 36.55 1.90
N PHE A 24 8.97 37.08 1.08
CA PHE A 24 9.98 38.03 1.56
C PHE A 24 9.36 39.34 2.02
N GLN A 25 8.18 39.64 1.53
CA GLN A 25 7.42 40.82 1.93
C GLN A 25 7.00 40.71 3.38
N TYR A 26 6.49 39.54 3.75
CA TYR A 26 6.02 39.33 5.11
C TYR A 26 7.11 38.84 6.06
N GLY A 27 8.19 38.28 5.51
CA GLY A 27 9.25 37.83 6.37
C GLY A 27 9.41 36.33 6.37
N VAL A 28 8.78 35.68 5.42
CA VAL A 28 8.88 34.25 5.27
C VAL A 28 10.07 34.04 4.37
N THR A 29 11.17 33.76 4.98
CA THR A 29 12.40 33.64 4.27
C THR A 29 12.39 32.45 3.29
N ASP A 30 11.87 31.33 3.72
CA ASP A 30 11.83 30.18 2.85
C ASP A 30 10.42 29.78 2.53
N LEU A 31 9.96 30.25 1.40
CA LEU A 31 8.62 29.97 0.89
C LEU A 31 8.51 28.53 0.42
N ARG A 32 9.62 27.97 -0.01
CA ARG A 32 9.65 26.64 -0.54
C ARG A 32 9.30 25.62 0.53
N GLY A 33 9.90 25.77 1.70
CA GLY A 33 9.63 24.89 2.82
C GLY A 33 8.22 25.09 3.36
N MET A 34 7.68 26.25 3.09
CA MET A 34 6.32 26.57 3.47
C MET A 34 5.37 25.71 2.68
N LEU A 35 5.49 25.75 1.37
CA LEU A 35 4.63 24.96 0.51
C LEU A 35 4.97 23.46 0.63
N LYS A 36 6.23 23.18 0.93
CA LYS A 36 6.75 21.83 1.13
C LYS A 36 6.00 21.12 2.24
N ARG A 37 5.81 21.82 3.34
CA ARG A 37 5.11 21.25 4.46
C ARG A 37 3.62 21.11 4.17
N LEU A 38 3.12 21.91 3.20
CA LEU A 38 1.73 21.80 2.81
C LEU A 38 1.45 20.61 1.92
N LYS A 39 2.47 20.12 1.29
CA LYS A 39 2.36 18.93 0.45
C LYS A 39 1.94 17.76 1.31
N GLY A 40 2.70 17.54 2.36
CA GLY A 40 2.39 16.48 3.30
C GLY A 40 1.23 16.82 4.20
N MET A 41 0.73 18.02 4.06
CA MET A 41 -0.36 18.53 4.85
C MET A 41 -1.67 18.20 4.18
N ARG A 42 -1.72 18.45 2.88
CA ARG A 42 -2.90 18.18 2.09
C ARG A 42 -2.96 16.70 1.76
N ARG A 43 -2.19 16.28 0.76
CA ARG A 43 -2.12 14.89 0.35
C ARG A 43 -1.11 14.69 -0.76
N ASP A 44 0.15 14.72 -0.40
CA ASP A 44 1.24 14.45 -1.34
C ASP A 44 2.04 13.27 -0.83
N GLU A 45 1.52 12.63 0.16
CA GLU A 45 2.06 11.39 0.59
C GLU A 45 1.41 10.31 -0.21
N LYS A 46 2.05 9.97 -1.29
CA LYS A 46 1.52 9.00 -2.21
C LYS A 46 1.81 7.61 -1.71
N LYS A 47 3.11 7.30 -1.59
CA LYS A 47 3.57 5.99 -1.16
C LYS A 47 2.97 4.90 -2.04
N SER A 48 2.93 3.67 -1.53
CA SER A 48 2.35 2.53 -2.22
C SER A 48 3.20 2.19 -3.46
N THR A 49 4.44 2.67 -3.43
CA THR A 49 5.33 2.58 -4.55
C THR A 49 6.39 1.50 -4.32
N ALA A 50 6.56 1.07 -3.08
CA ALA A 50 7.46 -0.07 -2.80
C ALA A 50 6.67 -1.35 -2.96
N PHE A 51 5.40 -1.18 -3.23
CA PHE A 51 4.50 -2.24 -3.54
C PHE A 51 4.48 -2.40 -5.04
N GLN A 52 4.73 -3.60 -5.49
CA GLN A 52 4.80 -3.90 -6.90
C GLN A 52 3.44 -4.36 -7.42
N LYS A 53 2.59 -4.76 -6.50
CA LYS A 53 1.29 -5.22 -6.80
C LYS A 53 0.54 -5.02 -5.54
N LYS A 54 -0.54 -4.35 -5.62
CA LYS A 54 -1.28 -4.02 -4.46
C LYS A 54 -2.54 -4.86 -4.43
N LEU A 55 -3.28 -4.71 -3.36
CA LEU A 55 -4.52 -5.43 -3.20
C LEU A 55 -5.57 -4.84 -4.09
N GLU A 56 -6.45 -5.68 -4.57
CA GLU A 56 -7.56 -5.26 -5.40
C GLU A 56 -8.53 -4.42 -4.56
N PRO A 57 -9.39 -3.58 -5.19
CA PRO A 57 -10.37 -2.73 -4.48
C PRO A 57 -11.20 -3.51 -3.44
N ALA A 58 -11.52 -4.74 -3.77
CA ALA A 58 -12.27 -5.59 -2.91
C ALA A 58 -11.97 -7.02 -3.27
N TYR A 59 -12.24 -7.92 -2.37
CA TYR A 59 -12.14 -9.34 -2.61
C TYR A 59 -13.38 -9.97 -2.08
N GLN A 60 -13.79 -11.03 -2.69
CA GLN A 60 -14.94 -11.74 -2.23
C GLN A 60 -14.56 -13.18 -2.08
N VAL A 61 -15.13 -13.82 -1.10
CA VAL A 61 -14.88 -15.20 -0.84
C VAL A 61 -16.16 -15.78 -0.27
N SER A 62 -16.42 -17.02 -0.51
CA SER A 62 -17.58 -17.63 0.06
C SER A 62 -17.25 -18.21 1.43
N LYS A 63 -18.25 -18.33 2.27
CA LYS A 63 -18.09 -18.87 3.61
C LYS A 63 -17.57 -20.30 3.53
N GLY A 64 -16.43 -20.53 4.13
CA GLY A 64 -15.83 -21.84 4.12
C GLY A 64 -14.89 -22.05 2.96
N HIS A 65 -14.69 -21.00 2.19
CA HIS A 65 -13.78 -21.07 1.07
C HIS A 65 -12.44 -20.49 1.43
N LYS A 66 -11.53 -20.56 0.50
CA LYS A 66 -10.20 -20.07 0.67
C LYS A 66 -10.01 -18.85 -0.20
N ILE A 67 -9.29 -17.91 0.30
CA ILE A 67 -8.99 -16.69 -0.44
C ILE A 67 -7.49 -16.43 -0.36
N ARG A 68 -6.95 -15.93 -1.44
CA ARG A 68 -5.54 -15.62 -1.47
C ARG A 68 -5.37 -14.19 -1.77
N LEU A 69 -4.72 -13.52 -0.89
CA LEU A 69 -4.45 -12.14 -1.04
C LEU A 69 -3.03 -12.02 -1.53
N THR A 70 -2.87 -11.55 -2.74
CA THR A 70 -1.59 -11.54 -3.37
C THR A 70 -1.08 -10.13 -3.57
N VAL A 71 0.11 -9.88 -3.07
CA VAL A 71 0.77 -8.62 -3.25
C VAL A 71 2.20 -8.89 -3.62
N GLU A 72 2.81 -7.94 -4.24
CA GLU A 72 4.18 -8.04 -4.63
C GLU A 72 4.92 -6.90 -4.05
N LEU A 73 6.05 -7.18 -3.56
CA LEU A 73 6.90 -6.17 -3.03
C LEU A 73 7.93 -5.83 -4.09
N ALA A 74 8.21 -4.57 -4.26
CA ALA A 74 9.26 -4.18 -5.17
C ALA A 74 10.57 -4.48 -4.49
N ASP A 75 10.56 -4.22 -3.22
CA ASP A 75 11.64 -4.54 -2.33
C ASP A 75 11.18 -5.70 -1.49
N HIS A 76 11.60 -6.88 -1.85
CA HIS A 76 11.13 -8.10 -1.19
C HIS A 76 11.75 -8.26 0.19
N ASP A 77 12.82 -7.52 0.44
CA ASP A 77 13.50 -7.58 1.72
C ASP A 77 12.87 -6.59 2.70
N ALA A 78 11.81 -5.94 2.27
CA ALA A 78 11.03 -5.07 3.10
C ALA A 78 9.73 -5.79 3.37
N GLU A 79 9.66 -6.45 4.49
CA GLU A 79 8.56 -7.34 4.76
C GLU A 79 7.27 -6.63 5.11
N VAL A 80 6.21 -7.38 4.94
CA VAL A 80 4.85 -6.91 5.09
C VAL A 80 4.16 -7.69 6.22
N LYS A 81 3.13 -7.12 6.76
CA LYS A 81 2.27 -7.82 7.66
C LYS A 81 0.85 -7.56 7.22
N TRP A 82 -0.06 -8.37 7.63
CA TRP A 82 -1.44 -8.25 7.18
C TRP A 82 -2.29 -7.86 8.36
N LEU A 83 -3.29 -7.06 8.15
CA LEU A 83 -4.14 -6.62 9.21
C LEU A 83 -5.58 -6.95 8.99
N LYS A 84 -6.20 -7.41 10.06
CA LYS A 84 -7.63 -7.67 10.11
C LYS A 84 -8.31 -6.47 10.64
N ASN A 85 -9.03 -5.73 9.81
CA ASN A 85 -9.81 -4.51 10.19
C ASN A 85 -8.99 -3.46 10.93
N GLY A 86 -7.70 -3.60 10.92
CA GLY A 86 -6.84 -2.65 11.61
C GLY A 86 -6.22 -3.24 12.85
N GLN A 87 -6.38 -4.55 13.02
CA GLN A 87 -5.78 -5.25 14.15
C GLN A 87 -4.40 -5.74 13.73
N GLU A 88 -4.30 -7.02 13.36
CA GLU A 88 -3.10 -7.65 12.85
C GLU A 88 -3.42 -9.12 12.72
N ILE A 89 -3.00 -9.71 11.64
CA ILE A 89 -3.24 -11.11 11.41
C ILE A 89 -2.06 -11.92 11.80
N GLN A 90 -2.26 -12.80 12.70
CA GLN A 90 -1.25 -13.75 13.04
C GLN A 90 -1.48 -14.98 12.19
N MET A 91 -0.42 -15.46 11.56
CA MET A 91 -0.49 -16.68 10.78
C MET A 91 -0.86 -17.83 11.72
N SER A 92 -2.10 -18.26 11.67
CA SER A 92 -2.54 -19.23 12.62
C SER A 92 -2.70 -20.60 11.99
N GLY A 93 -1.94 -21.56 12.55
CA GLY A 93 -2.01 -22.96 12.20
C GLY A 93 -1.97 -23.25 10.71
N SER A 94 -3.03 -23.85 10.24
CA SER A 94 -3.13 -24.23 8.85
C SER A 94 -4.21 -23.39 8.17
N LYS A 95 -4.72 -22.41 8.90
CA LYS A 95 -5.72 -21.52 8.37
C LYS A 95 -5.09 -20.41 7.56
N TYR A 96 -4.10 -19.78 8.12
CA TYR A 96 -3.43 -18.69 7.45
C TYR A 96 -2.06 -19.15 7.09
N ILE A 97 -1.71 -18.98 5.87
CA ILE A 97 -0.38 -19.35 5.45
C ILE A 97 0.24 -18.13 4.78
N PHE A 98 1.31 -17.64 5.35
CA PHE A 98 2.07 -16.53 4.76
C PHE A 98 3.08 -17.11 3.80
N GLU A 99 2.82 -16.98 2.53
CA GLU A 99 3.69 -17.54 1.54
C GLU A 99 4.39 -16.46 0.73
N SER A 100 5.68 -16.38 0.89
CA SER A 100 6.48 -15.49 0.13
C SER A 100 7.12 -16.26 -1.03
N ILE A 101 6.82 -15.84 -2.21
CA ILE A 101 7.37 -16.41 -3.41
C ILE A 101 8.12 -15.31 -4.13
N GLY A 102 9.40 -15.24 -3.90
CA GLY A 102 10.21 -14.20 -4.49
C GLY A 102 9.91 -12.87 -3.85
N ALA A 103 9.25 -12.03 -4.59
CA ALA A 103 8.83 -10.74 -4.11
C ALA A 103 7.35 -10.77 -3.74
N LYS A 104 6.68 -11.83 -4.17
CA LYS A 104 5.28 -12.02 -3.87
C LYS A 104 5.06 -12.44 -2.45
N ARG A 105 4.08 -11.86 -1.86
CA ARG A 105 3.62 -12.21 -0.56
C ARG A 105 2.17 -12.59 -0.72
N THR A 106 1.88 -13.83 -0.52
CA THR A 106 0.54 -14.31 -0.67
C THR A 106 0.03 -14.81 0.66
N LEU A 107 -1.05 -14.25 1.11
CA LEU A 107 -1.68 -14.73 2.28
C LEU A 107 -2.79 -15.66 1.87
N THR A 108 -2.60 -16.91 2.16
CA THR A 108 -3.61 -17.87 1.87
C THR A 108 -4.48 -18.02 3.12
N ILE A 109 -5.70 -17.55 3.03
CA ILE A 109 -6.63 -17.64 4.11
C ILE A 109 -7.58 -18.76 3.80
N SER A 110 -7.64 -19.71 4.66
CA SER A 110 -8.50 -20.81 4.47
C SER A 110 -9.69 -20.75 5.42
N GLN A 111 -10.85 -21.13 4.91
CA GLN A 111 -12.09 -21.25 5.67
C GLN A 111 -12.56 -19.89 6.19
N CYS A 112 -12.77 -18.98 5.27
CA CYS A 112 -13.25 -17.67 5.60
C CYS A 112 -14.67 -17.74 6.15
N SER A 113 -14.88 -17.09 7.25
CA SER A 113 -16.13 -17.11 7.94
C SER A 113 -16.57 -15.65 8.13
N LEU A 114 -17.73 -15.43 8.72
CA LEU A 114 -18.25 -14.07 8.91
C LEU A 114 -17.41 -13.30 9.92
N ALA A 115 -16.83 -14.00 10.87
CA ALA A 115 -15.99 -13.36 11.87
C ALA A 115 -14.59 -13.11 11.31
N ASP A 116 -14.36 -13.65 10.14
CA ASP A 116 -13.08 -13.53 9.44
C ASP A 116 -13.21 -12.38 8.42
N ASP A 117 -14.46 -11.99 8.18
CA ASP A 117 -14.80 -10.89 7.27
C ASP A 117 -14.37 -9.58 7.89
N ALA A 118 -13.43 -8.92 7.27
CA ALA A 118 -12.90 -7.68 7.76
C ALA A 118 -12.29 -6.91 6.62
N ALA A 119 -11.89 -5.69 6.90
CA ALA A 119 -11.16 -4.91 5.95
C ALA A 119 -9.70 -5.29 6.10
N TYR A 120 -9.08 -5.65 5.04
CA TYR A 120 -7.72 -6.12 5.09
C TYR A 120 -6.77 -5.10 4.54
N GLN A 121 -5.63 -5.04 5.09
CA GLN A 121 -4.62 -4.13 4.66
C GLN A 121 -3.25 -4.68 4.93
N CYS A 122 -2.36 -4.42 4.02
CA CYS A 122 -0.99 -4.85 4.12
C CYS A 122 -0.17 -3.71 4.65
N VAL A 123 0.65 -3.97 5.62
CA VAL A 123 1.45 -2.93 6.20
C VAL A 123 2.94 -3.18 6.00
N VAL A 124 3.50 -2.39 5.13
CA VAL A 124 4.92 -2.28 4.89
C VAL A 124 5.21 -0.85 5.28
N GLY A 125 6.45 -0.48 5.57
CA GLY A 125 6.65 0.90 5.95
C GLY A 125 6.41 1.85 4.78
N GLY A 126 5.32 2.58 4.91
CA GLY A 126 4.89 3.62 4.02
C GLY A 126 3.84 3.06 3.11
N GLU A 127 4.03 1.86 2.77
CA GLU A 127 3.22 1.13 1.91
C GLU A 127 2.13 0.40 2.64
N LYS A 128 0.99 1.00 2.68
CA LYS A 128 -0.15 0.36 3.24
C LYS A 128 -1.22 0.30 2.19
N CYS A 129 -1.60 -0.86 1.82
CA CYS A 129 -2.63 -1.01 0.85
C CYS A 129 -3.81 -1.68 1.51
N SER A 130 -4.99 -1.16 1.29
CA SER A 130 -6.17 -1.65 1.91
C SER A 130 -7.10 -2.32 0.87
N THR A 131 -7.83 -3.32 1.29
CA THR A 131 -8.77 -4.01 0.48
C THR A 131 -9.94 -4.43 1.38
N GLU A 132 -11.12 -4.53 0.86
CA GLU A 132 -12.19 -4.96 1.69
C GLU A 132 -12.66 -6.34 1.25
N LEU A 133 -12.54 -7.30 2.14
CA LEU A 133 -12.93 -8.67 1.85
C LEU A 133 -14.39 -8.85 2.18
N PHE A 134 -15.12 -9.51 1.32
CA PHE A 134 -16.50 -9.81 1.57
C PHE A 134 -16.68 -11.31 1.60
N VAL A 135 -17.03 -11.81 2.75
CA VAL A 135 -17.33 -13.21 2.91
C VAL A 135 -18.82 -13.41 2.67
N LYS A 136 -19.13 -14.17 1.65
CA LYS A 136 -20.47 -14.45 1.28
C LYS A 136 -20.96 -15.75 1.91
N GLU A 137 -21.85 -15.62 2.85
CA GLU A 137 -22.52 -16.73 3.46
C GLU A 137 -23.85 -16.92 2.74
N GLY A 1 3.91 35.08 9.80
CA GLY A 1 3.55 34.71 8.44
C GLY A 1 3.82 33.24 8.21
N PRO A 2 4.33 32.87 7.02
CA PRO A 2 4.62 31.47 6.70
C PRO A 2 5.98 31.01 7.25
N GLY A 3 6.67 31.94 7.84
CA GLY A 3 7.97 31.72 8.38
C GLY A 3 8.70 33.01 8.36
N SER A 4 9.99 32.97 8.49
CA SER A 4 10.79 34.17 8.48
C SER A 4 11.06 34.66 7.04
N GLU A 5 10.74 33.79 6.11
CA GLU A 5 10.88 34.02 4.72
C GLU A 5 9.57 33.59 4.12
N ASP A 6 9.19 34.17 3.04
CA ASP A 6 7.96 33.80 2.40
C ASP A 6 8.21 32.89 1.23
N VAL A 7 9.38 32.29 1.26
CA VAL A 7 9.82 31.32 0.27
C VAL A 7 8.82 30.17 0.14
N TRP A 8 8.26 29.74 1.26
CA TRP A 8 7.33 28.62 1.34
C TRP A 8 6.18 28.78 0.36
N GLU A 9 5.47 29.88 0.48
CA GLU A 9 4.31 30.13 -0.36
C GLU A 9 4.71 30.46 -1.79
N ILE A 10 5.82 31.15 -1.95
CA ILE A 10 6.33 31.53 -3.25
C ILE A 10 6.71 30.26 -4.04
N LEU A 11 7.52 29.42 -3.40
CA LEU A 11 8.02 28.22 -4.00
C LEU A 11 6.91 27.20 -4.17
N ARG A 12 5.96 27.18 -3.24
CA ARG A 12 4.82 26.26 -3.28
C ARG A 12 4.01 26.47 -4.57
N GLN A 13 3.82 27.72 -4.94
CA GLN A 13 2.99 28.07 -6.07
C GLN A 13 3.83 28.20 -7.36
N ALA A 14 5.10 27.94 -7.24
CA ALA A 14 6.02 28.03 -8.37
C ALA A 14 6.09 26.70 -9.14
N PRO A 15 6.51 26.75 -10.43
CA PRO A 15 6.75 25.55 -11.21
C PRO A 15 8.06 24.83 -10.77
N PRO A 16 8.21 23.54 -11.12
CA PRO A 16 9.35 22.70 -10.68
C PRO A 16 10.72 23.27 -11.00
N SER A 17 10.86 23.93 -12.13
CA SER A 17 12.14 24.48 -12.58
C SER A 17 12.56 25.69 -11.77
N GLU A 18 11.67 26.16 -10.97
CA GLU A 18 11.94 27.27 -10.14
C GLU A 18 12.35 26.83 -8.75
N TYR A 19 11.95 25.62 -8.37
CA TYR A 19 12.18 25.10 -7.00
C TYR A 19 13.64 25.15 -6.59
N GLU A 20 14.50 24.63 -7.44
CA GLU A 20 15.91 24.54 -7.11
C GLU A 20 16.58 25.93 -7.13
N ARG A 21 15.93 26.88 -7.78
CA ARG A 21 16.44 28.24 -7.84
C ARG A 21 16.03 28.97 -6.56
N ILE A 22 14.71 28.99 -6.37
CA ILE A 22 14.06 29.70 -5.26
C ILE A 22 14.56 29.21 -3.91
N ALA A 23 14.78 27.91 -3.79
CA ALA A 23 15.27 27.31 -2.57
C ALA A 23 16.59 27.95 -2.16
N PHE A 24 17.57 27.85 -3.03
CA PHE A 24 18.89 28.38 -2.75
C PHE A 24 18.91 29.91 -2.71
N GLN A 25 17.94 30.52 -3.37
CA GLN A 25 17.78 31.97 -3.37
C GLN A 25 17.34 32.44 -1.96
N TYR A 26 16.52 31.66 -1.30
CA TYR A 26 16.04 32.03 0.03
C TYR A 26 16.84 31.37 1.15
N GLY A 27 17.57 30.33 0.83
CA GLY A 27 18.42 29.69 1.82
C GLY A 27 17.89 28.36 2.27
N VAL A 28 17.05 27.77 1.47
CA VAL A 28 16.50 26.47 1.74
C VAL A 28 17.38 25.51 0.98
N THR A 29 17.85 24.50 1.62
CA THR A 29 18.74 23.62 0.96
C THR A 29 18.04 22.43 0.36
N ASP A 30 17.22 21.80 1.15
CA ASP A 30 16.65 20.55 0.75
C ASP A 30 15.29 20.69 0.13
N LEU A 31 15.24 21.26 -1.05
CA LEU A 31 14.01 21.34 -1.80
C LEU A 31 13.70 19.98 -2.35
N ARG A 32 14.75 19.18 -2.55
CA ARG A 32 14.57 17.83 -3.02
C ARG A 32 13.92 17.04 -1.91
N GLY A 33 14.25 17.43 -0.69
CA GLY A 33 13.67 16.80 0.49
C GLY A 33 12.22 17.18 0.62
N MET A 34 11.93 18.41 0.27
CA MET A 34 10.57 18.93 0.24
C MET A 34 9.75 18.19 -0.81
N LEU A 35 10.35 17.95 -1.97
CA LEU A 35 9.69 17.22 -3.07
C LEU A 35 9.50 15.75 -2.69
N LYS A 36 10.52 15.21 -2.06
CA LYS A 36 10.53 13.84 -1.55
C LYS A 36 9.34 13.60 -0.64
N ARG A 37 9.10 14.55 0.24
CA ARG A 37 8.00 14.45 1.17
C ARG A 37 6.69 14.91 0.54
N LEU A 38 6.79 15.72 -0.52
CA LEU A 38 5.63 16.24 -1.24
C LEU A 38 4.84 15.13 -1.92
N LYS A 39 5.52 14.06 -2.23
CA LYS A 39 4.89 12.89 -2.85
C LYS A 39 4.04 12.16 -1.82
N GLY A 40 4.33 12.42 -0.58
CA GLY A 40 3.58 11.91 0.52
C GLY A 40 2.99 13.07 1.30
N MET A 41 2.77 14.18 0.60
CA MET A 41 2.19 15.37 1.19
C MET A 41 0.78 15.05 1.57
N ARG A 42 0.06 14.58 0.59
CA ARG A 42 -1.26 14.07 0.78
C ARG A 42 -1.34 12.76 0.02
N ARG A 43 -1.31 12.84 -1.29
CA ARG A 43 -1.37 11.65 -2.12
C ARG A 43 -1.10 11.99 -3.58
N ASP A 44 0.06 11.65 -4.04
CA ASP A 44 0.39 11.82 -5.46
C ASP A 44 0.79 10.47 -5.99
N GLU A 45 0.53 10.22 -7.26
CA GLU A 45 0.79 8.92 -7.87
C GLU A 45 2.27 8.66 -8.14
N LYS A 46 3.03 8.60 -7.06
CA LYS A 46 4.45 8.19 -7.02
C LYS A 46 4.53 7.08 -6.04
N LYS A 47 3.37 6.62 -5.78
CA LYS A 47 3.12 5.56 -4.86
C LYS A 47 3.27 4.21 -5.51
N SER A 48 3.18 3.18 -4.70
CA SER A 48 3.44 1.81 -5.06
C SER A 48 4.94 1.69 -5.33
N THR A 49 5.71 2.36 -4.49
CA THR A 49 7.13 2.38 -4.62
C THR A 49 7.76 1.17 -3.89
N ALA A 50 7.11 0.72 -2.84
CA ALA A 50 7.60 -0.45 -2.11
C ALA A 50 6.77 -1.66 -2.48
N PHE A 51 5.60 -1.39 -2.99
CA PHE A 51 4.69 -2.41 -3.42
C PHE A 51 4.77 -2.56 -4.91
N GLN A 52 4.77 -3.77 -5.35
CA GLN A 52 4.76 -4.03 -6.75
C GLN A 52 3.32 -4.37 -7.16
N LYS A 53 2.51 -4.68 -6.16
CA LYS A 53 1.12 -5.00 -6.33
C LYS A 53 0.50 -4.85 -4.98
N LYS A 54 -0.38 -3.94 -4.85
CA LYS A 54 -1.12 -3.76 -3.63
C LYS A 54 -2.35 -4.64 -3.71
N LEU A 55 -3.04 -4.80 -2.62
CA LEU A 55 -4.24 -5.60 -2.60
C LEU A 55 -5.29 -4.98 -3.51
N GLU A 56 -6.01 -5.82 -4.23
CA GLU A 56 -7.08 -5.37 -5.13
C GLU A 56 -8.14 -4.63 -4.31
N PRO A 57 -8.83 -3.62 -4.89
CA PRO A 57 -9.84 -2.81 -4.19
C PRO A 57 -10.82 -3.64 -3.34
N ALA A 58 -11.36 -4.71 -3.89
CA ALA A 58 -12.29 -5.54 -3.17
C ALA A 58 -12.25 -6.99 -3.65
N TYR A 59 -12.39 -7.89 -2.71
CA TYR A 59 -12.42 -9.31 -2.99
C TYR A 59 -13.73 -9.86 -2.46
N GLN A 60 -14.18 -10.96 -2.99
CA GLN A 60 -15.38 -11.58 -2.51
C GLN A 60 -15.17 -13.09 -2.56
N VAL A 61 -15.54 -13.76 -1.51
CA VAL A 61 -15.29 -15.17 -1.42
C VAL A 61 -16.48 -15.85 -0.75
N SER A 62 -16.64 -17.13 -1.00
CA SER A 62 -17.64 -17.92 -0.36
C SER A 62 -17.16 -18.31 1.05
N LYS A 63 -18.06 -18.62 1.94
CA LYS A 63 -17.71 -18.94 3.29
C LYS A 63 -17.16 -20.37 3.34
N GLY A 64 -16.07 -20.57 4.04
CA GLY A 64 -15.49 -21.89 4.20
C GLY A 64 -14.55 -22.22 3.09
N HIS A 65 -14.31 -21.26 2.26
CA HIS A 65 -13.41 -21.41 1.15
C HIS A 65 -12.07 -20.80 1.51
N LYS A 66 -11.21 -20.70 0.56
CA LYS A 66 -9.94 -20.07 0.76
C LYS A 66 -9.88 -18.82 -0.07
N ILE A 67 -9.34 -17.80 0.47
CA ILE A 67 -9.18 -16.56 -0.25
C ILE A 67 -7.70 -16.18 -0.28
N ARG A 68 -7.20 -15.90 -1.45
CA ARG A 68 -5.82 -15.53 -1.61
C ARG A 68 -5.65 -14.05 -1.80
N LEU A 69 -5.23 -13.41 -0.76
CA LEU A 69 -4.96 -12.01 -0.76
C LEU A 69 -3.49 -11.89 -1.12
N THR A 70 -3.21 -11.31 -2.24
CA THR A 70 -1.86 -11.36 -2.74
C THR A 70 -1.29 -9.97 -2.99
N VAL A 71 -0.09 -9.74 -2.47
CA VAL A 71 0.63 -8.52 -2.71
C VAL A 71 2.02 -8.82 -3.20
N GLU A 72 2.58 -7.91 -3.91
CA GLU A 72 3.92 -8.06 -4.41
C GLU A 72 4.74 -6.95 -3.89
N LEU A 73 5.93 -7.27 -3.57
CA LEU A 73 6.87 -6.31 -3.08
C LEU A 73 7.75 -5.88 -4.23
N ALA A 74 8.09 -4.61 -4.25
CA ALA A 74 8.98 -4.09 -5.28
C ALA A 74 10.39 -4.50 -4.94
N ASP A 75 10.67 -4.52 -3.67
CA ASP A 75 11.94 -4.91 -3.15
C ASP A 75 11.70 -6.01 -2.16
N HIS A 76 12.58 -6.98 -2.11
CA HIS A 76 12.38 -8.17 -1.26
C HIS A 76 12.64 -7.82 0.20
N ASP A 77 13.31 -6.71 0.41
CA ASP A 77 13.61 -6.22 1.75
C ASP A 77 12.53 -5.30 2.26
N ALA A 78 11.42 -5.27 1.57
CA ALA A 78 10.32 -4.44 1.97
C ALA A 78 9.27 -5.35 2.57
N GLU A 79 9.38 -5.55 3.86
CA GLU A 79 8.55 -6.51 4.55
C GLU A 79 7.14 -5.97 4.82
N VAL A 80 6.20 -6.88 4.81
CA VAL A 80 4.81 -6.55 4.95
C VAL A 80 4.25 -6.93 6.35
N LYS A 81 3.19 -6.28 6.71
CA LYS A 81 2.43 -6.51 7.91
C LYS A 81 1.02 -6.74 7.48
N TRP A 82 0.30 -7.51 8.22
CA TRP A 82 -1.02 -7.92 7.86
C TRP A 82 -1.95 -7.47 8.94
N LEU A 83 -2.96 -6.73 8.62
CA LEU A 83 -3.93 -6.33 9.59
C LEU A 83 -5.31 -6.59 9.11
N LYS A 84 -6.16 -6.96 9.99
CA LYS A 84 -7.52 -7.06 9.68
C LYS A 84 -8.30 -6.18 10.62
N ASN A 85 -9.02 -5.25 10.04
CA ASN A 85 -9.79 -4.18 10.76
C ASN A 85 -8.96 -3.42 11.84
N GLY A 86 -7.64 -3.52 11.77
CA GLY A 86 -6.78 -2.86 12.73
C GLY A 86 -6.02 -3.83 13.62
N GLN A 87 -6.30 -5.11 13.46
CA GLN A 87 -5.66 -6.14 14.25
C GLN A 87 -4.70 -6.90 13.39
N GLU A 88 -3.44 -6.94 13.78
CA GLU A 88 -2.44 -7.65 13.02
C GLU A 88 -2.78 -9.14 12.94
N ILE A 89 -2.88 -9.61 11.72
CA ILE A 89 -3.14 -10.98 11.41
C ILE A 89 -1.88 -11.82 11.67
N GLN A 90 -1.97 -12.69 12.62
CA GLN A 90 -0.93 -13.65 12.83
C GLN A 90 -1.37 -14.95 12.18
N MET A 91 -0.44 -15.73 11.67
CA MET A 91 -0.84 -16.92 10.99
C MET A 91 -1.20 -17.98 12.01
N SER A 92 -2.37 -18.52 11.88
CA SER A 92 -2.82 -19.49 12.82
C SER A 92 -2.86 -20.85 12.16
N GLY A 93 -1.73 -21.53 12.23
CA GLY A 93 -1.60 -22.88 11.70
C GLY A 93 -1.84 -22.95 10.21
N SER A 94 -2.95 -23.54 9.83
CA SER A 94 -3.29 -23.69 8.44
C SER A 94 -4.47 -22.78 8.07
N LYS A 95 -4.93 -21.98 9.01
CA LYS A 95 -6.05 -21.09 8.76
C LYS A 95 -5.52 -19.87 7.99
N TYR A 96 -4.31 -19.48 8.29
CA TYR A 96 -3.66 -18.40 7.61
C TYR A 96 -2.34 -18.91 7.13
N ILE A 97 -2.14 -18.94 5.86
CA ILE A 97 -0.89 -19.37 5.35
C ILE A 97 -0.24 -18.24 4.58
N PHE A 98 0.88 -17.76 5.09
CA PHE A 98 1.63 -16.75 4.43
C PHE A 98 2.60 -17.44 3.51
N GLU A 99 2.36 -17.32 2.25
CA GLU A 99 3.22 -17.92 1.29
C GLU A 99 4.00 -16.84 0.60
N SER A 100 5.23 -16.74 0.95
CA SER A 100 6.13 -15.84 0.37
C SER A 100 6.83 -16.50 -0.79
N ILE A 101 6.45 -16.12 -1.96
CA ILE A 101 6.97 -16.68 -3.17
C ILE A 101 7.77 -15.61 -3.90
N GLY A 102 9.06 -15.59 -3.64
CA GLY A 102 9.93 -14.60 -4.24
C GLY A 102 9.64 -13.21 -3.70
N ALA A 103 9.09 -12.37 -4.53
CA ALA A 103 8.72 -11.01 -4.15
C ALA A 103 7.23 -10.94 -3.87
N LYS A 104 6.54 -12.03 -4.04
CA LYS A 104 5.12 -12.01 -3.85
C LYS A 104 4.75 -12.61 -2.51
N ARG A 105 3.89 -11.94 -1.79
CA ARG A 105 3.40 -12.42 -0.52
C ARG A 105 1.96 -12.78 -0.70
N THR A 106 1.69 -14.03 -0.64
CA THR A 106 0.36 -14.51 -0.83
C THR A 106 -0.20 -14.99 0.49
N LEU A 107 -1.24 -14.38 0.94
CA LEU A 107 -1.90 -14.82 2.13
C LEU A 107 -3.08 -15.66 1.75
N THR A 108 -2.96 -16.91 1.97
CA THR A 108 -4.01 -17.82 1.72
C THR A 108 -4.81 -18.01 3.01
N ILE A 109 -5.93 -17.32 3.10
CA ILE A 109 -6.80 -17.48 4.24
C ILE A 109 -7.67 -18.67 3.96
N SER A 110 -7.53 -19.68 4.76
CA SER A 110 -8.29 -20.85 4.60
C SER A 110 -9.42 -20.84 5.59
N GLN A 111 -10.61 -21.19 5.12
CA GLN A 111 -11.83 -21.27 5.90
C GLN A 111 -12.29 -19.89 6.33
N CYS A 112 -12.45 -19.01 5.36
CA CYS A 112 -12.95 -17.67 5.61
C CYS A 112 -14.36 -17.76 6.16
N SER A 113 -14.58 -17.18 7.30
CA SER A 113 -15.83 -17.30 7.99
C SER A 113 -16.53 -15.95 8.06
N LEU A 114 -17.78 -15.94 8.46
CA LEU A 114 -18.57 -14.71 8.50
C LEU A 114 -18.08 -13.75 9.58
N ALA A 115 -17.68 -14.30 10.70
CA ALA A 115 -17.19 -13.49 11.81
C ALA A 115 -15.69 -13.18 11.60
N ASP A 116 -15.18 -13.67 10.51
CA ASP A 116 -13.79 -13.53 10.13
C ASP A 116 -13.65 -12.50 9.00
N ASP A 117 -14.79 -12.24 8.35
CA ASP A 117 -14.93 -11.23 7.30
C ASP A 117 -14.44 -9.90 7.83
N ALA A 118 -13.51 -9.29 7.14
CA ALA A 118 -12.91 -8.06 7.59
C ALA A 118 -12.27 -7.31 6.47
N ALA A 119 -11.88 -6.09 6.74
CA ALA A 119 -11.07 -5.32 5.85
C ALA A 119 -9.64 -5.69 6.18
N TYR A 120 -8.84 -5.95 5.18
CA TYR A 120 -7.49 -6.41 5.40
C TYR A 120 -6.51 -5.38 4.89
N GLN A 121 -5.47 -5.16 5.65
CA GLN A 121 -4.46 -4.20 5.29
C GLN A 121 -3.13 -4.88 5.18
N CYS A 122 -2.37 -4.48 4.21
CA CYS A 122 -1.01 -4.92 4.05
C CYS A 122 -0.13 -3.69 4.21
N VAL A 123 0.66 -3.67 5.24
CA VAL A 123 1.44 -2.49 5.55
C VAL A 123 2.94 -2.75 5.40
N VAL A 124 3.55 -2.02 4.50
CA VAL A 124 4.98 -2.05 4.28
C VAL A 124 5.49 -0.65 4.68
N GLY A 125 6.77 -0.49 4.94
CA GLY A 125 7.28 0.81 5.30
C GLY A 125 7.12 1.81 4.17
N GLY A 126 6.27 2.79 4.40
CA GLY A 126 6.02 3.86 3.49
C GLY A 126 4.75 3.66 2.69
N GLU A 127 4.47 2.41 2.36
CA GLU A 127 3.37 2.08 1.50
C GLU A 127 2.50 1.02 2.14
N LYS A 128 1.22 1.20 2.06
CA LYS A 128 0.30 0.24 2.59
C LYS A 128 -0.90 0.12 1.67
N CYS A 129 -1.80 -0.76 1.99
CA CYS A 129 -2.96 -0.94 1.20
C CYS A 129 -4.03 -1.63 2.01
N SER A 130 -5.25 -1.23 1.80
CA SER A 130 -6.37 -1.80 2.46
C SER A 130 -7.35 -2.38 1.43
N THR A 131 -7.77 -3.60 1.65
CA THR A 131 -8.71 -4.24 0.80
C THR A 131 -9.93 -4.64 1.63
N GLU A 132 -11.08 -4.69 1.03
CA GLU A 132 -12.27 -5.07 1.73
C GLU A 132 -12.84 -6.35 1.13
N LEU A 133 -12.76 -7.42 1.89
CA LEU A 133 -13.25 -8.72 1.47
C LEU A 133 -14.69 -8.88 1.88
N PHE A 134 -15.48 -9.47 1.05
CA PHE A 134 -16.83 -9.79 1.38
C PHE A 134 -16.97 -11.32 1.39
N VAL A 135 -17.12 -11.88 2.55
CA VAL A 135 -17.31 -13.31 2.68
C VAL A 135 -18.79 -13.58 2.66
N LYS A 136 -19.25 -14.17 1.59
CA LYS A 136 -20.65 -14.45 1.47
C LYS A 136 -20.88 -15.94 1.53
N GLU A 137 -21.75 -16.34 2.38
CA GLU A 137 -22.14 -17.72 2.45
C GLU A 137 -23.35 -17.91 1.54
N GLY A 1 -23.88 7.14 -25.58
CA GLY A 1 -24.23 8.37 -26.30
C GLY A 1 -23.84 8.25 -27.73
N PRO A 2 -24.19 9.22 -28.59
CA PRO A 2 -23.87 9.17 -30.02
C PRO A 2 -22.37 9.10 -30.30
N GLY A 3 -21.61 9.76 -29.46
CA GLY A 3 -20.18 9.80 -29.64
C GLY A 3 -19.51 8.69 -28.89
N SER A 4 -18.83 7.85 -29.60
CA SER A 4 -18.13 6.75 -29.00
C SER A 4 -16.72 7.17 -28.60
N GLU A 5 -16.62 7.84 -27.48
CA GLU A 5 -15.34 8.33 -27.00
C GLU A 5 -15.00 7.73 -25.65
N ASP A 6 -15.66 6.65 -25.32
CA ASP A 6 -15.46 5.94 -24.02
C ASP A 6 -14.25 5.04 -24.09
N VAL A 7 -13.52 5.21 -25.17
CA VAL A 7 -12.35 4.43 -25.52
C VAL A 7 -11.30 4.33 -24.38
N TRP A 8 -11.13 5.40 -23.63
CA TRP A 8 -10.09 5.49 -22.59
C TRP A 8 -10.31 4.43 -21.51
N GLU A 9 -11.47 4.46 -20.92
CA GLU A 9 -11.81 3.55 -19.86
C GLU A 9 -12.02 2.13 -20.39
N ILE A 10 -12.30 2.04 -21.66
CA ILE A 10 -12.43 0.78 -22.32
C ILE A 10 -11.05 0.18 -22.52
N LEU A 11 -10.12 0.99 -22.99
CA LEU A 11 -8.73 0.58 -23.17
C LEU A 11 -8.13 0.14 -21.84
N ARG A 12 -8.48 0.86 -20.76
CA ARG A 12 -8.01 0.54 -19.41
C ARG A 12 -8.37 -0.91 -18.99
N GLN A 13 -9.52 -1.37 -19.41
CA GLN A 13 -9.98 -2.71 -19.06
C GLN A 13 -9.77 -3.69 -20.20
N ALA A 14 -9.13 -3.22 -21.23
CA ALA A 14 -8.85 -4.04 -22.40
C ALA A 14 -7.37 -4.43 -22.45
N PRO A 15 -7.03 -5.58 -23.07
CA PRO A 15 -5.64 -6.01 -23.21
C PRO A 15 -4.81 -5.01 -24.04
N PRO A 16 -3.56 -4.75 -23.60
CA PRO A 16 -2.67 -3.74 -24.23
C PRO A 16 -2.29 -4.11 -25.65
N SER A 17 -2.39 -5.37 -25.93
CA SER A 17 -2.06 -5.91 -27.19
C SER A 17 -3.11 -5.60 -28.24
N GLU A 18 -4.28 -5.15 -27.81
CA GLU A 18 -5.34 -4.86 -28.75
C GLU A 18 -5.61 -3.39 -28.82
N TYR A 19 -4.81 -2.58 -28.10
CA TYR A 19 -5.00 -1.12 -28.04
C TYR A 19 -5.16 -0.49 -29.40
N GLU A 20 -4.38 -0.94 -30.37
CA GLU A 20 -4.47 -0.43 -31.73
C GLU A 20 -5.88 -0.61 -32.31
N ARG A 21 -6.38 -1.83 -32.27
CA ARG A 21 -7.67 -2.17 -32.82
C ARG A 21 -8.77 -1.38 -32.14
N ILE A 22 -8.71 -1.33 -30.84
CA ILE A 22 -9.71 -0.67 -30.03
C ILE A 22 -9.65 0.85 -30.25
N ALA A 23 -8.44 1.40 -30.32
CA ALA A 23 -8.24 2.83 -30.56
C ALA A 23 -8.81 3.23 -31.90
N PHE A 24 -8.39 2.53 -32.95
CA PHE A 24 -8.88 2.83 -34.29
C PHE A 24 -10.37 2.62 -34.43
N GLN A 25 -10.91 1.67 -33.68
CA GLN A 25 -12.35 1.41 -33.64
C GLN A 25 -13.10 2.64 -33.15
N TYR A 26 -12.54 3.31 -32.15
CA TYR A 26 -13.18 4.48 -31.57
C TYR A 26 -12.72 5.78 -32.24
N GLY A 27 -11.86 5.66 -33.22
CA GLY A 27 -11.43 6.82 -33.98
C GLY A 27 -10.25 7.52 -33.36
N VAL A 28 -9.50 6.79 -32.57
CA VAL A 28 -8.36 7.33 -31.90
C VAL A 28 -7.11 6.81 -32.55
N THR A 29 -6.20 7.65 -32.79
CA THR A 29 -4.93 7.25 -33.26
C THR A 29 -3.85 7.47 -32.20
N ASP A 30 -4.19 8.26 -31.19
CA ASP A 30 -3.27 8.64 -30.12
C ASP A 30 -3.39 7.74 -28.90
N LEU A 31 -3.46 6.43 -29.13
CA LEU A 31 -3.59 5.47 -28.02
C LEU A 31 -2.33 5.43 -27.17
N ARG A 32 -1.23 5.72 -27.82
CA ARG A 32 0.08 5.74 -27.21
C ARG A 32 0.14 6.86 -26.17
N GLY A 33 -0.68 7.87 -26.41
CA GLY A 33 -0.74 9.03 -25.56
C GLY A 33 -1.34 8.70 -24.22
N MET A 34 -2.25 7.73 -24.19
CA MET A 34 -2.90 7.32 -22.95
C MET A 34 -1.87 6.77 -21.96
N LEU A 35 -0.97 5.94 -22.46
CA LEU A 35 0.04 5.33 -21.61
C LEU A 35 1.05 6.36 -21.18
N LYS A 36 1.39 7.26 -22.11
CA LYS A 36 2.35 8.32 -21.88
C LYS A 36 1.91 9.22 -20.72
N ARG A 37 0.72 9.80 -20.85
CA ARG A 37 0.17 10.70 -19.84
C ARG A 37 0.04 10.04 -18.46
N LEU A 38 -0.30 8.77 -18.42
CA LEU A 38 -0.44 8.05 -17.13
C LEU A 38 0.90 7.81 -16.45
N LYS A 39 1.97 7.85 -17.20
CA LYS A 39 3.27 7.76 -16.58
C LYS A 39 3.64 9.13 -16.04
N GLY A 40 3.19 10.17 -16.76
CA GLY A 40 3.41 11.54 -16.36
C GLY A 40 2.61 11.91 -15.13
N MET A 41 1.46 11.28 -14.99
CA MET A 41 0.63 11.48 -13.82
C MET A 41 0.26 10.13 -13.20
N ARG A 42 1.06 9.69 -12.24
CA ARG A 42 0.84 8.41 -11.59
C ARG A 42 -0.35 8.44 -10.63
N ARG A 43 -1.56 8.45 -11.18
CA ARG A 43 -2.74 8.40 -10.34
C ARG A 43 -2.80 7.00 -9.79
N ASP A 44 -3.09 6.88 -8.49
CA ASP A 44 -3.12 5.60 -7.76
C ASP A 44 -1.73 5.08 -7.50
N GLU A 45 -1.00 4.94 -8.59
CA GLU A 45 0.34 4.40 -8.65
C GLU A 45 1.33 5.19 -7.79
N LYS A 46 1.01 6.46 -7.49
CA LYS A 46 1.85 7.30 -6.65
C LYS A 46 2.04 6.71 -5.24
N LYS A 47 1.06 5.93 -4.80
CA LYS A 47 1.11 5.30 -3.48
C LYS A 47 1.21 3.79 -3.70
N SER A 48 1.84 3.45 -4.78
CA SER A 48 2.09 2.09 -5.14
C SER A 48 3.45 2.09 -5.83
N THR A 49 4.38 2.81 -5.25
CA THR A 49 5.66 2.95 -5.83
C THR A 49 6.65 1.91 -5.24
N ALA A 50 6.39 1.46 -4.02
CA ALA A 50 7.21 0.39 -3.43
C ALA A 50 6.44 -0.91 -3.46
N PHE A 51 5.25 -0.82 -3.98
CA PHE A 51 4.38 -1.94 -4.12
C PHE A 51 4.22 -2.24 -5.59
N GLN A 52 4.25 -3.50 -5.94
CA GLN A 52 4.04 -3.89 -7.31
C GLN A 52 2.64 -4.43 -7.50
N LYS A 53 2.03 -4.82 -6.40
CA LYS A 53 0.70 -5.33 -6.43
C LYS A 53 0.19 -5.10 -5.05
N LYS A 54 -0.91 -4.45 -4.95
CA LYS A 54 -1.49 -4.13 -3.69
C LYS A 54 -2.74 -4.89 -3.52
N LEU A 55 -3.29 -4.80 -2.34
CA LEU A 55 -4.56 -5.39 -2.09
C LEU A 55 -5.62 -4.59 -2.78
N GLU A 56 -6.30 -5.21 -3.72
CA GLU A 56 -7.36 -4.57 -4.45
C GLU A 56 -8.47 -4.21 -3.50
N PRO A 57 -9.12 -3.05 -3.69
CA PRO A 57 -10.22 -2.59 -2.81
C PRO A 57 -11.26 -3.67 -2.53
N ALA A 58 -11.52 -4.51 -3.51
CA ALA A 58 -12.49 -5.55 -3.33
C ALA A 58 -11.95 -6.92 -3.70
N TYR A 59 -12.10 -7.84 -2.78
CA TYR A 59 -11.86 -9.25 -2.99
C TYR A 59 -13.11 -9.96 -2.50
N GLN A 60 -13.47 -11.05 -3.11
CA GLN A 60 -14.68 -11.73 -2.74
C GLN A 60 -14.39 -13.21 -2.61
N VAL A 61 -15.05 -13.86 -1.67
CA VAL A 61 -14.88 -15.28 -1.46
C VAL A 61 -16.20 -15.85 -0.91
N SER A 62 -16.39 -17.14 -1.05
CA SER A 62 -17.55 -17.79 -0.51
C SER A 62 -17.25 -18.24 0.92
N LYS A 63 -18.29 -18.41 1.71
CA LYS A 63 -18.13 -18.83 3.09
C LYS A 63 -17.60 -20.26 3.13
N GLY A 64 -16.48 -20.44 3.79
CA GLY A 64 -15.89 -21.74 3.95
C GLY A 64 -14.92 -22.02 2.84
N HIS A 65 -14.70 -21.02 2.03
CA HIS A 65 -13.74 -21.13 0.95
C HIS A 65 -12.45 -20.44 1.32
N LYS A 66 -11.43 -20.73 0.57
CA LYS A 66 -10.12 -20.17 0.81
C LYS A 66 -9.86 -19.06 -0.17
N ILE A 67 -9.31 -17.98 0.30
CA ILE A 67 -8.89 -16.91 -0.57
C ILE A 67 -7.52 -16.47 -0.09
N ARG A 68 -6.74 -15.90 -0.95
CA ARG A 68 -5.45 -15.49 -0.54
C ARG A 68 -5.13 -14.11 -1.03
N LEU A 69 -4.76 -13.29 -0.10
CA LEU A 69 -4.45 -11.93 -0.34
C LEU A 69 -3.06 -11.85 -0.90
N THR A 70 -3.00 -11.51 -2.14
CA THR A 70 -1.79 -11.48 -2.86
C THR A 70 -1.30 -10.05 -3.07
N VAL A 71 -0.07 -9.77 -2.65
CA VAL A 71 0.58 -8.49 -2.87
C VAL A 71 1.99 -8.74 -3.35
N GLU A 72 2.56 -7.77 -4.00
CA GLU A 72 3.91 -7.87 -4.48
C GLU A 72 4.66 -6.65 -4.06
N LEU A 73 5.80 -6.85 -3.55
CA LEU A 73 6.64 -5.80 -3.10
C LEU A 73 7.63 -5.48 -4.18
N ALA A 74 8.21 -4.30 -4.13
CA ALA A 74 9.23 -3.96 -5.09
C ALA A 74 10.48 -4.79 -4.82
N ASP A 75 10.81 -4.93 -3.55
CA ASP A 75 11.96 -5.68 -3.11
C ASP A 75 11.55 -7.03 -2.63
N HIS A 76 12.41 -7.98 -2.85
CA HIS A 76 12.22 -9.35 -2.38
C HIS A 76 12.60 -9.40 -0.91
N ASP A 77 13.46 -8.47 -0.54
CA ASP A 77 14.08 -8.35 0.78
C ASP A 77 13.18 -7.55 1.73
N ALA A 78 11.90 -7.56 1.47
CA ALA A 78 10.98 -6.78 2.22
C ALA A 78 9.83 -7.65 2.61
N GLU A 79 9.18 -7.32 3.68
CA GLU A 79 8.06 -8.09 4.14
C GLU A 79 6.83 -7.21 4.29
N VAL A 80 5.70 -7.83 4.55
CA VAL A 80 4.45 -7.12 4.75
C VAL A 80 3.80 -7.54 6.05
N LYS A 81 3.18 -6.60 6.67
CA LYS A 81 2.43 -6.82 7.88
C LYS A 81 0.96 -6.83 7.55
N TRP A 82 0.25 -7.83 7.99
CA TRP A 82 -1.17 -7.88 7.71
C TRP A 82 -1.95 -7.66 8.97
N LEU A 83 -2.85 -6.75 8.92
CA LEU A 83 -3.77 -6.51 9.99
C LEU A 83 -5.14 -6.75 9.51
N LYS A 84 -5.95 -7.36 10.32
CA LYS A 84 -7.32 -7.43 9.97
C LYS A 84 -8.09 -6.55 10.87
N ASN A 85 -8.87 -5.65 10.26
CA ASN A 85 -9.70 -4.60 10.92
C ASN A 85 -8.96 -3.76 11.97
N GLY A 86 -7.64 -3.73 11.85
CA GLY A 86 -6.81 -2.96 12.75
C GLY A 86 -6.31 -3.78 13.89
N GLN A 87 -6.49 -5.07 13.78
CA GLN A 87 -6.04 -5.98 14.79
C GLN A 87 -4.68 -6.54 14.44
N GLU A 88 -4.66 -7.67 13.75
CA GLU A 88 -3.46 -8.34 13.34
C GLU A 88 -3.87 -9.63 12.67
N ILE A 89 -3.21 -9.98 11.61
CA ILE A 89 -3.37 -11.30 11.08
C ILE A 89 -2.06 -12.02 11.30
N GLN A 90 -2.03 -12.92 12.24
CA GLN A 90 -0.84 -13.66 12.54
C GLN A 90 -1.05 -15.12 12.21
N MET A 91 0.02 -15.80 11.77
CA MET A 91 -0.03 -17.21 11.42
C MET A 91 -0.53 -18.05 12.60
N SER A 92 -1.74 -18.48 12.49
CA SER A 92 -2.33 -19.34 13.45
C SER A 92 -2.66 -20.66 12.75
N GLY A 93 -1.92 -21.70 13.10
CA GLY A 93 -2.10 -23.03 12.52
C GLY A 93 -2.11 -23.03 11.00
N SER A 94 -3.22 -23.42 10.44
CA SER A 94 -3.38 -23.49 9.01
C SER A 94 -4.43 -22.48 8.54
N LYS A 95 -4.84 -21.64 9.46
CA LYS A 95 -5.84 -20.63 9.18
C LYS A 95 -5.23 -19.53 8.33
N TYR A 96 -4.01 -19.16 8.65
CA TYR A 96 -3.33 -18.10 7.95
C TYR A 96 -1.98 -18.57 7.53
N ILE A 97 -1.79 -18.68 6.27
CA ILE A 97 -0.56 -19.13 5.74
C ILE A 97 0.13 -18.01 5.00
N PHE A 98 1.27 -17.63 5.50
CA PHE A 98 2.11 -16.64 4.88
C PHE A 98 3.02 -17.31 3.85
N GLU A 99 2.76 -17.04 2.60
CA GLU A 99 3.56 -17.57 1.53
C GLU A 99 4.38 -16.44 0.93
N SER A 100 5.64 -16.47 1.18
CA SER A 100 6.55 -15.49 0.69
C SER A 100 7.36 -16.06 -0.48
N ILE A 101 7.01 -15.63 -1.68
CA ILE A 101 7.64 -16.14 -2.88
C ILE A 101 8.22 -14.97 -3.66
N GLY A 102 9.52 -14.82 -3.60
CA GLY A 102 10.21 -13.76 -4.31
C GLY A 102 9.84 -12.40 -3.77
N ALA A 103 9.17 -11.63 -4.59
CA ALA A 103 8.72 -10.31 -4.21
C ALA A 103 7.26 -10.37 -3.81
N LYS A 104 6.63 -11.47 -4.12
CA LYS A 104 5.25 -11.63 -3.83
C LYS A 104 5.06 -12.17 -2.43
N ARG A 105 4.12 -11.61 -1.73
CA ARG A 105 3.74 -12.06 -0.44
C ARG A 105 2.29 -12.39 -0.51
N THR A 106 1.95 -13.55 -0.12
CA THR A 106 0.61 -13.97 -0.21
C THR A 106 0.12 -14.51 1.13
N LEU A 107 -0.96 -13.96 1.61
CA LEU A 107 -1.58 -14.40 2.81
C LEU A 107 -2.75 -15.28 2.45
N THR A 108 -2.57 -16.54 2.61
CA THR A 108 -3.57 -17.48 2.30
C THR A 108 -4.43 -17.75 3.53
N ILE A 109 -5.70 -17.41 3.43
CA ILE A 109 -6.63 -17.59 4.51
C ILE A 109 -7.57 -18.74 4.19
N SER A 110 -7.53 -19.75 5.01
CA SER A 110 -8.37 -20.90 4.83
C SER A 110 -9.69 -20.69 5.57
N GLN A 111 -10.78 -21.18 5.00
CA GLN A 111 -12.11 -21.16 5.63
C GLN A 111 -12.56 -19.75 5.99
N CYS A 112 -12.72 -18.91 5.00
CA CYS A 112 -13.20 -17.57 5.23
C CYS A 112 -14.65 -17.63 5.65
N SER A 113 -14.92 -17.18 6.82
CA SER A 113 -16.22 -17.25 7.39
C SER A 113 -16.80 -15.85 7.47
N LEU A 114 -18.06 -15.74 7.82
CA LEU A 114 -18.71 -14.43 7.90
C LEU A 114 -18.14 -13.63 9.04
N ALA A 115 -17.78 -14.32 10.12
CA ALA A 115 -17.18 -13.68 11.28
C ALA A 115 -15.71 -13.37 11.02
N ASP A 116 -15.20 -13.85 9.91
CA ASP A 116 -13.81 -13.68 9.54
C ASP A 116 -13.68 -12.63 8.44
N ASP A 117 -14.85 -12.24 7.91
CA ASP A 117 -14.97 -11.19 6.88
C ASP A 117 -14.45 -9.90 7.48
N ALA A 118 -13.35 -9.42 6.97
CA ALA A 118 -12.74 -8.25 7.53
C ALA A 118 -11.92 -7.51 6.51
N ALA A 119 -11.53 -6.32 6.86
CA ALA A 119 -10.67 -5.52 6.06
C ALA A 119 -9.26 -5.93 6.40
N TYR A 120 -8.45 -6.17 5.40
CA TYR A 120 -7.10 -6.61 5.62
C TYR A 120 -6.16 -5.54 5.10
N GLN A 121 -5.18 -5.18 5.88
CA GLN A 121 -4.23 -4.16 5.50
C GLN A 121 -2.88 -4.77 5.28
N CYS A 122 -2.21 -4.37 4.23
CA CYS A 122 -0.85 -4.76 3.98
C CYS A 122 0.01 -3.55 4.27
N VAL A 123 0.70 -3.60 5.38
CA VAL A 123 1.50 -2.49 5.80
C VAL A 123 2.96 -2.70 5.48
N VAL A 124 3.50 -1.75 4.76
CA VAL A 124 4.89 -1.64 4.45
C VAL A 124 5.25 -0.22 4.80
N GLY A 125 6.47 0.05 5.16
CA GLY A 125 6.80 1.40 5.47
C GLY A 125 6.80 2.25 4.22
N GLY A 126 5.89 3.17 4.17
CA GLY A 126 5.76 4.09 3.11
C GLY A 126 4.57 3.81 2.25
N GLU A 127 4.25 2.56 2.04
CA GLU A 127 3.13 2.21 1.20
C GLU A 127 2.26 1.23 1.93
N LYS A 128 1.01 1.54 2.03
CA LYS A 128 0.05 0.71 2.71
C LYS A 128 -1.21 0.63 1.87
N CYS A 129 -1.88 -0.51 1.92
CA CYS A 129 -3.13 -0.67 1.22
C CYS A 129 -4.02 -1.56 2.06
N SER A 130 -5.29 -1.51 1.81
CA SER A 130 -6.25 -2.27 2.55
C SER A 130 -7.35 -2.77 1.64
N THR A 131 -7.68 -4.02 1.76
CA THR A 131 -8.75 -4.58 1.00
C THR A 131 -9.91 -4.87 1.92
N GLU A 132 -11.08 -4.79 1.40
CA GLU A 132 -12.23 -5.13 2.12
C GLU A 132 -12.77 -6.40 1.48
N LEU A 133 -12.68 -7.49 2.18
CA LEU A 133 -13.10 -8.76 1.66
C LEU A 133 -14.59 -8.89 1.78
N PHE A 134 -15.21 -9.53 0.84
CA PHE A 134 -16.61 -9.79 0.94
C PHE A 134 -16.80 -11.29 0.94
N VAL A 135 -17.14 -11.83 2.07
CA VAL A 135 -17.45 -13.22 2.19
C VAL A 135 -18.93 -13.40 1.97
N LYS A 136 -19.28 -13.99 0.88
CA LYS A 136 -20.66 -14.22 0.61
C LYS A 136 -21.00 -15.65 0.90
N GLU A 137 -22.01 -15.84 1.68
CA GLU A 137 -22.49 -17.13 1.99
C GLU A 137 -23.67 -17.38 1.09
N GLY A 1 30.51 25.79 -1.74
CA GLY A 1 30.51 25.20 -0.41
C GLY A 1 30.40 23.70 -0.51
N PRO A 2 29.65 23.05 0.41
CA PRO A 2 29.46 21.59 0.40
C PRO A 2 28.83 21.10 -0.90
N GLY A 3 27.84 21.83 -1.38
CA GLY A 3 27.19 21.45 -2.61
C GLY A 3 26.00 20.57 -2.35
N SER A 4 25.55 20.56 -1.12
CA SER A 4 24.43 19.77 -0.71
C SER A 4 23.20 20.66 -0.64
N GLU A 5 22.08 20.10 -0.25
CA GLU A 5 20.90 20.89 -0.08
C GLU A 5 20.70 21.10 1.40
N ASP A 6 20.27 20.02 2.08
CA ASP A 6 20.00 19.96 3.55
C ASP A 6 18.82 20.81 3.96
N VAL A 7 18.40 21.67 3.07
CA VAL A 7 17.32 22.61 3.25
C VAL A 7 16.03 21.90 3.64
N TRP A 8 15.87 20.64 3.23
CA TRP A 8 14.67 19.87 3.48
C TRP A 8 14.38 19.77 4.96
N GLU A 9 15.34 19.29 5.69
CA GLU A 9 15.20 19.10 7.12
C GLU A 9 15.34 20.43 7.88
N ILE A 10 16.15 21.33 7.34
CA ILE A 10 16.41 22.60 7.98
C ILE A 10 15.19 23.51 7.88
N LEU A 11 14.61 23.58 6.71
CA LEU A 11 13.45 24.41 6.48
C LEU A 11 12.22 23.77 7.14
N ARG A 12 12.21 22.45 7.25
CA ARG A 12 11.13 21.72 7.94
C ARG A 12 11.05 22.12 9.42
N GLN A 13 12.20 22.23 10.07
CA GLN A 13 12.27 22.53 11.50
C GLN A 13 12.29 24.04 11.74
N ALA A 14 12.28 24.78 10.68
CA ALA A 14 12.34 26.22 10.74
C ALA A 14 10.94 26.83 10.72
N PRO A 15 10.78 28.04 11.28
CA PRO A 15 9.50 28.74 11.26
C PRO A 15 9.16 29.22 9.84
N PRO A 16 7.88 29.13 9.46
CA PRO A 16 7.39 29.44 8.10
C PRO A 16 7.70 30.87 7.64
N SER A 17 7.94 31.72 8.59
CA SER A 17 8.15 33.13 8.35
C SER A 17 9.45 33.42 7.58
N GLU A 18 10.43 32.56 7.72
CA GLU A 18 11.72 32.80 7.10
C GLU A 18 12.01 31.83 5.95
N TYR A 19 10.98 31.09 5.53
CA TYR A 19 11.11 30.09 4.44
C TYR A 19 11.74 30.66 3.17
N GLU A 20 11.40 31.89 2.83
CA GLU A 20 11.95 32.53 1.66
C GLU A 20 13.45 32.73 1.80
N ARG A 21 13.88 33.24 2.95
CA ARG A 21 15.28 33.49 3.21
C ARG A 21 16.05 32.20 3.17
N ILE A 22 15.47 31.18 3.77
CA ILE A 22 16.06 29.85 3.83
C ILE A 22 16.22 29.29 2.41
N ALA A 23 15.19 29.44 1.60
CA ALA A 23 15.21 28.98 0.22
C ALA A 23 16.32 29.63 -0.57
N PHE A 24 16.35 30.96 -0.56
CA PHE A 24 17.36 31.70 -1.31
C PHE A 24 18.76 31.54 -0.74
N GLN A 25 18.84 31.21 0.53
CA GLN A 25 20.10 30.94 1.19
C GLN A 25 20.70 29.63 0.67
N TYR A 26 19.86 28.61 0.55
CA TYR A 26 20.31 27.31 0.08
C TYR A 26 20.25 27.20 -1.44
N GLY A 27 19.84 28.26 -2.09
CA GLY A 27 19.79 28.28 -3.53
C GLY A 27 18.66 27.45 -4.07
N VAL A 28 17.57 27.44 -3.35
CA VAL A 28 16.42 26.69 -3.75
C VAL A 28 15.42 27.65 -4.31
N THR A 29 15.20 27.55 -5.55
CA THR A 29 14.24 28.36 -6.19
C THR A 29 12.86 27.74 -6.04
N ASP A 30 12.86 26.47 -5.78
CA ASP A 30 11.66 25.68 -5.75
C ASP A 30 11.02 25.66 -4.39
N LEU A 31 10.97 26.83 -3.79
CA LEU A 31 10.25 27.06 -2.55
C LEU A 31 8.78 27.05 -2.89
N ARG A 32 8.53 27.60 -4.05
CA ARG A 32 7.25 27.73 -4.65
C ARG A 32 6.54 26.38 -4.76
N GLY A 33 7.28 25.39 -5.23
CA GLY A 33 6.74 24.05 -5.33
C GLY A 33 6.67 23.37 -4.00
N MET A 34 7.64 23.68 -3.14
CA MET A 34 7.70 23.10 -1.80
C MET A 34 6.47 23.49 -0.98
N LEU A 35 6.08 24.76 -1.05
CA LEU A 35 4.91 25.25 -0.32
C LEU A 35 3.63 24.68 -0.94
N LYS A 36 3.63 24.60 -2.25
CA LYS A 36 2.54 24.05 -3.03
C LYS A 36 2.29 22.60 -2.62
N ARG A 37 3.34 21.83 -2.58
CA ARG A 37 3.27 20.42 -2.27
C ARG A 37 3.08 20.19 -0.76
N LEU A 38 3.48 21.18 0.03
CA LEU A 38 3.37 21.14 1.50
C LEU A 38 1.89 21.04 1.88
N LYS A 39 1.06 21.73 1.14
CA LYS A 39 -0.37 21.74 1.37
C LYS A 39 -1.01 20.45 0.87
N GLY A 40 -0.59 20.03 -0.31
CA GLY A 40 -1.13 18.82 -0.89
C GLY A 40 -0.34 17.58 -0.53
N MET A 41 0.26 17.61 0.65
CA MET A 41 1.22 16.58 1.12
C MET A 41 0.51 15.28 1.61
N ARG A 42 -0.69 15.04 1.15
CA ARG A 42 -1.35 13.77 1.42
C ARG A 42 -0.83 12.69 0.49
N ARG A 43 -0.13 13.11 -0.54
CA ARG A 43 0.46 12.19 -1.48
C ARG A 43 1.74 12.80 -2.00
N ASP A 44 2.53 11.99 -2.63
CA ASP A 44 3.75 12.42 -3.26
C ASP A 44 3.74 11.75 -4.60
N GLU A 45 4.61 12.12 -5.49
CA GLU A 45 4.67 11.48 -6.78
C GLU A 45 5.45 10.18 -6.66
N LYS A 46 6.10 10.01 -5.51
CA LYS A 46 6.77 8.78 -5.14
C LYS A 46 5.84 8.00 -4.21
N LYS A 47 5.05 7.14 -4.80
CA LYS A 47 4.10 6.33 -4.06
C LYS A 47 3.98 5.03 -4.82
N SER A 48 3.76 3.93 -4.13
CA SER A 48 3.80 2.58 -4.68
C SER A 48 5.16 2.34 -5.32
N THR A 49 6.14 2.50 -4.50
CA THR A 49 7.51 2.40 -4.84
C THR A 49 8.13 1.25 -4.02
N ALA A 50 7.49 0.91 -2.90
CA ALA A 50 7.88 -0.25 -2.12
C ALA A 50 6.94 -1.36 -2.46
N PHE A 51 5.72 -0.98 -2.73
CA PHE A 51 4.74 -1.90 -3.20
C PHE A 51 4.77 -1.95 -4.71
N GLN A 52 4.97 -3.13 -5.23
CA GLN A 52 5.06 -3.37 -6.65
C GLN A 52 3.67 -3.60 -7.20
N LYS A 53 2.79 -4.05 -6.33
CA LYS A 53 1.44 -4.30 -6.68
C LYS A 53 0.70 -4.41 -5.37
N LYS A 54 -0.24 -3.54 -5.16
CA LYS A 54 -0.96 -3.51 -3.92
C LYS A 54 -2.19 -4.37 -4.01
N LEU A 55 -2.84 -4.57 -2.87
CA LEU A 55 -4.02 -5.38 -2.78
C LEU A 55 -5.14 -4.83 -3.65
N GLU A 56 -5.89 -5.72 -4.22
CA GLU A 56 -7.06 -5.37 -4.99
C GLU A 56 -8.10 -4.72 -4.07
N PRO A 57 -8.93 -3.79 -4.58
CA PRO A 57 -9.93 -3.09 -3.76
C PRO A 57 -10.84 -4.05 -2.98
N ALA A 58 -11.42 -5.01 -3.68
CA ALA A 58 -12.32 -5.94 -3.03
C ALA A 58 -12.16 -7.34 -3.59
N TYR A 59 -12.31 -8.30 -2.72
CA TYR A 59 -12.28 -9.71 -3.07
C TYR A 59 -13.57 -10.33 -2.60
N GLN A 60 -13.90 -11.49 -3.10
CA GLN A 60 -15.07 -12.22 -2.65
C GLN A 60 -14.68 -13.67 -2.43
N VAL A 61 -15.23 -14.26 -1.42
CA VAL A 61 -15.00 -15.66 -1.14
C VAL A 61 -16.30 -16.23 -0.60
N SER A 62 -16.46 -17.52 -0.69
CA SER A 62 -17.58 -18.14 -0.11
C SER A 62 -17.21 -18.71 1.26
N LYS A 63 -18.18 -18.76 2.15
CA LYS A 63 -17.98 -19.21 3.50
C LYS A 63 -17.52 -20.66 3.54
N GLY A 64 -16.45 -20.88 4.27
CA GLY A 64 -15.89 -22.20 4.39
C GLY A 64 -14.98 -22.52 3.24
N HIS A 65 -14.59 -21.51 2.51
CA HIS A 65 -13.66 -21.69 1.41
C HIS A 65 -12.38 -20.91 1.66
N LYS A 66 -11.42 -21.03 0.77
CA LYS A 66 -10.14 -20.34 0.91
C LYS A 66 -10.09 -19.14 -0.03
N ILE A 67 -9.43 -18.10 0.40
CA ILE A 67 -9.22 -16.93 -0.44
C ILE A 67 -7.76 -16.52 -0.26
N ARG A 68 -7.21 -15.82 -1.21
CA ARG A 68 -5.85 -15.40 -1.11
C ARG A 68 -5.65 -14.02 -1.68
N LEU A 69 -5.12 -13.17 -0.86
CA LEU A 69 -4.89 -11.79 -1.18
C LEU A 69 -3.47 -11.66 -1.68
N THR A 70 -3.29 -11.09 -2.84
CA THR A 70 -1.98 -11.02 -3.45
C THR A 70 -1.40 -9.60 -3.43
N VAL A 71 -0.10 -9.50 -3.14
CA VAL A 71 0.65 -8.26 -3.20
C VAL A 71 2.03 -8.56 -3.74
N GLU A 72 2.68 -7.55 -4.24
CA GLU A 72 4.02 -7.67 -4.71
C GLU A 72 4.84 -6.59 -4.10
N LEU A 73 5.99 -6.93 -3.67
CA LEU A 73 6.90 -5.97 -3.13
C LEU A 73 7.90 -5.62 -4.20
N ALA A 74 8.39 -4.40 -4.19
CA ALA A 74 9.35 -3.96 -5.19
C ALA A 74 10.77 -4.36 -4.77
N ASP A 75 10.84 -5.17 -3.76
CA ASP A 75 12.06 -5.71 -3.25
C ASP A 75 11.66 -6.97 -2.51
N HIS A 76 12.39 -8.04 -2.70
CA HIS A 76 12.03 -9.33 -2.10
C HIS A 76 12.16 -9.30 -0.57
N ASP A 77 12.98 -8.40 -0.07
CA ASP A 77 13.27 -8.36 1.35
C ASP A 77 12.59 -7.15 2.02
N ALA A 78 11.50 -6.72 1.44
CA ALA A 78 10.73 -5.65 1.97
C ALA A 78 9.60 -6.29 2.70
N GLU A 79 9.50 -6.00 3.95
CA GLU A 79 8.56 -6.69 4.75
C GLU A 79 7.23 -6.01 4.85
N VAL A 80 6.21 -6.82 4.76
CA VAL A 80 4.85 -6.42 4.93
C VAL A 80 4.38 -6.92 6.26
N LYS A 81 3.42 -6.26 6.83
CA LYS A 81 2.82 -6.68 8.04
C LYS A 81 1.34 -6.81 7.75
N TRP A 82 0.66 -7.59 8.53
CA TRP A 82 -0.67 -7.98 8.21
C TRP A 82 -1.62 -7.51 9.29
N LEU A 83 -2.63 -6.80 8.90
CA LEU A 83 -3.64 -6.36 9.84
C LEU A 83 -5.01 -6.56 9.24
N LYS A 84 -5.95 -6.91 10.07
CA LYS A 84 -7.30 -6.97 9.68
C LYS A 84 -8.06 -6.08 10.61
N ASN A 85 -8.75 -5.10 10.05
CA ASN A 85 -9.53 -4.04 10.78
C ASN A 85 -8.78 -3.38 11.96
N GLY A 86 -7.47 -3.44 11.94
CA GLY A 86 -6.67 -2.83 12.99
C GLY A 86 -6.05 -3.88 13.90
N GLN A 87 -6.31 -5.12 13.61
CA GLN A 87 -5.79 -6.22 14.40
C GLN A 87 -4.78 -6.96 13.59
N GLU A 88 -3.65 -7.18 14.14
CA GLU A 88 -2.56 -7.84 13.46
C GLU A 88 -2.93 -9.30 13.14
N ILE A 89 -2.88 -9.62 11.87
CA ILE A 89 -3.09 -10.96 11.39
C ILE A 89 -1.82 -11.75 11.59
N GLN A 90 -1.92 -12.84 12.29
CA GLN A 90 -0.84 -13.74 12.46
C GLN A 90 -1.32 -15.15 12.09
N MET A 91 -0.41 -16.01 11.68
CA MET A 91 -0.77 -17.37 11.27
C MET A 91 -1.17 -18.21 12.48
N SER A 92 -2.44 -18.25 12.75
CA SER A 92 -2.97 -19.07 13.77
C SER A 92 -3.38 -20.41 13.15
N GLY A 93 -2.53 -21.41 13.32
CA GLY A 93 -2.81 -22.70 12.73
C GLY A 93 -2.63 -22.66 11.24
N SER A 94 -3.60 -23.12 10.53
CA SER A 94 -3.56 -23.11 9.09
C SER A 94 -4.61 -22.14 8.55
N LYS A 95 -5.12 -21.30 9.45
CA LYS A 95 -6.16 -20.34 9.11
C LYS A 95 -5.58 -19.34 8.13
N TYR A 96 -4.38 -18.91 8.41
CA TYR A 96 -3.71 -17.96 7.56
C TYR A 96 -2.41 -18.55 7.14
N ILE A 97 -2.17 -18.57 5.88
CA ILE A 97 -0.94 -19.05 5.34
C ILE A 97 -0.24 -17.91 4.61
N PHE A 98 0.91 -17.53 5.09
CA PHE A 98 1.70 -16.51 4.46
C PHE A 98 2.56 -17.13 3.39
N GLU A 99 2.20 -16.86 2.18
CA GLU A 99 2.89 -17.37 1.04
C GLU A 99 3.85 -16.30 0.54
N SER A 100 5.09 -16.64 0.45
CA SER A 100 6.08 -15.74 -0.04
C SER A 100 6.68 -16.35 -1.28
N ILE A 101 6.43 -15.75 -2.41
CA ILE A 101 6.86 -16.28 -3.66
C ILE A 101 7.68 -15.22 -4.40
N GLY A 102 8.95 -15.16 -4.07
CA GLY A 102 9.83 -14.19 -4.65
C GLY A 102 9.53 -12.81 -4.11
N ALA A 103 8.99 -11.95 -4.94
CA ALA A 103 8.64 -10.62 -4.51
C ALA A 103 7.16 -10.55 -4.19
N LYS A 104 6.40 -11.48 -4.72
CA LYS A 104 5.00 -11.50 -4.48
C LYS A 104 4.69 -12.29 -3.24
N ARG A 105 3.89 -11.72 -2.42
CA ARG A 105 3.50 -12.34 -1.22
C ARG A 105 2.01 -12.46 -1.22
N THR A 106 1.51 -13.54 -0.77
CA THR A 106 0.11 -13.80 -0.82
C THR A 106 -0.40 -14.35 0.51
N LEU A 107 -1.44 -13.77 1.00
CA LEU A 107 -2.06 -14.22 2.21
C LEU A 107 -3.19 -15.15 1.86
N THR A 108 -3.03 -16.41 2.13
CA THR A 108 -4.06 -17.36 1.88
C THR A 108 -4.82 -17.62 3.18
N ILE A 109 -6.08 -17.32 3.16
CA ILE A 109 -6.94 -17.52 4.29
C ILE A 109 -7.74 -18.77 4.05
N SER A 110 -7.66 -19.68 4.96
CA SER A 110 -8.35 -20.90 4.85
C SER A 110 -9.60 -20.87 5.72
N GLN A 111 -10.71 -21.27 5.13
CA GLN A 111 -12.00 -21.36 5.82
C GLN A 111 -12.47 -19.99 6.25
N CYS A 112 -12.85 -19.19 5.29
CA CYS A 112 -13.35 -17.87 5.58
C CYS A 112 -14.70 -17.96 6.26
N SER A 113 -14.77 -17.34 7.41
CA SER A 113 -15.94 -17.33 8.20
C SER A 113 -16.55 -15.95 8.10
N LEU A 114 -17.83 -15.88 8.34
CA LEU A 114 -18.57 -14.63 8.29
C LEU A 114 -18.08 -13.69 9.38
N ALA A 115 -17.56 -14.26 10.45
CA ALA A 115 -17.05 -13.48 11.56
C ALA A 115 -15.59 -13.08 11.34
N ASP A 116 -15.03 -13.46 10.20
CA ASP A 116 -13.65 -13.12 9.88
C ASP A 116 -13.64 -12.18 8.69
N ASP A 117 -14.86 -11.88 8.23
CA ASP A 117 -15.09 -10.93 7.13
C ASP A 117 -14.65 -9.57 7.61
N ALA A 118 -13.59 -9.07 7.02
CA ALA A 118 -12.98 -7.83 7.46
C ALA A 118 -12.09 -7.27 6.38
N ALA A 119 -11.63 -6.07 6.61
CA ALA A 119 -10.70 -5.42 5.72
C ALA A 119 -9.29 -5.81 6.14
N TYR A 120 -8.50 -6.23 5.20
CA TYR A 120 -7.15 -6.70 5.48
C TYR A 120 -6.16 -5.70 4.91
N GLN A 121 -5.11 -5.41 5.63
CA GLN A 121 -4.10 -4.49 5.18
C GLN A 121 -2.76 -5.17 5.12
N CYS A 122 -2.02 -4.84 4.11
CA CYS A 122 -0.63 -5.22 4.02
C CYS A 122 0.13 -3.92 4.22
N VAL A 123 0.81 -3.83 5.33
CA VAL A 123 1.44 -2.59 5.70
C VAL A 123 2.95 -2.67 5.61
N VAL A 124 3.49 -1.82 4.79
CA VAL A 124 4.91 -1.58 4.72
C VAL A 124 5.05 -0.15 5.26
N GLY A 125 6.22 0.25 5.71
CA GLY A 125 6.36 1.61 6.20
C GLY A 125 6.13 2.63 5.10
N GLY A 126 5.06 3.39 5.23
CA GLY A 126 4.74 4.44 4.26
C GLY A 126 3.87 3.93 3.12
N GLU A 127 3.94 2.66 2.85
CA GLU A 127 3.25 2.03 1.77
C GLU A 127 2.28 1.01 2.31
N LYS A 128 1.03 1.30 2.21
CA LYS A 128 0.02 0.47 2.78
C LYS A 128 -1.11 0.30 1.79
N CYS A 129 -1.76 -0.83 1.86
CA CYS A 129 -2.94 -1.06 1.08
C CYS A 129 -3.85 -1.96 1.85
N SER A 130 -5.11 -1.66 1.78
CA SER A 130 -6.11 -2.45 2.41
C SER A 130 -6.95 -3.09 1.31
N THR A 131 -7.51 -4.23 1.60
CA THR A 131 -8.41 -4.86 0.73
C THR A 131 -9.65 -5.21 1.52
N GLU A 132 -10.78 -5.13 0.92
CA GLU A 132 -11.98 -5.48 1.61
C GLU A 132 -12.53 -6.76 1.03
N LEU A 133 -12.45 -7.78 1.81
CA LEU A 133 -12.85 -9.09 1.43
C LEU A 133 -14.28 -9.32 1.86
N PHE A 134 -15.08 -9.77 0.94
CA PHE A 134 -16.47 -10.02 1.20
C PHE A 134 -16.70 -11.53 1.23
N VAL A 135 -17.08 -12.03 2.37
CA VAL A 135 -17.44 -13.43 2.49
C VAL A 135 -18.91 -13.54 2.22
N LYS A 136 -19.26 -14.38 1.31
CA LYS A 136 -20.63 -14.66 1.10
C LYS A 136 -20.81 -16.11 1.42
N GLU A 137 -21.90 -16.47 1.92
CA GLU A 137 -22.17 -17.85 2.15
C GLU A 137 -22.80 -18.42 0.87
N GLY A 1 21.21 36.73 -14.40
CA GLY A 1 22.23 36.22 -13.50
C GLY A 1 22.94 35.04 -14.10
N PRO A 2 23.70 34.28 -13.32
CA PRO A 2 24.44 33.12 -13.82
C PRO A 2 23.49 32.04 -14.32
N GLY A 3 22.38 31.89 -13.62
CA GLY A 3 21.38 30.92 -13.96
C GLY A 3 20.76 31.16 -15.31
N SER A 4 21.25 30.46 -16.28
CA SER A 4 20.79 30.56 -17.64
C SER A 4 20.27 29.19 -18.07
N GLU A 5 19.90 28.41 -17.06
CA GLU A 5 19.42 27.07 -17.24
C GLU A 5 18.18 26.95 -16.39
N ASP A 6 17.77 28.10 -15.94
CA ASP A 6 16.65 28.32 -15.03
C ASP A 6 15.34 28.26 -15.72
N VAL A 7 15.18 27.24 -16.56
CA VAL A 7 13.96 26.98 -17.29
C VAL A 7 12.79 26.86 -16.31
N TRP A 8 13.06 26.24 -15.19
CA TRP A 8 12.12 26.12 -14.09
C TRP A 8 11.40 27.44 -13.75
N GLU A 9 12.16 28.50 -13.53
CA GLU A 9 11.56 29.77 -13.20
C GLU A 9 11.15 30.56 -14.45
N ILE A 10 11.98 30.47 -15.49
CA ILE A 10 11.77 31.21 -16.72
C ILE A 10 10.51 30.77 -17.45
N LEU A 11 10.28 29.48 -17.46
CA LEU A 11 9.13 28.94 -18.14
C LEU A 11 7.87 29.20 -17.32
N ARG A 12 8.00 29.19 -16.00
CA ARG A 12 6.84 29.44 -15.14
C ARG A 12 6.34 30.89 -15.22
N GLN A 13 7.25 31.83 -15.36
CA GLN A 13 6.88 33.24 -15.44
C GLN A 13 6.52 33.64 -16.88
N ALA A 14 6.74 32.73 -17.79
CA ALA A 14 6.51 32.99 -19.20
C ALA A 14 5.04 32.74 -19.61
N PRO A 15 4.61 33.31 -20.79
CA PRO A 15 3.28 33.07 -21.35
C PRO A 15 3.08 31.58 -21.69
N PRO A 16 1.91 31.02 -21.34
CA PRO A 16 1.61 29.58 -21.45
C PRO A 16 1.79 28.98 -22.84
N SER A 17 1.50 29.72 -23.87
CA SER A 17 1.56 29.15 -25.20
C SER A 17 2.97 29.17 -25.78
N GLU A 18 3.92 29.72 -25.06
CA GLU A 18 5.30 29.75 -25.50
C GLU A 18 6.12 28.68 -24.80
N TYR A 19 5.46 27.97 -23.87
CA TYR A 19 6.10 26.95 -23.00
C TYR A 19 6.87 25.89 -23.75
N GLU A 20 6.31 25.43 -24.84
CA GLU A 20 6.90 24.34 -25.60
C GLU A 20 8.25 24.75 -26.19
N ARG A 21 8.36 25.98 -26.66
CA ARG A 21 9.62 26.49 -27.21
C ARG A 21 10.65 26.58 -26.11
N ILE A 22 10.22 27.13 -24.99
CA ILE A 22 11.08 27.35 -23.83
C ILE A 22 11.62 26.02 -23.31
N ALA A 23 10.79 24.99 -23.37
CA ALA A 23 11.16 23.66 -22.96
C ALA A 23 12.33 23.15 -23.78
N PHE A 24 12.14 23.02 -25.08
CA PHE A 24 13.18 22.49 -25.97
C PHE A 24 14.42 23.37 -25.98
N GLN A 25 14.22 24.65 -25.82
CA GLN A 25 15.27 25.64 -25.75
C GLN A 25 16.23 25.36 -24.59
N TYR A 26 15.68 24.99 -23.45
CA TYR A 26 16.51 24.73 -22.29
C TYR A 26 16.78 23.24 -22.12
N GLY A 27 16.46 22.48 -23.14
CA GLY A 27 16.78 21.07 -23.17
C GLY A 27 15.76 20.18 -22.50
N VAL A 28 14.59 20.69 -22.27
CA VAL A 28 13.54 19.92 -21.65
C VAL A 28 12.73 19.35 -22.78
N THR A 29 12.88 18.11 -23.01
CA THR A 29 12.21 17.49 -24.10
C THR A 29 10.79 17.07 -23.76
N ASP A 30 10.47 17.04 -22.49
CA ASP A 30 9.13 16.71 -22.05
C ASP A 30 8.69 17.70 -21.02
N LEU A 31 7.98 18.71 -21.46
CA LEU A 31 7.48 19.71 -20.56
C LEU A 31 6.28 19.21 -19.79
N ARG A 32 5.63 18.19 -20.33
CA ARG A 32 4.45 17.59 -19.73
C ARG A 32 4.73 17.13 -18.29
N GLY A 33 5.81 16.40 -18.11
CA GLY A 33 6.21 15.94 -16.82
C GLY A 33 6.89 17.03 -16.04
N MET A 34 7.56 17.94 -16.75
CA MET A 34 8.26 19.06 -16.13
C MET A 34 7.27 19.93 -15.36
N LEU A 35 6.16 20.26 -16.01
CA LEU A 35 5.11 21.07 -15.42
C LEU A 35 4.52 20.34 -14.22
N LYS A 36 4.33 19.04 -14.37
CA LYS A 36 3.84 18.17 -13.31
C LYS A 36 4.75 18.27 -12.08
N ARG A 37 6.02 18.11 -12.31
CA ARG A 37 6.99 18.11 -11.22
C ARG A 37 7.30 19.52 -10.71
N LEU A 38 7.03 20.56 -11.50
CA LEU A 38 7.28 21.91 -11.04
C LEU A 38 6.10 22.35 -10.19
N LYS A 39 4.96 21.82 -10.53
CA LYS A 39 3.76 22.05 -9.79
C LYS A 39 3.84 21.21 -8.54
N GLY A 40 4.40 20.05 -8.71
CA GLY A 40 4.64 19.16 -7.63
C GLY A 40 6.00 19.37 -7.04
N MET A 41 6.39 20.63 -7.00
CA MET A 41 7.70 21.10 -6.54
C MET A 41 8.01 20.59 -5.13
N ARG A 42 6.99 20.48 -4.33
CA ARG A 42 7.11 19.98 -2.99
C ARG A 42 6.13 18.86 -2.75
N ARG A 43 5.80 18.18 -3.83
CA ARG A 43 4.87 17.08 -3.76
C ARG A 43 5.58 15.76 -3.85
N ASP A 44 4.95 14.76 -3.33
CA ASP A 44 5.45 13.41 -3.37
C ASP A 44 4.81 12.70 -4.53
N GLU A 45 5.51 11.73 -5.07
CA GLU A 45 4.94 10.92 -6.12
C GLU A 45 3.97 9.94 -5.50
N LYS A 46 4.54 8.97 -4.76
CA LYS A 46 3.81 7.89 -4.09
C LYS A 46 2.70 7.31 -4.93
N LYS A 47 3.08 6.40 -5.73
CA LYS A 47 2.21 5.79 -6.71
C LYS A 47 2.38 4.29 -6.63
N SER A 48 2.45 3.83 -5.39
CA SER A 48 2.80 2.47 -5.03
C SER A 48 4.24 2.29 -5.31
N THR A 49 4.96 2.93 -4.49
CA THR A 49 6.35 3.05 -4.64
C THR A 49 7.12 1.85 -4.06
N ALA A 50 6.74 1.41 -2.88
CA ALA A 50 7.40 0.25 -2.27
C ALA A 50 6.61 -1.00 -2.61
N PHE A 51 5.46 -0.78 -3.17
CA PHE A 51 4.55 -1.82 -3.55
C PHE A 51 4.64 -2.09 -5.04
N GLN A 52 4.82 -3.33 -5.39
CA GLN A 52 4.94 -3.73 -6.77
C GLN A 52 3.56 -4.21 -7.25
N LYS A 53 2.69 -4.49 -6.31
CA LYS A 53 1.35 -4.92 -6.56
C LYS A 53 0.66 -4.78 -5.25
N LYS A 54 -0.41 -4.09 -5.23
CA LYS A 54 -1.12 -3.91 -4.00
C LYS A 54 -2.31 -4.83 -4.00
N LEU A 55 -3.06 -4.79 -2.95
CA LEU A 55 -4.24 -5.59 -2.83
C LEU A 55 -5.33 -5.01 -3.70
N GLU A 56 -6.16 -5.86 -4.22
CA GLU A 56 -7.33 -5.41 -4.92
C GLU A 56 -8.25 -4.80 -3.92
N PRO A 57 -8.87 -3.66 -4.23
CA PRO A 57 -9.79 -2.97 -3.30
C PRO A 57 -10.93 -3.89 -2.83
N ALA A 58 -11.40 -4.75 -3.71
CA ALA A 58 -12.50 -5.62 -3.38
C ALA A 58 -12.18 -7.08 -3.70
N TYR A 59 -12.50 -7.95 -2.76
CA TYR A 59 -12.37 -9.39 -2.90
C TYR A 59 -13.64 -10.06 -2.41
N GLN A 60 -13.92 -11.23 -2.90
CA GLN A 60 -15.06 -12.01 -2.48
C GLN A 60 -14.59 -13.43 -2.25
N VAL A 61 -15.20 -14.10 -1.32
CA VAL A 61 -14.92 -15.49 -1.06
C VAL A 61 -16.19 -16.11 -0.49
N SER A 62 -16.36 -17.37 -0.65
CA SER A 62 -17.50 -18.02 -0.08
C SER A 62 -17.10 -18.61 1.28
N LYS A 63 -18.05 -18.69 2.17
CA LYS A 63 -17.83 -19.18 3.50
C LYS A 63 -17.36 -20.64 3.47
N GLY A 64 -16.19 -20.86 4.03
CA GLY A 64 -15.63 -22.19 4.06
C GLY A 64 -14.63 -22.41 2.96
N HIS A 65 -14.48 -21.44 2.10
CA HIS A 65 -13.56 -21.55 0.98
C HIS A 65 -12.25 -20.83 1.30
N LYS A 66 -11.30 -20.95 0.40
CA LYS A 66 -9.99 -20.33 0.56
C LYS A 66 -9.89 -19.11 -0.34
N ILE A 67 -9.12 -18.14 0.07
CA ILE A 67 -8.84 -16.99 -0.75
C ILE A 67 -7.39 -16.58 -0.59
N ARG A 68 -6.75 -16.26 -1.68
CA ARG A 68 -5.39 -15.83 -1.66
C ARG A 68 -5.32 -14.36 -1.95
N LEU A 69 -4.73 -13.64 -1.06
CA LEU A 69 -4.57 -12.22 -1.18
C LEU A 69 -3.14 -11.97 -1.62
N THR A 70 -2.98 -11.45 -2.79
CA THR A 70 -1.67 -11.32 -3.38
C THR A 70 -1.21 -9.86 -3.45
N VAL A 71 -0.02 -9.63 -2.94
CA VAL A 71 0.66 -8.35 -3.05
C VAL A 71 2.07 -8.64 -3.46
N GLU A 72 2.72 -7.67 -3.99
CA GLU A 72 4.09 -7.81 -4.39
C GLU A 72 4.86 -6.65 -3.84
N LEU A 73 5.99 -6.93 -3.29
CA LEU A 73 6.84 -5.92 -2.78
C LEU A 73 7.91 -5.62 -3.79
N ALA A 74 8.47 -4.44 -3.73
CA ALA A 74 9.55 -4.09 -4.65
C ALA A 74 10.87 -4.72 -4.21
N ASP A 75 10.85 -5.33 -3.04
CA ASP A 75 11.98 -6.03 -2.49
C ASP A 75 11.49 -7.40 -2.06
N HIS A 76 12.28 -8.41 -2.28
CA HIS A 76 11.85 -9.78 -2.03
C HIS A 76 11.84 -10.12 -0.54
N ASP A 77 12.63 -9.43 0.25
CA ASP A 77 12.75 -9.74 1.65
C ASP A 77 12.24 -8.62 2.51
N ALA A 78 11.34 -7.86 1.95
CA ALA A 78 10.68 -6.80 2.65
C ALA A 78 9.39 -7.38 3.07
N GLU A 79 9.02 -7.19 4.29
CA GLU A 79 7.83 -7.80 4.73
C GLU A 79 6.70 -6.80 4.84
N VAL A 80 5.51 -7.31 4.85
CA VAL A 80 4.33 -6.52 5.00
C VAL A 80 3.72 -6.78 6.34
N LYS A 81 3.00 -5.82 6.83
CA LYS A 81 2.29 -5.96 8.05
C LYS A 81 0.86 -6.10 7.71
N TRP A 82 0.35 -7.20 8.05
CA TRP A 82 -0.96 -7.61 7.72
C TRP A 82 -1.87 -7.21 8.83
N LEU A 83 -2.84 -6.42 8.57
CA LEU A 83 -3.79 -6.07 9.58
C LEU A 83 -5.16 -6.35 9.12
N LYS A 84 -5.95 -6.84 10.01
CA LYS A 84 -7.33 -7.02 9.77
C LYS A 84 -8.06 -6.18 10.75
N ASN A 85 -8.79 -5.21 10.23
CA ASN A 85 -9.60 -4.23 11.01
C ASN A 85 -8.81 -3.51 12.12
N GLY A 86 -7.49 -3.55 12.01
CA GLY A 86 -6.61 -2.89 12.95
C GLY A 86 -5.77 -3.85 13.76
N GLN A 87 -5.99 -5.12 13.58
CA GLN A 87 -5.26 -6.14 14.32
C GLN A 87 -4.32 -6.87 13.39
N GLU A 88 -3.06 -6.97 13.76
CA GLU A 88 -2.09 -7.65 12.92
C GLU A 88 -2.47 -9.12 12.74
N ILE A 89 -2.66 -9.51 11.51
CA ILE A 89 -3.01 -10.86 11.16
C ILE A 89 -1.86 -11.78 11.50
N GLN A 90 -2.16 -12.77 12.27
CA GLN A 90 -1.18 -13.75 12.63
C GLN A 90 -1.50 -15.06 11.94
N MET A 91 -0.47 -15.86 11.72
CA MET A 91 -0.62 -17.16 11.12
C MET A 91 -1.29 -18.08 12.13
N SER A 92 -2.56 -18.37 11.93
CA SER A 92 -3.27 -19.21 12.83
C SER A 92 -3.44 -20.58 12.20
N GLY A 93 -2.57 -21.52 12.57
CA GLY A 93 -2.64 -22.88 12.05
C GLY A 93 -2.54 -22.92 10.54
N SER A 94 -3.61 -23.34 9.90
CA SER A 94 -3.69 -23.39 8.46
C SER A 94 -4.75 -22.40 7.96
N LYS A 95 -5.22 -21.56 8.87
CA LYS A 95 -6.25 -20.59 8.57
C LYS A 95 -5.62 -19.43 7.80
N TYR A 96 -4.48 -18.96 8.27
CA TYR A 96 -3.77 -17.87 7.62
C TYR A 96 -2.39 -18.31 7.27
N ILE A 97 -2.13 -18.48 6.00
CA ILE A 97 -0.82 -18.88 5.57
C ILE A 97 -0.16 -17.79 4.74
N PHE A 98 0.97 -17.32 5.21
CA PHE A 98 1.77 -16.36 4.49
C PHE A 98 2.70 -17.08 3.56
N GLU A 99 2.41 -17.00 2.31
CA GLU A 99 3.16 -17.63 1.28
C GLU A 99 4.08 -16.58 0.72
N SER A 100 5.33 -16.70 1.00
CA SER A 100 6.27 -15.77 0.54
C SER A 100 6.98 -16.34 -0.67
N ILE A 101 6.62 -15.84 -1.83
CA ILE A 101 7.16 -16.32 -3.06
C ILE A 101 7.85 -15.18 -3.78
N GLY A 102 9.08 -14.93 -3.41
CA GLY A 102 9.83 -13.86 -3.97
C GLY A 102 9.26 -12.52 -3.60
N ALA A 103 8.86 -11.77 -4.60
CA ALA A 103 8.28 -10.47 -4.39
C ALA A 103 6.84 -10.60 -3.97
N LYS A 104 6.24 -11.72 -4.33
CA LYS A 104 4.87 -11.99 -4.00
C LYS A 104 4.74 -12.36 -2.55
N ARG A 105 3.91 -11.67 -1.88
CA ARG A 105 3.55 -12.03 -0.58
C ARG A 105 2.08 -12.37 -0.68
N THR A 106 1.76 -13.59 -0.51
CA THR A 106 0.42 -14.02 -0.68
C THR A 106 -0.14 -14.62 0.59
N LEU A 107 -1.18 -14.04 1.09
CA LEU A 107 -1.84 -14.56 2.24
C LEU A 107 -2.94 -15.49 1.79
N THR A 108 -2.80 -16.73 2.11
CA THR A 108 -3.78 -17.70 1.81
C THR A 108 -4.66 -17.92 3.03
N ILE A 109 -5.87 -17.48 2.95
CA ILE A 109 -6.81 -17.63 4.01
C ILE A 109 -7.65 -18.83 3.70
N SER A 110 -7.67 -19.77 4.61
CA SER A 110 -8.41 -20.94 4.41
C SER A 110 -9.67 -20.88 5.25
N GLN A 111 -10.77 -21.28 4.64
CA GLN A 111 -12.06 -21.42 5.30
C GLN A 111 -12.53 -20.10 5.88
N CYS A 112 -12.77 -19.16 5.02
CA CYS A 112 -13.23 -17.86 5.44
C CYS A 112 -14.63 -17.94 6.04
N SER A 113 -14.84 -17.29 7.15
CA SER A 113 -16.10 -17.24 7.80
C SER A 113 -16.46 -15.77 8.00
N LEU A 114 -17.59 -15.49 8.63
CA LEU A 114 -18.03 -14.11 8.76
C LEU A 114 -17.31 -13.39 9.88
N ALA A 115 -16.77 -14.14 10.82
CA ALA A 115 -16.04 -13.55 11.94
C ALA A 115 -14.72 -12.97 11.44
N ASP A 116 -14.10 -13.72 10.55
CA ASP A 116 -12.83 -13.33 9.96
C ASP A 116 -13.02 -12.49 8.71
N ASP A 117 -14.28 -12.24 8.35
CA ASP A 117 -14.63 -11.30 7.27
C ASP A 117 -14.18 -9.94 7.72
N ALA A 118 -13.14 -9.43 7.14
CA ALA A 118 -12.56 -8.22 7.62
C ALA A 118 -11.94 -7.42 6.52
N ALA A 119 -11.68 -6.18 6.84
CA ALA A 119 -10.94 -5.31 6.00
C ALA A 119 -9.48 -5.56 6.31
N TYR A 120 -8.76 -6.04 5.35
CA TYR A 120 -7.39 -6.39 5.56
C TYR A 120 -6.56 -5.32 4.94
N GLN A 121 -5.39 -5.13 5.44
CA GLN A 121 -4.50 -4.18 4.85
C GLN A 121 -3.07 -4.65 5.02
N CYS A 122 -2.24 -4.26 4.10
CA CYS A 122 -0.84 -4.58 4.14
C CYS A 122 -0.06 -3.29 4.24
N VAL A 123 0.67 -3.15 5.31
CA VAL A 123 1.43 -1.95 5.57
C VAL A 123 2.93 -2.19 5.34
N VAL A 124 3.53 -1.27 4.63
CA VAL A 124 4.96 -1.22 4.37
C VAL A 124 5.36 0.20 4.76
N GLY A 125 6.63 0.47 5.00
CA GLY A 125 7.01 1.81 5.35
C GLY A 125 6.68 2.79 4.24
N GLY A 126 5.73 3.66 4.53
CA GLY A 126 5.35 4.70 3.65
C GLY A 126 4.14 4.34 2.81
N GLU A 127 4.05 3.09 2.42
CA GLU A 127 3.02 2.65 1.52
C GLU A 127 2.16 1.58 2.19
N LYS A 128 0.88 1.71 2.09
CA LYS A 128 -0.01 0.70 2.60
C LYS A 128 -1.13 0.50 1.61
N CYS A 129 -1.88 -0.55 1.77
CA CYS A 129 -3.01 -0.80 0.93
C CYS A 129 -4.03 -1.57 1.73
N SER A 130 -5.26 -1.15 1.64
CA SER A 130 -6.34 -1.82 2.31
C SER A 130 -7.24 -2.53 1.30
N THR A 131 -7.78 -3.64 1.70
CA THR A 131 -8.67 -4.40 0.88
C THR A 131 -9.96 -4.71 1.67
N GLU A 132 -11.05 -4.84 0.98
CA GLU A 132 -12.30 -5.16 1.60
C GLU A 132 -12.79 -6.51 1.09
N LEU A 133 -12.83 -7.48 1.96
CA LEU A 133 -13.28 -8.80 1.62
C LEU A 133 -14.77 -8.94 1.90
N PHE A 134 -15.43 -9.71 1.09
CA PHE A 134 -16.81 -10.04 1.28
C PHE A 134 -16.93 -11.56 1.34
N VAL A 135 -17.19 -12.07 2.51
CA VAL A 135 -17.41 -13.49 2.67
C VAL A 135 -18.89 -13.76 2.51
N LYS A 136 -19.22 -14.52 1.50
CA LYS A 136 -20.58 -14.84 1.21
C LYS A 136 -20.86 -16.29 1.62
N GLU A 137 -21.80 -16.47 2.54
CA GLU A 137 -22.17 -17.79 3.05
C GLU A 137 -22.72 -18.68 1.93
N GLY A 1 28.53 21.96 -28.99
CA GLY A 1 28.40 21.68 -27.56
C GLY A 1 27.28 22.49 -26.97
N PRO A 2 27.12 22.46 -25.64
CA PRO A 2 26.07 23.22 -24.95
C PRO A 2 26.24 24.73 -25.10
N GLY A 3 27.48 25.18 -25.16
CA GLY A 3 27.77 26.58 -25.28
C GLY A 3 27.72 27.23 -23.93
N SER A 4 26.55 27.68 -23.57
CA SER A 4 26.32 28.25 -22.28
C SER A 4 24.83 28.15 -21.97
N GLU A 5 24.43 27.00 -21.50
CA GLU A 5 23.07 26.83 -21.06
C GLU A 5 23.05 27.29 -19.65
N ASP A 6 23.80 26.57 -18.79
CA ASP A 6 24.04 26.88 -17.36
C ASP A 6 22.76 27.02 -16.54
N VAL A 7 21.63 26.74 -17.17
CA VAL A 7 20.34 26.88 -16.58
C VAL A 7 20.19 26.00 -15.35
N TRP A 8 20.80 24.85 -15.42
CA TRP A 8 20.86 23.87 -14.34
C TRP A 8 21.23 24.56 -13.02
N GLU A 9 22.31 25.32 -13.06
CA GLU A 9 22.76 26.01 -11.88
C GLU A 9 22.06 27.35 -11.69
N ILE A 10 21.99 28.15 -12.76
CA ILE A 10 21.43 29.50 -12.71
C ILE A 10 19.97 29.49 -12.25
N LEU A 11 19.17 28.66 -12.87
CA LEU A 11 17.75 28.64 -12.60
C LEU A 11 17.46 27.98 -11.24
N ARG A 12 18.39 27.18 -10.77
CA ARG A 12 18.24 26.50 -9.49
C ARG A 12 18.49 27.45 -8.33
N GLN A 13 19.52 28.27 -8.46
CA GLN A 13 19.94 29.15 -7.38
C GLN A 13 19.22 30.49 -7.44
N ALA A 14 18.70 30.84 -8.59
CA ALA A 14 18.08 32.13 -8.77
C ALA A 14 16.77 32.23 -8.02
N PRO A 15 16.43 33.42 -7.50
CA PRO A 15 15.14 33.65 -6.87
C PRO A 15 13.98 33.43 -7.87
N PRO A 16 12.78 33.10 -7.37
CA PRO A 16 11.59 32.80 -8.21
C PRO A 16 11.25 33.90 -9.22
N SER A 17 11.69 35.10 -8.97
CA SER A 17 11.43 36.23 -9.84
C SER A 17 12.24 36.15 -11.13
N GLU A 18 13.28 35.40 -11.08
CA GLU A 18 14.16 35.27 -12.20
C GLU A 18 13.71 34.12 -13.13
N TYR A 19 12.92 33.20 -12.57
CA TYR A 19 12.50 31.97 -13.24
C TYR A 19 11.89 32.16 -14.61
N GLU A 20 10.88 33.01 -14.72
CA GLU A 20 10.16 33.21 -15.99
C GLU A 20 11.09 33.61 -17.15
N ARG A 21 12.11 34.33 -16.82
CA ARG A 21 13.06 34.79 -17.80
C ARG A 21 14.04 33.68 -18.13
N ILE A 22 14.74 33.24 -17.09
CA ILE A 22 15.82 32.25 -17.19
C ILE A 22 15.35 30.96 -17.86
N ALA A 23 14.24 30.44 -17.38
CA ALA A 23 13.69 29.18 -17.85
C ALA A 23 13.39 29.23 -19.34
N PHE A 24 12.57 30.17 -19.73
CA PHE A 24 12.15 30.30 -21.11
C PHE A 24 13.29 30.70 -22.03
N GLN A 25 14.27 31.41 -21.49
CA GLN A 25 15.44 31.79 -22.24
C GLN A 25 16.24 30.55 -22.63
N TYR A 26 16.34 29.62 -21.70
CA TYR A 26 17.15 28.43 -21.92
C TYR A 26 16.35 27.24 -22.46
N GLY A 27 15.04 27.35 -22.52
CA GLY A 27 14.25 26.28 -23.10
C GLY A 27 13.66 25.36 -22.08
N VAL A 28 13.64 25.81 -20.86
CA VAL A 28 13.04 25.07 -19.78
C VAL A 28 11.64 25.58 -19.70
N THR A 29 10.75 24.88 -20.31
CA THR A 29 9.41 25.32 -20.44
C THR A 29 8.67 25.24 -19.11
N ASP A 30 8.94 24.20 -18.36
CA ASP A 30 8.30 24.04 -17.08
C ASP A 30 9.25 24.42 -15.95
N LEU A 31 9.22 25.70 -15.63
CA LEU A 31 10.08 26.28 -14.61
C LEU A 31 9.66 25.83 -13.22
N ARG A 32 8.35 25.67 -13.02
CA ARG A 32 7.84 25.19 -11.75
C ARG A 32 8.08 23.69 -11.71
N GLY A 33 8.34 23.15 -12.90
CA GLY A 33 8.63 21.78 -13.07
C GLY A 33 9.92 21.40 -12.38
N MET A 34 10.76 22.38 -12.12
CA MET A 34 11.97 22.17 -11.33
C MET A 34 11.58 21.68 -9.94
N LEU A 35 10.58 22.32 -9.36
CA LEU A 35 10.12 21.98 -8.03
C LEU A 35 9.40 20.63 -8.07
N LYS A 36 8.69 20.41 -9.17
CA LYS A 36 7.99 19.16 -9.46
C LYS A 36 8.96 17.97 -9.45
N ARG A 37 9.99 18.06 -10.27
CA ARG A 37 11.01 17.00 -10.41
C ARG A 37 11.68 16.68 -9.09
N LEU A 38 11.83 17.68 -8.23
CA LEU A 38 12.47 17.49 -6.94
C LEU A 38 11.50 16.92 -5.93
N LYS A 39 10.24 17.28 -6.07
CA LYS A 39 9.18 16.72 -5.26
C LYS A 39 9.01 15.24 -5.58
N GLY A 40 9.13 14.93 -6.87
CA GLY A 40 9.00 13.58 -7.36
C GLY A 40 10.17 12.70 -7.00
N MET A 41 11.15 13.24 -6.30
CA MET A 41 12.27 12.46 -5.85
C MET A 41 11.87 11.60 -4.67
N ARG A 42 11.37 12.25 -3.61
CA ARG A 42 11.00 11.53 -2.38
C ARG A 42 10.24 12.41 -1.40
N ARG A 43 9.43 13.32 -1.91
CA ARG A 43 8.66 14.18 -1.03
C ARG A 43 7.64 13.37 -0.24
N ASP A 44 7.00 12.47 -0.93
CA ASP A 44 6.07 11.53 -0.38
C ASP A 44 6.10 10.39 -1.34
N GLU A 45 5.51 9.30 -1.01
CA GLU A 45 5.53 8.17 -1.87
C GLU A 45 4.13 7.83 -2.32
N LYS A 46 3.42 7.06 -1.47
CA LYS A 46 2.05 6.60 -1.76
C LYS A 46 2.01 5.88 -3.11
N LYS A 47 0.80 5.75 -3.67
CA LYS A 47 0.58 5.25 -5.02
C LYS A 47 0.94 3.76 -5.18
N SER A 48 2.24 3.49 -5.21
CA SER A 48 2.82 2.19 -5.39
C SER A 48 4.32 2.39 -5.57
N THR A 49 5.04 2.34 -4.49
CA THR A 49 6.46 2.55 -4.51
C THR A 49 7.17 1.33 -3.97
N ALA A 50 6.85 0.96 -2.74
CA ALA A 50 7.39 -0.24 -2.11
C ALA A 50 6.58 -1.42 -2.57
N PHE A 51 5.38 -1.14 -2.95
CA PHE A 51 4.52 -2.11 -3.48
C PHE A 51 4.59 -2.11 -4.98
N GLN A 52 4.71 -3.29 -5.52
CA GLN A 52 4.74 -3.51 -6.93
C GLN A 52 3.34 -3.92 -7.36
N LYS A 53 2.53 -4.33 -6.39
CA LYS A 53 1.17 -4.70 -6.58
C LYS A 53 0.52 -4.65 -5.24
N LYS A 54 -0.46 -3.83 -5.12
CA LYS A 54 -1.16 -3.62 -3.89
C LYS A 54 -2.44 -4.43 -3.93
N LEU A 55 -3.01 -4.71 -2.78
CA LEU A 55 -4.23 -5.50 -2.70
C LEU A 55 -5.36 -4.81 -3.42
N GLU A 56 -6.08 -5.60 -4.22
CA GLU A 56 -7.27 -5.16 -4.93
C GLU A 56 -8.25 -4.60 -3.90
N PRO A 57 -8.92 -3.49 -4.19
CA PRO A 57 -9.87 -2.87 -3.24
C PRO A 57 -10.97 -3.84 -2.76
N ALA A 58 -11.31 -4.82 -3.58
CA ALA A 58 -12.33 -5.76 -3.22
C ALA A 58 -11.93 -7.18 -3.51
N TYR A 59 -12.28 -8.05 -2.59
CA TYR A 59 -12.15 -9.47 -2.72
C TYR A 59 -13.40 -10.10 -2.18
N GLN A 60 -13.84 -11.16 -2.78
CA GLN A 60 -15.02 -11.83 -2.32
C GLN A 60 -14.70 -13.30 -2.16
N VAL A 61 -15.24 -13.88 -1.14
CA VAL A 61 -15.04 -15.27 -0.87
C VAL A 61 -16.36 -15.84 -0.36
N SER A 62 -16.52 -17.12 -0.51
CA SER A 62 -17.66 -17.79 0.00
C SER A 62 -17.36 -18.21 1.44
N LYS A 63 -18.38 -18.32 2.25
CA LYS A 63 -18.18 -18.65 3.65
C LYS A 63 -17.81 -20.10 3.79
N GLY A 64 -16.63 -20.32 4.28
CA GLY A 64 -16.14 -21.66 4.49
C GLY A 64 -15.32 -22.07 3.32
N HIS A 65 -14.95 -21.10 2.56
CA HIS A 65 -14.16 -21.30 1.37
C HIS A 65 -12.80 -20.58 1.52
N LYS A 66 -11.82 -21.04 0.79
CA LYS A 66 -10.44 -20.53 0.87
C LYS A 66 -10.18 -19.40 -0.15
N ILE A 67 -9.42 -18.39 0.25
CA ILE A 67 -9.04 -17.30 -0.66
C ILE A 67 -7.57 -16.92 -0.43
N ARG A 68 -6.89 -16.50 -1.48
CA ARG A 68 -5.54 -16.04 -1.34
C ARG A 68 -5.37 -14.64 -1.90
N LEU A 69 -4.79 -13.81 -1.08
CA LEU A 69 -4.60 -12.41 -1.34
C LEU A 69 -3.17 -12.21 -1.81
N THR A 70 -3.00 -11.58 -2.94
CA THR A 70 -1.69 -11.46 -3.54
C THR A 70 -1.21 -10.01 -3.64
N VAL A 71 0.01 -9.78 -3.17
CA VAL A 71 0.67 -8.49 -3.26
C VAL A 71 2.05 -8.70 -3.81
N GLU A 72 2.63 -7.66 -4.31
CA GLU A 72 3.97 -7.72 -4.79
C GLU A 72 4.73 -6.59 -4.21
N LEU A 73 5.91 -6.88 -3.84
CA LEU A 73 6.80 -5.93 -3.29
C LEU A 73 7.78 -5.52 -4.34
N ALA A 74 8.08 -4.25 -4.38
CA ALA A 74 9.07 -3.76 -5.29
C ALA A 74 10.41 -3.92 -4.62
N ASP A 75 10.38 -3.93 -3.31
CA ASP A 75 11.55 -4.13 -2.53
C ASP A 75 11.54 -5.51 -1.95
N HIS A 76 12.56 -6.25 -2.26
CA HIS A 76 12.72 -7.62 -1.77
C HIS A 76 13.28 -7.57 -0.36
N ASP A 77 13.65 -6.37 0.05
CA ASP A 77 14.20 -6.12 1.38
C ASP A 77 13.09 -5.77 2.36
N ALA A 78 11.85 -5.97 1.96
CA ALA A 78 10.74 -5.61 2.79
C ALA A 78 9.80 -6.77 2.90
N GLU A 79 8.99 -6.77 3.92
CA GLU A 79 8.00 -7.80 4.07
C GLU A 79 6.65 -7.17 4.34
N VAL A 80 5.60 -7.94 4.20
CA VAL A 80 4.27 -7.41 4.40
C VAL A 80 3.68 -7.90 5.70
N LYS A 81 3.09 -6.99 6.41
CA LYS A 81 2.39 -7.24 7.63
C LYS A 81 0.92 -7.20 7.29
N TRP A 82 0.17 -8.19 7.67
CA TRP A 82 -1.23 -8.22 7.33
C TRP A 82 -2.05 -7.86 8.55
N LEU A 83 -2.95 -6.94 8.40
CA LEU A 83 -3.78 -6.51 9.50
C LEU A 83 -5.24 -6.78 9.28
N LYS A 84 -5.90 -7.22 10.36
CA LYS A 84 -7.35 -7.39 10.35
C LYS A 84 -7.96 -6.09 10.80
N ASN A 85 -8.57 -5.33 9.91
CA ASN A 85 -9.25 -4.02 10.20
C ASN A 85 -8.39 -3.02 11.05
N GLY A 86 -7.11 -3.30 11.19
CA GLY A 86 -6.25 -2.45 11.98
C GLY A 86 -5.66 -3.19 13.18
N GLN A 87 -5.95 -4.47 13.27
CA GLN A 87 -5.44 -5.32 14.31
C GLN A 87 -4.11 -5.94 13.90
N GLU A 88 -4.17 -7.15 13.39
CA GLU A 88 -3.04 -7.96 12.98
C GLU A 88 -3.63 -9.28 12.60
N ILE A 89 -3.15 -9.87 11.55
CA ILE A 89 -3.55 -11.20 11.23
C ILE A 89 -2.55 -12.16 11.81
N GLN A 90 -2.98 -12.94 12.73
CA GLN A 90 -2.13 -13.91 13.35
C GLN A 90 -2.34 -15.25 12.67
N MET A 91 -1.25 -15.98 12.45
CA MET A 91 -1.32 -17.28 11.86
C MET A 91 -1.91 -18.29 12.83
N SER A 92 -3.22 -18.43 12.80
CA SER A 92 -3.90 -19.38 13.61
C SER A 92 -3.79 -20.76 13.00
N GLY A 93 -2.85 -21.55 13.50
CA GLY A 93 -2.64 -22.90 13.03
C GLY A 93 -2.32 -22.97 11.56
N SER A 94 -3.16 -23.64 10.83
CA SER A 94 -2.97 -23.84 9.42
C SER A 94 -4.04 -23.05 8.66
N LYS A 95 -4.67 -22.11 9.33
CA LYS A 95 -5.70 -21.32 8.71
C LYS A 95 -5.11 -20.26 7.78
N TYR A 96 -4.12 -19.56 8.26
CA TYR A 96 -3.52 -18.49 7.49
C TYR A 96 -2.17 -18.91 7.02
N ILE A 97 -2.07 -19.15 5.75
CA ILE A 97 -0.83 -19.57 5.18
C ILE A 97 -0.16 -18.40 4.52
N PHE A 98 0.95 -18.00 5.08
CA PHE A 98 1.77 -16.93 4.53
C PHE A 98 2.73 -17.52 3.52
N GLU A 99 2.46 -17.25 2.27
CA GLU A 99 3.27 -17.70 1.17
C GLU A 99 4.05 -16.53 0.65
N SER A 100 5.30 -16.51 0.90
CA SER A 100 6.12 -15.47 0.39
C SER A 100 6.93 -16.02 -0.76
N ILE A 101 6.62 -15.58 -1.96
CA ILE A 101 7.30 -16.04 -3.13
C ILE A 101 8.14 -14.90 -3.70
N GLY A 102 9.29 -14.70 -3.08
CA GLY A 102 10.20 -13.66 -3.47
C GLY A 102 9.61 -12.28 -3.21
N ALA A 103 9.31 -11.58 -4.28
CA ALA A 103 8.74 -10.25 -4.20
C ALA A 103 7.23 -10.34 -4.01
N LYS A 104 6.61 -11.41 -4.49
CA LYS A 104 5.18 -11.53 -4.37
C LYS A 104 4.79 -12.34 -3.15
N ARG A 105 4.12 -11.71 -2.27
CA ARG A 105 3.70 -12.35 -1.08
C ARG A 105 2.21 -12.57 -1.11
N THR A 106 1.80 -13.70 -0.66
CA THR A 106 0.45 -14.10 -0.76
C THR A 106 -0.06 -14.73 0.54
N LEU A 107 -1.18 -14.25 1.01
CA LEU A 107 -1.82 -14.78 2.18
C LEU A 107 -2.97 -15.65 1.78
N THR A 108 -2.89 -16.91 2.08
CA THR A 108 -3.95 -17.83 1.79
C THR A 108 -4.73 -18.13 3.07
N ILE A 109 -5.97 -17.72 3.08
CA ILE A 109 -6.83 -17.89 4.22
C ILE A 109 -7.73 -19.08 3.98
N SER A 110 -7.63 -20.04 4.84
CA SER A 110 -8.39 -21.24 4.73
C SER A 110 -9.69 -21.07 5.50
N GLN A 111 -10.81 -21.42 4.87
CA GLN A 111 -12.15 -21.38 5.47
C GLN A 111 -12.51 -19.97 5.96
N CYS A 112 -12.69 -19.05 5.06
CA CYS A 112 -13.07 -17.71 5.43
C CYS A 112 -14.48 -17.71 5.97
N SER A 113 -14.62 -17.39 7.21
CA SER A 113 -15.88 -17.39 7.87
C SER A 113 -16.36 -15.95 7.97
N LEU A 114 -17.50 -15.73 8.61
CA LEU A 114 -18.03 -14.39 8.78
C LEU A 114 -17.16 -13.61 9.73
N ALA A 115 -16.43 -14.33 10.56
CA ALA A 115 -15.51 -13.73 11.49
C ALA A 115 -14.23 -13.32 10.76
N ASP A 116 -14.10 -13.72 9.51
CA ASP A 116 -12.94 -13.36 8.70
C ASP A 116 -13.28 -12.20 7.80
N ASP A 117 -14.53 -11.78 7.83
CA ASP A 117 -14.98 -10.65 7.02
C ASP A 117 -14.45 -9.38 7.62
N ALA A 118 -13.35 -8.93 7.13
CA ALA A 118 -12.71 -7.74 7.59
C ALA A 118 -11.92 -7.12 6.49
N ALA A 119 -11.52 -5.90 6.68
CA ALA A 119 -10.67 -5.23 5.77
C ALA A 119 -9.26 -5.61 6.11
N TYR A 120 -8.52 -6.03 5.14
CA TYR A 120 -7.16 -6.44 5.39
C TYR A 120 -6.25 -5.36 4.89
N GLN A 121 -5.17 -5.18 5.57
CA GLN A 121 -4.21 -4.17 5.20
C GLN A 121 -2.85 -4.79 5.13
N CYS A 122 -2.20 -4.61 4.03
CA CYS A 122 -0.84 -5.02 3.87
C CYS A 122 0.03 -3.82 4.17
N VAL A 123 0.71 -3.86 5.27
CA VAL A 123 1.51 -2.75 5.71
C VAL A 123 3.00 -3.02 5.50
N VAL A 124 3.63 -2.10 4.82
CA VAL A 124 5.05 -2.06 4.58
C VAL A 124 5.47 -0.65 4.98
N GLY A 125 6.74 -0.39 5.24
CA GLY A 125 7.11 0.97 5.58
C GLY A 125 6.93 1.91 4.39
N GLY A 126 6.00 2.84 4.52
CA GLY A 126 5.72 3.79 3.48
C GLY A 126 4.52 3.39 2.64
N GLU A 127 4.25 2.12 2.57
CA GLU A 127 3.21 1.61 1.74
C GLU A 127 2.22 0.74 2.47
N LYS A 128 0.96 0.96 2.19
CA LYS A 128 -0.10 0.18 2.74
C LYS A 128 -1.20 0.13 1.71
N CYS A 129 -2.08 -0.82 1.86
CA CYS A 129 -3.24 -0.92 1.02
C CYS A 129 -4.27 -1.68 1.78
N SER A 130 -5.47 -1.20 1.78
CA SER A 130 -6.55 -1.85 2.43
C SER A 130 -7.48 -2.49 1.41
N THR A 131 -7.71 -3.75 1.60
CA THR A 131 -8.58 -4.48 0.77
C THR A 131 -9.80 -4.87 1.58
N GLU A 132 -10.94 -4.93 0.98
CA GLU A 132 -12.08 -5.39 1.69
C GLU A 132 -12.53 -6.72 1.18
N LEU A 133 -12.41 -7.68 2.03
CA LEU A 133 -12.81 -9.01 1.76
C LEU A 133 -14.25 -9.17 2.21
N PHE A 134 -15.09 -9.54 1.29
CA PHE A 134 -16.49 -9.72 1.55
C PHE A 134 -16.79 -11.21 1.60
N VAL A 135 -17.25 -11.66 2.73
CA VAL A 135 -17.64 -13.04 2.89
C VAL A 135 -19.10 -13.18 2.52
N LYS A 136 -19.37 -13.98 1.54
CA LYS A 136 -20.69 -14.22 1.07
C LYS A 136 -21.02 -15.68 1.39
N GLU A 137 -22.04 -15.90 2.18
CA GLU A 137 -22.46 -17.24 2.52
C GLU A 137 -23.19 -17.85 1.34
N GLY A 1 38.62 28.88 18.63
CA GLY A 1 39.43 27.67 18.52
C GLY A 1 38.91 26.79 17.42
N PRO A 2 39.75 25.97 16.76
CA PRO A 2 39.33 25.17 15.64
C PRO A 2 38.49 23.95 16.04
N GLY A 3 37.81 23.38 15.09
CA GLY A 3 37.02 22.21 15.32
C GLY A 3 36.53 21.64 14.03
N SER A 4 36.51 20.34 13.94
CA SER A 4 36.00 19.64 12.76
C SER A 4 35.35 18.30 13.16
N GLU A 5 35.78 17.76 14.28
CA GLU A 5 35.23 16.54 14.83
C GLU A 5 34.40 16.82 16.03
N ASP A 6 33.81 15.76 16.59
CA ASP A 6 32.97 15.80 17.81
C ASP A 6 31.60 16.34 17.54
N VAL A 7 31.51 17.17 16.50
CA VAL A 7 30.29 17.82 16.04
C VAL A 7 29.14 16.83 15.91
N TRP A 8 29.44 15.63 15.48
CA TRP A 8 28.47 14.59 15.22
C TRP A 8 27.65 14.31 16.48
N GLU A 9 28.32 14.14 17.60
CA GLU A 9 27.64 13.89 18.85
C GLU A 9 27.21 15.20 19.54
N ILE A 10 28.02 16.23 19.41
CA ILE A 10 27.73 17.53 20.03
C ILE A 10 26.46 18.14 19.45
N LEU A 11 26.39 18.17 18.13
CA LEU A 11 25.26 18.73 17.41
C LEU A 11 24.04 17.85 17.62
N ARG A 12 24.26 16.54 17.73
CA ARG A 12 23.20 15.57 17.97
C ARG A 12 22.45 15.90 19.27
N GLN A 13 23.20 16.29 20.27
CA GLN A 13 22.65 16.58 21.59
C GLN A 13 22.29 18.04 21.74
N ALA A 14 22.60 18.81 20.74
CA ALA A 14 22.37 20.24 20.78
C ALA A 14 20.97 20.58 20.27
N PRO A 15 20.39 21.71 20.71
CA PRO A 15 19.05 22.14 20.29
C PRO A 15 18.96 22.39 18.76
N PRO A 16 17.80 22.06 18.17
CA PRO A 16 17.57 22.11 16.72
C PRO A 16 17.85 23.45 16.04
N SER A 17 17.60 24.54 16.72
CA SER A 17 17.79 25.85 16.12
C SER A 17 19.26 26.27 16.08
N GLU A 18 20.11 25.47 16.69
CA GLU A 18 21.53 25.76 16.72
C GLU A 18 22.26 24.94 15.67
N TYR A 19 21.58 23.94 15.11
CA TYR A 19 22.17 22.98 14.15
C TYR A 19 22.97 23.63 13.04
N GLU A 20 22.43 24.64 12.40
CA GLU A 20 23.07 25.23 11.25
C GLU A 20 24.35 25.96 11.64
N ARG A 21 24.36 26.57 12.80
CA ARG A 21 25.52 27.25 13.30
C ARG A 21 26.59 26.26 13.71
N ILE A 22 26.17 25.22 14.39
CA ILE A 22 27.08 24.20 14.88
C ILE A 22 27.77 23.47 13.70
N ALA A 23 26.99 23.22 12.65
CA ALA A 23 27.52 22.59 11.44
C ALA A 23 28.64 23.43 10.86
N PHE A 24 28.38 24.71 10.63
CA PHE A 24 29.40 25.60 10.07
C PHE A 24 30.53 25.88 11.05
N GLN A 25 30.24 25.76 12.34
CA GLN A 25 31.22 25.95 13.38
C GLN A 25 32.33 24.91 13.26
N TYR A 26 31.94 23.71 12.92
CA TYR A 26 32.90 22.63 12.76
C TYR A 26 33.31 22.45 11.31
N GLY A 27 32.69 23.20 10.44
CA GLY A 27 33.02 23.16 9.04
C GLY A 27 32.34 22.02 8.33
N VAL A 28 31.21 21.63 8.83
CA VAL A 28 30.44 20.57 8.25
C VAL A 28 29.37 21.20 7.43
N THR A 29 29.41 20.98 6.18
CA THR A 29 28.40 21.50 5.34
C THR A 29 27.32 20.46 5.12
N ASP A 30 27.55 19.26 5.62
CA ASP A 30 26.61 18.15 5.51
C ASP A 30 25.51 18.23 6.55
N LEU A 31 24.99 19.40 6.70
CA LEU A 31 23.94 19.66 7.64
C LEU A 31 22.62 19.15 7.12
N ARG A 32 22.15 19.73 6.03
CA ARG A 32 20.84 19.42 5.49
C ARG A 32 20.77 18.00 4.98
N GLY A 33 21.88 17.49 4.50
CA GLY A 33 21.93 16.15 4.00
C GLY A 33 21.82 15.12 5.11
N MET A 34 22.48 15.39 6.24
CA MET A 34 22.43 14.50 7.37
C MET A 34 21.04 14.57 8.00
N LEU A 35 20.59 15.78 8.22
CA LEU A 35 19.30 16.03 8.84
C LEU A 35 18.15 15.58 7.97
N LYS A 36 18.32 15.64 6.65
CA LYS A 36 17.32 15.17 5.68
C LYS A 36 16.92 13.76 6.02
N ARG A 37 17.93 12.98 6.30
CA ARG A 37 17.78 11.57 6.60
C ARG A 37 17.16 11.34 7.97
N LEU A 38 17.50 12.16 8.94
CA LEU A 38 16.98 12.00 10.31
C LEU A 38 15.60 12.60 10.49
N LYS A 39 15.30 13.58 9.70
CA LYS A 39 14.03 14.24 9.73
C LYS A 39 13.05 13.50 8.83
N GLY A 40 13.44 13.31 7.59
CA GLY A 40 12.59 12.68 6.62
C GLY A 40 12.92 11.22 6.49
N MET A 41 12.69 10.51 7.54
CA MET A 41 12.95 9.07 7.59
C MET A 41 11.66 8.31 7.74
N ARG A 42 10.53 9.01 7.65
CA ARG A 42 9.27 8.38 7.92
C ARG A 42 8.08 9.13 7.32
N ARG A 43 8.12 10.45 7.36
CA ARG A 43 6.97 11.22 6.90
C ARG A 43 6.83 11.38 5.41
N ASP A 44 6.21 10.38 4.82
CA ASP A 44 5.74 10.38 3.44
C ASP A 44 5.10 9.05 3.18
N GLU A 45 3.88 9.05 2.73
CA GLU A 45 3.15 7.80 2.49
C GLU A 45 3.29 7.35 1.05
N LYS A 46 4.28 7.93 0.39
CA LYS A 46 4.69 7.62 -0.93
C LYS A 46 3.59 7.53 -1.97
N LYS A 47 3.21 6.33 -2.38
CA LYS A 47 2.23 6.14 -3.45
C LYS A 47 1.93 4.66 -3.67
N SER A 48 2.82 4.00 -4.37
CA SER A 48 2.82 2.60 -4.72
C SER A 48 4.09 2.36 -5.51
N THR A 49 5.17 2.31 -4.81
CA THR A 49 6.46 2.12 -5.40
C THR A 49 7.19 0.98 -4.69
N ALA A 50 6.93 0.81 -3.38
CA ALA A 50 7.46 -0.34 -2.68
C ALA A 50 6.48 -1.46 -2.85
N PHE A 51 5.25 -1.07 -3.03
CA PHE A 51 4.22 -1.97 -3.40
C PHE A 51 4.20 -2.08 -4.91
N GLN A 52 4.52 -3.25 -5.37
CA GLN A 52 4.59 -3.53 -6.79
C GLN A 52 3.23 -3.99 -7.27
N LYS A 53 2.39 -4.38 -6.34
CA LYS A 53 1.05 -4.77 -6.63
C LYS A 53 0.33 -4.77 -5.33
N LYS A 54 -0.69 -3.99 -5.22
CA LYS A 54 -1.41 -3.90 -3.98
C LYS A 54 -2.62 -4.80 -4.02
N LEU A 55 -3.29 -4.91 -2.91
CA LEU A 55 -4.48 -5.71 -2.83
C LEU A 55 -5.60 -5.02 -3.58
N GLU A 56 -6.43 -5.81 -4.25
CA GLU A 56 -7.63 -5.30 -4.86
C GLU A 56 -8.48 -4.76 -3.74
N PRO A 57 -8.98 -3.51 -3.85
CA PRO A 57 -9.78 -2.85 -2.80
C PRO A 57 -10.85 -3.74 -2.14
N ALA A 58 -11.43 -4.65 -2.89
CA ALA A 58 -12.37 -5.59 -2.32
C ALA A 58 -12.29 -6.94 -3.02
N TYR A 59 -12.00 -7.97 -2.26
CA TYR A 59 -12.02 -9.35 -2.74
C TYR A 59 -13.31 -9.99 -2.28
N GLN A 60 -13.76 -11.01 -2.97
CA GLN A 60 -14.94 -11.70 -2.57
C GLN A 60 -14.66 -13.18 -2.49
N VAL A 61 -15.18 -13.80 -1.47
CA VAL A 61 -15.03 -15.21 -1.26
C VAL A 61 -16.37 -15.77 -0.77
N SER A 62 -16.61 -17.01 -1.05
CA SER A 62 -17.78 -17.67 -0.57
C SER A 62 -17.45 -18.21 0.83
N LYS A 63 -18.42 -18.24 1.71
CA LYS A 63 -18.19 -18.69 3.07
C LYS A 63 -17.76 -20.16 3.08
N GLY A 64 -16.64 -20.41 3.69
CA GLY A 64 -16.13 -21.74 3.81
C GLY A 64 -15.08 -22.03 2.79
N HIS A 65 -14.85 -21.08 1.93
CA HIS A 65 -13.84 -21.22 0.88
C HIS A 65 -12.51 -20.62 1.28
N LYS A 66 -11.50 -20.89 0.49
CA LYS A 66 -10.17 -20.39 0.74
C LYS A 66 -9.83 -19.32 -0.29
N ILE A 67 -9.42 -18.16 0.16
CA ILE A 67 -9.06 -17.09 -0.76
C ILE A 67 -7.68 -16.57 -0.39
N ARG A 68 -7.01 -15.94 -1.32
CA ARG A 68 -5.67 -15.46 -1.07
C ARG A 68 -5.57 -14.00 -1.38
N LEU A 69 -4.82 -13.35 -0.58
CA LEU A 69 -4.53 -11.97 -0.76
C LEU A 69 -3.13 -11.86 -1.28
N THR A 70 -3.00 -11.54 -2.52
CA THR A 70 -1.73 -11.51 -3.18
C THR A 70 -1.24 -10.06 -3.38
N VAL A 71 -0.04 -9.79 -2.91
CA VAL A 71 0.63 -8.50 -3.08
C VAL A 71 2.01 -8.73 -3.66
N GLU A 72 2.55 -7.74 -4.29
CA GLU A 72 3.90 -7.80 -4.76
C GLU A 72 4.68 -6.73 -4.13
N LEU A 73 5.83 -7.06 -3.71
CA LEU A 73 6.70 -6.13 -3.11
C LEU A 73 7.82 -5.83 -4.05
N ALA A 74 8.24 -4.59 -4.10
CA ALA A 74 9.30 -4.19 -4.98
C ALA A 74 10.62 -4.81 -4.56
N ASP A 75 10.75 -5.02 -3.27
CA ASP A 75 11.93 -5.64 -2.73
C ASP A 75 11.52 -6.94 -2.06
N HIS A 76 12.30 -7.96 -2.25
CA HIS A 76 12.01 -9.30 -1.74
C HIS A 76 11.98 -9.35 -0.21
N ASP A 77 12.80 -8.55 0.42
CA ASP A 77 12.94 -8.59 1.87
C ASP A 77 12.34 -7.39 2.54
N ALA A 78 11.39 -6.81 1.89
CA ALA A 78 10.67 -5.71 2.43
C ALA A 78 9.50 -6.34 3.12
N GLU A 79 9.54 -6.36 4.39
CA GLU A 79 8.56 -7.09 5.11
C GLU A 79 7.25 -6.34 5.21
N VAL A 80 6.19 -7.11 5.15
CA VAL A 80 4.85 -6.60 5.23
C VAL A 80 4.26 -6.92 6.59
N LYS A 81 3.42 -6.06 7.04
CA LYS A 81 2.73 -6.21 8.28
C LYS A 81 1.30 -6.43 7.94
N TRP A 82 0.76 -7.43 8.50
CA TRP A 82 -0.54 -7.86 8.18
C TRP A 82 -1.49 -7.38 9.24
N LEU A 83 -2.49 -6.62 8.86
CA LEU A 83 -3.48 -6.13 9.79
C LEU A 83 -4.85 -6.42 9.32
N LYS A 84 -5.64 -7.08 10.12
CA LYS A 84 -7.02 -7.20 9.78
C LYS A 84 -7.79 -6.26 10.61
N ASN A 85 -8.62 -5.44 9.97
CA ASN A 85 -9.47 -4.43 10.61
C ASN A 85 -8.76 -3.55 11.64
N GLY A 86 -7.45 -3.46 11.51
CA GLY A 86 -6.66 -2.61 12.37
C GLY A 86 -6.04 -3.37 13.52
N GLN A 87 -6.16 -4.66 13.48
CA GLN A 87 -5.63 -5.50 14.53
C GLN A 87 -4.21 -5.96 14.16
N GLU A 88 -4.14 -7.10 13.53
CA GLU A 88 -2.94 -7.75 13.07
C GLU A 88 -3.43 -9.08 12.60
N ILE A 89 -2.93 -9.53 11.51
CA ILE A 89 -3.28 -10.84 11.06
C ILE A 89 -2.24 -11.79 11.61
N GLN A 90 -2.60 -12.48 12.63
CA GLN A 90 -1.71 -13.41 13.21
C GLN A 90 -2.02 -14.79 12.72
N MET A 91 -1.01 -15.45 12.20
CA MET A 91 -1.15 -16.76 11.64
C MET A 91 -1.55 -17.79 12.67
N SER A 92 -2.83 -18.02 12.75
CA SER A 92 -3.39 -18.96 13.64
C SER A 92 -3.32 -20.34 13.01
N GLY A 93 -2.26 -21.05 13.34
CA GLY A 93 -2.06 -22.37 12.83
C GLY A 93 -1.88 -22.41 11.34
N SER A 94 -2.65 -23.24 10.71
CA SER A 94 -2.57 -23.42 9.29
C SER A 94 -3.64 -22.60 8.55
N LYS A 95 -4.37 -21.78 9.30
CA LYS A 95 -5.46 -21.00 8.72
C LYS A 95 -4.92 -19.86 7.86
N TYR A 96 -3.78 -19.32 8.23
CA TYR A 96 -3.18 -18.23 7.50
C TYR A 96 -1.82 -18.64 7.07
N ILE A 97 -1.62 -18.80 5.82
CA ILE A 97 -0.33 -19.15 5.33
C ILE A 97 0.28 -17.96 4.61
N PHE A 98 1.37 -17.46 5.14
CA PHE A 98 2.09 -16.39 4.50
C PHE A 98 3.06 -17.00 3.54
N GLU A 99 2.75 -16.88 2.30
CA GLU A 99 3.58 -17.42 1.27
C GLU A 99 4.30 -16.33 0.55
N SER A 100 5.57 -16.24 0.77
CA SER A 100 6.35 -15.29 0.08
C SER A 100 6.86 -15.97 -1.18
N ILE A 101 6.29 -15.62 -2.28
CA ILE A 101 6.65 -16.25 -3.53
C ILE A 101 7.52 -15.30 -4.30
N GLY A 102 8.81 -15.36 -4.05
CA GLY A 102 9.73 -14.43 -4.64
C GLY A 102 9.54 -13.06 -4.04
N ALA A 103 8.81 -12.24 -4.75
CA ALA A 103 8.48 -10.92 -4.28
C ALA A 103 6.96 -10.79 -4.20
N LYS A 104 6.27 -11.81 -4.64
CA LYS A 104 4.85 -11.83 -4.62
C LYS A 104 4.41 -12.53 -3.36
N ARG A 105 4.06 -11.78 -2.37
CA ARG A 105 3.67 -12.37 -1.14
C ARG A 105 2.19 -12.59 -1.11
N THR A 106 1.80 -13.74 -0.72
CA THR A 106 0.45 -14.12 -0.72
C THR A 106 0.02 -14.61 0.65
N LEU A 107 -1.05 -14.08 1.12
CA LEU A 107 -1.65 -14.53 2.33
C LEU A 107 -2.81 -15.41 1.98
N THR A 108 -2.67 -16.66 2.25
CA THR A 108 -3.68 -17.61 2.00
C THR A 108 -4.54 -17.81 3.26
N ILE A 109 -5.77 -17.32 3.23
CA ILE A 109 -6.67 -17.49 4.34
C ILE A 109 -7.56 -18.67 4.06
N SER A 110 -7.46 -19.66 4.87
CA SER A 110 -8.21 -20.85 4.68
C SER A 110 -9.54 -20.77 5.40
N GLN A 111 -10.57 -21.21 4.70
CA GLN A 111 -11.96 -21.34 5.18
C GLN A 111 -12.47 -20.03 5.72
N CYS A 112 -12.67 -19.08 4.84
CA CYS A 112 -13.15 -17.79 5.22
C CYS A 112 -14.59 -17.90 5.67
N SER A 113 -14.80 -17.66 6.92
CA SER A 113 -16.09 -17.72 7.50
C SER A 113 -16.59 -16.29 7.70
N LEU A 114 -17.69 -16.10 8.40
CA LEU A 114 -18.25 -14.78 8.59
C LEU A 114 -17.38 -13.97 9.53
N ALA A 115 -16.63 -14.65 10.37
CA ALA A 115 -15.69 -14.01 11.25
C ALA A 115 -14.46 -13.56 10.49
N ASP A 116 -14.31 -14.09 9.27
CA ASP A 116 -13.17 -13.76 8.43
C ASP A 116 -13.56 -12.69 7.44
N ASP A 117 -14.75 -12.15 7.62
CA ASP A 117 -15.21 -11.05 6.81
C ASP A 117 -14.66 -9.78 7.43
N ALA A 118 -13.61 -9.26 6.86
CA ALA A 118 -12.92 -8.13 7.44
C ALA A 118 -12.12 -7.38 6.41
N ALA A 119 -11.61 -6.25 6.83
CA ALA A 119 -10.74 -5.44 6.02
C ALA A 119 -9.31 -5.89 6.28
N TYR A 120 -8.63 -6.37 5.29
CA TYR A 120 -7.28 -6.84 5.47
C TYR A 120 -6.30 -5.88 4.85
N GLN A 121 -5.29 -5.55 5.59
CA GLN A 121 -4.30 -4.56 5.19
C GLN A 121 -2.92 -5.16 5.22
N CYS A 122 -2.11 -4.71 4.33
CA CYS A 122 -0.71 -5.04 4.27
C CYS A 122 0.04 -3.74 4.32
N VAL A 123 0.76 -3.54 5.40
CA VAL A 123 1.46 -2.30 5.64
C VAL A 123 2.97 -2.51 5.53
N VAL A 124 3.59 -1.61 4.83
CA VAL A 124 5.03 -1.50 4.69
C VAL A 124 5.31 -0.05 5.11
N GLY A 125 6.54 0.30 5.45
CA GLY A 125 6.79 1.69 5.81
C GLY A 125 6.40 2.65 4.70
N GLY A 126 5.37 3.43 4.97
CA GLY A 126 4.87 4.43 4.04
C GLY A 126 3.87 3.87 3.04
N GLU A 127 4.10 2.65 2.64
CA GLU A 127 3.34 2.00 1.62
C GLU A 127 2.31 1.07 2.22
N LYS A 128 1.07 1.24 1.85
CA LYS A 128 -0.01 0.48 2.43
C LYS A 128 -1.05 0.10 1.40
N CYS A 129 -1.88 -0.86 1.75
CA CYS A 129 -3.00 -1.28 0.92
C CYS A 129 -3.98 -2.01 1.80
N SER A 130 -5.24 -1.94 1.46
CA SER A 130 -6.27 -2.60 2.23
C SER A 130 -7.25 -3.28 1.28
N THR A 131 -7.79 -4.39 1.67
CA THR A 131 -8.82 -4.98 0.93
C THR A 131 -10.00 -5.31 1.85
N GLU A 132 -11.17 -4.96 1.44
CA GLU A 132 -12.32 -5.34 2.18
C GLU A 132 -12.80 -6.67 1.64
N LEU A 133 -12.64 -7.71 2.44
CA LEU A 133 -13.02 -9.04 2.02
C LEU A 133 -14.49 -9.25 2.26
N PHE A 134 -15.21 -9.51 1.21
CA PHE A 134 -16.62 -9.76 1.28
C PHE A 134 -16.83 -11.27 1.33
N VAL A 135 -17.22 -11.77 2.47
CA VAL A 135 -17.49 -13.18 2.62
C VAL A 135 -18.96 -13.41 2.42
N LYS A 136 -19.30 -14.02 1.31
CA LYS A 136 -20.68 -14.22 0.99
C LYS A 136 -21.12 -15.62 1.31
N GLU A 137 -22.05 -15.71 2.19
CA GLU A 137 -22.65 -16.97 2.52
C GLU A 137 -23.99 -17.01 1.81
N GLY A 1 -6.19 14.39 7.17
CA GLY A 1 -5.12 14.60 6.19
C GLY A 1 -3.76 14.51 6.85
N PRO A 2 -3.17 15.63 7.30
CA PRO A 2 -1.89 15.65 8.02
C PRO A 2 -1.98 14.98 9.40
N GLY A 3 -0.91 15.02 10.16
CA GLY A 3 -0.87 14.33 11.41
C GLY A 3 -0.50 15.23 12.56
N SER A 4 -1.42 16.12 12.90
CA SER A 4 -1.32 17.04 14.05
C SER A 4 -0.38 18.25 13.81
N GLU A 5 0.39 18.19 12.75
CA GLU A 5 1.24 19.31 12.40
C GLU A 5 0.55 20.17 11.37
N ASP A 6 0.02 19.54 10.32
CA ASP A 6 -0.83 20.20 9.30
C ASP A 6 -0.11 21.22 8.48
N VAL A 7 1.19 21.24 8.58
CA VAL A 7 2.04 22.21 7.90
C VAL A 7 1.81 22.22 6.37
N TRP A 8 1.50 21.07 5.84
CA TRP A 8 1.30 20.83 4.41
C TRP A 8 0.17 21.71 3.87
N GLU A 9 -0.94 21.75 4.61
CA GLU A 9 -2.07 22.56 4.22
C GLU A 9 -1.91 23.99 4.72
N ILE A 10 -1.27 24.14 5.86
CA ILE A 10 -1.01 25.46 6.44
C ILE A 10 -0.13 26.29 5.53
N LEU A 11 0.93 25.66 5.03
CA LEU A 11 1.84 26.30 4.10
C LEU A 11 1.10 26.68 2.81
N ARG A 12 0.27 25.76 2.33
CA ARG A 12 -0.52 25.97 1.10
C ARG A 12 -1.39 27.23 1.20
N GLN A 13 -1.99 27.43 2.35
CA GLN A 13 -2.91 28.55 2.59
C GLN A 13 -2.15 29.83 2.91
N ALA A 14 -0.88 29.70 3.13
CA ALA A 14 -0.05 30.83 3.45
C ALA A 14 0.71 31.27 2.22
N PRO A 15 0.97 32.58 2.07
CA PRO A 15 1.76 33.08 0.98
C PRO A 15 3.19 32.52 1.07
N PRO A 16 3.78 32.12 -0.08
CA PRO A 16 5.11 31.50 -0.14
C PRO A 16 6.20 32.23 0.64
N SER A 17 6.08 33.54 0.79
CA SER A 17 7.06 34.36 1.47
C SER A 17 7.18 34.01 2.96
N GLU A 18 6.12 33.47 3.50
CA GLU A 18 6.06 33.19 4.89
C GLU A 18 6.67 31.80 5.18
N TYR A 19 6.85 31.00 4.12
CA TYR A 19 7.36 29.61 4.23
C TYR A 19 8.59 29.47 5.07
N GLU A 20 9.55 30.36 4.88
CA GLU A 20 10.85 30.30 5.56
C GLU A 20 10.67 30.30 7.08
N ARG A 21 9.64 30.96 7.53
CA ARG A 21 9.32 31.02 8.93
C ARG A 21 8.47 29.81 9.34
N ILE A 22 7.39 29.59 8.60
CA ILE A 22 6.39 28.56 8.91
C ILE A 22 7.02 27.14 8.92
N ALA A 23 7.80 26.85 7.91
CA ALA A 23 8.42 25.54 7.70
C ALA A 23 9.17 25.07 8.94
N PHE A 24 10.03 25.92 9.43
CA PHE A 24 10.86 25.64 10.57
C PHE A 24 10.09 25.46 11.87
N GLN A 25 8.88 25.99 11.93
CA GLN A 25 8.07 25.86 13.13
C GLN A 25 7.58 24.43 13.25
N TYR A 26 7.32 23.85 12.11
CA TYR A 26 6.75 22.52 12.05
C TYR A 26 7.81 21.45 11.82
N GLY A 27 9.01 21.86 11.46
CA GLY A 27 10.07 20.89 11.29
C GLY A 27 10.32 20.56 9.85
N VAL A 28 9.85 21.41 8.97
CA VAL A 28 10.06 21.21 7.56
C VAL A 28 11.30 21.97 7.19
N THR A 29 12.40 21.33 7.40
CA THR A 29 13.69 21.88 7.15
C THR A 29 13.87 22.18 5.66
N ASP A 30 13.41 21.26 4.82
CA ASP A 30 13.52 21.43 3.40
C ASP A 30 12.22 21.90 2.81
N LEU A 31 11.97 23.16 3.01
CA LEU A 31 10.82 23.80 2.43
C LEU A 31 11.05 24.04 0.95
N ARG A 32 12.29 23.97 0.53
CA ARG A 32 12.67 24.19 -0.86
C ARG A 32 12.13 23.02 -1.66
N GLY A 33 12.28 21.84 -1.09
CA GLY A 33 11.72 20.64 -1.66
C GLY A 33 10.21 20.67 -1.60
N MET A 34 9.69 21.25 -0.53
CA MET A 34 8.25 21.43 -0.37
C MET A 34 7.72 22.31 -1.52
N LEU A 35 8.44 23.38 -1.85
CA LEU A 35 8.09 24.26 -2.98
C LEU A 35 8.07 23.46 -4.28
N LYS A 36 9.09 22.62 -4.43
CA LYS A 36 9.26 21.73 -5.58
C LYS A 36 8.01 20.84 -5.73
N ARG A 37 7.62 20.24 -4.62
CA ARG A 37 6.49 19.32 -4.58
C ARG A 37 5.15 20.04 -4.66
N LEU A 38 5.13 21.32 -4.34
CA LEU A 38 3.91 22.12 -4.37
C LEU A 38 3.69 22.57 -5.80
N LYS A 39 4.77 22.90 -6.46
CA LYS A 39 4.70 23.42 -7.79
C LYS A 39 4.48 22.30 -8.77
N GLY A 40 5.25 21.30 -8.62
CA GLY A 40 5.05 20.13 -9.35
C GLY A 40 4.47 19.20 -8.40
N MET A 41 3.16 19.32 -8.26
CA MET A 41 2.36 18.63 -7.26
C MET A 41 2.65 17.18 -7.16
N ARG A 42 3.54 16.91 -6.28
CA ARG A 42 3.99 15.56 -6.01
C ARG A 42 3.82 15.15 -4.57
N ARG A 43 2.61 14.82 -4.25
CA ARG A 43 2.26 14.25 -2.95
C ARG A 43 1.53 12.96 -3.24
N ASP A 44 0.85 12.41 -2.21
CA ASP A 44 -0.03 11.22 -2.32
C ASP A 44 0.59 10.06 -3.08
N GLU A 45 1.90 9.90 -2.94
CA GLU A 45 2.62 8.86 -3.65
C GLU A 45 2.48 7.49 -2.97
N LYS A 46 1.43 7.38 -2.19
CA LYS A 46 1.04 6.14 -1.56
C LYS A 46 0.13 5.36 -2.51
N LYS A 47 0.29 5.68 -3.79
CA LYS A 47 -0.36 5.02 -4.88
C LYS A 47 0.30 3.67 -5.08
N SER A 48 1.65 3.69 -5.17
CA SER A 48 2.48 2.52 -5.36
C SER A 48 3.95 2.96 -5.50
N THR A 49 4.72 2.73 -4.48
CA THR A 49 6.13 3.06 -4.45
C THR A 49 6.92 1.94 -3.77
N ALA A 50 6.45 1.52 -2.62
CA ALA A 50 7.05 0.45 -1.85
C ALA A 50 6.42 -0.86 -2.28
N PHE A 51 5.18 -0.77 -2.65
CA PHE A 51 4.47 -1.88 -3.16
C PHE A 51 4.67 -1.98 -4.66
N GLN A 52 4.80 -3.20 -5.13
CA GLN A 52 4.95 -3.47 -6.54
C GLN A 52 3.59 -3.85 -7.10
N LYS A 53 2.72 -4.32 -6.24
CA LYS A 53 1.39 -4.68 -6.58
C LYS A 53 0.62 -4.67 -5.32
N LYS A 54 -0.52 -4.10 -5.35
CA LYS A 54 -1.30 -3.95 -4.18
C LYS A 54 -2.53 -4.80 -4.24
N LEU A 55 -3.21 -4.82 -3.14
CA LEU A 55 -4.43 -5.56 -3.00
C LEU A 55 -5.51 -4.92 -3.83
N GLU A 56 -6.31 -5.75 -4.42
CA GLU A 56 -7.46 -5.30 -5.19
C GLU A 56 -8.42 -4.62 -4.23
N PRO A 57 -9.11 -3.54 -4.67
CA PRO A 57 -10.04 -2.77 -3.82
C PRO A 57 -10.98 -3.66 -2.99
N ALA A 58 -11.44 -4.74 -3.60
CA ALA A 58 -12.31 -5.66 -2.93
C ALA A 58 -12.03 -7.09 -3.38
N TYR A 59 -12.43 -8.02 -2.57
CA TYR A 59 -12.38 -9.44 -2.86
C TYR A 59 -13.67 -10.04 -2.35
N GLN A 60 -14.08 -11.12 -2.91
CA GLN A 60 -15.27 -11.80 -2.46
C GLN A 60 -15.00 -13.29 -2.45
N VAL A 61 -15.43 -13.93 -1.40
CA VAL A 61 -15.22 -15.35 -1.26
C VAL A 61 -16.47 -15.97 -0.65
N SER A 62 -16.66 -17.23 -0.89
CA SER A 62 -17.73 -17.95 -0.28
C SER A 62 -17.21 -18.59 1.00
N LYS A 63 -18.08 -18.66 1.98
CA LYS A 63 -17.78 -19.24 3.27
C LYS A 63 -17.31 -20.69 3.12
N GLY A 64 -16.19 -21.00 3.73
CA GLY A 64 -15.66 -22.34 3.68
C GLY A 64 -14.70 -22.58 2.54
N HIS A 65 -14.32 -21.53 1.85
CA HIS A 65 -13.37 -21.65 0.75
C HIS A 65 -12.07 -20.96 1.11
N LYS A 66 -11.13 -20.99 0.19
CA LYS A 66 -9.86 -20.33 0.37
C LYS A 66 -9.91 -19.00 -0.34
N ILE A 67 -9.28 -18.02 0.22
CA ILE A 67 -9.19 -16.72 -0.38
C ILE A 67 -7.78 -16.23 -0.16
N ARG A 68 -7.20 -15.61 -1.15
CA ARG A 68 -5.84 -15.18 -1.02
C ARG A 68 -5.62 -13.79 -1.50
N LEU A 69 -5.10 -13.02 -0.60
CA LEU A 69 -4.80 -11.65 -0.84
C LEU A 69 -3.38 -11.60 -1.37
N THR A 70 -3.18 -10.93 -2.47
CA THR A 70 -1.89 -10.95 -3.12
C THR A 70 -1.28 -9.55 -3.25
N VAL A 71 -0.09 -9.39 -2.69
CA VAL A 71 0.68 -8.18 -2.82
C VAL A 71 2.08 -8.50 -3.26
N GLU A 72 2.72 -7.57 -3.86
CA GLU A 72 4.09 -7.70 -4.26
C GLU A 72 4.82 -6.53 -3.71
N LEU A 73 5.99 -6.74 -3.23
CA LEU A 73 6.78 -5.65 -2.74
C LEU A 73 7.80 -5.27 -3.78
N ALA A 74 8.31 -4.07 -3.70
CA ALA A 74 9.35 -3.61 -4.59
C ALA A 74 10.68 -4.25 -4.20
N ASP A 75 10.77 -4.62 -2.93
CA ASP A 75 11.95 -5.26 -2.40
C ASP A 75 11.62 -6.71 -2.12
N HIS A 76 12.52 -7.59 -2.47
CA HIS A 76 12.28 -9.03 -2.36
C HIS A 76 12.49 -9.51 -0.95
N ASP A 77 13.35 -8.84 -0.22
CA ASP A 77 13.73 -9.29 1.13
C ASP A 77 12.97 -8.52 2.20
N ALA A 78 11.90 -7.87 1.83
CA ALA A 78 11.14 -7.07 2.73
C ALA A 78 9.79 -7.70 2.83
N GLU A 79 9.17 -7.59 3.95
CA GLU A 79 7.90 -8.22 4.13
C GLU A 79 6.82 -7.19 4.35
N VAL A 80 5.61 -7.65 4.40
CA VAL A 80 4.47 -6.82 4.67
C VAL A 80 3.98 -7.08 6.07
N LYS A 81 3.17 -6.21 6.57
CA LYS A 81 2.55 -6.37 7.85
C LYS A 81 1.11 -6.62 7.55
N TRP A 82 0.48 -7.42 8.34
CA TRP A 82 -0.84 -7.87 8.05
C TRP A 82 -1.82 -7.36 9.07
N LEU A 83 -2.68 -6.48 8.68
CA LEU A 83 -3.71 -6.00 9.58
C LEU A 83 -5.06 -6.25 9.04
N LYS A 84 -5.96 -6.59 9.90
CA LYS A 84 -7.31 -6.70 9.54
C LYS A 84 -8.10 -5.76 10.41
N ASN A 85 -8.82 -4.86 9.76
CA ASN A 85 -9.63 -3.76 10.38
C ASN A 85 -8.82 -2.88 11.36
N GLY A 86 -7.50 -3.02 11.35
CA GLY A 86 -6.65 -2.25 12.25
C GLY A 86 -6.10 -3.10 13.37
N GLN A 87 -6.28 -4.38 13.23
CA GLN A 87 -5.76 -5.36 14.17
C GLN A 87 -4.80 -6.24 13.42
N GLU A 88 -3.55 -6.29 13.84
CA GLU A 88 -2.57 -7.11 13.17
C GLU A 88 -2.99 -8.57 13.24
N ILE A 89 -3.05 -9.20 12.08
CA ILE A 89 -3.48 -10.55 11.92
C ILE A 89 -2.49 -11.47 12.60
N GLN A 90 -3.02 -12.37 13.35
CA GLN A 90 -2.24 -13.36 14.01
C GLN A 90 -2.28 -14.62 13.18
N MET A 91 -1.12 -15.09 12.78
CA MET A 91 -1.03 -16.26 11.91
C MET A 91 -1.46 -17.54 12.61
N SER A 92 -2.71 -17.88 12.46
CA SER A 92 -3.22 -19.12 12.91
C SER A 92 -2.89 -20.15 11.83
N GLY A 93 -2.27 -21.26 12.26
CA GLY A 93 -1.66 -22.28 11.39
C GLY A 93 -2.34 -22.58 10.06
N SER A 94 -3.48 -23.20 10.10
CA SER A 94 -4.16 -23.59 8.88
C SER A 94 -5.31 -22.65 8.53
N LYS A 95 -5.27 -21.48 9.11
CA LYS A 95 -6.26 -20.48 8.82
C LYS A 95 -5.63 -19.42 7.93
N TYR A 96 -4.56 -18.81 8.40
CA TYR A 96 -3.90 -17.77 7.66
C TYR A 96 -2.56 -18.27 7.26
N ILE A 97 -2.40 -18.53 6.02
CA ILE A 97 -1.18 -19.04 5.54
C ILE A 97 -0.46 -17.98 4.74
N PHE A 98 0.67 -17.57 5.25
CA PHE A 98 1.51 -16.62 4.55
C PHE A 98 2.40 -17.38 3.61
N GLU A 99 2.11 -17.26 2.37
CA GLU A 99 2.86 -17.89 1.33
C GLU A 99 3.65 -16.83 0.61
N SER A 100 4.92 -16.89 0.75
CA SER A 100 5.77 -15.93 0.14
C SER A 100 6.44 -16.53 -1.09
N ILE A 101 6.27 -15.87 -2.22
CA ILE A 101 6.80 -16.32 -3.48
C ILE A 101 7.74 -15.23 -4.07
N GLY A 102 8.93 -15.14 -3.53
CA GLY A 102 9.94 -14.22 -4.02
C GLY A 102 9.67 -12.77 -3.64
N ALA A 103 8.89 -12.10 -4.45
CA ALA A 103 8.48 -10.72 -4.20
C ALA A 103 7.01 -10.69 -3.83
N LYS A 104 6.32 -11.75 -4.19
CA LYS A 104 4.91 -11.90 -4.01
C LYS A 104 4.59 -12.44 -2.62
N ARG A 105 3.88 -11.70 -1.83
CA ARG A 105 3.39 -12.18 -0.55
C ARG A 105 1.92 -12.48 -0.68
N THR A 106 1.59 -13.71 -0.48
CA THR A 106 0.22 -14.14 -0.60
C THR A 106 -0.29 -14.58 0.76
N LEU A 107 -1.37 -14.01 1.17
CA LEU A 107 -2.03 -14.43 2.36
C LEU A 107 -3.21 -15.27 1.97
N THR A 108 -3.06 -16.54 2.12
CA THR A 108 -4.10 -17.44 1.78
C THR A 108 -4.84 -17.87 3.03
N ILE A 109 -6.04 -17.43 3.13
CA ILE A 109 -6.91 -17.78 4.20
C ILE A 109 -7.62 -19.04 3.78
N SER A 110 -7.47 -20.08 4.53
CA SER A 110 -8.09 -21.31 4.19
C SER A 110 -9.26 -21.57 5.10
N GLN A 111 -10.40 -21.87 4.48
CA GLN A 111 -11.67 -22.02 5.15
C GLN A 111 -12.04 -20.69 5.78
N CYS A 112 -12.30 -19.73 4.93
CA CYS A 112 -12.66 -18.41 5.39
C CYS A 112 -14.07 -18.45 5.92
N SER A 113 -14.23 -18.05 7.14
CA SER A 113 -15.50 -18.08 7.75
C SER A 113 -16.04 -16.66 7.83
N LEU A 114 -17.19 -16.51 8.44
CA LEU A 114 -17.79 -15.20 8.60
C LEU A 114 -17.05 -14.43 9.67
N ALA A 115 -16.42 -15.17 10.58
CA ALA A 115 -15.64 -14.59 11.64
C ALA A 115 -14.30 -14.06 11.13
N ASP A 116 -13.94 -14.43 9.91
CA ASP A 116 -12.67 -13.99 9.32
C ASP A 116 -12.86 -12.73 8.52
N ASP A 117 -14.12 -12.50 8.12
CA ASP A 117 -14.52 -11.32 7.31
C ASP A 117 -13.99 -10.03 7.93
N ALA A 118 -13.17 -9.32 7.18
CA ALA A 118 -12.59 -8.09 7.63
C ALA A 118 -11.91 -7.41 6.47
N ALA A 119 -11.60 -6.15 6.65
CA ALA A 119 -10.82 -5.41 5.69
C ALA A 119 -9.36 -5.67 6.00
N TYR A 120 -8.62 -6.14 5.05
CA TYR A 120 -7.24 -6.52 5.27
C TYR A 120 -6.34 -5.50 4.65
N GLN A 121 -5.27 -5.20 5.29
CA GLN A 121 -4.33 -4.27 4.78
C GLN A 121 -2.92 -4.70 5.05
N CYS A 122 -2.10 -4.49 4.08
CA CYS A 122 -0.72 -4.80 4.15
C CYS A 122 0.05 -3.51 4.32
N VAL A 123 0.90 -3.46 5.30
CA VAL A 123 1.67 -2.27 5.59
C VAL A 123 3.16 -2.54 5.37
N VAL A 124 3.82 -1.63 4.70
CA VAL A 124 5.25 -1.68 4.41
C VAL A 124 5.78 -0.31 4.79
N GLY A 125 7.07 -0.16 5.00
CA GLY A 125 7.59 1.15 5.27
C GLY A 125 7.37 2.07 4.08
N GLY A 126 6.54 3.06 4.27
CA GLY A 126 6.26 4.02 3.24
C GLY A 126 4.86 3.89 2.65
N GLU A 127 4.33 2.65 2.55
CA GLU A 127 2.99 2.47 2.02
C GLU A 127 2.16 1.44 2.75
N LYS A 128 0.92 1.39 2.36
CA LYS A 128 -0.04 0.43 2.81
C LYS A 128 -1.01 0.21 1.68
N CYS A 129 -1.81 -0.82 1.77
CA CYS A 129 -2.89 -1.04 0.85
C CYS A 129 -3.94 -1.86 1.55
N SER A 130 -5.19 -1.47 1.43
CA SER A 130 -6.25 -2.15 2.14
C SER A 130 -7.23 -2.75 1.14
N THR A 131 -7.74 -3.91 1.45
CA THR A 131 -8.71 -4.54 0.65
C THR A 131 -9.94 -4.88 1.49
N GLU A 132 -11.09 -4.91 0.88
CA GLU A 132 -12.28 -5.25 1.58
C GLU A 132 -12.77 -6.62 1.10
N LEU A 133 -12.68 -7.60 1.96
CA LEU A 133 -13.15 -8.92 1.62
C LEU A 133 -14.59 -9.06 2.03
N PHE A 134 -15.39 -9.51 1.11
CA PHE A 134 -16.77 -9.77 1.38
C PHE A 134 -16.95 -11.28 1.44
N VAL A 135 -17.16 -11.81 2.61
CA VAL A 135 -17.39 -13.22 2.76
C VAL A 135 -18.87 -13.47 2.66
N LYS A 136 -19.27 -14.26 1.70
CA LYS A 136 -20.66 -14.57 1.53
C LYS A 136 -20.94 -15.92 2.14
N GLU A 137 -21.92 -15.95 3.02
CA GLU A 137 -22.34 -17.15 3.72
C GLU A 137 -22.78 -18.20 2.71
N GLY A 1 7.72 15.28 -26.13
CA GLY A 1 7.19 15.61 -27.45
C GLY A 1 8.19 16.44 -28.21
N PRO A 2 7.99 16.69 -29.51
CA PRO A 2 8.90 17.50 -30.33
C PRO A 2 8.97 18.94 -29.84
N GLY A 3 7.82 19.52 -29.57
CA GLY A 3 7.78 20.86 -29.05
C GLY A 3 7.60 20.84 -27.56
N SER A 4 6.62 20.10 -27.14
CA SER A 4 6.32 19.99 -25.75
C SER A 4 7.24 19.03 -25.02
N GLU A 5 8.26 19.58 -24.42
CA GLU A 5 9.16 18.81 -23.59
C GLU A 5 9.15 19.38 -22.18
N ASP A 6 8.27 20.34 -21.97
CA ASP A 6 8.11 21.08 -20.69
C ASP A 6 7.19 20.34 -19.75
N VAL A 7 7.21 19.04 -19.87
CA VAL A 7 6.44 18.15 -19.04
C VAL A 7 6.93 18.22 -17.59
N TRP A 8 8.23 18.51 -17.41
CA TRP A 8 8.86 18.59 -16.10
C TRP A 8 8.12 19.52 -15.16
N GLU A 9 7.92 20.73 -15.63
CA GLU A 9 7.29 21.76 -14.85
C GLU A 9 5.77 21.56 -14.81
N ILE A 10 5.21 21.14 -15.93
CA ILE A 10 3.79 20.92 -16.05
C ILE A 10 3.31 19.80 -15.12
N LEU A 11 3.98 18.67 -15.17
CA LEU A 11 3.61 17.51 -14.40
C LEU A 11 3.93 17.75 -12.91
N ARG A 12 4.94 18.57 -12.65
CA ARG A 12 5.32 18.93 -11.28
C ARG A 12 4.19 19.71 -10.58
N GLN A 13 3.60 20.65 -11.31
CA GLN A 13 2.59 21.52 -10.73
C GLN A 13 1.18 20.96 -10.92
N ALA A 14 1.09 19.83 -11.54
CA ALA A 14 -0.20 19.20 -11.76
C ALA A 14 -0.55 18.24 -10.62
N PRO A 15 -1.85 18.02 -10.35
CA PRO A 15 -2.30 17.08 -9.30
C PRO A 15 -1.76 15.65 -9.52
N PRO A 16 -1.52 14.91 -8.43
CA PRO A 16 -0.88 13.57 -8.48
C PRO A 16 -1.66 12.53 -9.28
N SER A 17 -2.93 12.76 -9.45
CA SER A 17 -3.79 11.82 -10.13
C SER A 17 -3.76 12.04 -11.65
N GLU A 18 -3.07 13.05 -12.09
CA GLU A 18 -2.97 13.34 -13.50
C GLU A 18 -1.67 12.82 -14.07
N TYR A 19 -0.73 12.48 -13.18
CA TYR A 19 0.66 12.09 -13.54
C TYR A 19 0.78 11.11 -14.71
N GLU A 20 0.10 9.98 -14.64
CA GLU A 20 0.22 8.96 -15.68
C GLU A 20 -0.35 9.46 -17.02
N ARG A 21 -1.43 10.19 -16.94
CA ARG A 21 -2.06 10.76 -18.12
C ARG A 21 -1.14 11.81 -18.74
N ILE A 22 -0.54 12.63 -17.91
CA ILE A 22 0.38 13.68 -18.35
C ILE A 22 1.63 13.08 -18.98
N ALA A 23 2.18 12.06 -18.34
CA ALA A 23 3.41 11.42 -18.77
C ALA A 23 3.31 10.93 -20.21
N PHE A 24 2.35 10.08 -20.47
CA PHE A 24 2.17 9.50 -21.79
C PHE A 24 1.75 10.53 -22.83
N GLN A 25 1.14 11.61 -22.35
CA GLN A 25 0.69 12.71 -23.18
C GLN A 25 1.90 13.45 -23.78
N TYR A 26 2.90 13.66 -22.96
CA TYR A 26 4.09 14.35 -23.38
C TYR A 26 5.12 13.41 -23.96
N GLY A 27 4.96 12.13 -23.71
CA GLY A 27 5.85 11.15 -24.26
C GLY A 27 6.89 10.69 -23.27
N VAL A 28 6.49 10.62 -22.03
CA VAL A 28 7.35 10.18 -20.96
C VAL A 28 6.83 8.87 -20.46
N THR A 29 7.60 7.86 -20.57
CA THR A 29 7.20 6.60 -20.05
C THR A 29 7.84 6.41 -18.67
N ASP A 30 8.81 7.25 -18.39
CA ASP A 30 9.60 7.25 -17.15
C ASP A 30 8.86 7.95 -16.04
N LEU A 31 7.61 7.61 -15.91
CA LEU A 31 6.73 8.18 -14.93
C LEU A 31 7.27 7.91 -13.52
N ARG A 32 7.55 6.66 -13.21
CA ARG A 32 8.02 6.30 -11.87
C ARG A 32 9.41 6.85 -11.63
N GLY A 33 10.19 6.98 -12.69
CA GLY A 33 11.53 7.53 -12.59
C GLY A 33 11.50 8.99 -12.24
N MET A 34 10.55 9.71 -12.82
CA MET A 34 10.39 11.12 -12.54
C MET A 34 9.85 11.29 -11.14
N LEU A 35 8.88 10.46 -10.80
CA LEU A 35 8.27 10.45 -9.49
C LEU A 35 9.27 10.15 -8.40
N LYS A 36 10.18 9.23 -8.67
CA LYS A 36 11.25 8.87 -7.74
C LYS A 36 12.03 10.11 -7.33
N ARG A 37 12.31 10.94 -8.31
CA ARG A 37 13.04 12.18 -8.10
C ARG A 37 12.25 13.12 -7.20
N LEU A 38 10.96 13.27 -7.50
CA LEU A 38 10.10 14.14 -6.70
C LEU A 38 9.79 13.56 -5.32
N LYS A 39 9.93 12.25 -5.19
CA LYS A 39 9.80 11.60 -3.89
C LYS A 39 10.91 12.10 -2.96
N GLY A 40 12.06 12.37 -3.54
CA GLY A 40 13.17 12.92 -2.80
C GLY A 40 13.06 14.44 -2.71
N MET A 41 12.36 15.04 -3.66
CA MET A 41 12.16 16.50 -3.69
C MET A 41 11.18 16.93 -2.64
N ARG A 42 10.23 16.10 -2.38
CA ARG A 42 9.25 16.40 -1.38
C ARG A 42 9.67 15.82 -0.04
N ARG A 43 9.39 14.54 0.19
CA ARG A 43 9.77 13.80 1.39
C ARG A 43 9.00 12.48 1.47
N ASP A 44 7.78 12.58 1.99
CA ASP A 44 6.98 11.41 2.25
C ASP A 44 5.79 11.36 1.35
N GLU A 45 5.71 12.32 0.44
CA GLU A 45 4.68 12.34 -0.57
C GLU A 45 4.83 11.05 -1.36
N LYS A 46 3.96 10.13 -1.08
CA LYS A 46 4.01 8.84 -1.67
C LYS A 46 2.72 8.42 -2.28
N LYS A 47 2.86 7.36 -2.95
CA LYS A 47 1.85 6.56 -3.51
C LYS A 47 2.48 5.22 -3.36
N SER A 48 1.75 4.19 -3.32
CA SER A 48 2.33 2.93 -3.20
C SER A 48 3.03 2.59 -4.52
N THR A 49 4.31 2.54 -4.43
CA THR A 49 5.18 2.29 -5.55
C THR A 49 6.14 1.18 -5.19
N ALA A 50 6.33 0.98 -3.90
CA ALA A 50 7.20 -0.05 -3.39
C ALA A 50 6.39 -1.33 -3.33
N PHE A 51 5.10 -1.18 -3.45
CA PHE A 51 4.24 -2.30 -3.60
C PHE A 51 4.11 -2.54 -5.09
N GLN A 52 4.54 -3.68 -5.49
CA GLN A 52 4.55 -4.11 -6.87
C GLN A 52 3.14 -4.53 -7.27
N LYS A 53 2.40 -5.01 -6.30
CA LYS A 53 1.09 -5.44 -6.52
C LYS A 53 0.35 -5.24 -5.26
N LYS A 54 -0.60 -4.39 -5.31
CA LYS A 54 -1.41 -4.05 -4.20
C LYS A 54 -2.68 -4.85 -4.31
N LEU A 55 -3.37 -4.99 -3.22
CA LEU A 55 -4.62 -5.69 -3.18
C LEU A 55 -5.66 -4.86 -3.90
N GLU A 56 -6.56 -5.53 -4.58
CA GLU A 56 -7.67 -4.86 -5.23
C GLU A 56 -8.58 -4.24 -4.18
N PRO A 57 -9.28 -3.13 -4.51
CA PRO A 57 -10.21 -2.42 -3.60
C PRO A 57 -11.04 -3.36 -2.71
N ALA A 58 -11.58 -4.40 -3.30
CA ALA A 58 -12.36 -5.34 -2.53
C ALA A 58 -12.25 -6.74 -3.10
N TYR A 59 -12.44 -7.70 -2.23
CA TYR A 59 -12.45 -9.10 -2.58
C TYR A 59 -13.63 -9.74 -1.91
N GLN A 60 -14.22 -10.68 -2.55
CA GLN A 60 -15.30 -11.41 -1.98
C GLN A 60 -14.94 -12.87 -1.99
N VAL A 61 -15.40 -13.57 -1.02
CA VAL A 61 -15.14 -14.97 -0.89
C VAL A 61 -16.40 -15.64 -0.35
N SER A 62 -16.56 -16.90 -0.61
CA SER A 62 -17.69 -17.62 -0.07
C SER A 62 -17.31 -18.13 1.32
N LYS A 63 -18.28 -18.28 2.17
CA LYS A 63 -18.06 -18.74 3.51
C LYS A 63 -17.65 -20.20 3.50
N GLY A 64 -16.44 -20.44 3.93
CA GLY A 64 -15.88 -21.78 3.98
C GLY A 64 -14.98 -22.01 2.81
N HIS A 65 -14.98 -21.05 1.95
CA HIS A 65 -14.19 -21.07 0.74
C HIS A 65 -12.91 -20.29 1.05
N LYS A 66 -11.84 -20.59 0.38
CA LYS A 66 -10.57 -19.97 0.66
C LYS A 66 -10.29 -18.79 -0.27
N ILE A 67 -9.68 -17.76 0.26
CA ILE A 67 -9.32 -16.61 -0.54
C ILE A 67 -7.81 -16.39 -0.45
N ARG A 68 -7.20 -16.24 -1.57
CA ARG A 68 -5.79 -16.02 -1.62
C ARG A 68 -5.52 -14.60 -2.08
N LEU A 69 -4.99 -13.83 -1.18
CA LEU A 69 -4.63 -12.46 -1.43
C LEU A 69 -3.18 -12.45 -1.82
N THR A 70 -2.82 -11.66 -2.78
CA THR A 70 -1.46 -11.66 -3.25
C THR A 70 -0.93 -10.24 -3.43
N VAL A 71 0.02 -9.89 -2.61
CA VAL A 71 0.70 -8.63 -2.74
C VAL A 71 2.12 -8.89 -3.13
N GLU A 72 2.68 -8.05 -3.92
CA GLU A 72 4.05 -8.22 -4.29
C GLU A 72 4.81 -7.01 -3.89
N LEU A 73 5.95 -7.22 -3.37
CA LEU A 73 6.80 -6.15 -2.98
C LEU A 73 7.78 -5.89 -4.10
N ALA A 74 8.13 -4.65 -4.29
CA ALA A 74 9.13 -4.31 -5.27
C ALA A 74 10.49 -4.48 -4.64
N ASP A 75 10.50 -4.44 -3.33
CA ASP A 75 11.69 -4.63 -2.54
C ASP A 75 11.65 -5.98 -1.89
N HIS A 76 12.64 -6.79 -2.18
CA HIS A 76 12.73 -8.14 -1.61
C HIS A 76 13.17 -8.09 -0.15
N ASP A 77 13.90 -7.04 0.18
CA ASP A 77 14.44 -6.80 1.53
C ASP A 77 13.47 -5.99 2.37
N ALA A 78 12.23 -5.97 1.96
CA ALA A 78 11.22 -5.27 2.65
C ALA A 78 10.28 -6.30 3.17
N GLU A 79 9.79 -6.09 4.33
CA GLU A 79 8.89 -7.00 4.93
C GLU A 79 7.51 -6.38 4.98
N VAL A 80 6.52 -7.19 5.25
CA VAL A 80 5.15 -6.73 5.24
C VAL A 80 4.43 -7.16 6.52
N LYS A 81 3.58 -6.31 6.97
CA LYS A 81 2.77 -6.50 8.15
C LYS A 81 1.34 -6.73 7.68
N TRP A 82 0.66 -7.58 8.37
CA TRP A 82 -0.65 -8.00 8.01
C TRP A 82 -1.64 -7.49 9.03
N LEU A 83 -2.59 -6.68 8.60
CA LEU A 83 -3.61 -6.19 9.48
C LEU A 83 -5.00 -6.44 8.96
N LYS A 84 -5.88 -6.81 9.84
CA LYS A 84 -7.28 -6.92 9.55
C LYS A 84 -8.00 -6.00 10.49
N ASN A 85 -8.74 -5.05 9.92
CA ASN A 85 -9.50 -3.98 10.62
C ASN A 85 -8.69 -3.18 11.66
N GLY A 86 -7.37 -3.34 11.63
CA GLY A 86 -6.52 -2.62 12.56
C GLY A 86 -5.86 -3.55 13.56
N GLN A 87 -6.02 -4.82 13.34
CA GLN A 87 -5.44 -5.83 14.21
C GLN A 87 -4.51 -6.68 13.39
N GLU A 88 -3.36 -7.03 13.95
CA GLU A 88 -2.41 -7.88 13.24
C GLU A 88 -3.02 -9.24 12.97
N ILE A 89 -2.98 -9.65 11.73
CA ILE A 89 -3.44 -10.95 11.34
C ILE A 89 -2.44 -11.98 11.82
N GLN A 90 -2.76 -12.64 12.90
CA GLN A 90 -1.93 -13.69 13.39
C GLN A 90 -2.12 -14.93 12.53
N MET A 91 -1.04 -15.59 12.20
CA MET A 91 -1.12 -16.79 11.42
C MET A 91 -1.68 -17.90 12.28
N SER A 92 -2.94 -18.16 12.11
CA SER A 92 -3.66 -19.10 12.90
C SER A 92 -3.84 -20.40 12.13
N GLY A 93 -3.29 -21.48 12.70
CA GLY A 93 -3.43 -22.83 12.18
C GLY A 93 -3.10 -22.94 10.71
N SER A 94 -3.95 -23.61 10.01
CA SER A 94 -3.81 -23.80 8.60
C SER A 94 -4.80 -22.89 7.87
N LYS A 95 -5.38 -21.95 8.61
CA LYS A 95 -6.27 -20.99 8.02
C LYS A 95 -5.47 -19.96 7.26
N TYR A 96 -4.64 -19.24 7.97
CA TYR A 96 -3.86 -18.20 7.36
C TYR A 96 -2.52 -18.75 6.97
N ILE A 97 -2.23 -18.75 5.71
CA ILE A 97 -0.97 -19.22 5.23
C ILE A 97 -0.26 -18.11 4.47
N PHE A 98 0.83 -17.65 5.01
CA PHE A 98 1.64 -16.67 4.34
C PHE A 98 2.62 -17.38 3.45
N GLU A 99 2.44 -17.22 2.18
CA GLU A 99 3.37 -17.78 1.23
C GLU A 99 4.21 -16.64 0.61
N SER A 100 5.44 -16.57 1.00
CA SER A 100 6.35 -15.58 0.54
C SER A 100 7.22 -16.18 -0.56
N ILE A 101 7.08 -15.67 -1.76
CA ILE A 101 7.85 -16.14 -2.88
C ILE A 101 8.74 -14.98 -3.35
N GLY A 102 9.84 -14.80 -2.62
CA GLY A 102 10.79 -13.74 -2.90
C GLY A 102 10.24 -12.35 -2.66
N ALA A 103 9.53 -11.84 -3.63
CA ALA A 103 8.96 -10.52 -3.56
C ALA A 103 7.49 -10.59 -3.22
N LYS A 104 6.81 -11.64 -3.66
CA LYS A 104 5.41 -11.75 -3.40
C LYS A 104 5.13 -12.34 -2.05
N ARG A 105 4.15 -11.80 -1.42
CA ARG A 105 3.72 -12.21 -0.13
C ARG A 105 2.27 -12.55 -0.29
N THR A 106 2.01 -13.78 -0.38
CA THR A 106 0.72 -14.26 -0.63
C THR A 106 0.08 -14.70 0.68
N LEU A 107 -1.14 -14.33 0.88
CA LEU A 107 -1.85 -14.74 2.04
C LEU A 107 -3.03 -15.57 1.63
N THR A 108 -2.92 -16.82 1.86
CA THR A 108 -3.95 -17.72 1.56
C THR A 108 -4.78 -17.99 2.81
N ILE A 109 -5.99 -17.49 2.82
CA ILE A 109 -6.88 -17.67 3.93
C ILE A 109 -7.80 -18.83 3.58
N SER A 110 -7.64 -19.92 4.26
CA SER A 110 -8.43 -21.09 4.01
C SER A 110 -9.61 -21.13 4.98
N GLN A 111 -10.78 -21.56 4.47
CA GLN A 111 -12.01 -21.67 5.27
C GLN A 111 -12.44 -20.30 5.79
N CYS A 112 -12.55 -19.32 4.89
CA CYS A 112 -12.93 -17.97 5.29
C CYS A 112 -14.36 -18.01 5.83
N SER A 113 -14.51 -17.76 7.08
CA SER A 113 -15.77 -17.83 7.71
C SER A 113 -16.24 -16.40 8.04
N LEU A 114 -17.27 -16.25 8.85
CA LEU A 114 -17.80 -14.92 9.16
C LEU A 114 -16.87 -14.18 10.07
N ALA A 115 -16.04 -14.92 10.76
CA ALA A 115 -15.04 -14.34 11.63
C ALA A 115 -13.85 -13.84 10.80
N ASP A 116 -13.88 -14.10 9.50
CA ASP A 116 -12.81 -13.72 8.58
C ASP A 116 -13.29 -12.62 7.66
N ASP A 117 -14.48 -12.11 7.93
CA ASP A 117 -14.99 -10.99 7.15
C ASP A 117 -14.45 -9.74 7.75
N ALA A 118 -13.38 -9.25 7.18
CA ALA A 118 -12.71 -8.09 7.68
C ALA A 118 -12.04 -7.37 6.55
N ALA A 119 -11.69 -6.13 6.77
CA ALA A 119 -10.92 -5.38 5.83
C ALA A 119 -9.46 -5.68 6.09
N TYR A 120 -8.78 -6.15 5.10
CA TYR A 120 -7.42 -6.55 5.24
C TYR A 120 -6.51 -5.55 4.58
N GLN A 121 -5.41 -5.29 5.21
CA GLN A 121 -4.44 -4.39 4.68
C GLN A 121 -3.05 -4.87 4.96
N CYS A 122 -2.22 -4.75 3.97
CA CYS A 122 -0.84 -5.12 4.05
C CYS A 122 -0.03 -3.85 4.18
N VAL A 123 0.82 -3.80 5.17
CA VAL A 123 1.56 -2.61 5.45
C VAL A 123 3.07 -2.83 5.35
N VAL A 124 3.70 -1.95 4.63
CA VAL A 124 5.13 -1.88 4.46
C VAL A 124 5.48 -0.46 4.88
N GLY A 125 6.72 -0.17 5.19
CA GLY A 125 7.02 1.20 5.56
C GLY A 125 6.73 2.17 4.43
N GLY A 126 5.73 3.01 4.65
CA GLY A 126 5.34 3.99 3.69
C GLY A 126 4.19 3.51 2.81
N GLU A 127 4.19 2.24 2.49
CA GLU A 127 3.24 1.69 1.55
C GLU A 127 2.19 0.88 2.28
N LYS A 128 0.99 1.00 1.88
CA LYS A 128 -0.05 0.16 2.37
C LYS A 128 -1.07 -0.03 1.30
N CYS A 129 -1.87 -1.01 1.47
CA CYS A 129 -2.94 -1.27 0.56
C CYS A 129 -4.03 -1.93 1.35
N SER A 130 -5.22 -1.48 1.17
CA SER A 130 -6.32 -1.96 1.92
C SER A 130 -7.37 -2.58 1.02
N THR A 131 -7.82 -3.73 1.37
CA THR A 131 -8.83 -4.36 0.63
C THR A 131 -10.00 -4.68 1.57
N GLU A 132 -11.19 -4.65 1.08
CA GLU A 132 -12.31 -5.02 1.88
C GLU A 132 -12.79 -6.38 1.46
N LEU A 133 -12.60 -7.35 2.31
CA LEU A 133 -12.95 -8.71 2.02
C LEU A 133 -14.35 -8.98 2.54
N PHE A 134 -15.20 -9.45 1.67
CA PHE A 134 -16.57 -9.76 2.01
C PHE A 134 -16.79 -11.26 1.92
N VAL A 135 -17.26 -11.84 2.98
CA VAL A 135 -17.59 -13.25 3.01
C VAL A 135 -19.08 -13.45 2.77
N LYS A 136 -19.44 -14.19 1.77
CA LYS A 136 -20.84 -14.47 1.53
C LYS A 136 -21.12 -15.91 1.93
N GLU A 137 -21.97 -16.06 2.94
CA GLU A 137 -22.37 -17.34 3.51
C GLU A 137 -22.62 -18.42 2.48
N GLY A 1 33.96 14.43 -9.31
CA GLY A 1 33.69 15.87 -9.30
C GLY A 1 34.79 16.62 -8.58
N PRO A 2 34.77 17.96 -8.59
CA PRO A 2 35.79 18.75 -7.90
C PRO A 2 35.72 18.59 -6.38
N GLY A 3 36.73 18.00 -5.81
CA GLY A 3 36.78 17.84 -4.40
C GLY A 3 37.13 16.43 -4.03
N SER A 4 36.49 15.93 -3.00
CA SER A 4 36.77 14.61 -2.48
C SER A 4 35.43 13.86 -2.36
N GLU A 5 34.50 14.20 -3.26
CA GLU A 5 33.12 13.74 -3.22
C GLU A 5 32.49 14.27 -1.96
N ASP A 6 32.17 15.52 -2.00
CA ASP A 6 31.64 16.23 -0.87
C ASP A 6 30.18 16.51 -1.10
N VAL A 7 29.76 16.23 -2.33
CA VAL A 7 28.42 16.54 -2.80
C VAL A 7 27.31 15.97 -1.90
N TRP A 8 27.51 14.76 -1.38
CA TRP A 8 26.53 14.11 -0.51
C TRP A 8 26.16 14.98 0.70
N GLU A 9 27.16 15.53 1.37
CA GLU A 9 26.90 16.31 2.54
C GLU A 9 26.59 17.74 2.19
N ILE A 10 27.13 18.21 1.09
CA ILE A 10 26.86 19.54 0.62
C ILE A 10 25.39 19.68 0.26
N LEU A 11 24.88 18.72 -0.52
CA LEU A 11 23.46 18.73 -0.90
C LEU A 11 22.58 18.67 0.35
N ARG A 12 23.00 17.85 1.31
CA ARG A 12 22.28 17.64 2.57
C ARG A 12 22.07 18.94 3.36
N GLN A 13 22.98 19.86 3.22
CA GLN A 13 22.92 21.09 3.99
C GLN A 13 22.65 22.29 3.09
N ALA A 14 22.39 22.02 1.83
CA ALA A 14 22.14 23.06 0.87
C ALA A 14 20.64 23.22 0.63
N PRO A 15 20.19 24.42 0.28
CA PRO A 15 18.80 24.68 -0.08
C PRO A 15 18.41 23.95 -1.39
N PRO A 16 17.17 23.42 -1.47
CA PRO A 16 16.70 22.63 -2.63
C PRO A 16 16.74 23.38 -3.97
N SER A 17 16.77 24.68 -3.90
CA SER A 17 16.76 25.51 -5.08
C SER A 17 18.09 25.49 -5.81
N GLU A 18 19.11 25.07 -5.12
CA GLU A 18 20.42 25.11 -5.68
C GLU A 18 20.87 23.72 -6.13
N TYR A 19 20.02 22.71 -5.88
CA TYR A 19 20.37 21.31 -6.16
C TYR A 19 20.75 21.05 -7.60
N GLU A 20 20.05 21.67 -8.54
CA GLU A 20 20.35 21.44 -9.95
C GLU A 20 21.74 21.99 -10.32
N ARG A 21 22.17 23.03 -9.64
CA ARG A 21 23.50 23.57 -9.83
C ARG A 21 24.51 22.62 -9.23
N ILE A 22 24.33 22.37 -7.93
CA ILE A 22 25.25 21.60 -7.09
C ILE A 22 25.44 20.18 -7.62
N ALA A 23 24.35 19.58 -8.07
CA ALA A 23 24.38 18.24 -8.62
C ALA A 23 25.34 18.15 -9.80
N PHE A 24 25.05 18.93 -10.83
CA PHE A 24 25.87 18.95 -12.03
C PHE A 24 27.26 19.52 -11.77
N GLN A 25 27.37 20.31 -10.72
CA GLN A 25 28.64 20.90 -10.29
C GLN A 25 29.59 19.78 -9.85
N TYR A 26 29.03 18.75 -9.27
CA TYR A 26 29.81 17.64 -8.77
C TYR A 26 29.61 16.37 -9.60
N GLY A 27 29.01 16.51 -10.76
CA GLY A 27 28.85 15.39 -11.68
C GLY A 27 27.76 14.42 -11.27
N VAL A 28 26.76 14.91 -10.60
CA VAL A 28 25.65 14.08 -10.18
C VAL A 28 24.46 14.44 -11.01
N THR A 29 23.97 13.53 -11.72
CA THR A 29 22.78 13.75 -12.49
C THR A 29 21.57 13.28 -11.70
N ASP A 30 21.86 12.53 -10.67
CA ASP A 30 20.88 11.85 -9.88
C ASP A 30 20.44 12.65 -8.69
N LEU A 31 20.10 13.91 -8.93
CA LEU A 31 19.63 14.75 -7.85
C LEU A 31 18.22 14.35 -7.43
N ARG A 32 17.46 13.75 -8.35
CA ARG A 32 16.12 13.25 -8.00
C ARG A 32 16.30 12.03 -7.12
N GLY A 33 17.45 11.39 -7.25
CA GLY A 33 17.79 10.24 -6.46
C GLY A 33 17.91 10.62 -5.00
N MET A 34 18.33 11.84 -4.74
CA MET A 34 18.44 12.37 -3.39
C MET A 34 17.04 12.49 -2.80
N LEU A 35 16.13 13.05 -3.57
CA LEU A 35 14.74 13.18 -3.13
C LEU A 35 14.10 11.81 -3.00
N LYS A 36 14.49 10.90 -3.90
CA LYS A 36 14.04 9.51 -3.90
C LYS A 36 14.37 8.82 -2.58
N ARG A 37 15.47 9.22 -1.96
CA ARG A 37 15.89 8.66 -0.68
C ARG A 37 14.83 8.96 0.37
N LEU A 38 14.31 10.17 0.34
CA LEU A 38 13.30 10.62 1.30
C LEU A 38 11.93 10.14 0.86
N LYS A 39 11.79 9.98 -0.43
CA LYS A 39 10.57 9.52 -1.05
C LYS A 39 10.25 8.10 -0.60
N GLY A 40 11.28 7.29 -0.46
CA GLY A 40 11.09 5.94 0.01
C GLY A 40 11.33 5.85 1.50
N MET A 41 11.63 6.97 2.12
CA MET A 41 11.98 7.01 3.53
C MET A 41 10.73 7.16 4.38
N ARG A 42 9.83 6.16 4.27
CA ARG A 42 8.57 5.94 5.08
C ARG A 42 7.55 7.11 5.21
N ARG A 43 8.00 8.35 5.16
CA ARG A 43 7.13 9.51 5.36
C ARG A 43 6.22 9.75 4.16
N ASP A 44 6.73 9.48 2.97
CA ASP A 44 6.02 9.84 1.79
C ASP A 44 5.14 8.71 1.34
N GLU A 45 3.88 8.98 1.28
CA GLU A 45 2.92 8.05 0.82
C GLU A 45 2.64 8.35 -0.63
N LYS A 46 3.04 7.45 -1.49
CA LYS A 46 2.87 7.65 -2.91
C LYS A 46 1.57 7.07 -3.39
N LYS A 47 1.55 5.74 -3.59
CA LYS A 47 0.39 5.04 -4.13
C LYS A 47 0.67 3.54 -4.22
N SER A 48 1.80 3.19 -4.82
CA SER A 48 2.23 1.82 -5.00
C SER A 48 3.60 1.80 -5.67
N THR A 49 4.60 2.16 -4.90
CA THR A 49 5.96 2.15 -5.37
C THR A 49 6.71 0.95 -4.82
N ALA A 50 6.70 0.83 -3.48
CA ALA A 50 7.31 -0.31 -2.78
C ALA A 50 6.45 -1.55 -2.99
N PHE A 51 5.27 -1.31 -3.49
CA PHE A 51 4.33 -2.32 -3.84
C PHE A 51 4.25 -2.42 -5.34
N GLN A 52 4.55 -3.57 -5.87
CA GLN A 52 4.39 -3.84 -7.30
C GLN A 52 2.95 -4.13 -7.58
N LYS A 53 2.28 -4.64 -6.59
CA LYS A 53 0.93 -5.01 -6.70
C LYS A 53 0.39 -4.98 -5.32
N LYS A 54 -0.58 -4.15 -5.09
CA LYS A 54 -1.18 -4.10 -3.81
C LYS A 54 -2.40 -4.98 -3.86
N LEU A 55 -3.07 -5.09 -2.77
CA LEU A 55 -4.29 -5.83 -2.71
C LEU A 55 -5.33 -5.10 -3.52
N GLU A 56 -6.18 -5.83 -4.17
CA GLU A 56 -7.28 -5.26 -4.89
C GLU A 56 -8.23 -4.65 -3.89
N PRO A 57 -8.73 -3.43 -4.18
CA PRO A 57 -9.65 -2.69 -3.29
C PRO A 57 -10.77 -3.54 -2.67
N ALA A 58 -11.27 -4.52 -3.41
CA ALA A 58 -12.31 -5.38 -2.90
C ALA A 58 -12.18 -6.81 -3.39
N TYR A 59 -12.50 -7.74 -2.51
CA TYR A 59 -12.54 -9.16 -2.82
C TYR A 59 -13.78 -9.76 -2.20
N GLN A 60 -14.38 -10.70 -2.87
CA GLN A 60 -15.49 -11.41 -2.31
C GLN A 60 -15.16 -12.90 -2.30
N VAL A 61 -15.52 -13.54 -1.25
CA VAL A 61 -15.27 -14.95 -1.09
C VAL A 61 -16.54 -15.61 -0.55
N SER A 62 -16.76 -16.85 -0.90
CA SER A 62 -17.88 -17.57 -0.41
C SER A 62 -17.54 -18.11 0.98
N LYS A 63 -18.54 -18.21 1.83
CA LYS A 63 -18.33 -18.64 3.19
C LYS A 63 -17.84 -20.09 3.21
N GLY A 64 -16.74 -20.30 3.89
CA GLY A 64 -16.17 -21.61 4.03
C GLY A 64 -15.11 -21.86 3.00
N HIS A 65 -14.98 -20.95 2.08
CA HIS A 65 -13.99 -21.07 1.03
C HIS A 65 -12.70 -20.39 1.41
N LYS A 66 -11.69 -20.64 0.63
CA LYS A 66 -10.39 -20.05 0.84
C LYS A 66 -10.26 -18.86 -0.08
N ILE A 67 -9.39 -17.97 0.25
CA ILE A 67 -9.10 -16.86 -0.58
C ILE A 67 -7.64 -16.49 -0.44
N ARG A 68 -6.99 -16.37 -1.55
CA ARG A 68 -5.61 -16.03 -1.60
C ARG A 68 -5.44 -14.58 -2.00
N LEU A 69 -4.93 -13.82 -1.08
CA LEU A 69 -4.63 -12.43 -1.28
C LEU A 69 -3.16 -12.35 -1.61
N THR A 70 -2.77 -11.50 -2.51
CA THR A 70 -1.40 -11.46 -2.90
C THR A 70 -0.93 -10.03 -3.09
N VAL A 71 0.26 -9.75 -2.62
CA VAL A 71 0.91 -8.49 -2.83
C VAL A 71 2.33 -8.76 -3.24
N GLU A 72 2.84 -7.96 -4.12
CA GLU A 72 4.17 -8.15 -4.58
C GLU A 72 4.97 -6.95 -4.19
N LEU A 73 6.06 -7.17 -3.53
CA LEU A 73 6.86 -6.09 -3.06
C LEU A 73 7.93 -5.75 -4.07
N ALA A 74 8.18 -4.47 -4.25
CA ALA A 74 9.23 -4.04 -5.15
C ALA A 74 10.55 -4.36 -4.48
N ASP A 75 10.58 -4.09 -3.19
CA ASP A 75 11.68 -4.46 -2.37
C ASP A 75 11.37 -5.82 -1.78
N HIS A 76 11.99 -6.83 -2.32
CA HIS A 76 11.73 -8.20 -1.88
C HIS A 76 12.34 -8.48 -0.52
N ASP A 77 13.32 -7.68 -0.17
CA ASP A 77 14.03 -7.82 1.09
C ASP A 77 13.40 -6.90 2.16
N ALA A 78 12.14 -6.63 1.97
CA ALA A 78 11.35 -5.85 2.86
C ALA A 78 10.20 -6.72 3.23
N GLU A 79 9.52 -6.40 4.27
CA GLU A 79 8.46 -7.25 4.72
C GLU A 79 7.20 -6.44 4.94
N VAL A 80 6.09 -7.13 5.07
CA VAL A 80 4.80 -6.49 5.24
C VAL A 80 4.19 -6.81 6.58
N LYS A 81 3.17 -6.08 6.88
CA LYS A 81 2.39 -6.25 8.07
C LYS A 81 1.05 -6.71 7.62
N TRP A 82 0.50 -7.61 8.33
CA TRP A 82 -0.74 -8.21 7.98
C TRP A 82 -1.77 -7.79 8.97
N LEU A 83 -2.74 -7.05 8.55
CA LEU A 83 -3.77 -6.63 9.46
C LEU A 83 -5.12 -7.00 8.95
N LYS A 84 -5.92 -7.48 9.83
CA LYS A 84 -7.27 -7.72 9.55
C LYS A 84 -8.10 -6.92 10.51
N ASN A 85 -8.90 -6.02 9.96
CA ASN A 85 -9.75 -5.03 10.66
C ASN A 85 -8.95 -4.16 11.62
N GLY A 86 -7.65 -4.14 11.40
CA GLY A 86 -6.78 -3.31 12.21
C GLY A 86 -6.01 -4.11 13.24
N GLN A 87 -6.22 -5.40 13.21
CA GLN A 87 -5.59 -6.33 14.11
C GLN A 87 -4.53 -7.08 13.34
N GLU A 88 -3.34 -7.22 13.88
CA GLU A 88 -2.32 -7.97 13.20
C GLU A 88 -2.66 -9.43 13.12
N ILE A 89 -2.69 -9.91 11.90
CA ILE A 89 -2.97 -11.27 11.59
C ILE A 89 -1.86 -12.17 12.11
N GLN A 90 -2.19 -12.92 13.11
CA GLN A 90 -1.31 -13.93 13.58
C GLN A 90 -1.54 -15.19 12.76
N MET A 91 -0.47 -15.82 12.35
CA MET A 91 -0.55 -17.00 11.51
C MET A 91 -1.02 -18.20 12.33
N SER A 92 -2.32 -18.44 12.29
CA SER A 92 -2.91 -19.47 13.05
C SER A 92 -2.92 -20.79 12.30
N GLY A 93 -1.90 -21.60 12.55
CA GLY A 93 -1.81 -22.93 11.99
C GLY A 93 -1.81 -22.94 10.47
N SER A 94 -2.90 -23.36 9.90
CA SER A 94 -3.03 -23.46 8.48
C SER A 94 -4.22 -22.61 8.01
N LYS A 95 -4.71 -21.77 8.91
CA LYS A 95 -5.81 -20.89 8.60
C LYS A 95 -5.28 -19.77 7.71
N TYR A 96 -4.29 -19.08 8.21
CA TYR A 96 -3.64 -18.03 7.46
C TYR A 96 -2.30 -18.53 7.07
N ILE A 97 -2.09 -18.71 5.81
CA ILE A 97 -0.85 -19.21 5.35
C ILE A 97 -0.10 -18.14 4.59
N PHE A 98 1.01 -17.70 5.13
CA PHE A 98 1.84 -16.75 4.46
C PHE A 98 2.79 -17.50 3.58
N GLU A 99 2.55 -17.43 2.31
CA GLU A 99 3.44 -18.00 1.36
C GLU A 99 4.30 -16.86 0.83
N SER A 100 5.54 -16.85 1.22
CA SER A 100 6.43 -15.79 0.81
C SER A 100 7.21 -16.29 -0.38
N ILE A 101 6.94 -15.71 -1.51
CA ILE A 101 7.52 -16.16 -2.74
C ILE A 101 8.42 -15.05 -3.29
N GLY A 102 9.63 -14.98 -2.78
CA GLY A 102 10.60 -14.00 -3.25
C GLY A 102 10.23 -12.57 -2.86
N ALA A 103 9.46 -11.93 -3.71
CA ALA A 103 9.02 -10.58 -3.49
C ALA A 103 7.61 -10.56 -3.00
N LYS A 104 6.86 -11.54 -3.39
CA LYS A 104 5.45 -11.53 -3.13
C LYS A 104 5.08 -12.28 -1.87
N ARG A 105 4.35 -11.62 -1.05
CA ARG A 105 3.83 -12.19 0.14
C ARG A 105 2.40 -12.55 -0.11
N THR A 106 2.19 -13.80 -0.26
CA THR A 106 0.93 -14.33 -0.61
C THR A 106 0.22 -14.86 0.63
N LEU A 107 -0.92 -14.32 0.92
CA LEU A 107 -1.67 -14.74 2.05
C LEU A 107 -2.83 -15.59 1.62
N THR A 108 -2.71 -16.84 1.87
CA THR A 108 -3.76 -17.76 1.59
C THR A 108 -4.58 -17.97 2.86
N ILE A 109 -5.80 -17.49 2.84
CA ILE A 109 -6.68 -17.60 3.97
C ILE A 109 -7.60 -18.77 3.71
N SER A 110 -7.59 -19.73 4.57
CA SER A 110 -8.39 -20.88 4.40
C SER A 110 -9.65 -20.75 5.23
N GLN A 111 -10.79 -20.99 4.59
CA GLN A 111 -12.10 -21.06 5.25
C GLN A 111 -12.52 -19.76 5.91
N CYS A 112 -12.92 -18.83 5.10
CA CYS A 112 -13.44 -17.58 5.60
C CYS A 112 -14.88 -17.73 6.04
N SER A 113 -15.14 -17.45 7.28
CA SER A 113 -16.45 -17.46 7.82
C SER A 113 -16.92 -16.02 7.90
N LEU A 114 -18.10 -15.78 8.43
CA LEU A 114 -18.58 -14.41 8.55
C LEU A 114 -17.81 -13.64 9.60
N ALA A 115 -17.16 -14.36 10.48
CA ALA A 115 -16.33 -13.75 11.50
C ALA A 115 -14.93 -13.50 10.97
N ASP A 116 -14.63 -14.08 9.82
CA ASP A 116 -13.32 -13.91 9.20
C ASP A 116 -13.41 -12.84 8.14
N ASP A 117 -14.60 -12.27 8.05
CA ASP A 117 -14.89 -11.14 7.19
C ASP A 117 -14.35 -9.91 7.87
N ALA A 118 -13.41 -9.27 7.23
CA ALA A 118 -12.74 -8.13 7.79
C ALA A 118 -12.05 -7.35 6.69
N ALA A 119 -11.54 -6.22 7.05
CA ALA A 119 -10.75 -5.42 6.17
C ALA A 119 -9.33 -5.94 6.25
N TYR A 120 -8.70 -6.19 5.15
CA TYR A 120 -7.36 -6.74 5.20
C TYR A 120 -6.34 -5.75 4.70
N GLN A 121 -5.29 -5.59 5.44
CA GLN A 121 -4.30 -4.60 5.13
C GLN A 121 -2.94 -5.21 5.07
N CYS A 122 -2.17 -4.71 4.14
CA CYS A 122 -0.78 -5.04 4.00
C CYS A 122 -0.04 -3.73 4.03
N VAL A 123 0.85 -3.60 4.98
CA VAL A 123 1.54 -2.35 5.20
C VAL A 123 3.06 -2.48 4.94
N VAL A 124 3.56 -1.59 4.12
CA VAL A 124 4.98 -1.40 3.88
C VAL A 124 5.23 0.04 4.31
N GLY A 125 6.45 0.43 4.57
CA GLY A 125 6.68 1.79 4.99
C GLY A 125 6.33 2.77 3.89
N GLY A 126 5.30 3.54 4.13
CA GLY A 126 4.86 4.56 3.23
C GLY A 126 3.74 4.09 2.32
N GLU A 127 3.78 2.84 1.94
CA GLU A 127 2.86 2.30 0.99
C GLU A 127 2.02 1.22 1.65
N LYS A 128 0.74 1.37 1.60
CA LYS A 128 -0.15 0.40 2.23
C LYS A 128 -1.38 0.18 1.37
N CYS A 129 -2.15 -0.84 1.69
CA CYS A 129 -3.39 -1.07 1.01
C CYS A 129 -4.34 -1.79 1.94
N SER A 130 -5.61 -1.51 1.80
CA SER A 130 -6.63 -2.16 2.56
C SER A 130 -7.63 -2.75 1.61
N THR A 131 -7.77 -4.02 1.61
CA THR A 131 -8.70 -4.65 0.79
C THR A 131 -9.98 -4.88 1.58
N GLU A 132 -11.08 -4.65 0.95
CA GLU A 132 -12.33 -4.92 1.54
C GLU A 132 -12.68 -6.35 1.22
N LEU A 133 -12.63 -7.17 2.22
CA LEU A 133 -12.91 -8.56 2.04
C LEU A 133 -14.34 -8.81 2.46
N PHE A 134 -15.10 -9.33 1.55
CA PHE A 134 -16.49 -9.59 1.80
C PHE A 134 -16.75 -11.07 1.71
N VAL A 135 -17.11 -11.65 2.82
CA VAL A 135 -17.50 -13.04 2.85
C VAL A 135 -19.00 -13.12 2.65
N LYS A 136 -19.43 -13.77 1.63
CA LYS A 136 -20.83 -13.91 1.44
C LYS A 136 -21.19 -15.34 1.70
N GLU A 137 -22.17 -15.55 2.50
CA GLU A 137 -22.62 -16.85 2.77
C GLU A 137 -23.63 -17.20 1.70
N GLY A 1 4.83 30.66 16.10
CA GLY A 1 4.08 31.76 16.72
C GLY A 1 4.32 31.79 18.21
N PRO A 2 4.37 32.98 18.85
CA PRO A 2 4.56 33.08 20.31
C PRO A 2 3.34 32.54 21.08
N GLY A 3 2.17 32.72 20.51
CA GLY A 3 0.96 32.20 21.10
C GLY A 3 0.61 30.86 20.49
N SER A 4 -0.41 30.25 21.00
CA SER A 4 -0.82 28.94 20.58
C SER A 4 -1.68 29.01 19.30
N GLU A 5 -1.15 28.46 18.20
CA GLU A 5 -1.91 28.36 16.95
C GLU A 5 -2.47 26.95 16.86
N ASP A 6 -2.40 26.28 17.99
CA ASP A 6 -2.78 24.87 18.20
C ASP A 6 -4.27 24.64 18.13
N VAL A 7 -4.95 25.52 17.43
CA VAL A 7 -6.36 25.45 17.23
C VAL A 7 -6.71 24.15 16.51
N TRP A 8 -5.81 23.71 15.63
CA TRP A 8 -5.98 22.47 14.88
C TRP A 8 -6.26 21.28 15.80
N GLU A 9 -5.48 21.12 16.85
CA GLU A 9 -5.66 20.03 17.76
C GLU A 9 -6.70 20.34 18.83
N ILE A 10 -6.69 21.55 19.34
CA ILE A 10 -7.59 21.96 20.41
C ILE A 10 -9.05 21.91 19.95
N LEU A 11 -9.31 22.41 18.76
CA LEU A 11 -10.66 22.46 18.23
C LEU A 11 -11.12 21.06 17.80
N ARG A 12 -10.18 20.23 17.38
CA ARG A 12 -10.47 18.86 16.95
C ARG A 12 -10.86 17.97 18.15
N GLN A 13 -10.36 18.32 19.31
CA GLN A 13 -10.63 17.57 20.52
C GLN A 13 -11.77 18.19 21.32
N ALA A 14 -12.27 19.29 20.83
CA ALA A 14 -13.37 19.98 21.48
C ALA A 14 -14.67 19.70 20.72
N PRO A 15 -15.82 19.66 21.43
CA PRO A 15 -17.11 19.41 20.79
C PRO A 15 -17.52 20.52 19.79
N PRO A 16 -18.23 20.15 18.69
CA PRO A 16 -18.62 21.08 17.60
C PRO A 16 -19.35 22.36 18.04
N SER A 17 -20.00 22.34 19.17
CA SER A 17 -20.75 23.51 19.65
C SER A 17 -19.81 24.60 20.21
N GLU A 18 -18.57 24.23 20.42
CA GLU A 18 -17.59 25.15 20.94
C GLU A 18 -16.81 25.78 19.77
N TYR A 19 -16.93 25.16 18.59
CA TYR A 19 -16.13 25.51 17.39
C TYR A 19 -16.08 26.98 17.05
N GLU A 20 -17.22 27.64 17.00
CA GLU A 20 -17.25 29.03 16.56
C GLU A 20 -16.50 29.95 17.53
N ARG A 21 -16.52 29.59 18.78
CA ARG A 21 -15.81 30.32 19.80
C ARG A 21 -14.33 30.13 19.58
N ILE A 22 -13.96 28.86 19.52
CA ILE A 22 -12.58 28.43 19.42
C ILE A 22 -11.92 29.00 18.16
N ALA A 23 -12.60 28.83 17.04
CA ALA A 23 -12.10 29.29 15.75
C ALA A 23 -11.80 30.78 15.77
N PHE A 24 -12.83 31.57 16.01
CA PHE A 24 -12.69 33.01 16.04
C PHE A 24 -11.75 33.50 17.15
N GLN A 25 -11.58 32.70 18.18
CA GLN A 25 -10.65 33.00 19.27
C GLN A 25 -9.20 32.88 18.81
N TYR A 26 -8.92 31.88 18.00
CA TYR A 26 -7.57 31.66 17.50
C TYR A 26 -7.33 32.38 16.17
N GLY A 27 -8.33 33.08 15.71
CA GLY A 27 -8.19 33.87 14.50
C GLY A 27 -8.49 33.09 13.26
N VAL A 28 -9.29 32.07 13.40
CA VAL A 28 -9.70 31.24 12.28
C VAL A 28 -11.12 31.62 11.97
N THR A 29 -11.36 32.13 10.82
CA THR A 29 -12.71 32.49 10.53
C THR A 29 -13.44 31.38 9.76
N ASP A 30 -12.70 30.62 8.98
CA ASP A 30 -13.26 29.50 8.25
C ASP A 30 -13.06 28.24 9.03
N LEU A 31 -13.95 27.99 9.95
CA LEU A 31 -13.87 26.80 10.76
C LEU A 31 -14.30 25.57 9.98
N ARG A 32 -15.19 25.78 9.04
CA ARG A 32 -15.65 24.73 8.17
C ARG A 32 -14.52 24.41 7.16
N GLY A 33 -13.88 25.47 6.67
CA GLY A 33 -12.73 25.32 5.79
C GLY A 33 -11.55 24.72 6.51
N MET A 34 -11.59 24.77 7.81
CA MET A 34 -10.59 24.18 8.65
C MET A 34 -10.80 22.69 8.76
N LEU A 35 -11.99 22.29 9.19
CA LEU A 35 -12.29 20.89 9.43
C LEU A 35 -12.28 20.04 8.16
N LYS A 36 -12.41 20.67 7.00
CA LYS A 36 -12.39 19.94 5.74
C LYS A 36 -11.02 19.31 5.48
N ARG A 37 -9.99 19.95 5.98
CA ARG A 37 -8.65 19.40 5.82
C ARG A 37 -8.43 18.29 6.88
N LEU A 38 -9.21 18.35 7.96
CA LEU A 38 -9.15 17.34 9.03
C LEU A 38 -9.86 16.10 8.56
N LYS A 39 -10.70 16.30 7.59
CA LYS A 39 -11.41 15.25 6.93
C LYS A 39 -10.41 14.50 6.05
N GLY A 40 -9.42 15.22 5.57
CA GLY A 40 -8.47 14.69 4.63
C GLY A 40 -7.22 14.12 5.25
N MET A 41 -6.95 14.44 6.50
CA MET A 41 -5.73 13.94 7.16
C MET A 41 -5.83 12.45 7.50
N ARG A 42 -7.05 11.94 7.57
CA ARG A 42 -7.30 10.54 7.94
C ARG A 42 -7.13 9.60 6.75
N ARG A 43 -7.36 10.11 5.56
CA ARG A 43 -7.45 9.28 4.38
C ARG A 43 -6.11 8.98 3.72
N ASP A 44 -6.04 7.81 3.13
CA ASP A 44 -4.81 7.26 2.57
C ASP A 44 -4.92 6.95 1.10
N GLU A 45 -3.96 7.40 0.36
CA GLU A 45 -3.77 7.04 -1.04
C GLU A 45 -2.30 6.89 -1.24
N LYS A 46 -1.87 5.72 -1.58
CA LYS A 46 -0.47 5.50 -1.76
C LYS A 46 -0.11 5.20 -3.20
N LYS A 47 0.89 5.92 -3.67
CA LYS A 47 1.38 5.91 -5.05
C LYS A 47 1.81 4.52 -5.54
N SER A 48 2.00 3.61 -4.59
CA SER A 48 2.33 2.23 -4.85
C SER A 48 3.74 2.15 -5.41
N THR A 49 4.67 2.67 -4.65
CA THR A 49 6.05 2.66 -5.04
C THR A 49 6.77 1.45 -4.42
N ALA A 50 6.42 1.12 -3.17
CA ALA A 50 7.03 -0.03 -2.49
C ALA A 50 6.20 -1.27 -2.77
N PHE A 51 5.03 -1.04 -3.32
CA PHE A 51 4.13 -2.06 -3.70
C PHE A 51 4.05 -2.12 -5.20
N GLN A 52 4.45 -3.25 -5.75
CA GLN A 52 4.40 -3.46 -7.18
C GLN A 52 3.00 -3.90 -7.56
N LYS A 53 2.27 -4.36 -6.58
CA LYS A 53 0.95 -4.82 -6.76
C LYS A 53 0.30 -4.80 -5.41
N LYS A 54 -0.70 -3.99 -5.27
CA LYS A 54 -1.40 -3.92 -4.02
C LYS A 54 -2.58 -4.84 -4.08
N LEU A 55 -3.22 -4.99 -2.97
CA LEU A 55 -4.43 -5.74 -2.90
C LEU A 55 -5.54 -4.97 -3.57
N GLU A 56 -6.36 -5.66 -4.32
CA GLU A 56 -7.53 -5.08 -4.98
C GLU A 56 -8.41 -4.43 -3.93
N PRO A 57 -9.10 -3.32 -4.26
CA PRO A 57 -9.94 -2.60 -3.31
C PRO A 57 -10.94 -3.50 -2.57
N ALA A 58 -11.41 -4.53 -3.25
CA ALA A 58 -12.33 -5.45 -2.66
C ALA A 58 -12.13 -6.85 -3.21
N TYR A 59 -12.31 -7.82 -2.36
CA TYR A 59 -12.29 -9.23 -2.73
C TYR A 59 -13.53 -9.84 -2.15
N GLN A 60 -13.94 -10.94 -2.68
CA GLN A 60 -15.09 -11.64 -2.16
C GLN A 60 -14.79 -13.11 -2.10
N VAL A 61 -15.26 -13.75 -1.08
CA VAL A 61 -15.07 -15.15 -0.92
C VAL A 61 -16.37 -15.76 -0.40
N SER A 62 -16.64 -16.96 -0.79
CA SER A 62 -17.76 -17.65 -0.26
C SER A 62 -17.33 -18.31 1.07
N LYS A 63 -18.23 -18.36 2.02
CA LYS A 63 -17.96 -18.91 3.34
C LYS A 63 -17.55 -20.37 3.25
N GLY A 64 -16.42 -20.67 3.86
CA GLY A 64 -15.93 -22.03 3.86
C GLY A 64 -15.01 -22.29 2.70
N HIS A 65 -14.66 -21.25 2.00
CA HIS A 65 -13.76 -21.36 0.88
C HIS A 65 -12.44 -20.68 1.22
N LYS A 66 -11.50 -20.79 0.34
CA LYS A 66 -10.20 -20.20 0.50
C LYS A 66 -10.13 -18.90 -0.28
N ILE A 67 -9.57 -17.90 0.33
CA ILE A 67 -9.37 -16.60 -0.29
C ILE A 67 -7.89 -16.30 -0.28
N ARG A 68 -7.39 -15.75 -1.34
CA ARG A 68 -5.97 -15.55 -1.49
C ARG A 68 -5.65 -14.15 -1.94
N LEU A 69 -4.97 -13.47 -1.08
CA LEU A 69 -4.57 -12.11 -1.26
C LEU A 69 -3.13 -12.10 -1.66
N THR A 70 -2.79 -11.39 -2.72
CA THR A 70 -1.44 -11.41 -3.20
C THR A 70 -0.89 -9.98 -3.36
N VAL A 71 0.25 -9.73 -2.75
CA VAL A 71 0.92 -8.46 -2.85
C VAL A 71 2.32 -8.64 -3.39
N GLU A 72 2.76 -7.70 -4.18
CA GLU A 72 4.10 -7.73 -4.71
C GLU A 72 4.89 -6.62 -4.11
N LEU A 73 5.93 -6.99 -3.45
CA LEU A 73 6.78 -6.03 -2.83
C LEU A 73 7.84 -5.61 -3.81
N ALA A 74 8.24 -4.36 -3.73
CA ALA A 74 9.28 -3.87 -4.61
C ALA A 74 10.63 -4.43 -4.20
N ASP A 75 10.72 -4.82 -2.94
CA ASP A 75 11.93 -5.36 -2.39
C ASP A 75 11.62 -6.73 -1.81
N HIS A 76 12.48 -7.69 -2.06
CA HIS A 76 12.29 -9.08 -1.61
C HIS A 76 12.46 -9.25 -0.11
N ASP A 77 13.18 -8.35 0.52
CA ASP A 77 13.55 -8.50 1.93
C ASP A 77 12.86 -7.47 2.77
N ALA A 78 11.82 -6.92 2.24
CA ALA A 78 11.04 -5.93 2.90
C ALA A 78 9.92 -6.68 3.49
N GLU A 79 9.63 -6.44 4.71
CA GLU A 79 8.65 -7.23 5.33
C GLU A 79 7.31 -6.53 5.36
N VAL A 80 6.28 -7.33 5.46
CA VAL A 80 4.93 -6.83 5.48
C VAL A 80 4.27 -7.13 6.80
N LYS A 81 3.33 -6.30 7.13
CA LYS A 81 2.50 -6.47 8.28
C LYS A 81 1.11 -6.67 7.81
N TRP A 82 0.44 -7.57 8.43
CA TRP A 82 -0.86 -7.98 8.02
C TRP A 82 -1.84 -7.51 9.04
N LEU A 83 -2.83 -6.79 8.64
CA LEU A 83 -3.86 -6.35 9.55
C LEU A 83 -5.21 -6.71 9.02
N LYS A 84 -6.03 -7.20 9.88
CA LYS A 84 -7.39 -7.47 9.56
C LYS A 84 -8.21 -6.47 10.35
N ASN A 85 -8.90 -5.60 9.64
CA ASN A 85 -9.77 -4.49 10.17
C ASN A 85 -9.10 -3.59 11.23
N GLY A 86 -7.79 -3.71 11.35
CA GLY A 86 -7.05 -2.91 12.30
C GLY A 86 -6.25 -3.77 13.27
N GLN A 87 -6.44 -5.07 13.23
CA GLN A 87 -5.77 -5.99 14.13
C GLN A 87 -4.72 -6.74 13.37
N GLU A 88 -3.53 -6.85 13.92
CA GLU A 88 -2.43 -7.50 13.25
C GLU A 88 -2.66 -9.02 13.15
N ILE A 89 -2.69 -9.52 11.93
CA ILE A 89 -2.90 -10.92 11.63
C ILE A 89 -1.62 -11.69 11.85
N GLN A 90 -1.61 -12.51 12.83
CA GLN A 90 -0.53 -13.44 13.01
C GLN A 90 -0.92 -14.74 12.28
N MET A 91 0.06 -15.49 11.81
CA MET A 91 -0.21 -16.76 11.13
C MET A 91 -0.88 -17.71 12.11
N SER A 92 -2.17 -17.86 11.98
CA SER A 92 -2.92 -18.68 12.85
C SER A 92 -3.20 -20.01 12.17
N GLY A 93 -2.36 -20.98 12.45
CA GLY A 93 -2.51 -22.32 11.92
C GLY A 93 -2.57 -22.35 10.42
N SER A 94 -3.46 -23.14 9.90
CA SER A 94 -3.66 -23.26 8.49
C SER A 94 -4.82 -22.35 8.04
N LYS A 95 -5.28 -21.51 8.95
CA LYS A 95 -6.29 -20.52 8.64
C LYS A 95 -5.66 -19.43 7.80
N TYR A 96 -4.53 -18.95 8.23
CA TYR A 96 -3.82 -17.90 7.52
C TYR A 96 -2.49 -18.43 7.10
N ILE A 97 -2.31 -18.67 5.85
CA ILE A 97 -1.07 -19.18 5.39
C ILE A 97 -0.33 -18.11 4.60
N PHE A 98 0.78 -17.66 5.15
CA PHE A 98 1.63 -16.71 4.47
C PHE A 98 2.60 -17.45 3.59
N GLU A 99 2.40 -17.33 2.31
CA GLU A 99 3.25 -17.93 1.33
C GLU A 99 4.05 -16.84 0.65
N SER A 100 5.30 -16.78 0.92
CA SER A 100 6.13 -15.75 0.39
C SER A 100 6.92 -16.26 -0.81
N ILE A 101 6.57 -15.78 -1.96
CA ILE A 101 7.21 -16.17 -3.19
C ILE A 101 8.14 -15.04 -3.61
N GLY A 102 9.25 -14.92 -2.90
CA GLY A 102 10.18 -13.84 -3.13
C GLY A 102 9.57 -12.50 -2.79
N ALA A 103 9.27 -11.73 -3.81
CA ALA A 103 8.67 -10.44 -3.66
C ALA A 103 7.16 -10.55 -3.67
N LYS A 104 6.65 -11.59 -4.29
CA LYS A 104 5.23 -11.78 -4.36
C LYS A 104 4.79 -12.56 -3.14
N ARG A 105 4.31 -11.86 -2.18
CA ARG A 105 3.91 -12.48 -0.96
C ARG A 105 2.44 -12.65 -0.94
N THR A 106 2.02 -13.82 -0.63
CA THR A 106 0.65 -14.16 -0.72
C THR A 106 0.11 -14.66 0.62
N LEU A 107 -1.12 -14.35 0.87
CA LEU A 107 -1.83 -14.82 2.03
C LEU A 107 -3.01 -15.66 1.60
N THR A 108 -2.94 -16.92 1.88
CA THR A 108 -3.99 -17.84 1.57
C THR A 108 -4.76 -18.13 2.86
N ILE A 109 -5.96 -17.64 2.92
CA ILE A 109 -6.81 -17.84 4.05
C ILE A 109 -7.76 -18.98 3.74
N SER A 110 -7.73 -20.01 4.53
CA SER A 110 -8.61 -21.12 4.28
C SER A 110 -9.80 -21.04 5.21
N GLN A 111 -10.95 -21.46 4.71
CA GLN A 111 -12.19 -21.55 5.46
C GLN A 111 -12.58 -20.19 6.04
N CYS A 112 -12.53 -19.17 5.19
CA CYS A 112 -12.90 -17.83 5.60
C CYS A 112 -14.36 -17.85 6.00
N SER A 113 -14.62 -17.45 7.21
CA SER A 113 -15.94 -17.48 7.73
C SER A 113 -16.39 -16.05 8.04
N LEU A 114 -17.59 -15.89 8.58
CA LEU A 114 -18.14 -14.57 8.87
C LEU A 114 -17.30 -13.81 9.88
N ALA A 115 -16.63 -14.53 10.75
CA ALA A 115 -15.78 -13.91 11.74
C ALA A 115 -14.41 -13.54 11.16
N ASP A 116 -14.17 -13.88 9.92
CA ASP A 116 -12.90 -13.53 9.28
C ASP A 116 -13.13 -12.35 8.35
N ASP A 117 -14.40 -11.99 8.18
CA ASP A 117 -14.80 -10.80 7.43
C ASP A 117 -14.11 -9.58 7.99
N ALA A 118 -13.25 -9.01 7.19
CA ALA A 118 -12.49 -7.89 7.60
C ALA A 118 -11.80 -7.28 6.43
N ALA A 119 -11.36 -6.07 6.59
CA ALA A 119 -10.54 -5.42 5.62
C ALA A 119 -9.12 -5.84 5.91
N TYR A 120 -8.41 -6.30 4.92
CA TYR A 120 -7.07 -6.78 5.15
C TYR A 120 -6.10 -5.75 4.64
N GLN A 121 -5.12 -5.48 5.43
CA GLN A 121 -4.13 -4.50 5.10
C GLN A 121 -2.77 -5.10 5.13
N CYS A 122 -2.03 -4.89 4.10
CA CYS A 122 -0.65 -5.25 4.07
C CYS A 122 0.11 -3.95 4.12
N VAL A 123 0.78 -3.76 5.22
CA VAL A 123 1.48 -2.53 5.51
C VAL A 123 2.98 -2.69 5.26
N VAL A 124 3.53 -1.78 4.48
CA VAL A 124 4.95 -1.66 4.20
C VAL A 124 5.31 -0.23 4.59
N GLY A 125 6.58 0.07 4.81
CA GLY A 125 6.94 1.41 5.18
C GLY A 125 6.55 2.42 4.10
N GLY A 126 5.61 3.26 4.47
CA GLY A 126 5.14 4.34 3.66
C GLY A 126 3.95 3.97 2.82
N GLU A 127 3.93 2.75 2.34
CA GLU A 127 2.91 2.30 1.43
C GLU A 127 2.09 1.19 2.05
N LYS A 128 0.81 1.27 1.91
CA LYS A 128 -0.07 0.26 2.43
C LYS A 128 -1.09 -0.08 1.41
N CYS A 129 -1.70 -1.21 1.58
CA CYS A 129 -2.80 -1.60 0.76
C CYS A 129 -3.87 -2.15 1.66
N SER A 130 -5.10 -1.92 1.31
CA SER A 130 -6.20 -2.34 2.12
C SER A 130 -7.33 -2.87 1.27
N THR A 131 -7.61 -4.16 1.36
CA THR A 131 -8.67 -4.71 0.63
C THR A 131 -9.85 -4.97 1.55
N GLU A 132 -11.02 -4.73 1.07
CA GLU A 132 -12.19 -5.01 1.82
C GLU A 132 -12.82 -6.28 1.31
N LEU A 133 -12.75 -7.29 2.14
CA LEU A 133 -13.20 -8.62 1.80
C LEU A 133 -14.68 -8.77 2.15
N PHE A 134 -15.40 -9.50 1.33
CA PHE A 134 -16.80 -9.80 1.57
C PHE A 134 -16.97 -11.31 1.71
N VAL A 135 -17.61 -11.75 2.77
CA VAL A 135 -17.88 -13.15 2.99
C VAL A 135 -19.32 -13.46 2.64
N LYS A 136 -19.52 -14.27 1.64
CA LYS A 136 -20.85 -14.67 1.22
C LYS A 136 -21.12 -16.11 1.68
N GLU A 137 -22.08 -16.29 2.56
CA GLU A 137 -22.42 -17.62 3.08
C GLU A 137 -22.97 -18.52 1.98
N GLY A 1 7.80 20.60 -2.72
CA GLY A 1 7.10 21.27 -3.81
C GLY A 1 6.76 22.69 -3.43
N PRO A 2 6.88 23.64 -4.37
CA PRO A 2 6.61 25.05 -4.08
C PRO A 2 5.12 25.35 -3.81
N GLY A 3 4.88 26.08 -2.75
CA GLY A 3 3.54 26.46 -2.38
C GLY A 3 3.26 27.89 -2.78
N SER A 4 2.08 28.37 -2.48
CA SER A 4 1.65 29.71 -2.84
C SER A 4 0.46 30.10 -1.97
N GLU A 5 -0.63 29.41 -2.16
CA GLU A 5 -1.87 29.63 -1.43
C GLU A 5 -2.02 28.59 -0.34
N ASP A 6 -1.78 27.34 -0.70
CA ASP A 6 -1.71 26.20 0.22
C ASP A 6 -3.02 25.92 0.94
N VAL A 7 -4.10 26.55 0.49
CA VAL A 7 -5.42 26.42 1.10
C VAL A 7 -5.86 24.95 1.22
N TRP A 8 -5.45 24.15 0.24
CA TRP A 8 -5.75 22.72 0.16
C TRP A 8 -5.37 22.03 1.46
N GLU A 9 -4.13 22.21 1.84
CA GLU A 9 -3.58 21.56 3.00
C GLU A 9 -3.86 22.35 4.27
N ILE A 10 -3.86 23.68 4.19
CA ILE A 10 -4.11 24.53 5.35
C ILE A 10 -5.54 24.36 5.87
N LEU A 11 -6.51 24.43 4.97
CA LEU A 11 -7.91 24.35 5.37
C LEU A 11 -8.26 22.92 5.78
N ARG A 12 -7.61 21.96 5.15
CA ARG A 12 -7.81 20.55 5.45
C ARG A 12 -7.38 20.19 6.87
N GLN A 13 -6.37 20.87 7.37
CA GLN A 13 -5.87 20.61 8.71
C GLN A 13 -6.47 21.60 9.70
N ALA A 14 -7.30 22.47 9.19
CA ALA A 14 -7.91 23.48 10.02
C ALA A 14 -9.24 22.98 10.59
N PRO A 15 -9.66 23.49 11.76
CA PRO A 15 -10.95 23.16 12.36
C PRO A 15 -12.12 23.53 11.43
N PRO A 16 -13.17 22.68 11.37
CA PRO A 16 -14.30 22.83 10.44
C PRO A 16 -15.04 24.18 10.54
N SER A 17 -14.94 24.85 11.67
CA SER A 17 -15.63 26.11 11.85
C SER A 17 -14.95 27.24 11.11
N GLU A 18 -13.69 27.06 10.82
CA GLU A 18 -12.92 28.10 10.23
C GLU A 18 -12.92 27.96 8.72
N TYR A 19 -13.47 26.84 8.23
CA TYR A 19 -13.49 26.47 6.80
C TYR A 19 -13.84 27.62 5.87
N GLU A 20 -14.97 28.26 6.12
CA GLU A 20 -15.44 29.35 5.26
C GLU A 20 -14.44 30.50 5.19
N ARG A 21 -13.97 30.94 6.34
CA ARG A 21 -13.04 32.06 6.40
C ARG A 21 -11.75 31.76 5.66
N ILE A 22 -11.28 30.54 5.79
CA ILE A 22 -10.05 30.12 5.16
C ILE A 22 -10.26 29.94 3.65
N ALA A 23 -11.42 29.43 3.29
CA ALA A 23 -11.79 29.23 1.90
C ALA A 23 -11.84 30.55 1.18
N PHE A 24 -12.65 31.44 1.68
CA PHE A 24 -12.84 32.74 1.07
C PHE A 24 -11.58 33.59 1.18
N GLN A 25 -10.74 33.27 2.15
CA GLN A 25 -9.45 33.92 2.34
C GLN A 25 -8.61 33.75 1.09
N TYR A 26 -8.61 32.55 0.55
CA TYR A 26 -7.77 32.22 -0.58
C TYR A 26 -8.53 32.24 -1.90
N GLY A 27 -9.80 32.63 -1.86
CA GLY A 27 -10.55 32.74 -3.07
C GLY A 27 -11.23 31.45 -3.44
N VAL A 28 -11.36 30.57 -2.49
CA VAL A 28 -12.06 29.34 -2.71
C VAL A 28 -13.47 29.60 -2.33
N THR A 29 -14.28 29.80 -3.30
CA THR A 29 -15.62 30.15 -3.05
C THR A 29 -16.42 28.87 -2.79
N ASP A 30 -16.12 27.82 -3.54
CA ASP A 30 -16.73 26.54 -3.32
C ASP A 30 -15.79 25.66 -2.55
N LEU A 31 -15.87 25.77 -1.25
CA LEU A 31 -15.03 25.01 -0.36
C LEU A 31 -15.48 23.58 -0.28
N ARG A 32 -16.78 23.38 -0.32
CA ARG A 32 -17.35 22.05 -0.12
C ARG A 32 -16.90 21.08 -1.20
N GLY A 33 -16.82 21.58 -2.42
CA GLY A 33 -16.35 20.77 -3.52
C GLY A 33 -14.85 20.55 -3.45
N MET A 34 -14.15 21.43 -2.75
CA MET A 34 -12.71 21.31 -2.62
C MET A 34 -12.39 20.16 -1.66
N LEU A 35 -13.11 20.12 -0.52
CA LEU A 35 -12.93 19.04 0.46
C LEU A 35 -13.30 17.69 -0.13
N LYS A 36 -14.26 17.72 -1.03
CA LYS A 36 -14.70 16.53 -1.76
C LYS A 36 -13.49 15.93 -2.50
N ARG A 37 -12.75 16.78 -3.15
CA ARG A 37 -11.55 16.42 -3.88
C ARG A 37 -10.43 15.95 -2.92
N LEU A 38 -10.28 16.66 -1.80
CA LEU A 38 -9.26 16.33 -0.76
C LEU A 38 -9.50 14.99 -0.08
N LYS A 39 -10.73 14.48 -0.13
CA LYS A 39 -10.99 13.15 0.42
C LYS A 39 -10.22 12.14 -0.38
N GLY A 40 -10.24 12.32 -1.69
CA GLY A 40 -9.53 11.45 -2.59
C GLY A 40 -8.06 11.75 -2.59
N MET A 41 -7.75 13.02 -2.64
CA MET A 41 -6.36 13.45 -2.65
C MET A 41 -5.83 13.52 -1.24
N ARG A 42 -5.41 12.38 -0.77
CA ARG A 42 -4.88 12.23 0.58
C ARG A 42 -3.51 12.85 0.69
N ARG A 43 -2.90 13.07 -0.47
CA ARG A 43 -1.56 13.56 -0.62
C ARG A 43 -0.60 12.44 -0.30
N ASP A 44 -0.23 11.74 -1.32
CA ASP A 44 0.67 10.63 -1.23
C ASP A 44 1.85 10.93 -2.11
N GLU A 45 3.03 10.95 -1.56
CA GLU A 45 4.22 11.13 -2.37
C GLU A 45 4.59 9.79 -2.95
N LYS A 46 4.30 8.76 -2.19
CA LYS A 46 4.43 7.42 -2.65
C LYS A 46 3.28 7.06 -3.59
N LYS A 47 3.53 6.14 -4.46
CA LYS A 47 2.64 5.85 -5.59
C LYS A 47 2.85 4.43 -6.06
N SER A 48 2.88 3.53 -5.11
CA SER A 48 3.15 2.13 -5.33
C SER A 48 4.56 1.94 -5.86
N THR A 49 5.47 2.11 -4.97
CA THR A 49 6.88 2.02 -5.22
C THR A 49 7.53 1.03 -4.21
N ALA A 50 6.81 0.77 -3.12
CA ALA A 50 7.19 -0.23 -2.15
C ALA A 50 6.39 -1.46 -2.44
N PHE A 51 5.18 -1.22 -2.86
CA PHE A 51 4.28 -2.22 -3.31
C PHE A 51 4.18 -2.12 -4.80
N GLN A 52 4.37 -3.21 -5.47
CA GLN A 52 4.27 -3.23 -6.92
C GLN A 52 2.82 -3.36 -7.29
N LYS A 53 2.15 -4.24 -6.59
CA LYS A 53 0.79 -4.55 -6.83
C LYS A 53 0.17 -4.64 -5.51
N LYS A 54 -0.83 -3.88 -5.32
CA LYS A 54 -1.49 -3.78 -4.09
C LYS A 54 -2.71 -4.64 -4.11
N LEU A 55 -3.29 -4.84 -2.96
CA LEU A 55 -4.51 -5.59 -2.84
C LEU A 55 -5.60 -4.89 -3.61
N GLU A 56 -6.43 -5.67 -4.25
CA GLU A 56 -7.54 -5.15 -5.00
C GLU A 56 -8.50 -4.44 -4.07
N PRO A 57 -9.21 -3.41 -4.55
CA PRO A 57 -10.13 -2.61 -3.74
C PRO A 57 -11.09 -3.47 -2.91
N ALA A 58 -11.51 -4.59 -3.46
CA ALA A 58 -12.41 -5.49 -2.78
C ALA A 58 -12.20 -6.90 -3.28
N TYR A 59 -12.49 -7.86 -2.44
CA TYR A 59 -12.48 -9.27 -2.79
C TYR A 59 -13.74 -9.87 -2.25
N GLN A 60 -14.14 -10.98 -2.79
CA GLN A 60 -15.29 -11.67 -2.31
C GLN A 60 -14.95 -13.15 -2.25
N VAL A 61 -15.35 -13.78 -1.19
CA VAL A 61 -15.08 -15.18 -0.99
C VAL A 61 -16.32 -15.80 -0.38
N SER A 62 -16.49 -17.07 -0.54
CA SER A 62 -17.61 -17.74 0.04
C SER A 62 -17.20 -18.30 1.39
N LYS A 63 -18.15 -18.41 2.29
CA LYS A 63 -17.89 -18.91 3.62
C LYS A 63 -17.43 -20.37 3.57
N GLY A 64 -16.24 -20.61 4.04
CA GLY A 64 -15.69 -21.94 4.05
C GLY A 64 -14.74 -22.15 2.91
N HIS A 65 -14.58 -21.13 2.10
CA HIS A 65 -13.65 -21.17 1.00
C HIS A 65 -12.30 -20.64 1.41
N LYS A 66 -11.41 -20.59 0.48
CA LYS A 66 -10.07 -20.13 0.73
C LYS A 66 -9.82 -18.93 -0.15
N ILE A 67 -9.32 -17.86 0.43
CA ILE A 67 -9.09 -16.63 -0.32
C ILE A 67 -7.63 -16.26 -0.27
N ARG A 68 -7.08 -15.99 -1.42
CA ARG A 68 -5.72 -15.57 -1.52
C ARG A 68 -5.61 -14.10 -1.74
N LEU A 69 -5.13 -13.43 -0.74
CA LEU A 69 -4.88 -12.04 -0.80
C LEU A 69 -3.41 -11.88 -1.15
N THR A 70 -3.12 -11.29 -2.26
CA THR A 70 -1.76 -11.25 -2.70
C THR A 70 -1.27 -9.83 -2.91
N VAL A 71 -0.01 -9.60 -2.61
CA VAL A 71 0.64 -8.35 -2.76
C VAL A 71 2.02 -8.59 -3.26
N GLU A 72 2.47 -7.74 -4.10
CA GLU A 72 3.78 -7.84 -4.63
C GLU A 72 4.65 -6.76 -4.06
N LEU A 73 5.68 -7.14 -3.39
CA LEU A 73 6.61 -6.19 -2.85
C LEU A 73 7.63 -5.84 -3.89
N ALA A 74 8.03 -4.59 -3.91
CA ALA A 74 9.08 -4.17 -4.80
C ALA A 74 10.40 -4.62 -4.20
N ASP A 75 10.51 -4.40 -2.91
CA ASP A 75 11.64 -4.83 -2.13
C ASP A 75 11.41 -6.25 -1.72
N HIS A 76 12.23 -7.15 -2.20
CA HIS A 76 12.08 -8.56 -1.89
C HIS A 76 12.64 -8.89 -0.51
N ASP A 77 13.54 -8.03 -0.04
CA ASP A 77 14.16 -8.16 1.28
C ASP A 77 13.40 -7.36 2.34
N ALA A 78 12.14 -7.17 2.10
CA ALA A 78 11.28 -6.48 2.98
C ALA A 78 10.11 -7.39 3.18
N GLU A 79 9.38 -7.17 4.20
CA GLU A 79 8.25 -7.98 4.47
C GLU A 79 7.04 -7.10 4.71
N VAL A 80 5.91 -7.70 4.91
CA VAL A 80 4.67 -6.98 5.12
C VAL A 80 4.13 -7.24 6.50
N LYS A 81 3.22 -6.41 6.91
CA LYS A 81 2.52 -6.57 8.14
C LYS A 81 1.06 -6.71 7.77
N TRP A 82 0.42 -7.64 8.39
CA TRP A 82 -0.89 -8.04 8.02
C TRP A 82 -1.89 -7.54 9.03
N LEU A 83 -2.87 -6.80 8.61
CA LEU A 83 -3.89 -6.37 9.52
C LEU A 83 -5.25 -6.62 8.97
N LYS A 84 -6.14 -6.95 9.84
CA LYS A 84 -7.50 -7.00 9.50
C LYS A 84 -8.23 -6.18 10.47
N ASN A 85 -9.00 -5.23 9.96
CA ASN A 85 -9.80 -4.25 10.73
C ASN A 85 -8.98 -3.46 11.74
N GLY A 86 -7.66 -3.49 11.56
CA GLY A 86 -6.77 -2.77 12.44
C GLY A 86 -6.07 -3.68 13.43
N GLN A 87 -6.31 -4.95 13.29
CA GLN A 87 -5.74 -5.96 14.14
C GLN A 87 -4.70 -6.76 13.36
N GLU A 88 -3.47 -6.81 13.88
CA GLU A 88 -2.39 -7.56 13.25
C GLU A 88 -2.68 -9.04 13.14
N ILE A 89 -2.87 -9.49 11.93
CA ILE A 89 -3.03 -10.88 11.60
C ILE A 89 -1.65 -11.55 11.66
N GLN A 90 -1.67 -12.77 12.02
CA GLN A 90 -0.50 -13.61 11.96
C GLN A 90 -0.94 -14.98 11.46
N MET A 91 0.02 -15.84 11.23
CA MET A 91 -0.27 -17.20 10.82
C MET A 91 -0.95 -17.90 11.99
N SER A 92 -2.24 -18.04 11.93
CA SER A 92 -2.94 -18.67 12.99
C SER A 92 -3.18 -20.11 12.60
N GLY A 93 -2.31 -20.98 13.10
CA GLY A 93 -2.40 -22.38 12.80
C GLY A 93 -2.23 -22.64 11.33
N SER A 94 -3.15 -23.36 10.76
CA SER A 94 -3.13 -23.67 9.36
C SER A 94 -4.17 -22.84 8.61
N LYS A 95 -4.72 -21.84 9.29
CA LYS A 95 -5.74 -21.00 8.71
C LYS A 95 -5.13 -19.95 7.78
N TYR A 96 -4.28 -19.11 8.33
CA TYR A 96 -3.65 -18.07 7.53
C TYR A 96 -2.30 -18.54 7.09
N ILE A 97 -2.18 -18.85 5.84
CA ILE A 97 -0.94 -19.33 5.31
C ILE A 97 -0.27 -18.25 4.49
N PHE A 98 0.84 -17.77 5.00
CA PHE A 98 1.63 -16.81 4.28
C PHE A 98 2.57 -17.54 3.37
N GLU A 99 2.40 -17.35 2.12
CA GLU A 99 3.25 -17.93 1.12
C GLU A 99 4.06 -16.83 0.49
N SER A 100 5.32 -16.80 0.79
CA SER A 100 6.18 -15.78 0.28
C SER A 100 6.92 -16.33 -0.93
N ILE A 101 6.61 -15.82 -2.08
CA ILE A 101 7.18 -16.31 -3.31
C ILE A 101 8.08 -15.23 -3.89
N GLY A 102 9.32 -15.25 -3.48
CA GLY A 102 10.27 -14.25 -3.90
C GLY A 102 9.92 -12.90 -3.31
N ALA A 103 9.43 -12.01 -4.14
CA ALA A 103 9.03 -10.71 -3.70
C ALA A 103 7.56 -10.68 -3.34
N LYS A 104 6.77 -11.55 -3.95
CA LYS A 104 5.34 -11.52 -3.74
C LYS A 104 4.94 -12.27 -2.48
N ARG A 105 3.98 -11.74 -1.80
CA ARG A 105 3.44 -12.34 -0.61
C ARG A 105 2.01 -12.71 -0.87
N THR A 106 1.73 -13.96 -0.73
CA THR A 106 0.41 -14.46 -0.91
C THR A 106 -0.13 -14.95 0.43
N LEU A 107 -1.22 -14.41 0.85
CA LEU A 107 -1.86 -14.87 2.03
C LEU A 107 -3.04 -15.73 1.66
N THR A 108 -2.92 -16.99 1.92
CA THR A 108 -3.96 -17.92 1.68
C THR A 108 -4.75 -18.12 2.96
N ILE A 109 -5.90 -17.49 3.04
CA ILE A 109 -6.76 -17.65 4.18
C ILE A 109 -7.62 -18.86 3.92
N SER A 110 -7.43 -19.89 4.68
CA SER A 110 -8.19 -21.08 4.47
C SER A 110 -9.38 -21.11 5.42
N GLN A 111 -10.50 -21.57 4.89
CA GLN A 111 -11.75 -21.77 5.61
C GLN A 111 -12.24 -20.44 6.17
N CYS A 112 -12.43 -19.50 5.28
CA CYS A 112 -12.85 -18.16 5.61
C CYS A 112 -14.24 -18.16 6.22
N SER A 113 -14.34 -17.68 7.41
CA SER A 113 -15.58 -17.62 8.09
C SER A 113 -16.17 -16.25 7.85
N LEU A 114 -17.34 -16.03 8.38
CA LEU A 114 -17.98 -14.74 8.31
C LEU A 114 -17.25 -13.79 9.24
N ALA A 115 -16.51 -14.36 10.18
CA ALA A 115 -15.71 -13.61 11.11
C ALA A 115 -14.40 -13.18 10.43
N ASP A 116 -14.22 -13.59 9.19
CA ASP A 116 -13.07 -13.20 8.39
C ASP A 116 -13.50 -12.15 7.39
N ASP A 117 -14.73 -11.68 7.53
CA ASP A 117 -15.21 -10.58 6.73
C ASP A 117 -14.67 -9.32 7.36
N ALA A 118 -13.56 -8.87 6.85
CA ALA A 118 -12.86 -7.76 7.42
C ALA A 118 -12.20 -6.93 6.36
N ALA A 119 -11.73 -5.79 6.79
CA ALA A 119 -10.93 -4.93 5.96
C ALA A 119 -9.49 -5.34 6.17
N TYR A 120 -8.84 -5.73 5.13
CA TYR A 120 -7.50 -6.23 5.23
C TYR A 120 -6.50 -5.25 4.72
N GLN A 121 -5.41 -5.13 5.40
CA GLN A 121 -4.36 -4.22 5.03
C GLN A 121 -3.02 -4.90 5.12
N CYS A 122 -2.22 -4.74 4.13
CA CYS A 122 -0.85 -5.15 4.19
C CYS A 122 -0.05 -3.88 4.27
N VAL A 123 0.61 -3.68 5.37
CA VAL A 123 1.29 -2.44 5.63
C VAL A 123 2.81 -2.63 5.61
N VAL A 124 3.46 -1.74 4.91
CA VAL A 124 4.90 -1.64 4.85
C VAL A 124 5.20 -0.19 5.23
N GLY A 125 6.40 0.14 5.63
CA GLY A 125 6.69 1.50 5.95
C GLY A 125 6.63 2.39 4.73
N GLY A 126 5.65 3.26 4.73
CA GLY A 126 5.47 4.21 3.69
C GLY A 126 4.29 3.89 2.82
N GLU A 127 4.03 2.62 2.58
CA GLU A 127 2.92 2.26 1.73
C GLU A 127 2.13 1.13 2.34
N LYS A 128 0.89 1.09 2.01
CA LYS A 128 0.03 0.06 2.48
C LYS A 128 -0.90 -0.28 1.36
N CYS A 129 -1.75 -1.22 1.59
CA CYS A 129 -2.78 -1.57 0.68
C CYS A 129 -3.95 -2.05 1.49
N SER A 130 -5.10 -1.58 1.17
CA SER A 130 -6.29 -1.89 1.90
C SER A 130 -7.31 -2.55 1.00
N THR A 131 -7.83 -3.66 1.43
CA THR A 131 -8.82 -4.33 0.67
C THR A 131 -10.03 -4.63 1.57
N GLU A 132 -11.19 -4.68 0.98
CA GLU A 132 -12.38 -4.99 1.70
C GLU A 132 -12.89 -6.35 1.24
N LEU A 133 -12.82 -7.34 2.12
CA LEU A 133 -13.23 -8.68 1.80
C LEU A 133 -14.69 -8.88 2.15
N PHE A 134 -15.44 -9.40 1.22
CA PHE A 134 -16.84 -9.69 1.41
C PHE A 134 -17.02 -11.19 1.45
N VAL A 135 -17.34 -11.71 2.60
CA VAL A 135 -17.57 -13.14 2.74
C VAL A 135 -19.06 -13.40 2.63
N LYS A 136 -19.44 -14.19 1.67
CA LYS A 136 -20.84 -14.51 1.51
C LYS A 136 -21.06 -15.99 1.74
N GLU A 137 -22.03 -16.29 2.55
CA GLU A 137 -22.48 -17.66 2.72
C GLU A 137 -23.03 -18.13 1.39
N GLY A 1 12.05 11.17 -33.42
CA GLY A 1 11.80 9.88 -32.79
C GLY A 1 11.77 8.78 -33.82
N PRO A 2 12.02 7.52 -33.43
CA PRO A 2 12.01 6.38 -34.36
C PRO A 2 10.61 6.07 -34.92
N GLY A 3 9.59 6.44 -34.17
CA GLY A 3 8.22 6.25 -34.61
C GLY A 3 7.68 7.51 -35.24
N SER A 4 6.37 7.66 -35.25
CA SER A 4 5.76 8.84 -35.85
C SER A 4 4.57 9.35 -35.01
N GLU A 5 3.71 8.45 -34.57
CA GLU A 5 2.58 8.82 -33.71
C GLU A 5 2.78 8.17 -32.35
N ASP A 6 3.93 7.55 -32.22
CA ASP A 6 4.34 6.75 -31.06
C ASP A 6 4.77 7.59 -29.87
N VAL A 7 4.27 8.81 -29.79
CA VAL A 7 4.61 9.73 -28.71
C VAL A 7 4.25 9.12 -27.34
N TRP A 8 3.19 8.35 -27.32
CA TRP A 8 2.69 7.66 -26.13
C TRP A 8 3.77 6.82 -25.47
N GLU A 9 4.47 6.06 -26.27
CA GLU A 9 5.54 5.20 -25.78
C GLU A 9 6.86 5.96 -25.69
N ILE A 10 7.16 6.76 -26.69
CA ILE A 10 8.42 7.51 -26.76
C ILE A 10 8.56 8.47 -25.57
N LEU A 11 7.54 9.26 -25.32
CA LEU A 11 7.56 10.27 -24.26
C LEU A 11 7.51 9.61 -22.89
N ARG A 12 6.90 8.43 -22.83
CA ARG A 12 6.76 7.66 -21.58
C ARG A 12 8.12 7.31 -20.97
N GLN A 13 8.98 6.76 -21.80
CA GLN A 13 10.28 6.24 -21.38
C GLN A 13 11.37 7.26 -21.55
N ALA A 14 11.00 8.41 -22.01
CA ALA A 14 11.93 9.51 -22.15
C ALA A 14 12.09 10.21 -20.79
N PRO A 15 13.24 10.87 -20.54
CA PRO A 15 13.45 11.63 -19.31
C PRO A 15 12.37 12.72 -19.15
N PRO A 16 11.92 12.97 -17.91
CA PRO A 16 10.79 13.86 -17.61
C PRO A 16 11.00 15.30 -18.07
N SER A 17 12.23 15.69 -18.21
CA SER A 17 12.56 17.04 -18.59
C SER A 17 12.40 17.24 -20.10
N GLU A 18 12.20 16.15 -20.81
CA GLU A 18 12.03 16.22 -22.24
C GLU A 18 10.56 16.27 -22.61
N TYR A 19 9.69 15.86 -21.67
CA TYR A 19 8.23 15.72 -21.89
C TYR A 19 7.60 16.89 -22.64
N GLU A 20 7.89 18.10 -22.18
CA GLU A 20 7.34 19.32 -22.76
C GLU A 20 7.67 19.45 -24.25
N ARG A 21 8.94 19.38 -24.56
CA ARG A 21 9.41 19.54 -25.93
C ARG A 21 8.92 18.39 -26.80
N ILE A 22 8.95 17.17 -26.27
CA ILE A 22 8.50 15.98 -27.00
C ILE A 22 7.02 16.15 -27.39
N ALA A 23 6.22 16.59 -26.44
CA ALA A 23 4.81 16.79 -26.63
C ALA A 23 4.55 17.76 -27.77
N PHE A 24 5.07 18.97 -27.64
CA PHE A 24 4.89 20.00 -28.66
C PHE A 24 5.48 19.59 -30.00
N GLN A 25 6.54 18.81 -29.97
CA GLN A 25 7.17 18.30 -31.17
C GLN A 25 6.23 17.35 -31.92
N TYR A 26 5.46 16.57 -31.19
CA TYR A 26 4.53 15.62 -31.79
C TYR A 26 3.13 16.18 -31.97
N GLY A 27 2.95 17.45 -31.67
CA GLY A 27 1.65 18.05 -31.86
C GLY A 27 0.74 17.81 -30.69
N VAL A 28 1.30 17.33 -29.61
CA VAL A 28 0.57 17.11 -28.39
C VAL A 28 0.67 18.40 -27.63
N THR A 29 -0.28 19.24 -27.88
CA THR A 29 -0.31 20.56 -27.36
C THR A 29 -0.37 20.55 -25.83
N ASP A 30 -1.21 19.72 -25.29
CA ASP A 30 -1.35 19.67 -23.86
C ASP A 30 -0.81 18.36 -23.35
N LEU A 31 0.39 18.40 -22.81
CA LEU A 31 1.01 17.20 -22.27
C LEU A 31 0.41 16.84 -20.93
N ARG A 32 -0.21 17.80 -20.26
CA ARG A 32 -0.80 17.56 -18.95
C ARG A 32 -1.90 16.52 -19.04
N GLY A 33 -2.75 16.66 -20.05
CA GLY A 33 -3.83 15.70 -20.27
C GLY A 33 -3.29 14.32 -20.57
N MET A 34 -2.17 14.28 -21.25
CA MET A 34 -1.50 13.04 -21.60
C MET A 34 -0.91 12.41 -20.34
N LEU A 35 -0.20 13.21 -19.57
CA LEU A 35 0.44 12.76 -18.34
C LEU A 35 -0.58 12.35 -17.31
N LYS A 36 -1.71 13.01 -17.31
CA LYS A 36 -2.81 12.71 -16.42
C LYS A 36 -3.28 11.28 -16.66
N ARG A 37 -3.42 10.97 -17.91
CA ARG A 37 -3.82 9.64 -18.35
C ARG A 37 -2.70 8.61 -18.17
N LEU A 38 -1.48 9.01 -18.47
CA LEU A 38 -0.33 8.11 -18.39
C LEU A 38 0.00 7.80 -16.93
N LYS A 39 -0.46 8.67 -16.06
CA LYS A 39 -0.25 8.58 -14.62
C LYS A 39 -0.96 7.34 -14.04
N GLY A 40 -1.81 6.76 -14.81
CA GLY A 40 -2.48 5.55 -14.42
C GLY A 40 -1.80 4.30 -14.97
N MET A 41 -0.62 4.45 -15.57
CA MET A 41 0.10 3.32 -16.18
C MET A 41 0.98 2.60 -15.18
N ARG A 42 0.64 2.73 -13.88
CA ARG A 42 1.37 2.14 -12.73
C ARG A 42 2.87 2.38 -12.78
N ARG A 43 3.23 3.55 -13.25
CA ARG A 43 4.62 3.93 -13.36
C ARG A 43 4.90 5.17 -12.53
N ASP A 44 3.96 6.10 -12.47
CA ASP A 44 4.14 7.28 -11.65
C ASP A 44 3.34 7.09 -10.40
N GLU A 45 3.84 6.25 -9.56
CA GLU A 45 3.20 5.93 -8.34
C GLU A 45 3.79 6.76 -7.24
N LYS A 46 3.06 7.76 -6.82
CA LYS A 46 3.52 8.62 -5.75
C LYS A 46 3.60 7.86 -4.45
N LYS A 47 2.63 7.01 -4.22
CA LYS A 47 2.60 6.26 -2.99
C LYS A 47 3.08 4.82 -3.16
N SER A 48 2.70 4.15 -4.24
CA SER A 48 3.05 2.75 -4.45
C SER A 48 4.52 2.65 -4.87
N THR A 49 5.36 2.88 -3.92
CA THR A 49 6.77 2.86 -4.11
C THR A 49 7.33 1.65 -3.37
N ALA A 50 6.87 1.50 -2.13
CA ALA A 50 7.19 0.36 -1.30
C ALA A 50 6.46 -0.85 -1.84
N PHE A 51 5.28 -0.59 -2.32
CA PHE A 51 4.47 -1.56 -2.93
C PHE A 51 4.79 -1.65 -4.39
N GLN A 52 4.90 -2.85 -4.88
CA GLN A 52 5.16 -3.07 -6.27
C GLN A 52 3.78 -3.14 -6.94
N LYS A 53 2.83 -3.75 -6.24
CA LYS A 53 1.45 -3.82 -6.63
C LYS A 53 0.69 -4.04 -5.39
N LYS A 54 -0.36 -3.34 -5.27
CA LYS A 54 -1.15 -3.38 -4.09
C LYS A 54 -2.33 -4.31 -4.30
N LEU A 55 -3.09 -4.52 -3.26
CA LEU A 55 -4.29 -5.35 -3.27
C LEU A 55 -5.33 -4.81 -4.25
N GLU A 56 -6.19 -5.67 -4.72
CA GLU A 56 -7.32 -5.22 -5.49
C GLU A 56 -8.28 -4.58 -4.50
N PRO A 57 -9.05 -3.57 -4.92
CA PRO A 57 -9.96 -2.84 -4.01
C PRO A 57 -10.90 -3.76 -3.22
N ALA A 58 -11.36 -4.81 -3.85
CA ALA A 58 -12.25 -5.74 -3.18
C ALA A 58 -11.99 -7.16 -3.62
N TYR A 59 -12.31 -8.08 -2.73
CA TYR A 59 -12.22 -9.51 -2.99
C TYR A 59 -13.49 -10.15 -2.45
N GLN A 60 -13.77 -11.35 -2.87
CA GLN A 60 -14.93 -12.08 -2.41
C GLN A 60 -14.55 -13.52 -2.15
N VAL A 61 -15.15 -14.11 -1.15
CA VAL A 61 -14.91 -15.49 -0.82
C VAL A 61 -16.20 -16.08 -0.24
N SER A 62 -16.35 -17.36 -0.33
CA SER A 62 -17.46 -18.02 0.27
C SER A 62 -17.06 -18.45 1.67
N LYS A 63 -18.00 -18.43 2.56
CA LYS A 63 -17.78 -18.82 3.92
C LYS A 63 -17.39 -20.29 3.98
N GLY A 64 -16.23 -20.55 4.52
CA GLY A 64 -15.73 -21.90 4.61
C GLY A 64 -14.76 -22.22 3.51
N HIS A 65 -14.52 -21.25 2.67
CA HIS A 65 -13.63 -21.43 1.54
C HIS A 65 -12.30 -20.77 1.79
N LYS A 66 -11.36 -21.02 0.91
CA LYS A 66 -10.04 -20.46 0.98
C LYS A 66 -9.93 -19.31 0.01
N ILE A 67 -9.21 -18.28 0.39
CA ILE A 67 -9.04 -17.13 -0.47
C ILE A 67 -7.57 -16.73 -0.43
N ARG A 68 -7.03 -16.37 -1.57
CA ARG A 68 -5.66 -15.94 -1.68
C ARG A 68 -5.55 -14.50 -2.10
N LEU A 69 -4.98 -13.73 -1.23
CA LEU A 69 -4.76 -12.31 -1.44
C LEU A 69 -3.33 -12.13 -1.93
N THR A 70 -3.15 -11.42 -3.03
CA THR A 70 -1.84 -11.32 -3.62
C THR A 70 -1.39 -9.85 -3.77
N VAL A 71 -0.16 -9.59 -3.39
CA VAL A 71 0.48 -8.28 -3.50
C VAL A 71 1.92 -8.48 -3.89
N GLU A 72 2.53 -7.43 -4.36
CA GLU A 72 3.93 -7.47 -4.68
C GLU A 72 4.64 -6.40 -3.92
N LEU A 73 5.76 -6.73 -3.43
CA LEU A 73 6.59 -5.84 -2.70
C LEU A 73 7.74 -5.45 -3.59
N ALA A 74 8.21 -4.23 -3.46
CA ALA A 74 9.29 -3.76 -4.32
C ALA A 74 10.65 -4.29 -3.85
N ASP A 75 10.64 -4.95 -2.72
CA ASP A 75 11.82 -5.56 -2.16
C ASP A 75 11.44 -6.96 -1.69
N HIS A 76 12.31 -7.91 -1.93
CA HIS A 76 12.06 -9.33 -1.66
C HIS A 76 12.16 -9.65 -0.17
N ASP A 77 12.87 -8.82 0.55
CA ASP A 77 13.16 -9.06 1.95
C ASP A 77 12.39 -8.05 2.81
N ALA A 78 11.33 -7.54 2.25
CA ALA A 78 10.53 -6.56 2.88
C ALA A 78 9.37 -7.27 3.41
N GLU A 79 8.97 -6.92 4.56
CA GLU A 79 7.89 -7.60 5.14
C GLU A 79 6.63 -6.82 5.08
N VAL A 80 5.59 -7.56 4.83
CA VAL A 80 4.29 -7.03 4.77
C VAL A 80 3.47 -7.73 5.83
N LYS A 81 2.73 -6.99 6.55
CA LYS A 81 1.87 -7.52 7.56
C LYS A 81 0.46 -7.31 7.09
N TRP A 82 -0.41 -8.20 7.39
CA TRP A 82 -1.78 -8.05 6.97
C TRP A 82 -2.57 -7.67 8.20
N LEU A 83 -3.30 -6.62 8.12
CA LEU A 83 -4.14 -6.22 9.20
C LEU A 83 -5.56 -6.31 8.79
N LYS A 84 -6.36 -6.93 9.60
CA LYS A 84 -7.75 -6.97 9.33
C LYS A 84 -8.45 -5.91 10.13
N ASN A 85 -8.93 -4.91 9.41
CA ASN A 85 -9.60 -3.67 9.91
C ASN A 85 -8.76 -2.85 10.92
N GLY A 86 -7.55 -3.31 11.18
CA GLY A 86 -6.67 -2.65 12.12
C GLY A 86 -6.05 -3.63 13.09
N GLN A 87 -6.49 -4.87 13.03
CA GLN A 87 -5.99 -5.90 13.90
C GLN A 87 -5.01 -6.76 13.11
N GLU A 88 -3.85 -6.94 13.65
CA GLU A 88 -2.80 -7.72 13.01
C GLU A 88 -3.23 -9.16 12.77
N ILE A 89 -3.26 -9.55 11.52
CA ILE A 89 -3.44 -10.92 11.18
C ILE A 89 -2.11 -11.61 11.36
N GLN A 90 -2.05 -12.48 12.29
CA GLN A 90 -0.88 -13.28 12.49
C GLN A 90 -1.17 -14.67 11.96
N MET A 91 -0.19 -15.29 11.33
CA MET A 91 -0.45 -16.58 10.73
C MET A 91 -0.67 -17.64 11.78
N SER A 92 -1.90 -18.07 11.88
CA SER A 92 -2.30 -19.00 12.87
C SER A 92 -2.45 -20.39 12.27
N GLY A 93 -1.44 -21.21 12.53
CA GLY A 93 -1.44 -22.60 12.12
C GLY A 93 -1.74 -22.83 10.66
N SER A 94 -2.74 -23.63 10.40
CA SER A 94 -3.12 -24.01 9.06
C SER A 94 -4.16 -23.06 8.48
N LYS A 95 -4.65 -22.13 9.29
CA LYS A 95 -5.69 -21.22 8.84
C LYS A 95 -5.11 -20.11 7.97
N TYR A 96 -4.14 -19.43 8.49
CA TYR A 96 -3.52 -18.34 7.77
C TYR A 96 -2.16 -18.74 7.39
N ILE A 97 -1.87 -18.73 6.13
CA ILE A 97 -0.55 -19.03 5.70
C ILE A 97 0.00 -17.86 4.90
N PHE A 98 1.09 -17.30 5.39
CA PHE A 98 1.78 -16.24 4.69
C PHE A 98 2.77 -16.89 3.76
N GLU A 99 2.49 -16.88 2.49
CA GLU A 99 3.36 -17.49 1.52
C GLU A 99 4.07 -16.39 0.75
N SER A 100 5.36 -16.53 0.56
CA SER A 100 6.13 -15.53 -0.13
C SER A 100 6.76 -16.16 -1.36
N ILE A 101 6.46 -15.62 -2.50
CA ILE A 101 6.96 -16.11 -3.77
C ILE A 101 7.79 -15.02 -4.43
N GLY A 102 9.08 -15.08 -4.22
CA GLY A 102 9.96 -14.08 -4.77
C GLY A 102 9.77 -12.74 -4.10
N ALA A 103 9.02 -11.89 -4.75
CA ALA A 103 8.71 -10.58 -4.21
C ALA A 103 7.20 -10.40 -4.07
N LYS A 104 6.46 -11.44 -4.36
CA LYS A 104 5.03 -11.37 -4.24
C LYS A 104 4.60 -12.13 -2.99
N ARG A 105 3.73 -11.55 -2.26
CA ARG A 105 3.28 -12.14 -1.05
C ARG A 105 1.85 -12.59 -1.25
N THR A 106 1.53 -13.73 -0.74
CA THR A 106 0.21 -14.24 -0.86
C THR A 106 -0.29 -14.71 0.50
N LEU A 107 -1.41 -14.20 0.93
CA LEU A 107 -2.02 -14.65 2.14
C LEU A 107 -3.08 -15.65 1.78
N THR A 108 -2.89 -16.83 2.23
CA THR A 108 -3.82 -17.87 2.01
C THR A 108 -4.63 -18.09 3.29
N ILE A 109 -5.86 -17.67 3.26
CA ILE A 109 -6.75 -17.84 4.39
C ILE A 109 -7.61 -19.04 4.11
N SER A 110 -7.62 -19.99 5.01
CA SER A 110 -8.39 -21.15 4.83
C SER A 110 -9.62 -21.09 5.71
N GLN A 111 -10.77 -21.31 5.09
CA GLN A 111 -12.05 -21.35 5.77
C GLN A 111 -12.40 -19.98 6.33
N CYS A 112 -12.63 -19.05 5.45
CA CYS A 112 -13.03 -17.71 5.84
C CYS A 112 -14.41 -17.77 6.50
N SER A 113 -14.48 -17.30 7.71
CA SER A 113 -15.70 -17.28 8.45
C SER A 113 -16.20 -15.85 8.49
N LEU A 114 -17.32 -15.63 9.16
CA LEU A 114 -17.86 -14.29 9.29
C LEU A 114 -16.95 -13.43 10.14
N ALA A 115 -16.24 -14.06 11.04
CA ALA A 115 -15.29 -13.38 11.89
C ALA A 115 -14.01 -13.02 11.11
N ASP A 116 -13.91 -13.50 9.87
CA ASP A 116 -12.77 -13.21 9.02
C ASP A 116 -13.12 -12.12 8.03
N ASP A 117 -14.42 -11.81 7.94
CA ASP A 117 -14.91 -10.77 7.04
C ASP A 117 -14.41 -9.43 7.52
N ALA A 118 -13.45 -8.88 6.82
CA ALA A 118 -12.84 -7.66 7.20
C ALA A 118 -12.14 -7.03 6.03
N ALA A 119 -11.80 -5.78 6.19
CA ALA A 119 -10.98 -5.10 5.25
C ALA A 119 -9.54 -5.38 5.62
N TYR A 120 -8.77 -5.80 4.68
CA TYR A 120 -7.41 -6.16 4.96
C TYR A 120 -6.50 -5.08 4.46
N GLN A 121 -5.56 -4.72 5.25
CA GLN A 121 -4.60 -3.74 4.87
C GLN A 121 -3.23 -4.34 4.96
N CYS A 122 -2.53 -4.29 3.88
CA CYS A 122 -1.18 -4.74 3.82
C CYS A 122 -0.29 -3.63 4.29
N VAL A 123 0.40 -3.86 5.36
CA VAL A 123 1.28 -2.89 5.92
C VAL A 123 2.71 -3.27 5.58
N VAL A 124 3.33 -2.45 4.79
CA VAL A 124 4.70 -2.62 4.38
C VAL A 124 5.42 -1.42 4.94
N GLY A 125 6.73 -1.47 5.06
CA GLY A 125 7.43 -0.32 5.55
C GLY A 125 7.26 0.85 4.60
N GLY A 126 6.57 1.85 5.07
CA GLY A 126 6.38 3.05 4.36
C GLY A 126 4.98 3.19 3.85
N GLU A 127 4.35 2.09 3.43
CA GLU A 127 3.04 2.17 2.80
C GLU A 127 2.06 1.12 3.27
N LYS A 128 0.82 1.30 2.86
CA LYS A 128 -0.24 0.38 3.15
C LYS A 128 -1.24 0.37 1.98
N CYS A 129 -2.06 -0.65 1.94
CA CYS A 129 -3.12 -0.75 0.97
C CYS A 129 -4.25 -1.53 1.58
N SER A 130 -5.44 -1.06 1.38
CA SER A 130 -6.62 -1.69 1.90
C SER A 130 -7.37 -2.44 0.80
N THR A 131 -7.91 -3.57 1.16
CA THR A 131 -8.78 -4.33 0.32
C THR A 131 -10.00 -4.67 1.16
N GLU A 132 -11.13 -4.81 0.57
CA GLU A 132 -12.30 -5.13 1.32
C GLU A 132 -12.91 -6.45 0.86
N LEU A 133 -12.84 -7.43 1.73
CA LEU A 133 -13.31 -8.77 1.42
C LEU A 133 -14.80 -8.88 1.69
N PHE A 134 -15.47 -9.62 0.85
CA PHE A 134 -16.85 -9.92 1.02
C PHE A 134 -17.01 -11.41 1.23
N VAL A 135 -17.35 -11.80 2.43
CA VAL A 135 -17.61 -13.19 2.72
C VAL A 135 -19.09 -13.48 2.53
N LYS A 136 -19.41 -14.34 1.61
CA LYS A 136 -20.78 -14.73 1.42
C LYS A 136 -20.98 -16.11 2.02
N GLU A 137 -21.91 -16.19 2.95
CA GLU A 137 -22.19 -17.42 3.69
C GLU A 137 -22.58 -18.57 2.78
N GLY A 1 12.62 13.89 39.97
CA GLY A 1 13.83 14.56 40.39
C GLY A 1 14.09 15.77 39.52
N PRO A 2 15.21 16.49 39.74
CA PRO A 2 15.59 17.65 38.94
C PRO A 2 15.69 17.32 37.45
N GLY A 3 15.41 18.29 36.62
CA GLY A 3 15.39 18.08 35.21
C GLY A 3 14.04 17.56 34.79
N SER A 4 13.03 18.14 35.35
CA SER A 4 11.68 17.74 35.06
C SER A 4 10.91 18.94 34.58
N GLU A 5 10.57 18.93 33.30
CA GLU A 5 9.80 19.97 32.70
C GLU A 5 8.36 19.79 33.11
N ASP A 6 7.92 18.51 33.15
CA ASP A 6 6.53 18.07 33.53
C ASP A 6 5.52 18.39 32.46
N VAL A 7 5.83 19.36 31.65
CA VAL A 7 4.99 19.85 30.56
C VAL A 7 4.49 18.71 29.66
N TRP A 8 5.27 17.65 29.57
CA TRP A 8 4.96 16.49 28.74
C TRP A 8 3.61 15.89 29.13
N GLU A 9 3.47 15.54 30.40
CA GLU A 9 2.24 14.95 30.87
C GLU A 9 1.18 16.02 31.11
N ILE A 10 1.62 17.24 31.28
CA ILE A 10 0.73 18.36 31.48
C ILE A 10 0.00 18.71 30.19
N LEU A 11 0.75 18.87 29.09
CA LEU A 11 0.16 19.15 27.76
C LEU A 11 -0.71 17.99 27.32
N ARG A 12 -0.29 16.80 27.68
CA ARG A 12 -0.97 15.54 27.42
C ARG A 12 -2.43 15.54 27.92
N GLN A 13 -2.65 16.11 29.08
CA GLN A 13 -3.97 16.11 29.68
C GLN A 13 -4.62 17.49 29.52
N ALA A 14 -3.90 18.39 28.92
CA ALA A 14 -4.31 19.76 28.78
C ALA A 14 -5.26 19.95 27.64
N PRO A 15 -6.18 20.92 27.76
CA PRO A 15 -7.06 21.29 26.68
C PRO A 15 -6.26 21.88 25.51
N PRO A 16 -6.68 21.61 24.27
CA PRO A 16 -5.94 22.01 23.07
C PRO A 16 -5.83 23.53 22.92
N SER A 17 -6.73 24.24 23.53
CA SER A 17 -6.80 25.66 23.37
C SER A 17 -5.77 26.37 24.23
N GLU A 18 -5.09 25.64 25.08
CA GLU A 18 -4.16 26.22 26.00
C GLU A 18 -2.73 25.84 25.67
N TYR A 19 -2.55 25.07 24.57
CA TYR A 19 -1.21 24.55 24.17
C TYR A 19 -0.13 25.60 24.18
N GLU A 20 -0.38 26.71 23.50
CA GLU A 20 0.61 27.78 23.38
C GLU A 20 0.99 28.34 24.77
N ARG A 21 0.00 28.57 25.61
CA ARG A 21 0.20 29.12 26.95
C ARG A 21 1.10 28.20 27.75
N ILE A 22 0.70 26.95 27.82
CA ILE A 22 1.35 25.93 28.62
C ILE A 22 2.77 25.66 28.12
N ALA A 23 2.90 25.61 26.80
CA ALA A 23 4.18 25.36 26.17
C ALA A 23 5.19 26.44 26.53
N PHE A 24 4.83 27.69 26.28
CA PHE A 24 5.73 28.79 26.58
C PHE A 24 5.94 28.98 28.08
N GLN A 25 4.97 28.53 28.86
CA GLN A 25 5.06 28.59 30.31
C GLN A 25 6.14 27.63 30.82
N TYR A 26 6.23 26.46 30.22
CA TYR A 26 7.20 25.47 30.67
C TYR A 26 8.50 25.53 29.89
N GLY A 27 8.53 26.31 28.85
CA GLY A 27 9.75 26.49 28.10
C GLY A 27 9.85 25.58 26.90
N VAL A 28 8.73 25.31 26.30
CA VAL A 28 8.69 24.49 25.11
C VAL A 28 8.16 25.36 24.03
N THR A 29 8.99 25.77 23.15
CA THR A 29 8.52 26.60 22.11
C THR A 29 8.09 25.77 20.90
N ASP A 30 8.55 24.54 20.86
CA ASP A 30 8.29 23.65 19.76
C ASP A 30 7.10 22.73 20.07
N LEU A 31 6.03 23.32 20.58
CA LEU A 31 4.82 22.55 20.90
C LEU A 31 4.17 22.01 19.64
N ARG A 32 4.34 22.75 18.55
CA ARG A 32 3.81 22.37 17.28
C ARG A 32 4.55 21.14 16.80
N GLY A 33 5.80 21.04 17.22
CA GLY A 33 6.64 19.93 16.89
C GLY A 33 6.23 18.69 17.63
N MET A 34 5.81 18.87 18.87
CA MET A 34 5.32 17.78 19.69
C MET A 34 4.06 17.19 19.06
N LEU A 35 3.20 18.08 18.59
CA LEU A 35 1.96 17.70 17.92
C LEU A 35 2.28 16.99 16.61
N LYS A 36 3.25 17.55 15.89
CA LYS A 36 3.76 17.01 14.63
C LYS A 36 4.23 15.57 14.83
N ARG A 37 5.00 15.35 15.87
CA ARG A 37 5.51 14.03 16.21
C ARG A 37 4.36 13.06 16.53
N LEU A 38 3.40 13.54 17.31
CA LEU A 38 2.25 12.75 17.71
C LEU A 38 1.45 12.30 16.47
N LYS A 39 1.18 13.23 15.57
CA LYS A 39 0.39 12.94 14.37
C LYS A 39 1.23 12.17 13.34
N GLY A 40 2.51 12.06 13.61
CA GLY A 40 3.41 11.36 12.74
C GLY A 40 3.63 9.94 13.20
N MET A 41 3.00 9.57 14.31
CA MET A 41 3.08 8.21 14.81
C MET A 41 2.15 7.34 13.99
N ARG A 42 0.85 7.53 14.17
CA ARG A 42 -0.11 6.79 13.39
C ARG A 42 -0.50 7.57 12.18
N ARG A 43 -0.11 7.09 11.04
CA ARG A 43 -0.44 7.71 9.79
C ARG A 43 -0.20 6.68 8.70
N ASP A 44 -1.10 6.56 7.78
CA ASP A 44 -0.86 5.67 6.68
C ASP A 44 -0.40 6.42 5.47
N GLU A 45 0.88 6.65 5.46
CA GLU A 45 1.53 7.30 4.39
C GLU A 45 1.81 6.29 3.30
N LYS A 46 1.14 6.44 2.22
CA LYS A 46 1.31 5.60 1.08
C LYS A 46 1.40 6.40 -0.20
N LYS A 47 2.26 5.95 -1.09
CA LYS A 47 2.55 6.69 -2.30
C LYS A 47 2.33 5.78 -3.50
N SER A 48 2.37 4.50 -3.21
CA SER A 48 2.27 3.41 -4.15
C SER A 48 3.43 3.41 -5.12
N THR A 49 4.59 3.18 -4.55
CA THR A 49 5.83 3.16 -5.27
C THR A 49 6.71 2.00 -4.75
N ALA A 50 6.57 1.67 -3.46
CA ALA A 50 7.32 0.59 -2.86
C ALA A 50 6.54 -0.71 -2.98
N PHE A 51 5.30 -0.56 -3.36
CA PHE A 51 4.44 -1.66 -3.56
C PHE A 51 4.36 -1.94 -5.04
N GLN A 52 4.59 -3.17 -5.43
CA GLN A 52 4.57 -3.55 -6.83
C GLN A 52 3.16 -3.98 -7.21
N LYS A 53 2.47 -4.56 -6.26
CA LYS A 53 1.13 -5.01 -6.47
C LYS A 53 0.45 -4.86 -5.15
N LYS A 54 -0.52 -4.03 -5.11
CA LYS A 54 -1.27 -3.81 -3.92
C LYS A 54 -2.45 -4.74 -3.92
N LEU A 55 -3.07 -4.91 -2.77
CA LEU A 55 -4.26 -5.71 -2.66
C LEU A 55 -5.38 -5.05 -3.45
N GLU A 56 -6.22 -5.86 -4.05
CA GLU A 56 -7.37 -5.35 -4.76
C GLU A 56 -8.31 -4.73 -3.76
N PRO A 57 -9.03 -3.66 -4.12
CA PRO A 57 -9.97 -2.96 -3.22
C PRO A 57 -10.90 -3.90 -2.43
N ALA A 58 -11.43 -4.91 -3.10
CA ALA A 58 -12.31 -5.84 -2.47
C ALA A 58 -12.19 -7.22 -3.09
N TYR A 59 -12.53 -8.21 -2.32
CA TYR A 59 -12.59 -9.61 -2.75
C TYR A 59 -13.84 -10.20 -2.17
N GLN A 60 -14.30 -11.26 -2.73
CA GLN A 60 -15.47 -11.94 -2.23
C GLN A 60 -15.11 -13.41 -2.09
N VAL A 61 -15.59 -14.04 -1.08
CA VAL A 61 -15.33 -15.43 -0.87
C VAL A 61 -16.59 -16.08 -0.37
N SER A 62 -16.77 -17.33 -0.64
CA SER A 62 -17.87 -18.07 -0.09
C SER A 62 -17.49 -18.49 1.33
N LYS A 63 -18.45 -18.51 2.22
CA LYS A 63 -18.20 -18.90 3.59
C LYS A 63 -17.71 -20.35 3.67
N GLY A 64 -16.51 -20.54 4.15
CA GLY A 64 -15.97 -21.88 4.35
C GLY A 64 -15.09 -22.30 3.22
N HIS A 65 -14.88 -21.39 2.34
CA HIS A 65 -14.09 -21.59 1.16
C HIS A 65 -12.73 -20.88 1.37
N LYS A 66 -11.74 -21.23 0.56
CA LYS A 66 -10.39 -20.67 0.70
C LYS A 66 -10.18 -19.55 -0.31
N ILE A 67 -9.39 -18.57 0.05
CA ILE A 67 -9.11 -17.46 -0.85
C ILE A 67 -7.71 -16.91 -0.56
N ARG A 68 -7.06 -16.39 -1.56
CA ARG A 68 -5.73 -15.85 -1.37
C ARG A 68 -5.61 -14.45 -1.91
N LEU A 69 -4.96 -13.64 -1.14
CA LEU A 69 -4.69 -12.28 -1.48
C LEU A 69 -3.24 -12.20 -1.88
N THR A 70 -2.87 -11.26 -2.68
CA THR A 70 -1.50 -11.17 -3.11
C THR A 70 -1.02 -9.73 -3.16
N VAL A 71 0.20 -9.54 -2.70
CA VAL A 71 0.87 -8.28 -2.76
C VAL A 71 2.27 -8.54 -3.22
N GLU A 72 2.79 -7.65 -3.98
CA GLU A 72 4.13 -7.80 -4.44
C GLU A 72 4.92 -6.63 -4.00
N LEU A 73 6.09 -6.90 -3.56
CA LEU A 73 6.97 -5.89 -3.13
C LEU A 73 7.92 -5.55 -4.25
N ALA A 74 8.47 -4.37 -4.21
CA ALA A 74 9.44 -3.94 -5.20
C ALA A 74 10.82 -4.41 -4.76
N ASP A 75 10.93 -4.79 -3.51
CA ASP A 75 12.15 -5.28 -2.95
C ASP A 75 11.87 -6.61 -2.28
N HIS A 76 12.78 -7.53 -2.37
CA HIS A 76 12.56 -8.88 -1.84
C HIS A 76 12.80 -8.96 -0.33
N ASP A 77 13.58 -8.04 0.18
CA ASP A 77 13.99 -8.07 1.58
C ASP A 77 13.25 -7.01 2.37
N ALA A 78 12.13 -6.61 1.85
CA ALA A 78 11.31 -5.62 2.47
C ALA A 78 10.24 -6.39 3.16
N GLU A 79 9.61 -5.82 4.11
CA GLU A 79 8.67 -6.57 4.85
C GLU A 79 7.27 -5.96 4.81
N VAL A 80 6.28 -6.82 4.82
CA VAL A 80 4.89 -6.44 4.88
C VAL A 80 4.32 -6.81 6.23
N LYS A 81 3.27 -6.18 6.59
CA LYS A 81 2.61 -6.45 7.82
C LYS A 81 1.15 -6.60 7.54
N TRP A 82 0.60 -7.61 8.09
CA TRP A 82 -0.74 -8.01 7.85
C TRP A 82 -1.59 -7.53 8.99
N LEU A 83 -2.65 -6.84 8.71
CA LEU A 83 -3.55 -6.39 9.76
C LEU A 83 -4.91 -6.59 9.29
N LYS A 84 -5.79 -6.91 10.18
CA LYS A 84 -7.13 -7.00 9.80
C LYS A 84 -7.96 -6.15 10.69
N ASN A 85 -8.84 -5.36 10.07
CA ASN A 85 -9.79 -4.42 10.73
C ASN A 85 -9.15 -3.51 11.79
N GLY A 86 -7.86 -3.24 11.62
CA GLY A 86 -7.14 -2.35 12.49
C GLY A 86 -6.51 -3.09 13.64
N GLN A 87 -6.27 -4.36 13.44
CA GLN A 87 -5.68 -5.18 14.46
C GLN A 87 -4.28 -5.66 14.05
N GLU A 88 -4.23 -6.87 13.51
CA GLU A 88 -3.03 -7.54 13.07
C GLU A 88 -3.48 -8.91 12.61
N ILE A 89 -3.00 -9.39 11.49
CA ILE A 89 -3.37 -10.71 11.08
C ILE A 89 -2.37 -11.72 11.61
N GLN A 90 -2.86 -12.74 12.25
CA GLN A 90 -2.05 -13.80 12.76
C GLN A 90 -2.09 -14.96 11.80
N MET A 91 -0.97 -15.59 11.55
CA MET A 91 -0.92 -16.76 10.71
C MET A 91 -1.36 -17.94 11.58
N SER A 92 -2.65 -18.08 11.73
CA SER A 92 -3.19 -19.02 12.65
C SER A 92 -3.37 -20.37 11.98
N GLY A 93 -2.57 -21.34 12.42
CA GLY A 93 -2.64 -22.69 11.94
C GLY A 93 -2.56 -22.81 10.44
N SER A 94 -3.53 -23.46 9.88
CA SER A 94 -3.61 -23.64 8.47
C SER A 94 -4.70 -22.74 7.90
N LYS A 95 -5.28 -21.93 8.79
CA LYS A 95 -6.32 -21.03 8.44
C LYS A 95 -5.76 -19.84 7.69
N TYR A 96 -4.66 -19.33 8.14
CA TYR A 96 -3.99 -18.26 7.45
C TYR A 96 -2.63 -18.76 7.05
N ILE A 97 -2.38 -18.81 5.78
CA ILE A 97 -1.09 -19.25 5.30
C ILE A 97 -0.38 -18.10 4.60
N PHE A 98 0.73 -17.67 5.15
CA PHE A 98 1.57 -16.68 4.50
C PHE A 98 2.54 -17.38 3.60
N GLU A 99 2.33 -17.23 2.33
CA GLU A 99 3.22 -17.79 1.35
C GLU A 99 4.08 -16.68 0.77
N SER A 100 5.34 -16.66 1.10
CA SER A 100 6.22 -15.65 0.59
C SER A 100 7.02 -16.22 -0.58
N ILE A 101 6.90 -15.59 -1.71
CA ILE A 101 7.58 -16.01 -2.90
C ILE A 101 8.40 -14.85 -3.41
N GLY A 102 9.62 -14.72 -2.89
CA GLY A 102 10.55 -13.70 -3.32
C GLY A 102 10.09 -12.29 -3.00
N ALA A 103 9.38 -11.68 -3.91
CA ALA A 103 8.87 -10.34 -3.74
C ALA A 103 7.41 -10.38 -3.38
N LYS A 104 6.73 -11.39 -3.82
CA LYS A 104 5.30 -11.47 -3.61
C LYS A 104 4.94 -12.24 -2.36
N ARG A 105 4.04 -11.68 -1.62
CA ARG A 105 3.49 -12.32 -0.46
C ARG A 105 2.06 -12.68 -0.75
N THR A 106 1.75 -13.91 -0.62
CA THR A 106 0.43 -14.40 -0.87
C THR A 106 -0.17 -14.92 0.43
N LEU A 107 -1.28 -14.38 0.82
CA LEU A 107 -1.96 -14.83 2.01
C LEU A 107 -3.13 -15.67 1.62
N THR A 108 -3.03 -16.93 1.87
CA THR A 108 -4.07 -17.86 1.58
C THR A 108 -4.85 -18.16 2.85
N ILE A 109 -6.07 -17.69 2.91
CA ILE A 109 -6.93 -17.90 4.04
C ILE A 109 -7.82 -19.09 3.72
N SER A 110 -8.07 -19.90 4.69
CA SER A 110 -8.80 -21.06 4.51
C SER A 110 -10.01 -21.02 5.38
N GLN A 111 -11.14 -21.39 4.81
CA GLN A 111 -12.40 -21.46 5.49
C GLN A 111 -12.79 -20.11 6.04
N CYS A 112 -12.90 -19.16 5.16
CA CYS A 112 -13.27 -17.83 5.53
C CYS A 112 -14.69 -17.85 6.08
N SER A 113 -14.79 -17.56 7.34
CA SER A 113 -16.02 -17.55 8.03
C SER A 113 -16.46 -16.09 8.14
N LEU A 114 -17.56 -15.84 8.80
CA LEU A 114 -18.04 -14.48 8.94
C LEU A 114 -17.13 -13.66 9.83
N ALA A 115 -16.40 -14.34 10.69
CA ALA A 115 -15.43 -13.67 11.55
C ALA A 115 -14.16 -13.30 10.78
N ASP A 116 -14.09 -13.74 9.53
CA ASP A 116 -12.97 -13.43 8.67
C ASP A 116 -13.32 -12.27 7.77
N ASP A 117 -14.57 -11.85 7.82
CA ASP A 117 -15.01 -10.71 7.01
C ASP A 117 -14.43 -9.46 7.62
N ALA A 118 -13.25 -9.12 7.17
CA ALA A 118 -12.51 -8.03 7.68
C ALA A 118 -11.70 -7.39 6.58
N ALA A 119 -11.27 -6.20 6.84
CA ALA A 119 -10.41 -5.50 5.94
C ALA A 119 -9.01 -5.92 6.26
N TYR A 120 -8.27 -6.31 5.27
CA TYR A 120 -6.93 -6.76 5.46
C TYR A 120 -5.99 -5.72 4.92
N GLN A 121 -5.00 -5.38 5.67
CA GLN A 121 -4.01 -4.45 5.25
C GLN A 121 -2.71 -5.16 5.10
N CYS A 122 -1.97 -4.73 4.14
CA CYS A 122 -0.61 -5.12 3.96
C CYS A 122 0.17 -3.84 3.97
N VAL A 123 0.81 -3.59 5.07
CA VAL A 123 1.52 -2.36 5.29
C VAL A 123 3.02 -2.59 5.16
N VAL A 124 3.67 -1.69 4.50
CA VAL A 124 5.10 -1.66 4.36
C VAL A 124 5.48 -0.30 4.91
N GLY A 125 6.72 -0.06 5.30
CA GLY A 125 6.96 1.27 5.78
C GLY A 125 6.98 2.25 4.63
N GLY A 126 5.96 3.07 4.57
CA GLY A 126 5.89 4.11 3.60
C GLY A 126 4.91 3.75 2.52
N GLU A 127 4.25 2.60 2.69
CA GLU A 127 3.38 2.12 1.71
C GLU A 127 2.28 1.27 2.36
N LYS A 128 1.07 1.34 1.84
CA LYS A 128 -0.01 0.58 2.41
C LYS A 128 -1.01 0.21 1.33
N CYS A 129 -1.70 -0.89 1.55
CA CYS A 129 -2.81 -1.28 0.74
C CYS A 129 -3.75 -2.06 1.61
N SER A 130 -5.02 -1.90 1.38
CA SER A 130 -6.01 -2.57 2.16
C SER A 130 -7.05 -3.18 1.25
N THR A 131 -7.50 -4.37 1.59
CA THR A 131 -8.54 -4.97 0.85
C THR A 131 -9.68 -5.28 1.80
N GLU A 132 -10.88 -5.24 1.32
CA GLU A 132 -12.01 -5.55 2.12
C GLU A 132 -12.69 -6.81 1.60
N LEU A 133 -12.60 -7.87 2.36
CA LEU A 133 -13.14 -9.13 1.97
C LEU A 133 -14.61 -9.19 2.33
N PHE A 134 -15.40 -9.65 1.41
CA PHE A 134 -16.79 -9.87 1.65
C PHE A 134 -17.02 -11.37 1.72
N VAL A 135 -17.41 -11.86 2.86
CA VAL A 135 -17.69 -13.27 3.01
C VAL A 135 -19.15 -13.51 2.69
N LYS A 136 -19.39 -14.13 1.58
CA LYS A 136 -20.73 -14.36 1.11
C LYS A 136 -21.11 -15.78 1.43
N GLU A 137 -22.13 -15.92 2.24
CA GLU A 137 -22.64 -17.22 2.60
C GLU A 137 -23.55 -17.70 1.47
N GLY A 1 14.00 7.07 -18.43
CA GLY A 1 14.19 6.23 -17.26
C GLY A 1 13.55 6.85 -16.06
N PRO A 2 13.58 6.17 -14.91
CA PRO A 2 13.06 6.72 -13.68
C PRO A 2 14.09 7.65 -13.04
N GLY A 3 13.86 8.90 -13.18
CA GLY A 3 14.74 9.88 -12.64
C GLY A 3 13.96 10.90 -11.88
N SER A 4 13.98 12.10 -12.33
CA SER A 4 13.23 13.14 -11.72
C SER A 4 11.90 13.34 -12.43
N GLU A 5 11.88 13.03 -13.75
CA GLU A 5 10.74 13.22 -14.64
C GLU A 5 10.47 14.68 -14.89
N ASP A 6 10.32 15.44 -13.80
CA ASP A 6 10.07 16.90 -13.79
C ASP A 6 8.71 17.27 -14.27
N VAL A 7 8.11 16.36 -15.01
CA VAL A 7 6.79 16.48 -15.56
C VAL A 7 5.78 16.91 -14.50
N TRP A 8 5.85 16.29 -13.34
CA TRP A 8 4.92 16.55 -12.26
C TRP A 8 4.92 18.02 -11.81
N GLU A 9 6.09 18.61 -11.71
CA GLU A 9 6.19 19.99 -11.28
C GLU A 9 6.06 20.96 -12.47
N ILE A 10 6.62 20.59 -13.60
CA ILE A 10 6.54 21.45 -14.79
C ILE A 10 5.10 21.56 -15.27
N LEU A 11 4.42 20.45 -15.32
CA LEU A 11 3.03 20.37 -15.77
C LEU A 11 2.11 21.07 -14.76
N ARG A 12 2.47 21.00 -13.49
CA ARG A 12 1.74 21.67 -12.40
C ARG A 12 1.79 23.19 -12.57
N GLN A 13 2.91 23.67 -13.07
CA GLN A 13 3.13 25.10 -13.25
C GLN A 13 2.75 25.55 -14.65
N ALA A 14 2.27 24.62 -15.42
CA ALA A 14 1.90 24.89 -16.80
C ALA A 14 0.38 25.00 -16.92
N PRO A 15 -0.11 25.73 -17.96
CA PRO A 15 -1.54 25.88 -18.20
C PRO A 15 -2.25 24.53 -18.45
N PRO A 16 -3.49 24.38 -17.95
CA PRO A 16 -4.25 23.12 -17.97
C PRO A 16 -4.47 22.53 -19.37
N SER A 17 -4.48 23.37 -20.39
CA SER A 17 -4.70 22.89 -21.74
C SER A 17 -3.41 22.37 -22.38
N GLU A 18 -2.32 22.45 -21.66
CA GLU A 18 -1.05 21.95 -22.12
C GLU A 18 -0.74 20.59 -21.52
N TYR A 19 -1.53 20.20 -20.52
CA TYR A 19 -1.35 18.96 -19.74
C TYR A 19 -1.08 17.72 -20.58
N GLU A 20 -1.86 17.48 -21.60
CA GLU A 20 -1.74 16.26 -22.40
C GLU A 20 -0.51 16.32 -23.28
N ARG A 21 -0.18 17.51 -23.74
CA ARG A 21 0.99 17.71 -24.57
C ARG A 21 2.23 17.42 -23.73
N ILE A 22 2.20 17.94 -22.50
CA ILE A 22 3.31 17.81 -21.57
C ILE A 22 3.48 16.35 -21.12
N ALA A 23 2.37 15.68 -20.83
CA ALA A 23 2.39 14.28 -20.40
C ALA A 23 3.08 13.41 -21.45
N PHE A 24 2.60 13.49 -22.67
CA PHE A 24 3.15 12.70 -23.76
C PHE A 24 4.55 13.15 -24.16
N GLN A 25 4.88 14.38 -23.86
CA GLN A 25 6.21 14.93 -24.10
C GLN A 25 7.23 14.23 -23.17
N TYR A 26 6.79 13.91 -21.96
CA TYR A 26 7.66 13.27 -20.99
C TYR A 26 7.42 11.77 -20.87
N GLY A 27 6.53 11.25 -21.68
CA GLY A 27 6.29 9.82 -21.73
C GLY A 27 5.35 9.32 -20.66
N VAL A 28 4.53 10.21 -20.15
CA VAL A 28 3.55 9.87 -19.13
C VAL A 28 2.24 9.67 -19.82
N THR A 29 1.67 8.55 -19.65
CA THR A 29 0.42 8.29 -20.27
C THR A 29 -0.73 8.44 -19.30
N ASP A 30 -0.47 8.20 -18.02
CA ASP A 30 -1.51 8.28 -17.02
C ASP A 30 -1.60 9.67 -16.42
N LEU A 31 -1.81 10.63 -17.30
CA LEU A 31 -1.96 12.03 -16.95
C LEU A 31 -3.11 12.21 -15.99
N ARG A 32 -4.26 11.69 -16.39
CA ARG A 32 -5.48 11.83 -15.62
C ARG A 32 -5.36 11.11 -14.31
N GLY A 33 -4.52 10.08 -14.28
CA GLY A 33 -4.30 9.30 -13.09
C GLY A 33 -3.67 10.12 -12.01
N MET A 34 -2.75 11.01 -12.40
CA MET A 34 -2.10 11.87 -11.45
C MET A 34 -3.10 12.85 -10.87
N LEU A 35 -3.83 13.53 -11.74
CA LEU A 35 -4.80 14.54 -11.31
C LEU A 35 -5.94 13.92 -10.52
N LYS A 36 -6.26 12.68 -10.84
CA LYS A 36 -7.26 11.92 -10.13
C LYS A 36 -6.91 11.83 -8.66
N ARG A 37 -5.73 11.31 -8.38
CA ARG A 37 -5.31 11.12 -7.01
C ARG A 37 -4.97 12.45 -6.32
N LEU A 38 -4.63 13.47 -7.11
CA LEU A 38 -4.39 14.81 -6.55
C LEU A 38 -5.70 15.46 -6.10
N LYS A 39 -6.79 15.11 -6.74
CA LYS A 39 -8.10 15.58 -6.29
C LYS A 39 -8.65 14.65 -5.22
N GLY A 40 -8.14 13.46 -5.20
CA GLY A 40 -8.57 12.48 -4.24
C GLY A 40 -7.56 12.27 -3.12
N MET A 41 -6.87 13.35 -2.73
CA MET A 41 -5.83 13.31 -1.67
C MET A 41 -6.39 13.02 -0.28
N ARG A 42 -7.67 12.77 -0.18
CA ARG A 42 -8.28 12.53 1.09
C ARG A 42 -8.07 11.08 1.52
N ARG A 43 -7.71 10.24 0.58
CA ARG A 43 -7.40 8.86 0.87
C ARG A 43 -5.88 8.71 0.87
N ASP A 44 -5.39 7.52 1.06
CA ASP A 44 -3.97 7.31 1.00
C ASP A 44 -3.62 6.01 0.31
N GLU A 45 -3.17 6.14 -0.90
CA GLU A 45 -2.73 5.01 -1.70
C GLU A 45 -1.22 5.04 -1.88
N LYS A 46 -0.66 6.26 -1.74
CA LYS A 46 0.77 6.55 -1.90
C LYS A 46 1.23 6.46 -3.35
N LYS A 47 2.49 6.85 -3.56
CA LYS A 47 3.10 6.87 -4.89
C LYS A 47 3.08 5.48 -5.54
N SER A 48 3.14 4.47 -4.68
CA SER A 48 3.14 3.10 -5.08
C SER A 48 4.42 2.74 -5.81
N THR A 49 5.48 2.82 -5.07
CA THR A 49 6.80 2.54 -5.50
C THR A 49 7.44 1.56 -4.50
N ALA A 50 6.83 1.43 -3.30
CA ALA A 50 7.27 0.44 -2.32
C ALA A 50 6.53 -0.86 -2.56
N PHE A 51 5.26 -0.75 -2.90
CA PHE A 51 4.54 -1.90 -3.35
C PHE A 51 4.74 -2.05 -4.85
N GLN A 52 4.75 -3.27 -5.28
CA GLN A 52 4.84 -3.58 -6.67
C GLN A 52 3.44 -3.99 -7.15
N LYS A 53 2.57 -4.27 -6.20
CA LYS A 53 1.22 -4.64 -6.44
C LYS A 53 0.50 -4.59 -5.12
N LYS A 54 -0.54 -3.86 -5.07
CA LYS A 54 -1.31 -3.73 -3.86
C LYS A 54 -2.52 -4.61 -3.93
N LEU A 55 -3.19 -4.75 -2.81
CA LEU A 55 -4.42 -5.51 -2.74
C LEU A 55 -5.47 -4.83 -3.60
N GLU A 56 -6.29 -5.62 -4.24
CA GLU A 56 -7.40 -5.10 -5.01
C GLU A 56 -8.43 -4.51 -4.07
N PRO A 57 -9.14 -3.44 -4.47
CA PRO A 57 -10.13 -2.74 -3.64
C PRO A 57 -11.08 -3.68 -2.91
N ALA A 58 -11.58 -4.70 -3.60
CA ALA A 58 -12.49 -5.62 -2.96
C ALA A 58 -12.38 -7.03 -3.53
N TYR A 59 -12.41 -7.99 -2.65
CA TYR A 59 -12.42 -9.40 -3.01
C TYR A 59 -13.71 -10.02 -2.47
N GLN A 60 -14.10 -11.12 -3.03
CA GLN A 60 -15.31 -11.79 -2.62
C GLN A 60 -15.01 -13.28 -2.51
N VAL A 61 -15.34 -13.86 -1.38
CA VAL A 61 -15.10 -15.26 -1.14
C VAL A 61 -16.37 -15.87 -0.53
N SER A 62 -16.49 -17.16 -0.60
CA SER A 62 -17.57 -17.87 -0.01
C SER A 62 -17.11 -18.36 1.36
N LYS A 63 -17.99 -18.34 2.32
CA LYS A 63 -17.66 -18.71 3.68
C LYS A 63 -17.26 -20.17 3.73
N GLY A 64 -16.12 -20.42 4.31
CA GLY A 64 -15.63 -21.77 4.43
C GLY A 64 -14.70 -22.13 3.31
N HIS A 65 -14.45 -21.19 2.45
CA HIS A 65 -13.53 -21.40 1.36
C HIS A 65 -12.18 -20.78 1.66
N LYS A 66 -11.23 -21.05 0.80
CA LYS A 66 -9.91 -20.50 0.93
C LYS A 66 -9.80 -19.31 0.01
N ILE A 67 -9.25 -18.26 0.51
CA ILE A 67 -9.07 -17.03 -0.25
C ILE A 67 -7.63 -16.58 -0.11
N ARG A 68 -7.03 -16.18 -1.19
CA ARG A 68 -5.68 -15.71 -1.14
C ARG A 68 -5.52 -14.37 -1.78
N LEU A 69 -4.91 -13.49 -1.03
CA LEU A 69 -4.68 -12.13 -1.45
C LEU A 69 -3.21 -12.00 -1.79
N THR A 70 -2.90 -11.31 -2.86
CA THR A 70 -1.53 -11.18 -3.28
C THR A 70 -1.07 -9.73 -3.28
N VAL A 71 0.05 -9.48 -2.65
CA VAL A 71 0.72 -8.21 -2.72
C VAL A 71 2.14 -8.44 -3.14
N GLU A 72 2.66 -7.54 -3.89
CA GLU A 72 4.01 -7.66 -4.32
C GLU A 72 4.80 -6.52 -3.80
N LEU A 73 5.94 -6.81 -3.32
CA LEU A 73 6.83 -5.82 -2.80
C LEU A 73 7.80 -5.41 -3.89
N ALA A 74 8.29 -4.21 -3.82
CA ALA A 74 9.26 -3.75 -4.79
C ALA A 74 10.61 -4.35 -4.47
N ASP A 75 10.86 -4.53 -3.21
CA ASP A 75 12.08 -5.12 -2.74
C ASP A 75 11.79 -6.58 -2.38
N HIS A 76 12.79 -7.41 -2.42
CA HIS A 76 12.61 -8.83 -2.23
C HIS A 76 12.42 -9.20 -0.77
N ASP A 77 13.18 -8.59 0.11
CA ASP A 77 13.15 -9.00 1.51
C ASP A 77 12.35 -8.03 2.35
N ALA A 78 11.71 -7.11 1.71
CA ALA A 78 10.85 -6.18 2.36
C ALA A 78 9.55 -6.87 2.49
N GLU A 79 8.97 -6.84 3.62
CA GLU A 79 7.78 -7.57 3.80
C GLU A 79 6.67 -6.73 4.39
N VAL A 80 5.52 -7.34 4.53
CA VAL A 80 4.34 -6.66 4.98
C VAL A 80 3.91 -7.13 6.34
N LYS A 81 3.05 -6.37 6.95
CA LYS A 81 2.39 -6.74 8.15
C LYS A 81 0.98 -7.02 7.79
N TRP A 82 0.39 -7.90 8.50
CA TRP A 82 -0.89 -8.39 8.16
C TRP A 82 -1.90 -7.91 9.17
N LEU A 83 -2.80 -7.08 8.74
CA LEU A 83 -3.82 -6.58 9.60
C LEU A 83 -5.17 -6.81 9.03
N LYS A 84 -6.05 -7.29 9.84
CA LYS A 84 -7.41 -7.33 9.45
C LYS A 84 -8.15 -6.39 10.33
N ASN A 85 -8.99 -5.54 9.75
CA ASN A 85 -9.82 -4.55 10.48
C ASN A 85 -9.08 -3.72 11.56
N GLY A 86 -7.76 -3.59 11.41
CA GLY A 86 -6.97 -2.79 12.33
C GLY A 86 -6.53 -3.60 13.51
N GLN A 87 -6.66 -4.89 13.36
CA GLN A 87 -6.30 -5.84 14.38
C GLN A 87 -4.86 -6.28 14.02
N GLU A 88 -4.69 -7.53 13.72
CA GLU A 88 -3.47 -8.10 13.25
C GLU A 88 -3.77 -9.52 12.90
N ILE A 89 -3.42 -9.91 11.72
CA ILE A 89 -3.64 -11.24 11.27
C ILE A 89 -2.54 -12.14 11.81
N GLN A 90 -2.87 -12.87 12.83
CA GLN A 90 -1.98 -13.80 13.45
C GLN A 90 -1.99 -15.08 12.66
N MET A 91 -0.83 -15.57 12.28
CA MET A 91 -0.72 -16.82 11.56
C MET A 91 -1.14 -17.93 12.51
N SER A 92 -2.35 -18.41 12.31
CA SER A 92 -2.91 -19.37 13.19
C SER A 92 -3.03 -20.71 12.49
N GLY A 93 -2.21 -21.65 12.91
CA GLY A 93 -2.24 -23.00 12.41
C GLY A 93 -2.15 -23.09 10.90
N SER A 94 -3.17 -23.66 10.31
CA SER A 94 -3.23 -23.85 8.88
C SER A 94 -4.23 -22.91 8.25
N LYS A 95 -4.78 -22.01 9.06
CA LYS A 95 -5.77 -21.08 8.60
C LYS A 95 -5.13 -19.97 7.78
N TYR A 96 -4.00 -19.50 8.21
CA TYR A 96 -3.34 -18.41 7.54
C TYR A 96 -2.00 -18.86 7.02
N ILE A 97 -1.88 -18.98 5.73
CA ILE A 97 -0.65 -19.39 5.12
C ILE A 97 0.00 -18.20 4.42
N PHE A 98 1.13 -17.78 4.91
CA PHE A 98 1.89 -16.72 4.28
C PHE A 98 2.80 -17.31 3.24
N GLU A 99 2.45 -17.11 2.01
CA GLU A 99 3.24 -17.58 0.92
C GLU A 99 4.10 -16.47 0.38
N SER A 100 5.37 -16.57 0.63
CA SER A 100 6.31 -15.62 0.14
C SER A 100 7.06 -16.20 -1.05
N ILE A 101 6.70 -15.73 -2.22
CA ILE A 101 7.31 -16.18 -3.44
C ILE A 101 8.09 -15.03 -4.02
N GLY A 102 9.30 -14.88 -3.54
CA GLY A 102 10.14 -13.79 -3.97
C GLY A 102 9.71 -12.51 -3.31
N ALA A 103 9.18 -11.60 -4.09
CA ALA A 103 8.68 -10.35 -3.56
C ALA A 103 7.17 -10.44 -3.37
N LYS A 104 6.60 -11.45 -3.95
CA LYS A 104 5.19 -11.71 -3.90
C LYS A 104 4.80 -12.35 -2.56
N ARG A 105 3.96 -11.70 -1.82
CA ARG A 105 3.41 -12.22 -0.59
C ARG A 105 1.95 -12.50 -0.78
N THR A 106 1.61 -13.75 -0.73
CA THR A 106 0.25 -14.16 -0.87
C THR A 106 -0.25 -14.79 0.41
N LEU A 107 -1.21 -14.17 1.01
CA LEU A 107 -1.82 -14.66 2.20
C LEU A 107 -3.00 -15.53 1.83
N THR A 108 -2.89 -16.78 2.14
CA THR A 108 -3.93 -17.72 1.87
C THR A 108 -4.69 -18.02 3.16
N ILE A 109 -5.91 -17.60 3.22
CA ILE A 109 -6.75 -17.79 4.35
C ILE A 109 -7.68 -18.95 4.08
N SER A 110 -7.57 -19.96 4.87
CA SER A 110 -8.40 -21.12 4.73
C SER A 110 -9.56 -21.01 5.69
N GLN A 111 -10.74 -21.41 5.22
CA GLN A 111 -11.96 -21.41 6.02
C GLN A 111 -12.32 -19.99 6.44
N CYS A 112 -12.29 -19.09 5.47
CA CYS A 112 -12.63 -17.71 5.72
C CYS A 112 -14.06 -17.65 6.25
N SER A 113 -14.18 -17.13 7.46
CA SER A 113 -15.42 -17.09 8.13
C SER A 113 -15.93 -15.64 8.16
N LEU A 114 -17.05 -15.40 8.80
CA LEU A 114 -17.58 -14.04 8.89
C LEU A 114 -16.71 -13.20 9.80
N ALA A 115 -15.99 -13.85 10.68
CA ALA A 115 -15.03 -13.18 11.53
C ALA A 115 -13.77 -12.78 10.72
N ASP A 116 -13.74 -13.20 9.47
CA ASP A 116 -12.67 -12.85 8.57
C ASP A 116 -13.18 -11.92 7.50
N ASP A 117 -14.50 -11.76 7.45
CA ASP A 117 -15.11 -10.73 6.59
C ASP A 117 -14.70 -9.42 7.19
N ALA A 118 -13.68 -8.84 6.61
CA ALA A 118 -13.03 -7.73 7.17
C ALA A 118 -12.17 -7.05 6.15
N ALA A 119 -11.64 -5.94 6.55
CA ALA A 119 -10.72 -5.21 5.75
C ALA A 119 -9.34 -5.78 6.01
N TYR A 120 -8.58 -6.05 4.98
CA TYR A 120 -7.23 -6.56 5.19
C TYR A 120 -6.26 -5.50 4.75
N GLN A 121 -5.28 -5.23 5.56
CA GLN A 121 -4.28 -4.25 5.24
C GLN A 121 -2.94 -4.94 5.19
N CYS A 122 -2.20 -4.65 4.18
CA CYS A 122 -0.84 -5.07 4.07
C CYS A 122 0.02 -3.84 4.25
N VAL A 123 0.75 -3.80 5.34
CA VAL A 123 1.49 -2.61 5.67
C VAL A 123 2.99 -2.79 5.41
N VAL A 124 3.54 -1.89 4.64
CA VAL A 124 4.96 -1.82 4.37
C VAL A 124 5.38 -0.49 4.93
N GLY A 125 6.64 -0.30 5.19
CA GLY A 125 7.06 1.00 5.61
C GLY A 125 6.94 1.96 4.44
N GLY A 126 6.04 2.90 4.57
CA GLY A 126 5.86 3.88 3.55
C GLY A 126 4.57 3.70 2.77
N GLU A 127 4.15 2.45 2.53
CA GLU A 127 2.93 2.22 1.79
C GLU A 127 2.08 1.14 2.43
N LYS A 128 0.82 1.17 2.14
CA LYS A 128 -0.12 0.19 2.64
C LYS A 128 -1.21 0.02 1.59
N CYS A 129 -2.07 -0.94 1.80
CA CYS A 129 -3.25 -1.08 1.00
C CYS A 129 -4.23 -1.90 1.78
N SER A 130 -5.47 -1.59 1.67
CA SER A 130 -6.49 -2.28 2.35
C SER A 130 -7.50 -2.83 1.35
N THR A 131 -7.83 -4.08 1.47
CA THR A 131 -8.84 -4.64 0.65
C THR A 131 -10.07 -4.87 1.49
N GLU A 132 -11.22 -4.65 0.91
CA GLU A 132 -12.44 -4.84 1.60
C GLU A 132 -12.97 -6.21 1.16
N LEU A 133 -12.97 -7.17 2.04
CA LEU A 133 -13.40 -8.50 1.67
C LEU A 133 -14.89 -8.66 1.89
N PHE A 134 -15.53 -9.31 0.96
CA PHE A 134 -16.92 -9.63 1.08
C PHE A 134 -17.06 -11.14 1.14
N VAL A 135 -17.45 -11.64 2.28
CA VAL A 135 -17.67 -13.07 2.44
C VAL A 135 -19.14 -13.38 2.30
N LYS A 136 -19.49 -14.16 1.33
CA LYS A 136 -20.85 -14.58 1.21
C LYS A 136 -21.00 -15.97 1.79
N GLU A 137 -21.99 -16.18 2.56
CA GLU A 137 -22.21 -17.48 3.10
C GLU A 137 -23.28 -18.17 2.27
N GLY A 1 39.00 -2.54 3.53
CA GLY A 1 39.78 -1.67 2.65
C GLY A 1 39.59 -2.07 1.21
N PRO A 2 40.58 -2.72 0.58
CA PRO A 2 40.42 -3.25 -0.78
C PRO A 2 39.34 -4.34 -0.79
N GLY A 3 38.24 -4.05 -1.42
CA GLY A 3 37.13 -4.97 -1.41
C GLY A 3 36.02 -4.45 -0.54
N SER A 4 36.13 -3.19 -0.18
CA SER A 4 35.14 -2.53 0.64
C SER A 4 34.63 -1.26 -0.06
N GLU A 5 35.15 -0.99 -1.24
CA GLU A 5 34.84 0.20 -1.94
C GLU A 5 33.90 -0.11 -3.08
N ASP A 6 33.29 0.94 -3.63
CA ASP A 6 32.35 0.87 -4.77
C ASP A 6 31.01 0.29 -4.41
N VAL A 7 30.90 -0.15 -3.15
CA VAL A 7 29.66 -0.72 -2.61
C VAL A 7 28.50 0.26 -2.75
N TRP A 8 28.81 1.54 -2.66
CA TRP A 8 27.85 2.60 -2.79
C TRP A 8 27.06 2.50 -4.11
N GLU A 9 27.76 2.27 -5.22
CA GLU A 9 27.08 2.11 -6.48
C GLU A 9 26.63 0.66 -6.70
N ILE A 10 27.47 -0.29 -6.28
CA ILE A 10 27.19 -1.70 -6.47
C ILE A 10 25.91 -2.13 -5.76
N LEU A 11 25.82 -1.87 -4.47
CA LEU A 11 24.69 -2.28 -3.63
C LEU A 11 23.40 -1.53 -4.05
N ARG A 12 23.60 -0.41 -4.71
CA ARG A 12 22.52 0.41 -5.22
C ARG A 12 21.86 -0.26 -6.44
N GLN A 13 22.67 -0.89 -7.27
CA GLN A 13 22.20 -1.50 -8.52
C GLN A 13 21.89 -2.98 -8.30
N ALA A 14 22.53 -3.51 -7.30
CA ALA A 14 22.44 -4.91 -6.94
C ALA A 14 21.03 -5.31 -6.49
N PRO A 15 20.64 -6.60 -6.67
CA PRO A 15 19.30 -7.07 -6.33
C PRO A 15 19.00 -6.95 -4.82
N PRO A 16 17.78 -6.50 -4.48
CA PRO A 16 17.35 -6.24 -3.09
C PRO A 16 17.55 -7.39 -2.11
N SER A 17 17.50 -8.59 -2.60
CA SER A 17 17.60 -9.74 -1.74
C SER A 17 19.01 -9.94 -1.16
N GLU A 18 20.00 -9.39 -1.85
CA GLU A 18 21.37 -9.67 -1.51
C GLU A 18 21.96 -8.60 -0.59
N TYR A 19 21.19 -7.54 -0.31
CA TYR A 19 21.69 -6.35 0.45
C TYR A 19 22.48 -6.69 1.71
N GLU A 20 21.95 -7.56 2.55
CA GLU A 20 22.61 -7.88 3.82
C GLU A 20 23.93 -8.61 3.61
N ARG A 21 24.02 -9.36 2.55
CA ARG A 21 25.23 -10.07 2.23
C ARG A 21 26.24 -9.09 1.69
N ILE A 22 25.78 -8.26 0.75
CA ILE A 22 26.62 -7.28 0.07
C ILE A 22 27.23 -6.32 1.09
N ALA A 23 26.40 -5.88 2.03
CA ALA A 23 26.79 -4.94 3.04
C ALA A 23 27.96 -5.45 3.85
N PHE A 24 27.79 -6.58 4.48
CA PHE A 24 28.85 -7.13 5.32
C PHE A 24 30.05 -7.60 4.50
N GLN A 25 29.82 -7.88 3.23
CA GLN A 25 30.86 -8.30 2.30
C GLN A 25 31.75 -7.09 1.97
N TYR A 26 31.16 -5.91 1.88
CA TYR A 26 31.91 -4.70 1.59
C TYR A 26 32.20 -3.86 2.85
N GLY A 27 31.84 -4.39 3.99
CA GLY A 27 32.15 -3.74 5.23
C GLY A 27 31.21 -2.60 5.59
N VAL A 28 29.96 -2.79 5.30
CA VAL A 28 28.95 -1.81 5.62
C VAL A 28 28.04 -2.42 6.65
N THR A 29 27.97 -1.85 7.78
CA THR A 29 27.10 -2.33 8.79
C THR A 29 25.80 -1.53 8.82
N ASP A 30 25.85 -0.40 8.16
CA ASP A 30 24.76 0.57 8.17
C ASP A 30 23.95 0.47 6.88
N LEU A 31 23.63 -0.75 6.46
CA LEU A 31 22.92 -0.92 5.21
C LEU A 31 21.50 -0.39 5.28
N ARG A 32 20.85 -0.53 6.41
CA ARG A 32 19.45 -0.09 6.52
C ARG A 32 19.36 1.43 6.54
N GLY A 33 20.43 2.08 6.95
CA GLY A 33 20.49 3.51 6.90
C GLY A 33 20.77 3.97 5.48
N MET A 34 21.44 3.14 4.73
CA MET A 34 21.72 3.40 3.33
C MET A 34 20.49 3.09 2.49
N LEU A 35 19.83 2.00 2.82
CA LEU A 35 18.65 1.55 2.10
C LEU A 35 17.50 2.52 2.26
N LYS A 36 17.39 3.15 3.43
CA LYS A 36 16.28 4.07 3.71
C LYS A 36 16.29 5.25 2.75
N ARG A 37 17.46 5.57 2.25
CA ARG A 37 17.65 6.64 1.29
C ARG A 37 16.90 6.32 0.01
N LEU A 38 17.11 5.13 -0.50
CA LEU A 38 16.49 4.68 -1.74
C LEU A 38 15.06 4.20 -1.51
N LYS A 39 14.83 3.61 -0.36
CA LYS A 39 13.54 3.04 -0.02
C LYS A 39 12.51 4.14 0.17
N GLY A 40 12.93 5.23 0.75
CA GLY A 40 12.06 6.36 0.95
C GLY A 40 12.33 7.43 -0.06
N MET A 41 12.82 7.06 -1.21
CA MET A 41 13.16 8.00 -2.26
C MET A 41 11.95 8.31 -3.11
N ARG A 42 11.40 7.29 -3.74
CA ARG A 42 10.27 7.47 -4.63
C ARG A 42 8.98 7.30 -3.88
N ARG A 43 9.09 6.78 -2.68
CA ARG A 43 7.99 6.70 -1.78
C ARG A 43 7.70 8.11 -1.31
N ASP A 44 6.78 8.73 -1.98
CA ASP A 44 6.34 10.08 -1.67
C ASP A 44 4.95 10.24 -2.21
N GLU A 45 4.79 9.84 -3.47
CA GLU A 45 3.50 9.84 -4.17
C GLU A 45 2.56 8.82 -3.54
N LYS A 46 3.19 7.89 -2.81
CA LYS A 46 2.54 6.73 -2.23
C LYS A 46 2.18 5.78 -3.35
N LYS A 47 1.02 6.00 -4.00
CA LYS A 47 0.56 5.27 -5.21
C LYS A 47 0.73 3.73 -5.10
N SER A 48 1.91 3.30 -5.47
CA SER A 48 2.38 1.97 -5.43
C SER A 48 3.87 2.08 -5.75
N THR A 49 4.61 2.45 -4.75
CA THR A 49 6.01 2.72 -4.84
C THR A 49 6.79 1.67 -4.08
N ALA A 50 6.18 1.15 -3.03
CA ALA A 50 6.75 0.07 -2.27
C ALA A 50 6.01 -1.20 -2.60
N PHE A 51 4.90 -1.00 -3.25
CA PHE A 51 4.08 -2.06 -3.72
C PHE A 51 4.13 -2.11 -5.24
N GLN A 52 4.25 -3.28 -5.76
CA GLN A 52 4.20 -3.48 -7.18
C GLN A 52 2.81 -3.92 -7.61
N LYS A 53 2.06 -4.42 -6.65
CA LYS A 53 0.76 -4.92 -6.89
C LYS A 53 0.11 -4.88 -5.56
N LYS A 54 -0.97 -4.20 -5.47
CA LYS A 54 -1.62 -4.00 -4.23
C LYS A 54 -2.88 -4.83 -4.20
N LEU A 55 -3.52 -4.88 -3.06
CA LEU A 55 -4.73 -5.62 -2.92
C LEU A 55 -5.83 -4.87 -3.58
N GLU A 56 -6.62 -5.54 -4.39
CA GLU A 56 -7.77 -4.94 -4.99
C GLU A 56 -8.67 -4.51 -3.87
N PRO A 57 -9.11 -3.25 -3.84
CA PRO A 57 -9.98 -2.76 -2.77
C PRO A 57 -11.21 -3.64 -2.55
N ALA A 58 -11.70 -4.24 -3.61
CA ALA A 58 -12.85 -5.08 -3.51
C ALA A 58 -12.52 -6.55 -3.73
N TYR A 59 -12.62 -7.33 -2.68
CA TYR A 59 -12.51 -8.78 -2.75
C TYR A 59 -13.82 -9.38 -2.26
N GLN A 60 -14.16 -10.53 -2.76
CA GLN A 60 -15.34 -11.23 -2.36
C GLN A 60 -15.01 -12.70 -2.40
N VAL A 61 -15.55 -13.47 -1.47
CA VAL A 61 -15.29 -14.88 -1.42
C VAL A 61 -16.51 -15.59 -0.80
N SER A 62 -16.69 -16.85 -1.12
CA SER A 62 -17.76 -17.66 -0.58
C SER A 62 -17.33 -18.25 0.77
N LYS A 63 -18.28 -18.60 1.61
CA LYS A 63 -17.96 -19.13 2.92
C LYS A 63 -17.39 -20.55 2.83
N GLY A 64 -16.32 -20.80 3.57
CA GLY A 64 -15.74 -22.13 3.62
C GLY A 64 -14.74 -22.37 2.51
N HIS A 65 -14.31 -21.32 1.88
CA HIS A 65 -13.34 -21.43 0.81
C HIS A 65 -11.99 -20.94 1.30
N LYS A 66 -11.04 -20.93 0.43
CA LYS A 66 -9.76 -20.42 0.73
C LYS A 66 -9.56 -19.21 -0.15
N ILE A 67 -9.00 -18.19 0.40
CA ILE A 67 -8.77 -16.97 -0.34
C ILE A 67 -7.29 -16.60 -0.27
N ARG A 68 -6.71 -16.31 -1.41
CA ARG A 68 -5.31 -15.94 -1.47
C ARG A 68 -5.17 -14.47 -1.78
N LEU A 69 -4.85 -13.70 -0.79
CA LEU A 69 -4.65 -12.28 -0.94
C LEU A 69 -3.22 -12.05 -1.40
N THR A 70 -3.09 -11.57 -2.61
CA THR A 70 -1.79 -11.49 -3.26
C THR A 70 -1.32 -10.03 -3.41
N VAL A 71 -0.08 -9.77 -3.00
CA VAL A 71 0.56 -8.47 -3.15
C VAL A 71 1.99 -8.66 -3.63
N GLU A 72 2.49 -7.70 -4.33
CA GLU A 72 3.85 -7.71 -4.79
C GLU A 72 4.56 -6.54 -4.19
N LEU A 73 5.70 -6.76 -3.64
CA LEU A 73 6.42 -5.69 -3.03
C LEU A 73 7.51 -5.26 -3.97
N ALA A 74 7.85 -3.99 -3.93
CA ALA A 74 8.84 -3.42 -4.84
C ALA A 74 10.25 -3.68 -4.36
N ASP A 75 10.36 -4.41 -3.30
CA ASP A 75 11.62 -4.79 -2.75
C ASP A 75 11.50 -6.20 -2.25
N HIS A 76 12.49 -7.00 -2.52
CA HIS A 76 12.46 -8.41 -2.17
C HIS A 76 12.82 -8.64 -0.71
N ASP A 77 13.49 -7.68 -0.14
CA ASP A 77 14.01 -7.80 1.21
C ASP A 77 13.12 -7.03 2.19
N ALA A 78 12.05 -6.49 1.67
CA ALA A 78 11.11 -5.75 2.45
C ALA A 78 10.01 -6.69 2.72
N GLU A 79 9.55 -6.72 3.91
CA GLU A 79 8.56 -7.67 4.26
C GLU A 79 7.24 -6.99 4.56
N VAL A 80 6.23 -7.77 4.81
CA VAL A 80 4.89 -7.26 4.96
C VAL A 80 4.23 -7.81 6.21
N LYS A 81 3.50 -6.97 6.87
CA LYS A 81 2.71 -7.33 8.01
C LYS A 81 1.27 -7.17 7.60
N TRP A 82 0.43 -8.10 7.94
CA TRP A 82 -0.95 -8.00 7.53
C TRP A 82 -1.78 -7.59 8.71
N LEU A 83 -2.65 -6.65 8.52
CA LEU A 83 -3.54 -6.20 9.55
C LEU A 83 -4.95 -6.40 9.15
N LYS A 84 -5.69 -7.08 9.97
CA LYS A 84 -7.09 -7.16 9.72
C LYS A 84 -7.79 -6.24 10.64
N ASN A 85 -8.64 -5.37 10.06
CA ASN A 85 -9.47 -4.32 10.74
C ASN A 85 -8.65 -3.36 11.59
N GLY A 86 -7.35 -3.38 11.39
CA GLY A 86 -6.45 -2.53 12.13
C GLY A 86 -5.95 -3.21 13.37
N GLN A 87 -6.05 -4.52 13.37
CA GLN A 87 -5.52 -5.32 14.45
C GLN A 87 -4.16 -5.86 14.03
N GLU A 88 -4.20 -7.02 13.41
CA GLU A 88 -3.06 -7.76 12.97
C GLU A 88 -3.59 -9.10 12.57
N ILE A 89 -3.01 -9.69 11.58
CA ILE A 89 -3.32 -11.04 11.27
C ILE A 89 -2.22 -11.90 11.87
N GLN A 90 -2.55 -12.61 12.90
CA GLN A 90 -1.63 -13.46 13.58
C GLN A 90 -1.78 -14.88 13.07
N MET A 91 -0.66 -15.53 12.79
CA MET A 91 -0.65 -16.88 12.26
C MET A 91 -1.21 -17.86 13.27
N SER A 92 -2.42 -18.30 13.05
CA SER A 92 -3.04 -19.27 13.89
C SER A 92 -3.33 -20.51 13.07
N GLY A 93 -2.76 -21.64 13.49
CA GLY A 93 -2.99 -22.94 12.87
C GLY A 93 -2.79 -22.93 11.38
N SER A 94 -3.82 -23.31 10.68
CA SER A 94 -3.81 -23.36 9.24
C SER A 94 -4.83 -22.38 8.68
N LYS A 95 -5.21 -21.43 9.51
CA LYS A 95 -6.14 -20.40 9.10
C LYS A 95 -5.42 -19.37 8.23
N TYR A 96 -4.25 -18.97 8.64
CA TYR A 96 -3.50 -17.96 7.92
C TYR A 96 -2.15 -18.48 7.49
N ILE A 97 -2.00 -18.71 6.22
CA ILE A 97 -0.75 -19.17 5.69
C ILE A 97 -0.06 -18.02 4.97
N PHE A 98 1.06 -17.61 5.49
CA PHE A 98 1.85 -16.56 4.89
C PHE A 98 2.81 -17.16 3.87
N GLU A 99 2.50 -16.99 2.63
CA GLU A 99 3.34 -17.47 1.56
C GLU A 99 4.16 -16.31 1.05
N SER A 100 5.45 -16.41 1.14
CA SER A 100 6.31 -15.36 0.68
C SER A 100 7.12 -15.90 -0.48
N ILE A 101 6.80 -15.44 -1.66
CA ILE A 101 7.39 -15.94 -2.88
C ILE A 101 8.22 -14.84 -3.52
N GLY A 102 9.44 -14.69 -3.04
CA GLY A 102 10.34 -13.70 -3.57
C GLY A 102 9.89 -12.29 -3.22
N ALA A 103 9.35 -11.61 -4.21
CA ALA A 103 8.87 -10.26 -4.04
C ALA A 103 7.39 -10.26 -3.72
N LYS A 104 6.70 -11.32 -4.07
CA LYS A 104 5.28 -11.35 -3.90
C LYS A 104 4.90 -12.16 -2.69
N ARG A 105 3.98 -11.65 -1.96
CA ARG A 105 3.51 -12.30 -0.78
C ARG A 105 2.05 -12.61 -0.94
N THR A 106 1.66 -13.75 -0.51
CA THR A 106 0.32 -14.19 -0.64
C THR A 106 -0.18 -14.79 0.67
N LEU A 107 -1.18 -14.18 1.22
CA LEU A 107 -1.80 -14.65 2.41
C LEU A 107 -2.94 -15.57 2.05
N THR A 108 -2.81 -16.83 2.37
CA THR A 108 -3.84 -17.78 2.10
C THR A 108 -4.68 -17.98 3.35
N ILE A 109 -5.87 -17.45 3.33
CA ILE A 109 -6.79 -17.59 4.42
C ILE A 109 -7.65 -18.79 4.12
N SER A 110 -7.56 -19.79 4.93
CA SER A 110 -8.31 -20.98 4.67
C SER A 110 -9.60 -20.98 5.46
N GLN A 111 -10.62 -21.57 4.85
CA GLN A 111 -11.93 -21.79 5.44
C GLN A 111 -12.54 -20.47 5.88
N CYS A 112 -12.54 -19.51 4.96
CA CYS A 112 -13.04 -18.19 5.23
C CYS A 112 -14.50 -18.24 5.62
N SER A 113 -14.76 -17.91 6.83
CA SER A 113 -16.07 -17.89 7.35
C SER A 113 -16.45 -16.43 7.58
N LEU A 114 -17.55 -16.16 8.24
CA LEU A 114 -17.96 -14.77 8.43
C LEU A 114 -17.05 -14.05 9.41
N ALA A 115 -16.36 -14.81 10.25
CA ALA A 115 -15.40 -14.24 11.15
C ALA A 115 -14.14 -13.80 10.39
N ASP A 116 -14.03 -14.26 9.14
CA ASP A 116 -12.91 -13.93 8.27
C ASP A 116 -13.30 -12.80 7.33
N ASP A 117 -14.47 -12.23 7.58
CA ASP A 117 -14.91 -11.03 6.85
C ASP A 117 -14.31 -9.86 7.57
N ALA A 118 -13.33 -9.24 6.97
CA ALA A 118 -12.62 -8.16 7.59
C ALA A 118 -12.00 -7.27 6.54
N ALA A 119 -11.60 -6.11 6.97
CA ALA A 119 -10.84 -5.21 6.15
C ALA A 119 -9.39 -5.58 6.32
N TYR A 120 -8.77 -6.02 5.28
CA TYR A 120 -7.41 -6.48 5.35
C TYR A 120 -6.46 -5.46 4.76
N GLN A 121 -5.40 -5.19 5.46
CA GLN A 121 -4.43 -4.23 5.05
C GLN A 121 -3.06 -4.86 5.10
N CYS A 122 -2.31 -4.65 4.08
CA CYS A 122 -0.97 -5.09 4.05
C CYS A 122 -0.06 -3.90 4.33
N VAL A 123 0.68 -4.00 5.40
CA VAL A 123 1.55 -2.94 5.82
C VAL A 123 2.98 -3.31 5.50
N VAL A 124 3.62 -2.45 4.74
CA VAL A 124 4.98 -2.63 4.30
C VAL A 124 5.69 -1.33 4.60
N GLY A 125 7.01 -1.34 4.65
CA GLY A 125 7.72 -0.12 4.82
C GLY A 125 7.50 0.81 3.65
N GLY A 126 6.87 1.93 3.91
CA GLY A 126 6.63 2.91 2.92
C GLY A 126 5.19 3.02 2.49
N GLU A 127 4.47 1.90 2.41
CA GLU A 127 3.08 1.94 2.01
C GLU A 127 2.17 1.01 2.81
N LYS A 128 0.93 1.05 2.44
CA LYS A 128 -0.12 0.23 2.97
C LYS A 128 -1.11 0.03 1.84
N CYS A 129 -1.88 -1.00 1.90
CA CYS A 129 -2.97 -1.19 0.99
C CYS A 129 -4.10 -1.82 1.73
N SER A 130 -5.28 -1.32 1.53
CA SER A 130 -6.44 -1.84 2.20
C SER A 130 -7.35 -2.55 1.23
N THR A 131 -7.96 -3.62 1.66
CA THR A 131 -8.92 -4.32 0.88
C THR A 131 -10.09 -4.72 1.78
N GLU A 132 -11.27 -4.76 1.23
CA GLU A 132 -12.42 -5.23 1.96
C GLU A 132 -12.78 -6.58 1.40
N LEU A 133 -12.58 -7.60 2.20
CA LEU A 133 -12.94 -8.94 1.80
C LEU A 133 -14.37 -9.19 2.20
N PHE A 134 -15.22 -9.30 1.23
CA PHE A 134 -16.61 -9.54 1.49
C PHE A 134 -16.86 -11.03 1.44
N VAL A 135 -17.09 -11.62 2.58
CA VAL A 135 -17.37 -13.03 2.65
C VAL A 135 -18.87 -13.21 2.59
N LYS A 136 -19.34 -13.82 1.54
CA LYS A 136 -20.74 -14.02 1.39
C LYS A 136 -21.08 -15.48 1.60
N GLU A 137 -21.97 -15.73 2.53
CA GLU A 137 -22.43 -17.06 2.77
C GLU A 137 -23.49 -17.36 1.75
N GLY A 1 27.54 7.11 -13.69
CA GLY A 1 27.30 7.76 -14.97
C GLY A 1 27.33 9.25 -14.80
N PRO A 2 26.57 10.01 -15.61
CA PRO A 2 26.48 11.46 -15.48
C PRO A 2 25.56 11.84 -14.31
N GLY A 3 26.15 12.23 -13.21
CA GLY A 3 25.39 12.56 -12.03
C GLY A 3 25.78 13.87 -11.42
N SER A 4 26.57 14.65 -12.12
CA SER A 4 27.01 15.93 -11.61
C SER A 4 26.91 16.98 -12.72
N GLU A 5 26.00 16.73 -13.62
CA GLU A 5 25.80 17.58 -14.78
C GLU A 5 24.85 18.70 -14.40
N ASP A 6 23.77 18.28 -13.73
CA ASP A 6 22.65 19.15 -13.27
C ASP A 6 21.78 19.60 -14.42
N VAL A 7 22.12 19.16 -15.62
CA VAL A 7 21.41 19.52 -16.84
C VAL A 7 19.92 19.16 -16.76
N TRP A 8 19.63 18.04 -16.11
CA TRP A 8 18.28 17.54 -15.95
C TRP A 8 17.38 18.57 -15.24
N GLU A 9 17.91 19.22 -14.22
CA GLU A 9 17.18 20.24 -13.52
C GLU A 9 17.34 21.60 -14.18
N ILE A 10 18.58 21.97 -14.53
CA ILE A 10 18.89 23.29 -15.09
C ILE A 10 18.11 23.54 -16.37
N LEU A 11 18.19 22.62 -17.32
CA LEU A 11 17.54 22.79 -18.62
C LEU A 11 16.01 22.78 -18.44
N ARG A 12 15.56 22.01 -17.48
CA ARG A 12 14.17 21.88 -17.12
C ARG A 12 13.60 23.20 -16.58
N GLN A 13 14.44 23.96 -15.91
CA GLN A 13 14.04 25.23 -15.28
C GLN A 13 14.38 26.42 -16.20
N ALA A 14 15.14 26.13 -17.22
CA ALA A 14 15.66 27.16 -18.13
C ALA A 14 14.65 27.54 -19.22
N PRO A 15 14.84 28.71 -19.88
CA PRO A 15 14.01 29.13 -21.01
C PRO A 15 14.24 28.21 -22.23
N PRO A 16 13.16 27.91 -22.97
CA PRO A 16 13.17 26.92 -24.07
C PRO A 16 14.08 27.27 -25.23
N SER A 17 14.47 28.52 -25.31
CA SER A 17 15.31 28.99 -26.39
C SER A 17 16.77 28.59 -26.18
N GLU A 18 17.10 28.23 -24.96
CA GLU A 18 18.47 27.92 -24.63
C GLU A 18 18.68 26.42 -24.52
N TYR A 19 17.62 25.67 -24.74
CA TYR A 19 17.62 24.22 -24.56
C TYR A 19 18.73 23.48 -25.29
N GLU A 20 19.01 23.83 -26.52
CA GLU A 20 20.02 23.11 -27.27
C GLU A 20 21.42 23.52 -26.82
N ARG A 21 21.53 24.75 -26.32
CA ARG A 21 22.77 25.25 -25.79
C ARG A 21 23.13 24.44 -24.57
N ILE A 22 22.19 24.36 -23.66
CA ILE A 22 22.34 23.70 -22.39
C ILE A 22 22.55 22.19 -22.58
N ALA A 23 21.78 21.59 -23.48
CA ALA A 23 21.86 20.16 -23.77
C ALA A 23 23.26 19.78 -24.25
N PHE A 24 23.68 20.38 -25.36
CA PHE A 24 24.97 20.08 -25.96
C PHE A 24 26.13 20.51 -25.09
N GLN A 25 25.88 21.46 -24.21
CA GLN A 25 26.86 21.91 -23.24
C GLN A 25 27.19 20.79 -22.24
N TYR A 26 26.16 20.08 -21.80
CA TYR A 26 26.32 19.04 -20.80
C TYR A 26 26.41 17.63 -21.39
N GLY A 27 26.48 17.51 -22.71
CA GLY A 27 26.67 16.21 -23.30
C GLY A 27 25.37 15.51 -23.60
N VAL A 28 24.30 16.24 -23.56
CA VAL A 28 23.02 15.70 -23.85
C VAL A 28 22.74 15.97 -25.30
N THR A 29 22.97 15.00 -26.10
CA THR A 29 22.80 15.13 -27.49
C THR A 29 21.30 15.09 -27.83
N ASP A 30 20.58 14.25 -27.12
CA ASP A 30 19.15 14.15 -27.29
C ASP A 30 18.44 14.70 -26.06
N LEU A 31 18.10 15.96 -26.13
CA LEU A 31 17.46 16.65 -25.02
C LEU A 31 16.00 16.25 -24.90
N ARG A 32 15.39 15.91 -26.01
CA ARG A 32 13.98 15.61 -26.06
C ARG A 32 13.64 14.39 -25.23
N GLY A 33 14.50 13.38 -25.26
CA GLY A 33 14.27 12.18 -24.49
C GLY A 33 14.32 12.44 -23.01
N MET A 34 15.18 13.35 -22.61
CA MET A 34 15.32 13.73 -21.22
C MET A 34 14.08 14.50 -20.79
N LEU A 35 13.64 15.42 -21.66
CA LEU A 35 12.43 16.19 -21.40
C LEU A 35 11.21 15.29 -21.31
N LYS A 36 11.18 14.29 -22.19
CA LYS A 36 10.08 13.33 -22.25
C LYS A 36 10.06 12.50 -21.00
N ARG A 37 11.21 12.25 -20.46
CA ARG A 37 11.35 11.48 -19.26
C ARG A 37 10.81 12.27 -18.06
N LEU A 38 11.14 13.55 -18.01
CA LEU A 38 10.70 14.44 -16.93
C LEU A 38 9.21 14.74 -16.99
N LYS A 39 8.70 15.00 -18.19
CA LYS A 39 7.25 15.23 -18.32
C LYS A 39 6.52 13.90 -18.26
N GLY A 40 7.28 12.84 -18.46
CA GLY A 40 6.76 11.50 -18.44
C GLY A 40 6.68 10.97 -17.04
N MET A 41 7.06 11.79 -16.07
CA MET A 41 6.94 11.43 -14.65
C MET A 41 5.47 11.47 -14.27
N ARG A 42 4.67 12.02 -15.17
CA ARG A 42 3.24 12.12 -15.06
C ARG A 42 2.56 10.80 -15.39
N ARG A 43 3.34 9.70 -15.38
CA ARG A 43 2.78 8.36 -15.60
C ARG A 43 1.86 7.98 -14.44
N ASP A 44 2.08 8.70 -13.33
CA ASP A 44 1.22 8.65 -12.14
C ASP A 44 1.30 7.29 -11.45
N GLU A 45 0.28 6.90 -10.72
CA GLU A 45 0.24 5.69 -9.92
C GLU A 45 1.29 5.77 -8.82
N LYS A 46 1.08 6.69 -7.89
CA LYS A 46 2.00 6.88 -6.80
C LYS A 46 1.46 6.21 -5.57
N LYS A 47 2.25 6.26 -4.50
CA LYS A 47 1.94 5.61 -3.21
C LYS A 47 1.77 4.10 -3.48
N SER A 48 2.53 3.66 -4.44
CA SER A 48 2.54 2.31 -4.94
C SER A 48 3.89 2.10 -5.64
N THR A 49 4.93 2.53 -4.97
CA THR A 49 6.26 2.44 -5.48
C THR A 49 6.98 1.25 -4.81
N ALA A 50 6.71 1.03 -3.51
CA ALA A 50 7.31 -0.10 -2.80
C ALA A 50 6.45 -1.33 -2.99
N PHE A 51 5.19 -1.09 -3.22
CA PHE A 51 4.27 -2.12 -3.55
C PHE A 51 4.24 -2.30 -5.03
N GLN A 52 4.42 -3.51 -5.47
CA GLN A 52 4.37 -3.84 -6.86
C GLN A 52 2.93 -4.22 -7.19
N LYS A 53 2.23 -4.73 -6.19
CA LYS A 53 0.87 -5.09 -6.32
C LYS A 53 0.28 -4.89 -4.97
N LYS A 54 -0.62 -3.99 -4.88
CA LYS A 54 -1.36 -3.74 -3.68
C LYS A 54 -2.58 -4.62 -3.73
N LEU A 55 -3.19 -4.83 -2.61
CA LEU A 55 -4.41 -5.61 -2.56
C LEU A 55 -5.49 -4.89 -3.33
N GLU A 56 -6.27 -5.65 -4.09
CA GLU A 56 -7.39 -5.08 -4.84
C GLU A 56 -8.37 -4.50 -3.84
N PRO A 57 -9.03 -3.40 -4.15
CA PRO A 57 -10.00 -2.77 -3.24
C PRO A 57 -11.12 -3.72 -2.77
N ALA A 58 -11.39 -4.75 -3.56
CA ALA A 58 -12.43 -5.69 -3.23
C ALA A 58 -12.05 -7.11 -3.60
N TYR A 59 -12.31 -8.03 -2.69
CA TYR A 59 -12.19 -9.45 -2.92
C TYR A 59 -13.42 -10.09 -2.33
N GLN A 60 -13.89 -11.15 -2.92
CA GLN A 60 -15.02 -11.85 -2.40
C GLN A 60 -14.71 -13.32 -2.33
N VAL A 61 -15.08 -13.92 -1.24
CA VAL A 61 -14.86 -15.31 -1.04
C VAL A 61 -16.14 -15.93 -0.48
N SER A 62 -16.40 -17.15 -0.84
CA SER A 62 -17.54 -17.85 -0.34
C SER A 62 -17.18 -18.42 1.02
N LYS A 63 -18.12 -18.41 1.94
CA LYS A 63 -17.91 -18.88 3.29
C LYS A 63 -17.43 -20.34 3.30
N GLY A 64 -16.24 -20.55 3.78
CA GLY A 64 -15.66 -21.87 3.85
C GLY A 64 -14.57 -22.08 2.83
N HIS A 65 -14.54 -21.24 1.82
CA HIS A 65 -13.56 -21.35 0.74
C HIS A 65 -12.24 -20.71 1.15
N LYS A 66 -11.29 -20.75 0.26
CA LYS A 66 -9.99 -20.18 0.51
C LYS A 66 -9.83 -18.94 -0.35
N ILE A 67 -9.24 -17.92 0.18
CA ILE A 67 -8.98 -16.72 -0.59
C ILE A 67 -7.51 -16.36 -0.49
N ARG A 68 -6.92 -16.06 -1.62
CA ARG A 68 -5.54 -15.67 -1.65
C ARG A 68 -5.42 -14.19 -1.89
N LEU A 69 -4.94 -13.52 -0.89
CA LEU A 69 -4.71 -12.11 -0.94
C LEU A 69 -3.25 -11.91 -1.33
N THR A 70 -3.03 -11.41 -2.51
CA THR A 70 -1.70 -11.33 -3.05
C THR A 70 -1.19 -9.91 -3.11
N VAL A 71 0.00 -9.71 -2.57
CA VAL A 71 0.69 -8.47 -2.66
C VAL A 71 2.09 -8.75 -3.14
N GLU A 72 2.60 -7.89 -3.94
CA GLU A 72 3.93 -8.05 -4.40
C GLU A 72 4.72 -6.87 -3.98
N LEU A 73 5.89 -7.11 -3.54
CA LEU A 73 6.75 -6.06 -3.12
C LEU A 73 7.74 -5.76 -4.22
N ALA A 74 8.21 -4.55 -4.29
CA ALA A 74 9.19 -4.16 -5.28
C ALA A 74 10.60 -4.50 -4.80
N ASP A 75 10.69 -4.77 -3.52
CA ASP A 75 11.93 -5.10 -2.87
C ASP A 75 11.77 -6.51 -2.34
N HIS A 76 12.80 -7.29 -2.42
CA HIS A 76 12.71 -8.69 -2.03
C HIS A 76 12.81 -8.86 -0.52
N ASP A 77 13.47 -7.93 0.12
CA ASP A 77 13.74 -8.02 1.55
C ASP A 77 12.87 -7.01 2.31
N ALA A 78 11.76 -6.67 1.72
CA ALA A 78 10.81 -5.80 2.32
C ALA A 78 9.79 -6.71 2.94
N GLU A 79 9.12 -6.26 3.92
CA GLU A 79 8.21 -7.12 4.57
C GLU A 79 6.85 -6.49 4.74
N VAL A 80 5.84 -7.31 4.72
CA VAL A 80 4.49 -6.86 4.87
C VAL A 80 3.97 -7.20 6.25
N LYS A 81 3.32 -6.26 6.86
CA LYS A 81 2.67 -6.50 8.10
C LYS A 81 1.22 -6.62 7.80
N TRP A 82 0.63 -7.56 8.41
CA TRP A 82 -0.69 -7.96 8.13
C TRP A 82 -1.62 -7.45 9.20
N LEU A 83 -2.56 -6.62 8.83
CA LEU A 83 -3.56 -6.15 9.78
C LEU A 83 -4.94 -6.34 9.27
N LYS A 84 -5.79 -6.93 10.07
CA LYS A 84 -7.15 -6.96 9.72
C LYS A 84 -7.90 -6.06 10.63
N ASN A 85 -8.68 -5.16 10.04
CA ASN A 85 -9.47 -4.10 10.73
C ASN A 85 -8.65 -3.28 11.73
N GLY A 86 -7.33 -3.26 11.52
CA GLY A 86 -6.46 -2.46 12.36
C GLY A 86 -5.86 -3.26 13.48
N GLN A 87 -6.11 -4.54 13.47
CA GLN A 87 -5.61 -5.41 14.49
C GLN A 87 -4.23 -5.97 14.10
N GLU A 88 -4.26 -7.13 13.47
CA GLU A 88 -3.09 -7.87 13.07
C GLU A 88 -3.60 -9.20 12.56
N ILE A 89 -3.12 -9.63 11.44
CA ILE A 89 -3.43 -10.93 10.97
C ILE A 89 -2.30 -11.85 11.41
N GLN A 90 -2.65 -12.90 12.09
CA GLN A 90 -1.65 -13.84 12.55
C GLN A 90 -1.97 -15.24 12.05
N MET A 91 -0.92 -15.99 11.75
CA MET A 91 -1.02 -17.34 11.22
C MET A 91 -1.65 -18.29 12.23
N SER A 92 -2.94 -18.46 12.13
CA SER A 92 -3.62 -19.32 13.03
C SER A 92 -3.72 -20.70 12.41
N GLY A 93 -2.84 -21.58 12.86
CA GLY A 93 -2.80 -22.95 12.37
C GLY A 93 -2.55 -23.00 10.87
N SER A 94 -3.38 -23.73 10.18
CA SER A 94 -3.29 -23.85 8.76
C SER A 94 -4.40 -23.01 8.09
N LYS A 95 -4.95 -22.09 8.85
CA LYS A 95 -5.99 -21.23 8.34
C LYS A 95 -5.38 -20.06 7.58
N TYR A 96 -4.59 -19.28 8.25
CA TYR A 96 -3.93 -18.17 7.63
C TYR A 96 -2.56 -18.58 7.22
N ILE A 97 -2.34 -18.74 5.96
CA ILE A 97 -1.06 -19.18 5.49
C ILE A 97 -0.39 -18.08 4.67
N PHE A 98 0.70 -17.59 5.18
CA PHE A 98 1.49 -16.61 4.49
C PHE A 98 2.46 -17.32 3.58
N GLU A 99 2.18 -17.29 2.33
CA GLU A 99 3.06 -17.90 1.37
C GLU A 99 3.93 -16.82 0.75
N SER A 100 5.18 -16.84 1.09
CA SER A 100 6.13 -15.88 0.61
C SER A 100 6.84 -16.48 -0.60
N ILE A 101 6.77 -15.80 -1.70
CA ILE A 101 7.35 -16.27 -2.93
C ILE A 101 8.22 -15.15 -3.51
N GLY A 102 9.44 -15.06 -3.06
CA GLY A 102 10.38 -14.07 -3.57
C GLY A 102 9.98 -12.66 -3.23
N ALA A 103 9.36 -11.99 -4.17
CA ALA A 103 8.93 -10.64 -4.01
C ALA A 103 7.50 -10.60 -3.50
N LYS A 104 6.74 -11.59 -3.85
CA LYS A 104 5.34 -11.61 -3.51
C LYS A 104 5.07 -12.30 -2.20
N ARG A 105 4.10 -11.83 -1.52
CA ARG A 105 3.61 -12.43 -0.32
C ARG A 105 2.14 -12.66 -0.51
N THR A 106 1.70 -13.85 -0.34
CA THR A 106 0.33 -14.19 -0.53
C THR A 106 -0.26 -14.76 0.74
N LEU A 107 -1.33 -14.18 1.17
CA LEU A 107 -2.02 -14.69 2.31
C LEU A 107 -3.16 -15.55 1.85
N THR A 108 -3.02 -16.80 2.04
CA THR A 108 -4.03 -17.74 1.73
C THR A 108 -4.85 -18.01 2.99
N ILE A 109 -6.03 -17.47 3.02
CA ILE A 109 -6.94 -17.68 4.11
C ILE A 109 -7.75 -18.90 3.77
N SER A 110 -7.61 -19.93 4.52
CA SER A 110 -8.30 -21.13 4.25
C SER A 110 -9.48 -21.26 5.18
N GLN A 111 -10.65 -21.50 4.60
CA GLN A 111 -11.90 -21.65 5.34
C GLN A 111 -12.33 -20.32 5.90
N CYS A 112 -12.54 -19.39 5.00
CA CYS A 112 -12.94 -18.06 5.34
C CYS A 112 -14.33 -18.08 5.93
N SER A 113 -14.40 -17.75 7.16
CA SER A 113 -15.62 -17.75 7.87
C SER A 113 -16.04 -16.29 8.07
N LEU A 114 -16.99 -16.02 8.94
CA LEU A 114 -17.49 -14.66 9.05
C LEU A 114 -16.54 -13.80 9.85
N ALA A 115 -15.72 -14.43 10.67
CA ALA A 115 -14.71 -13.72 11.43
C ALA A 115 -13.56 -13.27 10.51
N ASP A 116 -13.63 -13.71 9.27
CA ASP A 116 -12.63 -13.38 8.28
C ASP A 116 -13.17 -12.33 7.34
N ASP A 117 -14.36 -11.87 7.60
CA ASP A 117 -14.91 -10.78 6.83
C ASP A 117 -14.44 -9.51 7.49
N ALA A 118 -13.43 -8.92 6.93
CA ALA A 118 -12.84 -7.76 7.49
C ALA A 118 -12.16 -6.97 6.42
N ALA A 119 -11.80 -5.76 6.75
CA ALA A 119 -10.99 -4.96 5.90
C ALA A 119 -9.55 -5.33 6.22
N TYR A 120 -8.83 -5.75 5.23
CA TYR A 120 -7.47 -6.20 5.43
C TYR A 120 -6.50 -5.20 4.87
N GLN A 121 -5.50 -4.89 5.64
CA GLN A 121 -4.53 -3.90 5.27
C GLN A 121 -3.15 -4.50 5.27
N CYS A 122 -2.49 -4.34 4.16
CA CYS A 122 -1.11 -4.74 4.04
C CYS A 122 -0.27 -3.51 4.29
N VAL A 123 0.47 -3.54 5.36
CA VAL A 123 1.25 -2.40 5.76
C VAL A 123 2.75 -2.66 5.55
N VAL A 124 3.39 -1.80 4.80
CA VAL A 124 4.84 -1.84 4.63
C VAL A 124 5.36 -0.48 4.95
N GLY A 125 6.63 -0.35 5.19
CA GLY A 125 7.15 0.96 5.42
C GLY A 125 6.99 1.83 4.17
N GLY A 126 6.16 2.84 4.27
CA GLY A 126 5.95 3.76 3.20
C GLY A 126 4.59 3.61 2.53
N GLU A 127 4.08 2.38 2.42
CA GLU A 127 2.85 2.14 1.67
C GLU A 127 1.88 1.29 2.48
N LYS A 128 0.61 1.44 2.18
CA LYS A 128 -0.43 0.65 2.79
C LYS A 128 -1.54 0.48 1.77
N CYS A 129 -2.32 -0.57 1.89
CA CYS A 129 -3.49 -0.75 1.05
C CYS A 129 -4.53 -1.49 1.84
N SER A 130 -5.76 -1.09 1.71
CA SER A 130 -6.84 -1.67 2.46
C SER A 130 -7.80 -2.37 1.51
N THR A 131 -7.96 -3.64 1.67
CA THR A 131 -8.84 -4.39 0.84
C THR A 131 -10.11 -4.75 1.61
N GLU A 132 -11.22 -4.80 0.93
CA GLU A 132 -12.43 -5.24 1.54
C GLU A 132 -12.68 -6.66 1.12
N LEU A 133 -12.56 -7.57 2.04
CA LEU A 133 -12.83 -8.95 1.77
C LEU A 133 -14.24 -9.26 2.20
N PHE A 134 -15.05 -9.63 1.26
CA PHE A 134 -16.41 -9.95 1.56
C PHE A 134 -16.57 -11.46 1.61
N VAL A 135 -16.95 -11.96 2.75
CA VAL A 135 -17.21 -13.36 2.90
C VAL A 135 -18.70 -13.56 2.76
N LYS A 136 -19.08 -14.23 1.72
CA LYS A 136 -20.47 -14.45 1.46
C LYS A 136 -20.93 -15.79 2.01
N GLU A 137 -21.87 -15.74 2.91
CA GLU A 137 -22.47 -16.92 3.43
C GLU A 137 -23.56 -17.36 2.46
#